data_8JHO
#
_entry.id   8JHO
#
loop_
_entity.id
_entity.type
_entity.pdbx_description
1 polymer 'Histone H3'
2 polymer 'Histone H4'
3 polymer 'Histone H2A'
4 polymer 'Histone H2B'
5 polymer 'Di-nucleosome template foward'
6 polymer 'Di-nucleosome template reverse'
7 polymer 'Transcriptional regulatory protein SIN3'
8 polymer 'Histone deacetylase RPD3'
9 polymer 'Chromatin modification-related protein EAF3'
10 polymer 'RCO1 isoform 1'
11 non-polymer 'ZINC ION'
#
loop_
_entity_poly.entity_id
_entity_poly.type
_entity_poly.pdbx_seq_one_letter_code
_entity_poly.pdbx_strand_id
1 'polypeptide(L)'
;ARTKQTARKSTGGKAPRKQLATKAARKSAPATGGV(ML3)KPHRYRPGTVALREIRRYQKSTELLIRKLPFQRLVREIAQ
DFKTDLRFQSSAVMALQEASEAYLVALFEDTNLAAIHAKRVTIMPKDIQLARRIRGERA
;
A,E,a,e
2 'polypeptide(L)'
;SGRGKGGKGLGKGGAKRHRKVLRDNIQGITKPAIRRLARRGGVKRISGLIYEETRGVLKVFLENVIRDAVTYTEHAKRKT
VTAMDVVYALKRQGRTLYGFGG
;
B,F,b,f
3 'polypeptide(L)'
;SGRGKQGGKTRAKAKTRSSRAGLQFPVGRVHRLLRKGNYAERVGAGAPVYLAAVLEYLTAEILELAGNAARDNKKTRIIP
RHLQLAVRNDEELNKLLGRVTIAQGGVLPNIQSVLLPKKTESSKSAKSK
;
C,G,c,g
4 'polypeptide(L)'
;AKSAPAPKKGSKKAVTKTQKKDGKKRRKTRKESYAIYVYKVLKQVHPDTGISSKAMSIMNSFVNDVFERIAGEASRLAHY
NKRSTITSREIQTAVRLLLPGELAKHAVSEGTKAVTKYTSAK
;
D,H,d,h
5 'polydeoxyribonucleotide'
;(DA)(DT)(DT)(DC)(DG)(DA)(DT)(DA)(DT)(DC)(DG)(DA)(DG)(DA)(DA)(DT)(DC)(DC)(DC)(DG)
(DG)(DT)(DG)(DC)(DC)(DG)(DA)(DG)(DG)(DC)(DC)(DG)(DC)(DT)(DC)(DA)(DA)(DT)(DT)(DG)
(DG)(DT)(DC)(DG)(DT)(DA)(DG)(DA)(DC)(DA)(DG)(DC)(DT)(DC)(DT)(DA)(DG)(DC)(DA)(DC)
(DC)(DG)(DC)(DT)(DT)(DA)(DA)(DA)(DC)(DG)(DC)(DA)(DC)(DG)(DT)(DA)(DC)(DG)(DC)(DG)
(DC)(DT)(DG)(DT)(DC)(DC)(DC)(DC)(DC)(DG)(DC)(DG)(DT)(DT)(DT)(DT)(DA)(DA)(DC)(DC)
(DG)(DC)(DC)(DA)(DA)(DG)(DG)(DG)(DG)(DA)(DT)(DT)(DA)(DC)(DT)(DC)(DC)(DC)(DT)(DA)
(DG)(DT)(DC)(DT)(DC)(DC)(DA)(DG)(DG)(DC)(DA)(DC)(DG)(DT)(DG)(DT)(DC)(DA)(DG)(DA)
(DT)(DA)(DT)(DA)(DT)(DA)(DC)(DA)(DT)(DC)(DC)(DT)(DG)(DT)(DG)(DC)(DA)(DT)(DG)(DT)
(DA)(DT)(DT)(DG)(DA)(DA)(DA)(DG)(DT)(DA)(DC)(DT)(DG)(DC)(DC)(DA)(DG)(DT)(DT)(DC)
(DT)(DA)(DG)(DA)(DC)(DT)(DG)(DG)(DA)(DG)(DA)(DA)(DT)(DC)(DC)(DC)(DG)(DG)(DT)(DG)
(DC)(DC)(DG)(DA)(DG)(DG)(DC)(DC)(DG)(DC)(DT)(DC)(DA)(DA)(DT)(DT)(DG)(DG)(DT)(DC)
(DG)(DT)(DA)(DG)(DA)(DC)(DA)(DG)(DC)(DT)(DC)(DT)(DA)(DG)(DC)(DA)(DC)(DC)(DG)(DC)
(DT)(DT)(DA)(DA)(DA)(DC)(DG)(DC)(DA)(DC)(DG)(DT)(DA)(DC)(DG)(DC)(DG)(DC)(DT)(DG)
(DT)(DC)(DC)(DC)(DC)(DC)(DG)(DC)(DG)(DT)(DT)(DT)(DT)(DA)(DA)(DC)(DC)(DG)(DC)(DC)
(DA)(DA)(DG)(DG)(DG)(DG)(DA)(DT)(DT)(DA)(DC)(DT)(DC)(DC)(DC)(DT)(DA)(DG)(DT)(DC)
(DT)(DC)(DC)(DA)(DG)(DG)(DC)(DA)(DC)(DG)(DT)(DG)(DT)(DC)(DA)(DG)(DA)(DT)(DA)(DT)
(DA)(DT)(DA)(DC)(DA)(DT)(DC)(DC)(DT)(DG)(DT)(DG)(DC)(DA)(DT)(DG)(DT)(DA)(DT)(DT)
(DG)(DA)(DA)(DC)(DA)(DG)(DC)(DG)(DA)(DT)
;
I
6 'polydeoxyribonucleotide'
;(DA)(DT)(DC)(DG)(DC)(DT)(DG)(DT)(DT)(DC)(DA)(DA)(DT)(DA)(DC)(DA)(DT)(DG)(DC)(DA)
(DC)(DA)(DG)(DG)(DA)(DT)(DG)(DT)(DA)(DT)(DA)(DT)(DA)(DT)(DC)(DT)(DG)(DA)(DC)(DA)
(DC)(DG)(DT)(DG)(DC)(DC)(DT)(DG)(DG)(DA)(DG)(DA)(DC)(DT)(DA)(DG)(DG)(DG)(DA)(DG)
(DT)(DA)(DA)(DT)(DC)(DC)(DC)(DC)(DT)(DT)(DG)(DG)(DC)(DG)(DG)(DT)(DT)(DA)(DA)(DA)
(DA)(DC)(DG)(DC)(DG)(DG)(DG)(DG)(DG)(DA)(DC)(DA)(DG)(DC)(DG)(DC)(DG)(DT)(DA)(DC)
(DG)(DT)(DG)(DC)(DG)(DT)(DT)(DT)(DA)(DA)(DG)(DC)(DG)(DG)(DT)(DG)(DC)(DT)(DA)(DG)
(DA)(DG)(DC)(DT)(DG)(DT)(DC)(DT)(DA)(DC)(DG)(DA)(DC)(DC)(DA)(DA)(DT)(DT)(DG)(DA)
(DG)(DC)(DG)(DG)(DC)(DC)(DT)(DC)(DG)(DG)(DC)(DA)(DC)(DC)(DG)(DG)(DG)(DA)(DT)(DT)
(DC)(DT)(DC)(DC)(DA)(DG)(DT)(DC)(DT)(DA)(DG)(DA)(DA)(DC)(DT)(DG)(DG)(DC)(DA)(DG)
(DT)(DA)(DC)(DT)(DT)(DT)(DC)(DA)(DA)(DT)(DA)(DC)(DA)(DT)(DG)(DC)(DA)(DC)(DA)(DG)
(DG)(DA)(DT)(DG)(DT)(DA)(DT)(DA)(DT)(DA)(DT)(DC)(DT)(DG)(DA)(DC)(DA)(DC)(DG)(DT)
(DG)(DC)(DC)(DT)(DG)(DG)(DA)(DG)(DA)(DC)(DT)(DA)(DG)(DG)(DG)(DA)(DG)(DT)(DA)(DA)
(DT)(DC)(DC)(DC)(DC)(DT)(DT)(DG)(DG)(DC)(DG)(DG)(DT)(DT)(DA)(DA)(DA)(DA)(DC)(DG)
(DC)(DG)(DG)(DG)(DG)(DG)(DA)(DC)(DA)(DG)(DC)(DG)(DC)(DG)(DT)(DA)(DC)(DG)(DT)(DG)
(DC)(DG)(DT)(DT)(DT)(DA)(DA)(DG)(DC)(DG)(DG)(DT)(DG)(DC)(DT)(DA)(DG)(DA)(DG)(DC)
(DT)(DG)(DT)(DC)(DT)(DA)(DC)(DG)(DA)(DC)(DC)(DA)(DA)(DT)(DT)(DG)(DA)(DG)(DC)(DG)
(DG)(DC)(DC)(DT)(DC)(DG)(DG)(DC)(DA)(DC)(DC)(DG)(DG)(DG)(DA)(DT)(DT)(DC)(DT)(DC)
(DG)(DA)(DT)(DA)(DT)(DC)(DG)(DA)(DA)(DT)
;
J
7 'polypeptide(L)'
;MSQVWHNSNSQSNDVATSNDATGSNERNEKEPSLQGNKPGFVQQQQRITLPSLSALSTKEEDRRDSNGQQALTSHAAHIL
GYPPPHSNAMPSIATDSALKQPHEYHPRPKSSSSSPSINASLMNAGPAPLPTVGAASFSLSRFDNPLPIKAPVHTEEPKS
YNGLQEEEKATQRPQDCKEVPAGVQPADAPDPSSNHADANDDNNNNENSHDEDADYRPLNVKDALSYLEQVKFQFSSRPD
IYNLFLDIMKDFKSQAIDTPGVIERVSTLFRGYPILIQGFNTFLPQGYRIECSSNPDDPIRVTTPMGTTTVNNNISPSGR
GTTDAQELGSFPESDGNGVQQPSNVPMVPSSVYQSEQNQDQQQSLPLLATSSGLPSIQQPEMPAHRQIPQSQSLVPQEDA
KKNVDVEFSQAISYVNKIKTRFADQPDIYKHFLEILQTYQREQKPINEVYAQVTHLFQNAPDLLEDFKKFLPDSSASANQ
QVQHAQQHAQQQHEAQMHAQAQAQAQAQAQVEQQKQQQQFLYPASGYYGHPSNRGIPQQNLPPIGSFSPPTNGSTVHEAY
QDQQHMQPPHFMPLPSIVQHGPNMVHQGIANENPPLSDLRTSLTEQYAPSSIQHQQQHPQSISPIANTQYGDIPVRPEID
LDPSIVPVVPEPTEPIENNISLNEEVTFFEKAKRYIGNKHLYTEFLKILNLYSQDILDLDDLVEKVDFYLGSNKELFTWF
KNFVGYQEKTKCIENIVHEKHRLDLDLCEAFGPSYKRLPKSDTFMPCSGRDDMCWEVLNDEWVGHPVWASEDSGFIAHRK
NQYEETLFKIEEERHEYDFYIESNLRTIQCLETIVNKIENMTENEKANFKLPPGLGHTSMTIYKKVIRKVYDKERGFEII
DALHEHPAVTAPVVLKRLKQKDEEWRRAQREWNKVWRELEQKVFFKSLDHLGLTFKQADKKLLTTKQLISEISSIKVDQT
NKKIHWLTPKPKSQLDFDFPDKNIFYDILCLADTFITHTTAYSNPDKERLKDLLKYFISLFFSISFEKIEESLYSHKQNV
SESSGSDDGSSIASRKRPYQQEMSLLDILHRSRYQKLKRSNDEDGKVPQLSEPPEEEPNTIEEEELIDEEAKNPWLTGNL
VEEANSQGIIQNRSIFNLFANTNIYIFFRHWTTIYERLLEIKQMNERVTKEINTRSTVTFAKDLDLLSSQLSEMGLDFVG
EDAYKQVLRLSRRLINGDLEHQWFEESLRQAYNNKAFKLYTIDKVTQSLVKHAHTLMTDAKTAEIMALFVKDRNASTTSA
KDQIIYRLQVRSHMSNTENMFRIEFDKRTLHVSIQYIALDDLTLKEPKADEDKWKYYVTSYALPHPTEGIPHEKLKIPFL
ERLIEFGQDIDGTEVDEEFSPEGISVSTLKIKIQPITYQLHIENGSYDVFTRKATNKYPTIANDNTQKGMVSQKKELISK
FLDCAVGLRNNLDEAQKLSMQKKWENLKDSIAKTSAGNQGIESETEKGKITKQEQSDNLDSSTASVLPASITTVPQDDNI
ETTGNTESSDKGAKIQ
;
K
8 'polypeptide(L)'
;MVYEATPFDPITVKPSDKRRVAYFYDADVGNYAYGAGHPMKPHRIRMAHSLIMNYGLYKKMEIYRAKPATKQEMCQFHTD
EYIDFLSRVTPDNLEMFKRESVKFNVGDDCPVFDGLYEYCSISGGGSMEGAARLNRGKCDVAVNYAGGLHHAKKSEASGF
CYLNDIVLGIIELLRYHPRVLYIDIDVHHGDGVEEAFYTTDRVMTCSFHKYGEFFPGTGELRDIGVGAGKNYAVNVPLRD
GIDDATYRSVFEPVIKKIMEWYQPSAVVLQCGGDSLSGDRLGCFNLSMEGHANCVNYVKSFGIPMMVVGGGGYTMRNVAR
TWCFETGLLNNVVLDKDLPYNEYYEYYGPDYKLSVRPSNMFNVNTPEYLDKVMTNIFANLENTKYAPSVQLNHTPRDAED
LGDVEEDSAEAKDTKGGSQYARDLHVEHDNEFY
;
L
9 'polypeptide(L)'
;MVDLEQEFALGGRCLAFHGPLMYEAKILKIWDPSSKMYTSIPNDKPGGSSQATKEIKPQKLGEDESIPEEIINGKCFFIH
YQGWKSSWDEWVGYDRIRAYNEENIAMKKRLANEAKEAKKSLLEQQKKKKLSTSLGGPSNGGKRKGDSRSNASISKSTSQ
SFLTSSVSGRKSGRSSANSLHPGSSLRSSSDQNGNDDRRRSSSLSPNMLHHIAGYPTPKISLQIPIKLKSVLVDDWEYVT
KDKKICRLPADVTVEMVLNKYEHEVSQELESPGSQSQLSEYCAGLKLYFDKCLGNMLLYRLERLQYDELLKKSSKDQKPL
VPIRIYGAIHLLRLISVLPELISSTTMDLQSCQLLIKQTEDFLVWLLMHVDEYFNDKDPNRSDDALYVNTSSQYEGVALG
M
;
M,O
10 'polypeptide(L)'
;MDTSKKDTTRSPSHSNSSSPSSSSLSSSSSKEKKRPKRLSSQNVNYDLKRRKIITSEGIERSFKNEHSNLAVEDNIPEEE
PKELLEKDSKGNIIKLNEPSTISEDSKVSVTGLPLNKGPSEKIKRESLWNYRKNLGGQSNNSEMTLVPSKRFTQVPKNFQ
DLNRNDLKTFLTENMTEESNIRSTIGWNGDIINRTRDREPESDRDNKKLSNIRTKIILSTNATYDSKSKLFGQNSIKSTS
NASEKIFRDKNNSTIDFENEDFCSACNQSGSFLCCDTCPKSFHFLCLDPPIDPNNLPKGDWHCNECKFKIFINNSMATLK
KIESNFIKQNNNVKIFAKLLFNIDSHNPKQFQLPNYIKETFPAVKTGSRGQYSDENDKIPLTDRQLFNTSYGQSITKLDS
YNPDTHIDSNSGKFLICYKCNQTRLGSWSHPENSRLIMTCDYCQTPWHLDCVPRASFKNLGSKWKCPLHSPTKVYKKIHH
CQEDNSVNYKVWKKQRLINKKNQLYYEPLQKIGYQNNGNIQIIPTTSHTDYDFNQDFKITQIDENSIKYDFFDKIYKSKM
VQKRKLFQFQESLIDKLVSNGSQNGNSEDNMVKDIASLIYFQVSNNDKSSNNKSASKSNNLRKLWDLKELTNVVVPNELD
SIQFNDFSSDEIKHLLYLKKIIESKPKEELLKFLNIENPENQSE
;
N,P
#
# COMPACT_ATOMS: atom_id res chain seq x y z
N GLY A 33 -53.08 35.88 -46.49
CA GLY A 33 -52.43 34.69 -45.95
C GLY A 33 -51.02 34.50 -46.46
N GLY A 34 -50.88 33.62 -47.46
CA GLY A 34 -49.58 33.36 -48.04
C GLY A 34 -49.09 34.49 -48.93
N VAL A 35 -48.10 35.24 -48.47
CA VAL A 35 -47.55 36.35 -49.22
C VAL A 35 -46.36 35.85 -50.04
N LYS A 37 -42.76 35.67 -51.99
CA LYS A 37 -41.33 35.93 -51.82
C LYS A 37 -40.61 35.72 -53.16
N PRO A 38 -39.79 36.67 -53.65
CA PRO A 38 -39.10 36.47 -54.92
C PRO A 38 -38.02 35.42 -54.82
N HIS A 39 -37.74 34.92 -56.02
CA HIS A 39 -36.76 33.91 -56.38
C HIS A 39 -35.45 34.67 -56.54
N ARG A 40 -34.65 34.65 -55.48
CA ARG A 40 -33.34 35.27 -55.41
C ARG A 40 -32.29 34.23 -55.11
N TYR A 41 -31.28 34.12 -55.95
CA TYR A 41 -30.22 33.19 -55.64
C TYR A 41 -29.51 33.75 -54.36
N ARG A 42 -29.11 32.92 -53.41
CA ARG A 42 -28.50 33.26 -52.10
C ARG A 42 -27.08 33.87 -52.11
N PRO A 43 -26.60 34.59 -51.04
CA PRO A 43 -25.31 35.26 -51.24
C PRO A 43 -24.17 34.27 -51.46
N GLY A 44 -23.58 34.22 -52.66
CA GLY A 44 -22.54 33.24 -52.90
C GLY A 44 -22.86 32.30 -54.04
N THR A 45 -24.15 32.01 -54.27
CA THR A 45 -24.62 31.15 -55.36
C THR A 45 -24.37 31.82 -56.68
N VAL A 46 -24.84 33.05 -56.75
CA VAL A 46 -24.63 33.88 -57.93
C VAL A 46 -23.15 34.15 -58.12
N ALA A 47 -22.44 34.33 -57.00
CA ALA A 47 -20.99 34.50 -57.01
C ALA A 47 -20.30 33.35 -57.72
N LEU A 48 -20.41 32.14 -57.17
CA LEU A 48 -19.73 30.98 -57.75
C LEU A 48 -20.21 30.68 -59.15
N ARG A 49 -21.48 30.95 -59.48
CA ARG A 49 -21.94 30.71 -60.85
C ARG A 49 -21.21 31.65 -61.80
N GLU A 50 -21.06 32.93 -61.48
CA GLU A 50 -20.34 33.77 -62.42
C GLU A 50 -18.84 33.53 -62.35
N ILE A 51 -18.36 32.90 -61.27
CA ILE A 51 -16.97 32.44 -61.24
C ILE A 51 -16.74 31.37 -62.29
N ARG A 52 -17.61 30.36 -62.35
CA ARG A 52 -17.44 29.31 -63.36
C ARG A 52 -17.59 29.88 -64.76
N ARG A 53 -18.52 30.82 -64.96
CA ARG A 53 -18.70 31.43 -66.27
C ARG A 53 -17.48 32.26 -66.64
N TYR A 54 -16.90 33.02 -65.71
CA TYR A 54 -15.79 33.87 -66.11
C TYR A 54 -14.47 33.11 -66.23
N GLN A 55 -14.32 31.99 -65.54
CA GLN A 55 -13.11 31.18 -65.65
C GLN A 55 -13.13 30.31 -66.90
N LYS A 56 -14.24 30.28 -67.63
CA LYS A 56 -14.29 29.73 -68.97
C LYS A 56 -14.22 30.79 -70.06
N SER A 57 -14.39 32.04 -69.72
CA SER A 57 -14.25 33.05 -70.75
C SER A 57 -12.81 33.46 -70.90
N THR A 58 -12.38 33.72 -72.14
CA THR A 58 -11.02 34.22 -72.36
C THR A 58 -11.13 35.67 -72.73
N GLU A 59 -12.33 36.10 -73.06
CA GLU A 59 -12.55 37.49 -73.44
C GLU A 59 -12.01 38.43 -72.39
N LEU A 60 -11.54 39.59 -72.82
CA LEU A 60 -11.01 40.56 -71.89
C LEU A 60 -12.14 41.11 -71.06
N LEU A 61 -11.83 41.55 -69.85
CA LEU A 61 -12.84 42.07 -68.96
C LEU A 61 -12.88 43.59 -69.03
N ILE A 62 -11.87 44.26 -68.50
CA ILE A 62 -11.84 45.70 -68.57
C ILE A 62 -12.18 46.08 -69.99
N ARG A 63 -13.12 46.99 -70.17
CA ARG A 63 -13.57 47.35 -71.52
C ARG A 63 -12.48 48.08 -72.28
N LYS A 64 -12.48 47.96 -73.62
CA LYS A 64 -11.43 48.48 -74.54
C LYS A 64 -11.23 49.99 -74.50
N LEU A 65 -12.23 50.77 -74.90
CA LEU A 65 -12.14 52.22 -74.91
C LEU A 65 -11.84 52.78 -73.52
N PRO A 66 -12.52 52.36 -72.43
CA PRO A 66 -12.14 52.84 -71.12
C PRO A 66 -10.67 52.60 -70.84
N PHE A 67 -10.12 51.47 -71.29
CA PHE A 67 -8.73 51.15 -70.99
C PHE A 67 -7.83 52.01 -71.85
N GLN A 68 -8.09 52.08 -73.16
CA GLN A 68 -7.26 52.85 -74.06
C GLN A 68 -7.01 54.23 -73.47
N ARG A 69 -8.08 54.82 -72.90
CA ARG A 69 -7.91 56.14 -72.36
C ARG A 69 -7.05 56.09 -71.13
N LEU A 70 -7.07 54.97 -70.43
CA LEU A 70 -6.31 54.88 -69.22
C LEU A 70 -4.89 55.19 -69.57
N VAL A 71 -4.46 54.71 -70.73
CA VAL A 71 -3.08 54.91 -71.15
C VAL A 71 -2.79 56.34 -71.65
N ARG A 72 -3.58 56.82 -72.59
CA ARG A 72 -3.26 58.11 -73.14
C ARG A 72 -3.08 59.22 -72.10
N GLU A 73 -3.72 59.20 -70.91
CA GLU A 73 -3.45 60.18 -69.87
C GLU A 73 -2.16 59.88 -69.10
N ILE A 74 -1.78 58.62 -68.97
CA ILE A 74 -0.52 58.29 -68.32
C ILE A 74 0.64 58.68 -69.20
N ALA A 75 0.52 58.44 -70.51
CA ALA A 75 1.54 58.85 -71.45
C ALA A 75 1.39 60.31 -71.85
N GLN A 76 1.30 61.19 -70.86
CA GLN A 76 1.30 62.64 -71.09
C GLN A 76 2.53 63.33 -70.54
N ASP A 77 2.82 63.15 -69.25
CA ASP A 77 4.00 63.75 -68.65
C ASP A 77 5.30 63.12 -69.11
N PHE A 78 5.26 61.89 -69.63
CA PHE A 78 6.45 61.29 -70.21
C PHE A 78 6.82 62.00 -71.51
N LYS A 79 5.83 62.19 -72.38
CA LYS A 79 5.98 62.96 -73.61
C LYS A 79 4.57 63.30 -74.09
N THR A 80 4.41 64.46 -74.70
CA THR A 80 3.12 64.85 -75.23
C THR A 80 2.84 64.14 -76.55
N ASP A 81 1.61 64.35 -77.05
CA ASP A 81 1.08 63.98 -78.38
C ASP A 81 1.60 62.64 -78.92
N LEU A 82 1.61 61.55 -78.15
CA LEU A 82 1.96 60.26 -78.75
C LEU A 82 0.81 59.78 -79.67
N ARG A 83 1.19 58.84 -80.51
CA ARG A 83 0.35 58.01 -81.37
C ARG A 83 0.57 56.60 -80.83
N PHE A 84 -0.35 55.66 -80.97
CA PHE A 84 -0.20 54.27 -80.54
C PHE A 84 -0.67 53.33 -81.65
N GLN A 85 0.04 52.23 -81.88
CA GLN A 85 -0.39 51.25 -82.86
C GLN A 85 -1.67 50.58 -82.43
N SER A 86 -2.38 50.03 -83.40
CA SER A 86 -3.68 49.37 -83.21
C SER A 86 -3.61 48.00 -82.53
N SER A 87 -2.44 47.67 -82.00
CA SER A 87 -2.16 46.45 -81.26
C SER A 87 -1.64 46.73 -79.83
N ALA A 88 -1.10 47.91 -79.54
CA ALA A 88 -0.31 48.16 -78.36
C ALA A 88 -1.25 48.21 -77.21
N VAL A 89 -2.39 48.84 -77.43
CA VAL A 89 -3.38 48.94 -76.39
C VAL A 89 -3.87 47.56 -76.07
N MET A 90 -4.18 46.78 -77.09
CA MET A 90 -4.73 45.47 -76.84
C MET A 90 -3.72 44.65 -76.09
N ALA A 91 -2.46 44.83 -76.42
CA ALA A 91 -1.40 44.09 -75.75
C ALA A 91 -1.26 44.54 -74.32
N LEU A 92 -1.35 45.84 -74.09
CA LEU A 92 -1.17 46.37 -72.75
C LEU A 92 -2.37 46.08 -71.86
N GLN A 93 -3.59 46.04 -72.41
CA GLN A 93 -4.73 45.69 -71.59
C GLN A 93 -4.67 44.23 -71.28
N GLU A 94 -4.82 43.38 -72.29
CA GLU A 94 -4.81 41.97 -71.91
C GLU A 94 -3.63 41.64 -70.99
N ALA A 95 -2.50 42.32 -71.16
CA ALA A 95 -1.38 42.16 -70.24
C ALA A 95 -1.74 42.60 -68.83
N SER A 96 -2.40 43.74 -68.71
CA SER A 96 -2.81 44.17 -67.40
C SER A 96 -3.78 43.17 -66.81
N GLU A 97 -4.77 42.72 -67.57
CA GLU A 97 -5.65 41.70 -67.01
C GLU A 97 -4.90 40.48 -66.52
N ALA A 98 -3.89 40.03 -67.26
CA ALA A 98 -3.11 38.87 -66.83
C ALA A 98 -2.39 39.13 -65.51
N TYR A 99 -1.77 40.31 -65.39
CA TYR A 99 -1.09 40.68 -64.15
C TYR A 99 -2.09 40.73 -62.99
N LEU A 100 -3.26 41.35 -63.22
CA LEU A 100 -4.23 41.51 -62.15
C LEU A 100 -4.86 40.19 -61.73
N VAL A 101 -5.17 39.32 -62.68
CA VAL A 101 -5.77 38.05 -62.30
C VAL A 101 -4.77 37.17 -61.56
N ALA A 102 -3.49 37.19 -61.99
CA ALA A 102 -2.46 36.44 -61.28
C ALA A 102 -2.22 37.00 -59.88
N LEU A 103 -2.33 38.31 -59.72
CA LEU A 103 -2.36 38.90 -58.38
C LEU A 103 -3.59 38.44 -57.62
N PHE A 104 -4.68 38.17 -58.32
CA PHE A 104 -5.91 37.87 -57.60
C PHE A 104 -5.99 36.43 -57.08
N GLU A 105 -5.38 35.44 -57.75
CA GLU A 105 -5.40 34.13 -57.08
C GLU A 105 -4.57 34.12 -55.79
N ASP A 106 -3.40 34.76 -55.79
CA ASP A 106 -2.64 34.73 -54.53
C ASP A 106 -3.19 35.74 -53.53
N THR A 107 -3.96 36.73 -53.98
CA THR A 107 -4.77 37.52 -53.06
C THR A 107 -5.83 36.65 -52.38
N ASN A 108 -6.48 35.79 -53.16
CA ASN A 108 -7.44 34.83 -52.60
C ASN A 108 -6.76 33.91 -51.60
N LEU A 109 -5.57 33.42 -51.92
CA LEU A 109 -4.81 32.59 -50.99
C LEU A 109 -4.45 33.35 -49.71
N ALA A 110 -4.09 34.63 -49.84
CA ALA A 110 -3.78 35.44 -48.67
C ALA A 110 -5.02 35.69 -47.82
N ALA A 111 -6.18 35.82 -48.45
CA ALA A 111 -7.41 35.98 -47.69
C ALA A 111 -7.82 34.71 -46.97
N ILE A 112 -7.67 33.55 -47.63
CA ILE A 112 -7.90 32.25 -46.99
C ILE A 112 -6.89 32.01 -45.88
N HIS A 113 -5.70 32.63 -45.97
CA HIS A 113 -4.66 32.44 -44.97
C HIS A 113 -5.11 32.88 -43.58
N ALA A 114 -5.84 33.99 -43.49
CA ALA A 114 -6.43 34.43 -42.24
C ALA A 114 -7.80 33.82 -41.99
N LYS A 115 -8.11 32.68 -42.62
CA LYS A 115 -9.39 31.97 -42.49
C LYS A 115 -10.57 32.86 -42.84
N ARG A 116 -10.43 33.64 -43.90
CA ARG A 116 -11.47 34.56 -44.34
C ARG A 116 -11.80 34.30 -45.80
N VAL A 117 -13.02 34.69 -46.19
CA VAL A 117 -13.41 34.66 -47.59
C VAL A 117 -13.46 36.07 -48.18
N THR A 118 -13.41 37.11 -47.37
CA THR A 118 -13.33 38.48 -47.85
C THR A 118 -11.86 38.81 -48.09
N ILE A 119 -11.55 39.35 -49.26
CA ILE A 119 -10.22 39.90 -49.47
C ILE A 119 -10.19 41.33 -48.96
N MET A 120 -9.00 41.79 -48.57
CA MET A 120 -8.79 43.07 -47.94
C MET A 120 -7.64 43.78 -48.64
N PRO A 121 -7.53 45.11 -48.48
CA PRO A 121 -6.38 45.82 -49.06
C PRO A 121 -5.03 45.33 -48.53
N LYS A 122 -4.99 44.77 -47.32
CA LYS A 122 -3.74 44.25 -46.78
C LYS A 122 -3.25 43.05 -47.58
N ASP A 123 -4.18 42.28 -48.17
CA ASP A 123 -3.82 41.07 -48.91
C ASP A 123 -2.96 41.40 -50.11
N ILE A 124 -3.34 42.42 -50.88
CA ILE A 124 -2.59 42.73 -52.10
C ILE A 124 -1.32 43.49 -51.77
N GLN A 125 -1.34 44.24 -50.64
CA GLN A 125 -0.11 44.87 -50.17
C GLN A 125 0.92 43.81 -49.80
N LEU A 126 0.47 42.75 -49.13
CA LEU A 126 1.36 41.64 -48.81
C LEU A 126 1.80 40.91 -50.07
N ALA A 127 0.90 40.75 -51.04
CA ALA A 127 1.25 40.09 -52.29
C ALA A 127 2.36 40.84 -53.01
N ARG A 128 2.18 42.13 -53.13
CA ARG A 128 3.16 42.93 -53.81
C ARG A 128 4.45 42.99 -52.98
N ARG A 129 4.34 42.93 -51.66
CA ARG A 129 5.50 42.89 -50.78
C ARG A 129 6.33 41.64 -51.03
N ILE A 130 5.67 40.49 -51.17
CA ILE A 130 6.41 39.23 -51.19
C ILE A 130 6.88 38.93 -52.61
N ARG A 131 6.21 39.51 -53.61
CA ARG A 131 6.81 39.50 -54.95
C ARG A 131 8.06 40.35 -55.01
N GLY A 132 8.16 41.32 -54.10
CA GLY A 132 9.30 42.22 -53.86
C GLY A 132 9.19 43.59 -54.50
N GLU A 133 7.99 44.17 -54.59
CA GLU A 133 7.73 45.49 -55.20
C GLU A 133 6.96 46.51 -54.36
N ARG A 134 6.71 46.22 -53.08
CA ARG A 134 6.06 47.18 -52.16
C ARG A 134 7.10 48.20 -51.69
N LEU B 22 -7.05 64.33 -71.44
CA LEU B 22 -7.85 63.40 -70.64
C LEU B 22 -7.28 63.28 -69.24
N ARG B 23 -8.15 63.17 -68.25
CA ARG B 23 -7.67 63.10 -66.87
C ARG B 23 -8.51 62.16 -66.01
N ASP B 24 -7.89 61.54 -65.01
CA ASP B 24 -8.60 60.63 -64.12
C ASP B 24 -9.50 59.68 -64.88
N ASN B 25 -8.92 58.93 -65.81
CA ASN B 25 -9.71 57.96 -66.52
C ASN B 25 -9.50 56.61 -65.85
N ILE B 26 -8.80 56.60 -64.73
CA ILE B 26 -8.60 55.36 -64.01
C ILE B 26 -9.94 54.85 -63.58
N GLN B 27 -10.89 55.76 -63.42
CA GLN B 27 -12.22 55.37 -62.99
C GLN B 27 -12.94 54.67 -64.11
N GLY B 28 -12.41 54.76 -65.31
CA GLY B 28 -13.05 54.15 -66.46
C GLY B 28 -13.27 52.67 -66.27
N ILE B 29 -12.47 52.06 -65.41
CA ILE B 29 -12.64 50.66 -65.11
C ILE B 29 -13.58 50.53 -63.98
N THR B 30 -14.84 50.43 -64.33
CA THR B 30 -15.83 50.38 -63.32
C THR B 30 -15.53 49.32 -62.32
N LYS B 31 -16.00 49.51 -61.09
CA LYS B 31 -15.84 48.48 -60.10
C LYS B 31 -16.40 47.23 -60.71
N PRO B 32 -17.54 47.35 -61.41
CA PRO B 32 -18.01 46.15 -62.10
C PRO B 32 -16.85 45.44 -62.77
N ALA B 33 -15.92 46.17 -63.37
CA ALA B 33 -14.86 45.47 -64.07
C ALA B 33 -13.81 44.88 -63.12
N ILE B 34 -13.32 45.68 -62.19
CA ILE B 34 -12.30 45.20 -61.29
C ILE B 34 -12.79 43.91 -60.68
N ARG B 35 -14.08 43.83 -60.42
CA ARG B 35 -14.64 42.63 -59.81
C ARG B 35 -14.65 41.47 -60.79
N ARG B 36 -14.99 41.74 -62.05
CA ARG B 36 -14.98 40.68 -63.04
C ARG B 36 -13.59 40.08 -63.11
N LEU B 37 -12.56 40.91 -63.04
CA LEU B 37 -11.19 40.40 -63.02
C LEU B 37 -10.94 39.57 -61.79
N ALA B 38 -11.25 40.11 -60.63
CA ALA B 38 -11.07 39.38 -59.40
C ALA B 38 -11.93 38.14 -59.43
N ARG B 39 -13.14 38.27 -59.98
CA ARG B 39 -13.97 37.10 -60.11
C ARG B 39 -13.18 36.20 -60.97
N ARG B 40 -12.65 36.71 -62.09
CA ARG B 40 -11.84 35.76 -62.84
C ARG B 40 -10.78 35.12 -61.94
N GLY B 41 -10.28 35.86 -60.96
CA GLY B 41 -9.29 35.32 -60.04
C GLY B 41 -9.81 34.28 -59.08
N GLY B 42 -11.13 34.16 -58.91
CA GLY B 42 -11.70 33.15 -58.05
C GLY B 42 -12.07 33.59 -56.66
N VAL B 43 -12.08 34.88 -56.38
CA VAL B 43 -12.44 35.37 -55.06
C VAL B 43 -13.96 35.40 -54.96
N LYS B 44 -14.48 35.45 -53.72
CA LYS B 44 -15.91 35.53 -53.51
C LYS B 44 -16.40 36.92 -53.13
N ARG B 45 -15.85 37.43 -52.04
CA ARG B 45 -16.30 38.70 -51.54
C ARG B 45 -15.28 39.78 -51.79
N ILE B 46 -15.74 41.01 -51.86
CA ILE B 46 -14.81 42.10 -52.17
C ILE B 46 -14.97 43.16 -51.10
N SER B 47 -13.85 43.66 -50.57
CA SER B 47 -13.93 44.78 -49.65
C SER B 47 -14.20 46.08 -50.42
N GLY B 48 -14.71 47.07 -49.70
CA GLY B 48 -15.18 48.30 -50.33
C GLY B 48 -14.08 49.23 -50.78
N LEU B 49 -13.00 49.32 -50.00
CA LEU B 49 -11.91 50.21 -50.34
C LEU B 49 -10.87 49.56 -51.24
N ILE B 50 -11.17 48.37 -51.78
CA ILE B 50 -10.32 47.73 -52.78
C ILE B 50 -10.17 48.58 -54.02
N TYR B 51 -11.26 49.20 -54.46
CA TYR B 51 -11.35 49.70 -55.84
C TYR B 51 -10.39 50.85 -56.11
N GLU B 52 -10.15 51.64 -55.09
CA GLU B 52 -9.14 52.64 -55.25
C GLU B 52 -7.80 51.92 -55.31
N GLU B 53 -7.60 50.90 -54.46
CA GLU B 53 -6.27 50.26 -54.41
C GLU B 53 -5.89 49.33 -55.56
N THR B 54 -6.82 48.53 -56.06
CA THR B 54 -6.48 47.71 -57.22
C THR B 54 -6.20 48.63 -58.37
N ARG B 55 -7.00 49.68 -58.50
CA ARG B 55 -6.75 50.64 -59.54
C ARG B 55 -5.36 51.23 -59.35
N GLY B 56 -4.94 51.34 -58.10
CA GLY B 56 -3.62 51.87 -57.80
C GLY B 56 -2.55 50.91 -58.26
N VAL B 57 -2.79 49.62 -58.07
CA VAL B 57 -1.85 48.63 -58.53
C VAL B 57 -1.74 48.83 -60.02
N LEU B 58 -2.76 49.42 -60.62
CA LEU B 58 -2.66 49.72 -62.05
C LEU B 58 -1.95 51.05 -62.33
N LYS B 59 -2.36 52.19 -61.73
CA LYS B 59 -1.67 53.41 -62.10
C LYS B 59 -0.16 53.24 -62.04
N VAL B 60 0.34 52.58 -60.99
CA VAL B 60 1.80 52.44 -60.85
C VAL B 60 2.34 51.41 -61.84
N PHE B 61 1.59 50.32 -62.08
CA PHE B 61 2.03 49.31 -63.03
C PHE B 61 2.02 49.86 -64.45
N LEU B 62 0.95 50.49 -64.85
CA LEU B 62 1.00 51.04 -66.18
C LEU B 62 2.03 52.18 -66.28
N GLU B 63 2.21 53.01 -65.25
CA GLU B 63 3.17 54.08 -65.47
C GLU B 63 4.57 53.53 -65.71
N ASN B 64 5.01 52.50 -64.98
CA ASN B 64 6.36 52.03 -65.27
C ASN B 64 6.41 51.26 -66.60
N VAL B 65 5.32 50.54 -66.94
CA VAL B 65 5.26 49.89 -68.24
C VAL B 65 5.32 50.91 -69.37
N ILE B 66 4.50 51.97 -69.27
CA ILE B 66 4.46 52.99 -70.31
C ILE B 66 5.75 53.79 -70.33
N ARG B 67 6.44 53.93 -69.20
CA ARG B 67 7.77 54.56 -69.23
C ARG B 67 8.76 53.74 -70.03
N ASP B 68 8.82 52.43 -69.80
CA ASP B 68 9.71 51.60 -70.60
C ASP B 68 9.30 51.63 -72.08
N ALA B 69 7.99 51.62 -72.35
CA ALA B 69 7.49 51.63 -73.72
C ALA B 69 7.80 52.95 -74.43
N VAL B 70 7.68 54.09 -73.75
CA VAL B 70 7.93 55.36 -74.41
C VAL B 70 9.43 55.58 -74.55
N THR B 71 10.24 54.90 -73.70
CA THR B 71 11.70 54.90 -73.79
C THR B 71 12.11 54.19 -75.06
N TYR B 72 11.59 52.98 -75.29
CA TYR B 72 11.87 52.32 -76.55
C TYR B 72 11.30 53.15 -77.70
N THR B 73 10.13 53.76 -77.53
CA THR B 73 9.54 54.52 -78.63
C THR B 73 10.46 55.63 -79.09
N GLU B 74 10.92 56.47 -78.17
CA GLU B 74 11.68 57.64 -78.60
C GLU B 74 13.11 57.28 -78.98
N HIS B 75 13.63 56.19 -78.38
CA HIS B 75 14.95 55.71 -78.69
C HIS B 75 14.97 55.13 -80.12
N ALA B 76 13.92 54.42 -80.53
CA ALA B 76 13.81 53.85 -81.87
C ALA B 76 13.40 54.88 -82.93
N LYS B 77 13.59 56.19 -82.66
CA LYS B 77 13.18 57.28 -83.55
C LYS B 77 11.70 57.26 -83.90
N ARG B 78 10.86 56.56 -83.14
CA ARG B 78 9.44 56.42 -83.50
C ARG B 78 8.61 57.40 -82.70
N LYS B 79 7.56 57.89 -83.33
CA LYS B 79 6.61 58.85 -82.75
C LYS B 79 5.26 58.22 -82.44
N THR B 80 5.11 56.94 -82.78
CA THR B 80 3.94 56.10 -82.52
C THR B 80 4.38 55.04 -81.54
N VAL B 81 3.66 54.89 -80.43
CA VAL B 81 3.99 53.76 -79.57
C VAL B 81 3.51 52.49 -80.24
N THR B 82 4.46 51.57 -80.45
CA THR B 82 4.28 50.30 -81.17
C THR B 82 3.86 49.19 -80.21
N ALA B 83 2.95 48.28 -80.57
CA ALA B 83 2.74 47.06 -79.79
C ALA B 83 4.02 46.26 -79.64
N MET B 84 4.93 46.36 -80.61
CA MET B 84 6.23 45.71 -80.51
C MET B 84 6.98 46.20 -79.29
N ASP B 85 7.04 47.53 -79.14
CA ASP B 85 7.70 48.19 -78.04
C ASP B 85 7.01 47.78 -76.72
N VAL B 86 5.68 47.55 -76.76
CA VAL B 86 4.96 47.13 -75.56
C VAL B 86 5.45 45.77 -75.10
N VAL B 87 5.44 44.77 -75.99
CA VAL B 87 5.84 43.42 -75.60
C VAL B 87 7.34 43.38 -75.33
N TYR B 88 8.12 44.26 -75.94
CA TYR B 88 9.54 44.43 -75.67
C TYR B 88 9.76 44.89 -74.23
N ALA B 89 9.02 45.91 -73.79
CA ALA B 89 9.15 46.38 -72.41
C ALA B 89 8.67 45.34 -71.41
N LEU B 90 7.61 44.59 -71.77
CA LEU B 90 7.16 43.52 -70.89
C LEU B 90 8.19 42.41 -70.76
N LYS B 91 8.93 42.13 -71.86
CA LYS B 91 10.02 41.15 -71.87
C LYS B 91 11.08 41.58 -70.89
N ARG B 92 11.37 42.88 -70.81
CA ARG B 92 12.37 43.35 -69.87
C ARG B 92 11.91 43.19 -68.42
N GLN B 93 10.72 43.69 -68.02
CA GLN B 93 10.47 43.84 -66.60
C GLN B 93 10.08 42.56 -65.88
N GLY B 94 9.98 41.45 -66.58
CA GLY B 94 9.52 40.24 -65.95
C GLY B 94 8.02 39.97 -66.01
N ARG B 95 7.29 40.70 -66.87
CA ARG B 95 5.86 40.45 -67.08
C ARG B 95 5.57 40.28 -68.57
N THR B 96 6.35 39.43 -69.23
CA THR B 96 6.31 39.29 -70.68
C THR B 96 4.97 38.77 -71.18
N LEU B 97 4.72 38.97 -72.48
CA LEU B 97 3.44 38.68 -73.12
C LEU B 97 3.68 37.93 -74.42
N TYR B 98 2.75 37.08 -74.80
CA TYR B 98 2.86 36.28 -76.02
C TYR B 98 1.75 36.63 -77.00
N GLY B 99 1.99 36.34 -78.28
CA GLY B 99 1.01 36.56 -79.32
C GLY B 99 1.13 37.86 -80.07
N PHE B 100 2.19 38.63 -79.88
CA PHE B 100 2.33 39.92 -80.54
C PHE B 100 3.73 40.10 -81.11
N GLY B 101 4.34 39.01 -81.55
CA GLY B 101 5.69 39.07 -82.06
C GLY B 101 6.71 38.77 -80.98
N GLY B 102 7.85 38.18 -81.35
CA GLY B 102 8.90 37.75 -80.40
C GLY B 102 10.06 38.72 -80.24
N ARG C 11 57.25 55.37 -79.83
CA ARG C 11 55.87 55.77 -79.50
C ARG C 11 55.79 56.65 -78.25
N ALA C 12 54.86 57.59 -78.24
CA ALA C 12 54.58 58.49 -77.12
C ALA C 12 54.07 57.72 -75.87
N LYS C 13 54.29 58.31 -74.68
CA LYS C 13 53.96 57.85 -73.32
C LYS C 13 52.58 57.21 -73.10
N ALA C 14 52.58 55.96 -72.62
CA ALA C 14 51.38 55.23 -72.24
C ALA C 14 50.82 55.61 -70.84
N LYS C 15 49.67 56.26 -70.80
CA LYS C 15 48.82 56.61 -69.63
C LYS C 15 47.40 56.13 -69.94
N THR C 16 46.56 55.74 -68.98
CA THR C 16 45.21 55.27 -69.36
C THR C 16 44.42 56.33 -70.14
N ARG C 17 43.62 55.87 -71.10
CA ARG C 17 42.80 56.68 -72.03
C ARG C 17 41.71 57.54 -71.39
N SER C 18 41.38 57.21 -70.15
CA SER C 18 40.32 57.74 -69.27
C SER C 18 40.37 59.27 -69.06
N SER C 19 41.59 59.78 -68.99
CA SER C 19 42.04 61.13 -68.68
C SER C 19 41.62 62.10 -69.76
N ARG C 20 41.43 61.64 -71.01
CA ARG C 20 40.91 62.46 -72.12
C ARG C 20 39.44 62.78 -71.88
N ALA C 21 38.71 61.84 -71.31
CA ALA C 21 37.30 61.99 -70.97
C ALA C 21 37.10 62.50 -69.54
N GLY C 22 38.18 62.75 -68.78
CA GLY C 22 38.03 63.10 -67.38
C GLY C 22 37.38 62.03 -66.53
N LEU C 23 37.98 60.84 -66.64
CA LEU C 23 37.70 59.61 -65.89
C LEU C 23 39.05 59.05 -65.37
N GLN C 24 39.03 58.12 -64.39
CA GLN C 24 40.22 57.50 -63.78
C GLN C 24 40.38 55.97 -63.88
N PHE C 25 39.31 55.15 -63.91
CA PHE C 25 39.42 53.68 -64.06
C PHE C 25 40.00 53.32 -65.42
N PRO C 26 40.80 52.24 -65.55
CA PRO C 26 41.46 51.95 -66.82
C PRO C 26 40.44 51.59 -67.90
N VAL C 27 40.28 52.52 -68.84
CA VAL C 27 39.36 52.35 -69.96
C VAL C 27 39.85 51.27 -70.90
N GLY C 28 41.15 51.17 -71.13
CA GLY C 28 41.68 50.13 -72.01
C GLY C 28 41.35 48.73 -71.48
N ARG C 29 41.41 48.56 -70.16
CA ARG C 29 41.12 47.28 -69.54
C ARG C 29 39.68 46.92 -69.80
N VAL C 30 38.75 47.85 -69.60
CA VAL C 30 37.35 47.53 -69.88
C VAL C 30 37.08 47.45 -71.38
N HIS C 31 37.85 48.15 -72.20
CA HIS C 31 37.69 48.07 -73.65
C HIS C 31 38.07 46.67 -74.12
N ARG C 32 39.12 46.11 -73.51
CA ARG C 32 39.49 44.73 -73.77
C ARG C 32 38.35 43.84 -73.34
N LEU C 33 37.70 44.15 -72.22
CA LEU C 33 36.57 43.34 -71.81
C LEU C 33 35.40 43.48 -72.77
N LEU C 34 35.15 44.63 -73.38
CA LEU C 34 34.06 44.76 -74.34
C LEU C 34 34.36 43.93 -75.58
N ARG C 35 35.59 44.01 -76.06
CA ARG C 35 36.02 43.35 -77.28
C ARG C 35 36.07 41.84 -77.06
N LYS C 36 36.76 41.39 -76.01
CA LYS C 36 36.84 39.97 -75.69
C LYS C 36 35.51 39.45 -75.17
N GLY C 37 34.67 40.31 -74.61
CA GLY C 37 33.38 39.91 -74.09
C GLY C 37 32.34 39.69 -75.17
N ASN C 38 32.63 40.11 -76.41
CA ASN C 38 31.79 39.86 -77.58
C ASN C 38 30.34 40.38 -77.36
N TYR C 39 30.13 41.70 -77.37
CA TYR C 39 28.78 42.27 -77.20
C TYR C 39 28.18 42.65 -78.56
N ALA C 40 29.00 43.02 -79.53
CA ALA C 40 28.62 43.26 -80.90
C ALA C 40 29.90 43.22 -81.75
N GLU C 41 29.72 43.22 -83.05
CA GLU C 41 30.80 43.17 -84.01
C GLU C 41 31.59 44.47 -84.18
N ARG C 42 31.08 45.62 -83.72
CA ARG C 42 31.80 46.89 -83.69
C ARG C 42 31.66 47.56 -82.33
N VAL C 43 32.74 48.04 -81.75
CA VAL C 43 32.75 48.70 -80.43
C VAL C 43 33.51 50.01 -80.51
N GLY C 44 32.87 51.12 -80.15
CA GLY C 44 33.51 52.43 -80.14
C GLY C 44 34.47 52.64 -78.98
N ALA C 45 35.34 53.65 -79.10
CA ALA C 45 36.27 54.07 -78.05
C ALA C 45 35.50 54.79 -76.94
N GLY C 46 34.49 55.59 -77.29
CA GLY C 46 33.69 56.32 -76.32
C GLY C 46 32.67 55.43 -75.58
N ALA C 47 32.44 54.21 -76.04
CA ALA C 47 31.55 53.29 -75.34
C ALA C 47 32.16 52.87 -73.99
N PRO C 48 33.41 52.35 -73.91
CA PRO C 48 34.03 51.99 -72.64
C PRO C 48 34.25 53.24 -71.81
N VAL C 49 34.41 54.41 -72.44
CA VAL C 49 34.50 55.68 -71.73
C VAL C 49 33.19 55.92 -70.99
N TYR C 50 32.06 55.84 -71.69
CA TYR C 50 30.75 56.06 -71.07
C TYR C 50 30.47 55.04 -69.96
N LEU C 51 30.84 53.79 -70.21
CA LEU C 51 30.70 52.73 -69.24
C LEU C 51 31.58 52.99 -68.02
N ALA C 52 32.82 53.40 -68.22
CA ALA C 52 33.71 53.74 -67.13
C ALA C 52 33.13 54.91 -66.35
N ALA C 53 32.47 55.87 -67.02
CA ALA C 53 31.90 57.02 -66.35
C ALA C 53 30.85 56.56 -65.32
N VAL C 54 29.98 55.63 -65.69
CA VAL C 54 28.98 55.14 -64.73
C VAL C 54 29.59 54.22 -63.68
N LEU C 55 30.60 53.40 -64.01
CA LEU C 55 31.26 52.54 -63.01
C LEU C 55 31.93 53.39 -61.95
N GLU C 56 32.61 54.44 -62.37
CA GLU C 56 33.24 55.40 -61.48
C GLU C 56 32.21 56.02 -60.55
N TYR C 57 31.03 56.34 -61.05
CA TYR C 57 29.98 56.98 -60.27
C TYR C 57 29.47 56.04 -59.16
N LEU C 58 29.17 54.79 -59.51
CA LEU C 58 28.67 53.77 -58.58
C LEU C 58 29.62 53.31 -57.48
N THR C 59 30.88 53.11 -57.85
CA THR C 59 31.90 52.51 -56.99
C THR C 59 32.30 53.25 -55.72
N ALA C 60 32.27 54.57 -55.69
CA ALA C 60 32.73 55.36 -54.54
C ALA C 60 32.00 55.19 -53.19
N GLU C 61 30.68 55.11 -53.19
CA GLU C 61 29.86 55.14 -51.98
C GLU C 61 30.14 54.04 -50.98
N ILE C 62 30.34 52.81 -51.42
CA ILE C 62 30.48 51.71 -50.48
C ILE C 62 31.71 51.81 -49.57
N LEU C 63 32.83 52.39 -50.00
CA LEU C 63 33.99 52.48 -49.11
C LEU C 63 33.72 53.48 -48.01
N GLU C 64 33.10 54.62 -48.34
CA GLU C 64 32.87 55.59 -47.29
C GLU C 64 31.80 55.11 -46.34
N LEU C 65 30.78 54.43 -46.86
CA LEU C 65 29.69 53.93 -46.05
C LEU C 65 30.19 52.85 -45.09
N ALA C 66 31.03 51.95 -45.59
CA ALA C 66 31.63 50.91 -44.76
C ALA C 66 32.58 51.57 -43.75
N GLY C 67 33.27 52.63 -44.15
CA GLY C 67 34.17 53.35 -43.24
C GLY C 67 33.39 53.98 -42.11
N ASN C 68 32.21 54.53 -42.37
CA ASN C 68 31.42 55.12 -41.28
C ASN C 68 31.06 54.02 -40.29
N ALA C 69 30.67 52.86 -40.83
CA ALA C 69 30.32 51.68 -40.06
C ALA C 69 31.52 51.14 -39.26
N ALA C 70 32.74 51.27 -39.78
CA ALA C 70 33.91 50.84 -39.03
C ALA C 70 34.24 51.83 -37.92
N ARG C 71 34.14 53.12 -38.22
CA ARG C 71 34.51 54.17 -37.29
C ARG C 71 33.59 54.23 -36.10
N ASP C 72 32.28 54.15 -36.31
CA ASP C 72 31.36 54.23 -35.17
C ASP C 72 31.41 52.91 -34.36
N ASN C 73 31.92 51.84 -34.95
CA ASN C 73 32.15 50.53 -34.35
C ASN C 73 33.55 50.46 -33.70
N LYS C 74 34.27 51.59 -33.64
CA LYS C 74 35.64 51.72 -33.08
C LYS C 74 36.66 50.84 -33.81
N LYS C 75 36.55 50.80 -35.15
CA LYS C 75 37.42 50.09 -36.10
C LYS C 75 37.94 51.06 -37.16
N THR C 76 39.14 50.77 -37.64
CA THR C 76 39.83 51.45 -38.73
C THR C 76 40.21 50.45 -39.82
N ARG C 77 40.00 49.15 -39.65
CA ARG C 77 40.21 48.15 -40.71
C ARG C 77 38.78 47.79 -41.13
N ILE C 78 38.49 47.80 -42.42
CA ILE C 78 37.14 47.52 -42.96
C ILE C 78 36.88 46.01 -43.02
N ILE C 79 35.80 45.53 -42.41
CA ILE C 79 35.40 44.11 -42.35
C ILE C 79 34.09 43.88 -43.13
N PRO C 80 33.77 42.68 -43.66
CA PRO C 80 32.53 42.48 -44.43
C PRO C 80 31.22 42.90 -43.77
N ARG C 81 31.16 42.97 -42.43
CA ARG C 81 29.98 43.46 -41.74
C ARG C 81 29.69 44.90 -42.15
N HIS C 82 30.73 45.71 -42.23
CA HIS C 82 30.63 47.11 -42.60
C HIS C 82 30.06 47.21 -44.01
N LEU C 83 30.45 46.29 -44.91
CA LEU C 83 29.91 46.26 -46.26
C LEU C 83 28.44 45.90 -46.31
N GLN C 84 28.01 44.90 -45.54
CA GLN C 84 26.61 44.54 -45.54
C GLN C 84 25.78 45.71 -45.04
N LEU C 85 26.24 46.36 -43.97
CA LEU C 85 25.54 47.51 -43.45
C LEU C 85 25.53 48.62 -44.51
N ALA C 86 26.63 48.81 -45.23
CA ALA C 86 26.71 49.84 -46.27
C ALA C 86 25.70 49.59 -47.40
N VAL C 87 25.51 48.34 -47.84
CA VAL C 87 24.54 48.11 -48.92
C VAL C 87 23.11 48.05 -48.41
N ARG C 88 22.90 47.57 -47.19
CA ARG C 88 21.54 47.43 -46.66
C ARG C 88 20.95 48.71 -46.11
N ASN C 89 21.77 49.69 -45.75
CA ASN C 89 21.23 50.96 -45.28
C ASN C 89 20.66 51.84 -46.41
N ASP C 90 21.04 51.64 -47.68
CA ASP C 90 20.53 52.47 -48.79
C ASP C 90 19.50 51.73 -49.63
N GLU C 91 18.33 52.32 -49.83
CA GLU C 91 17.26 51.68 -50.58
C GLU C 91 17.53 51.58 -52.08
N GLU C 92 18.29 52.48 -52.70
CA GLU C 92 18.56 52.38 -54.13
C GLU C 92 19.56 51.26 -54.33
N LEU C 93 20.59 51.15 -53.47
CA LEU C 93 21.51 50.03 -53.52
C LEU C 93 20.71 48.76 -53.33
N ASN C 94 19.72 48.78 -52.47
CA ASN C 94 18.88 47.61 -52.24
C ASN C 94 18.02 47.26 -53.45
N LYS C 95 17.74 48.14 -54.43
CA LYS C 95 16.95 47.68 -55.58
C LYS C 95 17.83 46.91 -56.56
N LEU C 96 19.03 47.41 -56.81
CA LEU C 96 20.02 46.78 -57.70
C LEU C 96 20.70 45.58 -57.07
N LEU C 97 20.87 45.62 -55.75
CA LEU C 97 21.52 44.58 -54.98
C LEU C 97 20.46 43.84 -54.15
N GLY C 98 19.19 43.98 -54.51
CA GLY C 98 18.08 43.31 -53.83
C GLY C 98 18.14 41.82 -54.09
N ARG C 99 18.57 41.45 -55.30
CA ARG C 99 18.69 40.05 -55.70
C ARG C 99 20.11 39.52 -55.40
N VAL C 100 20.98 40.38 -54.88
CA VAL C 100 22.36 40.07 -54.50
C VAL C 100 22.51 39.75 -53.01
N THR C 101 23.41 38.85 -52.67
CA THR C 101 23.72 38.36 -51.32
C THR C 101 25.17 38.73 -50.95
N ILE C 102 25.42 39.12 -49.69
CA ILE C 102 26.75 39.55 -49.22
C ILE C 102 27.36 38.56 -48.25
N ALA C 103 28.57 38.12 -48.53
CA ALA C 103 29.27 37.20 -47.65
C ALA C 103 29.76 37.88 -46.35
N GLN C 104 29.69 37.16 -45.23
CA GLN C 104 30.10 37.57 -43.89
C GLN C 104 29.52 38.93 -43.50
N GLY C 105 28.27 39.14 -43.89
CA GLY C 105 27.62 40.40 -43.62
C GLY C 105 26.67 40.41 -42.44
N GLY C 106 26.03 39.28 -42.13
CA GLY C 106 24.97 39.26 -41.10
C GLY C 106 23.76 40.01 -41.70
N VAL C 107 22.81 40.48 -40.90
CA VAL C 107 21.69 41.30 -41.41
C VAL C 107 21.50 42.56 -40.58
N LEU C 108 20.63 43.46 -41.03
CA LEU C 108 20.36 44.71 -40.35
C LEU C 108 19.74 44.36 -38.97
N PRO C 109 20.19 44.96 -37.86
CA PRO C 109 19.60 44.66 -36.57
C PRO C 109 18.19 45.26 -36.53
N ASN C 110 17.17 44.42 -36.66
CA ASN C 110 15.76 44.83 -36.67
C ASN C 110 14.85 43.86 -35.92
N ILE C 111 13.84 44.43 -35.26
CA ILE C 111 12.84 43.71 -34.48
C ILE C 111 11.48 44.20 -34.97
N GLN C 112 10.55 43.31 -35.30
CA GLN C 112 9.22 43.73 -35.72
C GLN C 112 8.45 44.26 -34.52
N SER C 113 7.49 45.16 -34.75
CA SER C 113 6.79 45.90 -33.70
C SER C 113 6.01 45.04 -32.72
N VAL C 114 5.32 44.01 -33.19
CA VAL C 114 4.49 43.18 -32.33
C VAL C 114 5.31 42.29 -31.39
N LEU C 115 6.57 42.05 -31.74
CA LEU C 115 7.50 41.22 -30.97
C LEU C 115 8.08 41.88 -29.73
N LEU C 116 8.02 43.21 -29.59
CA LEU C 116 8.62 43.90 -28.44
C LEU C 116 7.92 43.59 -27.11
N PRO C 117 8.67 43.49 -25.99
CA PRO C 117 8.13 43.27 -24.65
C PRO C 117 7.41 44.53 -24.16
N LYS C 118 6.44 44.39 -23.26
CA LYS C 118 5.71 45.54 -22.69
C LYS C 118 6.12 45.76 -21.23
N LYS C 119 5.78 46.92 -20.66
CA LYS C 119 6.02 47.30 -19.25
C LYS C 119 4.69 47.44 -18.50
N ARG D 26 55.57 25.86 -62.74
CA ARG D 26 55.93 27.16 -63.32
C ARG D 26 55.47 28.35 -62.45
N ARG D 27 55.70 29.58 -62.91
CA ARG D 27 55.29 30.83 -62.26
C ARG D 27 53.87 31.11 -62.74
N LYS D 28 52.96 31.37 -61.79
CA LYS D 28 51.54 31.56 -62.09
C LYS D 28 51.29 32.82 -62.92
N THR D 29 50.27 32.78 -63.76
CA THR D 29 49.85 33.88 -64.65
C THR D 29 49.18 35.00 -63.87
N ARG D 30 49.11 36.19 -64.48
CA ARG D 30 48.48 37.38 -63.90
C ARG D 30 46.95 37.28 -63.99
N LYS D 31 46.23 37.46 -62.89
CA LYS D 31 44.75 37.53 -62.82
C LYS D 31 44.17 38.93 -62.61
N GLU D 32 43.09 39.19 -63.32
CA GLU D 32 42.36 40.45 -63.35
C GLU D 32 41.65 40.69 -61.99
N SER D 33 41.90 41.85 -61.39
CA SER D 33 41.29 42.25 -60.12
C SER D 33 41.31 43.77 -59.98
N TYR D 34 40.41 44.30 -59.15
CA TYR D 34 40.27 45.73 -58.93
C TYR D 34 40.75 46.24 -57.58
N ALA D 35 41.65 45.51 -56.93
CA ALA D 35 42.10 45.86 -55.59
C ALA D 35 42.79 47.21 -55.46
N ILE D 36 43.70 47.58 -56.37
CA ILE D 36 44.42 48.85 -56.26
C ILE D 36 43.49 50.05 -56.40
N TYR D 37 42.48 49.97 -57.26
CA TYR D 37 41.56 51.08 -57.45
C TYR D 37 40.72 51.26 -56.18
N VAL D 38 40.31 50.14 -55.57
CA VAL D 38 39.55 50.15 -54.32
C VAL D 38 40.42 50.74 -53.21
N TYR D 39 41.69 50.35 -53.15
CA TYR D 39 42.60 50.88 -52.17
C TYR D 39 42.76 52.39 -52.27
N LYS D 40 42.92 52.94 -53.47
CA LYS D 40 43.11 54.40 -53.56
C LYS D 40 41.81 55.14 -53.27
N VAL D 41 40.64 54.60 -53.61
CA VAL D 41 39.40 55.34 -53.29
C VAL D 41 39.17 55.26 -51.79
N LEU D 42 39.62 54.18 -51.12
CA LEU D 42 39.56 54.12 -49.67
C LEU D 42 40.45 55.23 -49.11
N LYS D 43 41.66 55.43 -49.67
CA LYS D 43 42.53 56.51 -49.20
C LYS D 43 41.84 57.85 -49.42
N GLN D 44 41.02 58.02 -50.46
CA GLN D 44 40.34 59.30 -50.68
C GLN D 44 39.27 59.59 -49.63
N VAL D 45 38.45 58.60 -49.27
CA VAL D 45 37.34 58.83 -48.34
C VAL D 45 37.68 58.65 -46.88
N HIS D 46 38.69 57.85 -46.57
CA HIS D 46 39.14 57.61 -45.20
C HIS D 46 40.64 57.33 -45.35
N PRO D 47 41.47 58.38 -45.33
CA PRO D 47 42.92 58.30 -45.55
C PRO D 47 43.73 57.56 -44.49
N ASP D 48 43.12 57.22 -43.37
CA ASP D 48 43.70 56.58 -42.18
C ASP D 48 43.19 55.15 -41.91
N THR D 49 42.20 54.72 -42.71
CA THR D 49 41.51 53.44 -42.59
C THR D 49 42.06 52.34 -43.50
N GLY D 50 42.33 51.17 -42.93
CA GLY D 50 42.77 49.97 -43.63
C GLY D 50 41.58 49.17 -44.17
N ILE D 51 41.84 48.10 -44.91
CA ILE D 51 40.84 47.24 -45.56
C ILE D 51 41.17 45.79 -45.42
N SER D 52 40.15 44.96 -45.21
CA SER D 52 40.38 43.54 -45.14
C SER D 52 40.27 42.94 -46.51
N SER D 53 40.92 41.81 -46.69
CA SER D 53 40.97 41.12 -47.96
C SER D 53 39.65 40.52 -48.35
N LYS D 54 38.87 39.91 -47.46
CA LYS D 54 37.55 39.43 -47.92
C LYS D 54 36.66 40.61 -48.26
N ALA D 55 36.72 41.70 -47.49
CA ALA D 55 35.95 42.88 -47.84
C ALA D 55 36.40 43.39 -49.21
N MET D 56 37.70 43.29 -49.52
CA MET D 56 38.22 43.74 -50.79
C MET D 56 37.69 42.82 -51.91
N SER D 57 37.55 41.52 -51.65
CA SER D 57 37.04 40.57 -52.64
C SER D 57 35.57 40.87 -52.96
N ILE D 58 34.77 41.31 -51.98
CA ILE D 58 33.37 41.70 -52.24
C ILE D 58 33.33 42.76 -53.32
N MET D 59 34.23 43.73 -53.21
CA MET D 59 34.30 44.85 -54.12
C MET D 59 34.63 44.32 -55.50
N ASN D 60 35.51 43.33 -55.58
CA ASN D 60 35.90 42.77 -56.85
C ASN D 60 34.68 42.10 -57.50
N SER D 61 33.88 41.34 -56.75
CA SER D 61 32.67 40.73 -57.32
C SER D 61 31.64 41.78 -57.75
N PHE D 62 31.51 42.80 -56.91
CA PHE D 62 30.63 43.93 -57.12
C PHE D 62 30.87 44.63 -58.44
N VAL D 63 32.10 45.02 -58.71
CA VAL D 63 32.40 45.72 -59.95
C VAL D 63 32.24 44.84 -61.17
N ASN D 64 32.59 43.58 -61.08
CA ASN D 64 32.46 42.69 -62.22
C ASN D 64 31.00 42.52 -62.62
N ASP D 65 30.16 42.28 -61.63
CA ASP D 65 28.74 42.06 -61.84
C ASP D 65 28.08 43.28 -62.47
N VAL D 66 28.32 44.43 -61.87
CA VAL D 66 27.67 45.63 -62.35
C VAL D 66 28.19 45.97 -63.74
N PHE D 67 29.46 45.69 -64.05
CA PHE D 67 29.96 45.94 -65.38
C PHE D 67 29.25 45.05 -66.41
N GLU D 68 29.12 43.77 -66.11
CA GLU D 68 28.57 42.86 -67.08
C GLU D 68 27.09 43.12 -67.35
N ARG D 69 26.31 43.46 -66.33
CA ARG D 69 24.86 43.63 -66.48
C ARG D 69 24.56 44.65 -67.56
N ILE D 70 25.21 45.79 -67.48
CA ILE D 70 25.03 46.84 -68.46
C ILE D 70 25.61 46.48 -69.82
N ALA D 71 26.69 45.73 -69.87
CA ALA D 71 27.27 45.40 -71.16
C ALA D 71 26.31 44.47 -71.92
N GLY D 72 25.61 43.57 -71.23
CA GLY D 72 24.63 42.70 -71.87
C GLY D 72 23.47 43.53 -72.44
N GLU D 73 23.02 44.54 -71.70
CA GLU D 73 21.94 45.40 -72.18
C GLU D 73 22.32 46.17 -73.43
N ALA D 74 23.56 46.63 -73.49
CA ALA D 74 24.02 47.36 -74.64
C ALA D 74 23.94 46.45 -75.86
N SER D 75 24.37 45.19 -75.73
CA SER D 75 24.31 44.25 -76.85
C SER D 75 22.90 44.02 -77.35
N ARG D 76 21.97 43.77 -76.43
CA ARG D 76 20.58 43.51 -76.76
C ARG D 76 19.98 44.70 -77.46
N LEU D 77 20.14 45.85 -76.84
CA LEU D 77 19.53 47.07 -77.29
C LEU D 77 20.11 47.47 -78.66
N ALA D 78 21.35 47.11 -78.95
CA ALA D 78 21.95 47.42 -80.24
C ALA D 78 21.31 46.54 -81.33
N HIS D 79 21.15 45.25 -81.07
CA HIS D 79 20.52 44.35 -82.03
C HIS D 79 19.06 44.69 -82.28
N TYR D 80 18.37 45.18 -81.24
CA TYR D 80 16.96 45.54 -81.35
C TYR D 80 16.79 46.73 -82.29
N ASN D 81 17.77 47.62 -82.36
CA ASN D 81 17.72 48.75 -83.29
C ASN D 81 18.41 48.41 -84.62
N LYS D 82 18.66 47.12 -84.90
CA LYS D 82 19.28 46.63 -86.13
C LYS D 82 20.60 47.36 -86.40
N ARG D 83 21.49 47.35 -85.40
CA ARG D 83 22.77 48.05 -85.42
C ARG D 83 23.92 47.11 -85.07
N SER D 84 25.10 47.29 -85.63
CA SER D 84 26.26 46.45 -85.34
C SER D 84 27.34 47.15 -84.50
N THR D 85 27.08 48.39 -84.13
CA THR D 85 28.07 49.25 -83.51
C THR D 85 27.58 49.97 -82.27
N ILE D 86 28.29 49.83 -81.14
CA ILE D 86 27.98 50.53 -79.90
C ILE D 86 28.38 52.02 -79.98
N THR D 87 27.44 52.92 -79.71
CA THR D 87 27.48 54.39 -79.71
C THR D 87 26.95 54.94 -78.37
N SER D 88 26.65 56.25 -78.26
CA SER D 88 26.12 56.82 -76.99
C SER D 88 24.59 56.79 -76.79
N ARG D 89 23.75 56.97 -77.83
CA ARG D 89 22.34 57.31 -77.70
C ARG D 89 21.54 56.15 -77.11
N GLU D 90 21.97 54.96 -77.51
CA GLU D 90 21.49 53.67 -77.08
C GLU D 90 22.17 53.17 -75.77
N ILE D 91 23.43 53.51 -75.44
CA ILE D 91 24.03 53.00 -74.17
C ILE D 91 23.64 53.84 -72.99
N GLN D 92 23.35 55.13 -73.22
CA GLN D 92 22.83 55.95 -72.13
C GLN D 92 21.45 55.35 -71.84
N THR D 93 20.74 54.92 -72.90
CA THR D 93 19.47 54.22 -72.78
C THR D 93 19.70 52.92 -72.01
N ALA D 94 20.77 52.18 -72.27
CA ALA D 94 20.98 50.93 -71.56
C ALA D 94 21.26 51.14 -70.06
N VAL D 95 22.07 52.13 -69.66
CA VAL D 95 22.34 52.34 -68.23
C VAL D 95 21.10 52.81 -67.49
N ARG D 96 20.30 53.66 -68.14
CA ARG D 96 19.07 54.17 -67.53
C ARG D 96 18.02 53.08 -67.44
N LEU D 97 18.08 52.09 -68.30
CA LEU D 97 17.17 50.96 -68.24
C LEU D 97 17.45 50.14 -66.97
N LEU D 98 18.71 49.86 -66.61
CA LEU D 98 18.99 49.10 -65.37
C LEU D 98 18.85 49.95 -64.10
N LEU D 99 19.76 50.89 -63.91
CA LEU D 99 19.90 51.75 -62.75
C LEU D 99 18.68 52.63 -62.39
N PRO D 100 18.34 52.82 -61.10
CA PRO D 100 17.22 53.65 -60.63
C PRO D 100 17.47 55.18 -60.63
N GLY D 101 16.58 55.94 -59.98
CA GLY D 101 16.54 57.41 -59.90
C GLY D 101 17.83 58.20 -59.59
N GLU D 102 18.58 57.93 -58.51
CA GLU D 102 19.85 58.64 -58.23
C GLU D 102 20.84 58.44 -59.38
N LEU D 103 20.71 57.30 -60.02
CA LEU D 103 21.52 56.92 -61.13
C LEU D 103 20.91 57.34 -62.48
N ALA D 104 19.88 58.21 -62.58
CA ALA D 104 19.25 58.55 -63.88
C ALA D 104 19.58 59.93 -64.52
N LYS D 105 18.89 61.07 -64.22
CA LYS D 105 19.26 62.37 -64.79
C LYS D 105 20.68 62.79 -64.40
N HIS D 106 21.21 62.18 -63.33
CA HIS D 106 22.62 62.24 -62.91
C HIS D 106 23.58 61.54 -63.90
N ALA D 107 23.35 60.26 -64.19
CA ALA D 107 24.20 59.45 -65.05
C ALA D 107 24.19 59.98 -66.47
N VAL D 108 23.01 60.37 -66.98
CA VAL D 108 22.95 60.94 -68.33
C VAL D 108 23.52 62.35 -68.38
N SER D 109 23.35 63.22 -67.36
CA SER D 109 23.92 64.55 -67.47
C SER D 109 25.44 64.51 -67.46
N GLU D 110 26.02 63.61 -66.62
CA GLU D 110 27.49 63.37 -66.46
C GLU D 110 28.08 62.54 -67.60
N GLY D 111 27.34 61.58 -68.15
CA GLY D 111 27.84 60.79 -69.27
C GLY D 111 27.96 61.69 -70.49
N THR D 112 26.95 62.52 -70.73
CA THR D 112 26.97 63.46 -71.86
C THR D 112 27.94 64.65 -71.72
N LYS D 113 28.13 65.34 -70.57
CA LYS D 113 29.24 66.29 -70.48
C LYS D 113 30.59 65.60 -70.63
N ALA D 114 30.73 64.34 -70.15
CA ALA D 114 31.95 63.52 -70.25
C ALA D 114 32.25 63.17 -71.71
N VAL D 115 31.23 62.88 -72.49
CA VAL D 115 31.37 62.65 -73.92
C VAL D 115 31.65 63.97 -74.67
N THR D 116 30.96 65.09 -74.41
CA THR D 116 31.28 66.34 -75.10
C THR D 116 32.70 66.80 -74.79
N LYS D 117 33.17 66.59 -73.55
CA LYS D 117 34.55 66.95 -73.24
C LYS D 117 35.54 65.95 -73.84
N TYR D 118 35.12 64.72 -74.14
CA TYR D 118 35.99 63.75 -74.78
C TYR D 118 36.08 64.12 -76.28
N THR D 119 34.96 64.51 -76.96
CA THR D 119 35.03 64.92 -78.36
C THR D 119 35.62 66.31 -78.52
N SER D 120 35.59 67.14 -77.46
CA SER D 120 36.25 68.44 -77.51
C SER D 120 37.76 68.26 -77.56
N ALA D 121 38.28 67.29 -76.82
CA ALA D 121 39.70 66.99 -76.84
C ALA D 121 40.03 66.03 -77.98
N ALA E 1 -6.66 -14.02 -36.42
CA ALA E 1 -5.83 -13.42 -35.39
C ALA E 1 -4.58 -12.77 -36.00
N ARG E 2 -4.56 -11.45 -35.98
CA ARG E 2 -3.43 -10.72 -36.52
C ARG E 2 -2.23 -10.84 -35.60
N THR E 3 -1.07 -11.12 -36.18
CA THR E 3 0.16 -11.24 -35.41
C THR E 3 1.24 -10.38 -36.05
N LYS E 4 2.20 -9.96 -35.24
CA LYS E 4 3.33 -9.19 -35.73
C LYS E 4 4.58 -9.58 -34.95
N GLN E 5 5.74 -9.40 -35.58
CA GLN E 5 7.01 -9.74 -34.96
C GLN E 5 7.79 -8.48 -34.61
N THR E 6 8.24 -8.32 -33.37
CA THR E 6 8.99 -7.11 -33.10
C THR E 6 10.42 -7.37 -32.63
N ALA E 7 10.62 -8.47 -31.92
CA ALA E 7 11.98 -8.78 -31.52
C ALA E 7 12.88 -8.71 -32.74
N ARG E 8 12.39 -9.19 -33.87
CA ARG E 8 13.16 -9.17 -35.10
C ARG E 8 14.41 -10.03 -34.96
N LYS E 9 14.36 -10.99 -34.03
CA LYS E 9 15.49 -11.86 -33.77
C LYS E 9 15.05 -13.32 -33.70
N SER E 10 15.59 -14.15 -34.58
CA SER E 10 15.21 -15.56 -34.61
C SER E 10 15.61 -16.26 -33.32
N THR E 11 16.65 -15.74 -32.66
CA THR E 11 17.11 -16.34 -31.41
C THR E 11 17.41 -15.27 -30.38
N GLY E 12 17.28 -15.61 -29.11
CA GLY E 12 17.55 -14.66 -28.04
C GLY E 12 19.02 -14.57 -27.70
N GLY E 13 19.36 -13.67 -26.77
CA GLY E 13 20.74 -13.53 -26.35
C GLY E 13 21.69 -13.39 -27.52
N LYS E 14 21.39 -12.46 -28.42
CA LYS E 14 22.23 -12.25 -29.58
C LYS E 14 23.60 -11.74 -29.17
N ALA E 15 23.66 -10.95 -28.12
CA ALA E 15 24.94 -10.43 -27.64
C ALA E 15 25.89 -11.56 -27.25
N PRO E 16 25.38 -12.55 -26.48
CA PRO E 16 26.24 -13.70 -26.16
C PRO E 16 26.37 -14.68 -27.31
N ARG E 17 26.91 -14.24 -28.43
CA ARG E 17 27.09 -15.12 -29.59
C ARG E 17 28.49 -14.95 -30.18
N LYS E 18 28.88 -15.82 -31.10
CA LYS E 18 30.24 -15.75 -31.64
C LYS E 18 30.30 -14.88 -32.89
N GLN E 19 29.15 -14.34 -33.29
CA GLN E 19 29.11 -13.48 -34.47
C GLN E 19 28.17 -12.31 -34.24
N LYS E 37 18.89 33.55 -4.64
CA LYS E 37 18.00 32.71 -5.43
C LYS E 37 18.25 32.93 -6.93
N PRO E 38 18.41 31.88 -7.77
CA PRO E 38 18.70 32.07 -9.19
C PRO E 38 17.59 32.73 -10.01
N HIS E 39 18.00 33.66 -10.85
CA HIS E 39 17.14 34.40 -11.77
C HIS E 39 16.68 33.53 -12.94
N ARG E 40 15.41 33.64 -13.31
CA ARG E 40 14.87 33.00 -14.51
C ARG E 40 14.16 34.07 -15.30
N TYR E 41 14.60 34.29 -16.53
CA TYR E 41 13.99 35.24 -17.42
C TYR E 41 12.66 34.58 -17.85
N ARG E 42 11.63 35.36 -18.14
CA ARG E 42 10.32 34.83 -18.56
C ARG E 42 10.36 34.15 -19.92
N PRO E 43 9.45 33.21 -20.22
CA PRO E 43 9.38 32.57 -21.53
C PRO E 43 9.16 33.70 -22.54
N GLY E 44 10.16 33.97 -23.39
CA GLY E 44 10.14 35.05 -24.38
C GLY E 44 11.21 36.14 -24.13
N THR E 45 11.66 36.34 -22.89
CA THR E 45 12.59 37.41 -22.55
C THR E 45 13.96 37.31 -23.22
N VAL E 46 14.59 36.16 -23.15
CA VAL E 46 15.91 35.96 -23.75
C VAL E 46 15.91 36.05 -25.26
N ALA E 47 14.84 35.63 -25.91
CA ALA E 47 14.75 35.55 -27.36
C ALA E 47 15.09 36.86 -28.03
N LEU E 48 14.58 37.99 -27.59
CA LEU E 48 14.91 39.27 -28.22
C LEU E 48 16.36 39.65 -27.99
N ARG E 49 16.94 39.29 -26.84
CA ARG E 49 18.35 39.52 -26.59
C ARG E 49 19.18 38.74 -27.63
N GLU E 50 18.76 37.52 -27.97
CA GLU E 50 19.48 36.72 -28.96
C GLU E 50 19.03 36.93 -30.41
N ILE E 51 17.89 37.60 -30.67
CA ILE E 51 17.54 38.05 -32.02
C ILE E 51 18.70 38.98 -32.40
N ARG E 52 18.96 39.93 -31.49
CA ARG E 52 20.02 40.90 -31.66
C ARG E 52 21.37 40.23 -31.75
N ARG E 53 21.65 39.18 -30.96
CA ARG E 53 22.96 38.52 -31.06
C ARG E 53 23.13 37.90 -32.45
N TYR E 54 22.16 37.17 -32.97
CA TYR E 54 22.36 36.56 -34.29
C TYR E 54 22.21 37.56 -35.42
N GLN E 55 21.75 38.78 -35.14
CA GLN E 55 21.63 39.79 -36.17
C GLN E 55 22.85 40.69 -36.21
N LYS E 56 23.48 41.01 -35.07
CA LYS E 56 24.70 41.85 -35.14
C LYS E 56 25.91 41.00 -35.53
N SER E 57 25.78 39.68 -35.44
CA SER E 57 26.86 38.76 -35.75
C SER E 57 26.91 38.49 -37.26
N THR E 58 28.04 37.98 -37.76
CA THR E 58 28.25 37.75 -39.20
C THR E 58 28.69 36.36 -39.60
N GLU E 59 28.89 35.47 -38.64
CA GLU E 59 29.28 34.10 -38.89
C GLU E 59 28.13 33.41 -39.61
N LEU E 60 28.41 32.22 -40.07
CA LEU E 60 27.46 31.44 -40.83
C LEU E 60 26.87 30.50 -39.79
N LEU E 61 25.56 30.49 -39.74
CA LEU E 61 24.73 29.84 -38.74
C LEU E 61 24.51 28.35 -38.94
N ILE E 62 25.00 27.73 -40.00
CA ILE E 62 24.93 26.28 -40.10
C ILE E 62 26.37 25.85 -39.85
N ARG E 63 26.56 24.83 -39.01
CA ARG E 63 27.89 24.34 -38.69
C ARG E 63 28.54 23.83 -39.97
N LYS E 64 29.80 24.21 -40.22
CA LYS E 64 30.42 23.92 -41.50
C LYS E 64 30.55 22.43 -41.66
N LEU E 65 31.01 21.67 -40.67
CA LEU E 65 31.15 20.24 -40.93
C LEU E 65 29.81 19.57 -41.26
N PRO E 66 28.69 19.82 -40.56
CA PRO E 66 27.41 19.24 -40.97
C PRO E 66 26.97 19.69 -42.35
N PHE E 67 27.11 20.97 -42.66
CA PHE E 67 26.71 21.49 -43.97
C PHE E 67 27.61 20.97 -45.10
N GLN E 68 28.89 20.81 -44.81
CA GLN E 68 29.84 20.29 -45.78
C GLN E 68 29.42 18.87 -46.10
N ARG E 69 29.12 18.11 -45.05
CA ARG E 69 28.70 16.75 -45.19
C ARG E 69 27.35 16.74 -45.91
N LEU E 70 26.47 17.72 -45.67
CA LEU E 70 25.21 17.85 -46.41
C LEU E 70 25.47 18.00 -47.89
N VAL E 71 26.32 18.95 -48.27
CA VAL E 71 26.57 19.18 -49.69
C VAL E 71 27.21 17.94 -50.30
N ARG E 72 28.09 17.25 -49.59
CA ARG E 72 28.70 16.02 -50.11
C ARG E 72 27.65 14.93 -50.29
N GLU E 73 26.83 14.67 -49.27
CA GLU E 73 25.85 13.60 -49.36
C GLU E 73 24.74 13.94 -50.36
N ILE E 74 24.43 15.22 -50.59
CA ILE E 74 23.34 15.59 -51.48
C ILE E 74 23.81 15.79 -52.92
N ALA E 75 25.11 15.99 -53.17
CA ALA E 75 25.60 16.17 -54.53
C ALA E 75 26.02 14.88 -55.23
N GLN E 76 26.23 13.82 -54.46
CA GLN E 76 26.76 12.57 -54.96
C GLN E 76 25.84 11.91 -56.00
N ASP E 77 24.52 12.02 -55.83
CA ASP E 77 23.56 11.40 -56.74
C ASP E 77 23.57 12.02 -58.15
N PHE E 78 23.84 13.32 -58.30
CA PHE E 78 23.93 13.94 -59.62
C PHE E 78 25.14 13.50 -60.43
N LYS E 79 26.31 13.47 -59.81
CA LYS E 79 27.53 13.08 -60.50
C LYS E 79 28.45 12.43 -59.50
N THR E 80 28.99 11.31 -59.94
CA THR E 80 29.88 10.52 -59.11
C THR E 80 31.21 11.23 -58.92
N ASP E 81 31.77 11.06 -57.72
CA ASP E 81 33.08 11.60 -57.37
C ASP E 81 33.22 13.09 -57.66
N LEU E 82 32.28 13.89 -57.18
CA LEU E 82 32.36 15.31 -57.42
C LEU E 82 33.06 15.95 -56.23
N ARG E 83 34.09 16.73 -56.54
CA ARG E 83 34.87 17.47 -55.54
C ARG E 83 34.38 18.88 -55.51
N PHE E 84 34.49 19.52 -54.37
CA PHE E 84 34.02 20.88 -54.25
C PHE E 84 35.18 21.73 -53.82
N GLN E 85 35.31 22.91 -54.43
CA GLN E 85 36.36 23.82 -54.03
C GLN E 85 35.99 24.25 -52.61
N SER E 86 36.93 24.60 -51.73
CA SER E 86 36.55 24.94 -50.34
C SER E 86 35.60 26.14 -50.35
N SER E 87 35.91 27.12 -51.17
CA SER E 87 35.10 28.31 -51.36
C SER E 87 33.75 27.98 -51.98
N ALA E 88 33.63 26.90 -52.76
CA ALA E 88 32.36 26.56 -53.39
C ALA E 88 31.30 26.26 -52.35
N VAL E 89 31.60 25.43 -51.36
CA VAL E 89 30.58 25.14 -50.35
C VAL E 89 30.29 26.37 -49.51
N MET E 90 31.26 27.27 -49.34
CA MET E 90 31.03 28.48 -48.58
C MET E 90 30.09 29.44 -49.30
N ALA E 91 30.20 29.55 -50.62
CA ALA E 91 29.20 30.21 -51.46
C ALA E 91 27.83 29.58 -51.28
N LEU E 92 27.74 28.24 -51.18
CA LEU E 92 26.46 27.54 -50.91
C LEU E 92 25.93 27.88 -49.53
N GLN E 93 26.79 27.84 -48.52
CA GLN E 93 26.46 28.13 -47.14
C GLN E 93 25.83 29.52 -47.08
N GLU E 94 26.52 30.50 -47.65
CA GLU E 94 26.05 31.86 -47.63
C GLU E 94 24.77 32.02 -48.42
N ALA E 95 24.69 31.43 -49.61
CA ALA E 95 23.52 31.56 -50.46
C ALA E 95 22.28 30.97 -49.78
N SER E 96 22.44 29.83 -49.12
CA SER E 96 21.35 29.18 -48.43
C SER E 96 20.91 30.03 -47.24
N GLU E 97 21.84 30.58 -46.46
CA GLU E 97 21.41 31.41 -45.35
C GLU E 97 20.70 32.66 -45.85
N ALA E 98 21.17 33.23 -46.96
CA ALA E 98 20.54 34.39 -47.56
C ALA E 98 19.13 34.05 -48.04
N TYR E 99 18.97 32.90 -48.68
CA TYR E 99 17.71 32.38 -49.16
C TYR E 99 16.71 32.22 -48.02
N LEU E 100 17.15 31.67 -46.90
CA LEU E 100 16.30 31.38 -45.76
C LEU E 100 16.00 32.61 -44.92
N VAL E 101 16.90 33.57 -44.83
CA VAL E 101 16.55 34.74 -44.05
C VAL E 101 15.52 35.55 -44.85
N ALA E 102 15.59 35.63 -46.18
CA ALA E 102 14.56 36.29 -46.97
C ALA E 102 13.22 35.58 -46.84
N LEU E 103 13.25 34.24 -46.92
CA LEU E 103 12.03 33.46 -46.78
C LEU E 103 11.44 33.60 -45.38
N PHE E 104 12.29 33.80 -44.36
CA PHE E 104 11.79 33.92 -43.01
C PHE E 104 11.29 35.33 -42.69
N GLU E 105 11.82 36.33 -43.35
CA GLU E 105 11.20 37.65 -43.26
C GLU E 105 9.81 37.51 -43.91
N ASP E 106 9.69 36.89 -45.08
CA ASP E 106 8.39 36.70 -45.73
C ASP E 106 7.45 35.89 -44.84
N THR E 107 8.00 34.91 -44.13
CA THR E 107 7.25 34.14 -43.14
C THR E 107 6.72 35.03 -42.03
N ASN E 108 7.58 35.86 -41.46
CA ASN E 108 7.15 36.64 -40.34
C ASN E 108 6.06 37.61 -40.82
N LEU E 109 6.15 38.11 -42.05
CA LEU E 109 5.14 38.97 -42.64
C LEU E 109 3.80 38.26 -42.85
N ALA E 110 3.80 37.05 -43.36
CA ALA E 110 2.56 36.30 -43.56
C ALA E 110 2.01 35.76 -42.24
N ALA E 111 2.86 35.70 -41.21
CA ALA E 111 2.39 35.30 -39.88
C ALA E 111 1.75 36.48 -39.15
N ILE E 112 2.37 37.65 -39.22
CA ILE E 112 1.78 38.82 -38.58
C ILE E 112 0.51 39.21 -39.33
N HIS E 113 0.32 38.77 -40.58
CA HIS E 113 -0.94 38.96 -41.29
C HIS E 113 -2.13 38.37 -40.54
N ALA E 114 -2.02 37.12 -40.10
CA ALA E 114 -3.16 36.44 -39.49
C ALA E 114 -3.22 36.63 -37.98
N LYS E 115 -3.08 37.88 -37.51
CA LYS E 115 -3.23 38.28 -36.10
C LYS E 115 -2.41 37.40 -35.15
N ARG E 116 -1.20 36.99 -35.58
CA ARG E 116 -0.30 36.02 -34.90
C ARG E 116 1.16 36.42 -34.83
N VAL E 117 1.83 35.88 -33.83
CA VAL E 117 3.27 36.05 -33.60
C VAL E 117 3.98 34.74 -33.88
N THR E 118 3.36 33.62 -33.52
CA THR E 118 3.97 32.33 -33.82
C THR E 118 3.71 31.97 -35.27
N ILE E 119 4.74 31.42 -35.92
CA ILE E 119 4.60 30.93 -37.28
C ILE E 119 4.21 29.47 -37.24
N MET E 120 3.78 28.96 -38.40
CA MET E 120 3.44 27.54 -38.53
C MET E 120 3.77 27.21 -39.99
N PRO E 121 4.14 25.96 -40.29
CA PRO E 121 4.57 25.65 -41.66
C PRO E 121 3.65 26.23 -42.72
N LYS E 122 2.33 26.17 -42.49
CA LYS E 122 1.33 26.62 -43.46
C LYS E 122 1.54 28.07 -43.90
N ASP E 123 2.08 28.89 -42.98
CA ASP E 123 2.66 30.18 -43.34
C ASP E 123 3.66 30.06 -44.48
N ILE E 124 4.58 29.10 -44.42
CA ILE E 124 5.68 29.14 -45.37
C ILE E 124 5.34 28.35 -46.63
N GLN E 125 4.40 27.40 -46.57
CA GLN E 125 3.92 26.89 -47.86
C GLN E 125 3.14 27.97 -48.61
N LEU E 126 2.39 28.84 -47.92
CA LEU E 126 1.79 29.94 -48.68
C LEU E 126 2.86 30.93 -49.15
N ALA E 127 3.89 31.17 -48.33
CA ALA E 127 4.96 32.09 -48.72
C ALA E 127 5.70 31.59 -49.96
N ARG E 128 5.92 30.28 -50.05
CA ARG E 128 6.54 29.71 -51.24
C ARG E 128 5.57 29.66 -52.41
N ARG E 129 4.29 29.37 -52.16
CA ARG E 129 3.32 29.28 -53.25
C ARG E 129 3.13 30.62 -53.93
N ILE E 130 3.08 31.71 -53.17
CA ILE E 130 2.86 33.00 -53.81
C ILE E 130 4.11 33.48 -54.53
N ARG E 131 5.29 33.06 -54.07
CA ARG E 131 6.53 33.39 -54.77
C ARG E 131 6.75 32.54 -56.03
N GLY E 132 5.95 31.50 -56.23
CA GLY E 132 6.00 30.77 -57.48
C GLY E 132 7.09 29.72 -57.60
N GLU E 133 7.24 28.87 -56.60
CA GLU E 133 8.10 27.70 -56.71
C GLU E 133 7.46 26.42 -56.22
N ARG E 134 6.15 26.43 -55.96
CA ARG E 134 5.42 25.19 -55.70
C ARG E 134 4.53 24.84 -56.88
N ARG F 23 20.26 12.80 -46.42
CA ARG F 23 20.69 11.55 -45.79
C ARG F 23 20.97 11.79 -44.31
N ASP F 24 22.19 11.59 -43.80
CA ASP F 24 22.48 11.84 -42.37
C ASP F 24 22.71 13.32 -42.04
N ASN F 25 23.24 14.07 -42.99
CA ASN F 25 23.52 15.48 -42.85
C ASN F 25 22.30 16.36 -43.02
N ILE F 26 21.18 15.86 -43.59
CA ILE F 26 19.99 16.69 -43.63
C ILE F 26 19.46 16.90 -42.23
N GLN F 27 19.58 15.93 -41.29
CA GLN F 27 19.28 16.33 -39.91
C GLN F 27 20.43 17.08 -39.26
N GLY F 28 21.58 17.17 -39.93
CA GLY F 28 22.73 17.93 -39.44
C GLY F 28 22.42 19.42 -39.40
N ILE F 29 21.47 19.88 -40.22
CA ILE F 29 20.96 21.25 -40.15
C ILE F 29 20.08 21.18 -38.92
N THR F 30 20.62 21.60 -37.79
CA THR F 30 20.00 21.44 -36.50
C THR F 30 18.92 22.45 -36.12
N LYS F 31 18.07 22.10 -35.15
CA LYS F 31 16.98 22.95 -34.68
C LYS F 31 17.43 24.30 -34.13
N PRO F 32 18.47 24.43 -33.29
CA PRO F 32 18.95 25.79 -32.96
C PRO F 32 19.48 26.56 -34.16
N ALA F 33 20.07 25.87 -35.13
CA ALA F 33 20.57 26.55 -36.30
C ALA F 33 19.37 27.10 -37.06
N ILE F 34 18.30 26.32 -37.18
CA ILE F 34 17.11 26.82 -37.86
C ILE F 34 16.56 27.99 -37.04
N ARG F 35 16.62 27.93 -35.70
CA ARG F 35 16.21 29.08 -34.88
C ARG F 35 17.12 30.22 -35.15
N ARG F 36 18.43 30.04 -35.27
CA ARG F 36 19.39 31.10 -35.54
C ARG F 36 19.05 31.73 -36.89
N LEU F 37 18.68 30.96 -37.90
CA LEU F 37 18.27 31.52 -39.19
C LEU F 37 17.02 32.36 -39.00
N ALA F 38 16.07 31.84 -38.22
CA ALA F 38 14.84 32.52 -37.90
C ALA F 38 15.10 33.77 -37.06
N ARG F 39 16.08 33.73 -36.15
CA ARG F 39 16.46 34.82 -35.28
C ARG F 39 17.16 35.89 -36.07
N ARG F 40 17.99 35.48 -37.03
CA ARG F 40 18.62 36.44 -37.91
C ARG F 40 17.48 37.04 -38.75
N GLY F 41 16.44 36.24 -39.05
CA GLY F 41 15.23 36.61 -39.78
C GLY F 41 14.18 37.36 -38.95
N GLY F 42 14.47 37.70 -37.70
CA GLY F 42 13.58 38.48 -36.84
C GLY F 42 12.35 37.72 -36.33
N VAL F 43 12.37 36.38 -36.30
CA VAL F 43 11.21 35.60 -35.89
C VAL F 43 11.22 35.34 -34.39
N LYS F 44 10.14 35.70 -33.66
CA LYS F 44 10.08 35.42 -32.22
C LYS F 44 9.57 34.03 -31.92
N ARG F 45 8.42 33.55 -32.43
CA ARG F 45 8.02 32.24 -31.95
C ARG F 45 7.89 31.29 -33.13
N ILE F 46 8.35 30.05 -32.94
CA ILE F 46 8.53 29.09 -34.02
C ILE F 46 7.80 27.80 -33.65
N SER F 47 6.98 27.30 -34.58
CA SER F 47 6.31 26.02 -34.35
C SER F 47 7.31 24.87 -34.40
N GLY F 48 6.94 23.76 -33.76
CA GLY F 48 7.77 22.57 -33.79
C GLY F 48 7.83 21.89 -35.12
N LEU F 49 6.82 22.08 -35.97
CA LEU F 49 6.78 21.45 -37.28
C LEU F 49 7.50 22.26 -38.35
N ILE F 50 8.06 23.42 -38.00
CA ILE F 50 8.85 24.23 -38.92
C ILE F 50 10.06 23.48 -39.42
N TYR F 51 10.74 22.75 -38.53
CA TYR F 51 12.13 22.38 -38.76
C TYR F 51 12.29 21.36 -39.89
N GLU F 52 11.48 20.30 -39.90
CA GLU F 52 11.72 19.22 -40.86
C GLU F 52 11.31 19.62 -42.28
N GLU F 53 10.18 20.32 -42.44
CA GLU F 53 9.79 20.75 -43.77
C GLU F 53 10.59 21.97 -44.22
N THR F 54 11.13 22.73 -43.26
CA THR F 54 12.12 23.76 -43.61
C THR F 54 13.41 23.12 -44.12
N ARG F 55 13.80 21.99 -43.53
CA ARG F 55 14.91 21.20 -44.06
C ARG F 55 14.59 20.71 -45.47
N GLY F 56 13.33 20.34 -45.71
CA GLY F 56 12.92 19.95 -47.06
C GLY F 56 13.02 21.08 -48.07
N VAL F 57 12.58 22.29 -47.67
CA VAL F 57 12.68 23.46 -48.53
C VAL F 57 14.13 23.79 -48.82
N LEU F 58 14.99 23.66 -47.81
CA LEU F 58 16.42 23.78 -48.00
C LEU F 58 16.92 22.76 -49.03
N LYS F 59 16.59 21.46 -48.92
CA LYS F 59 17.13 20.52 -49.90
C LYS F 59 16.63 20.75 -51.29
N VAL F 60 15.36 21.11 -51.48
CA VAL F 60 14.89 21.33 -52.86
C VAL F 60 15.65 22.48 -53.46
N PHE F 61 15.96 23.47 -52.62
CA PHE F 61 16.77 24.58 -53.12
C PHE F 61 18.18 24.12 -53.43
N LEU F 62 18.79 23.31 -52.55
CA LEU F 62 20.12 22.78 -52.79
C LEU F 62 20.18 21.90 -54.02
N GLU F 63 19.27 20.96 -54.26
CA GLU F 63 19.48 20.13 -55.45
C GLU F 63 19.31 20.99 -56.68
N ASN F 64 18.45 22.00 -56.66
CA ASN F 64 18.28 22.84 -57.82
C ASN F 64 19.58 23.58 -58.13
N VAL F 65 20.10 24.29 -57.15
CA VAL F 65 21.31 25.07 -57.36
C VAL F 65 22.51 24.20 -57.71
N ILE F 66 22.72 23.09 -57.01
CA ILE F 66 23.88 22.25 -57.32
C ILE F 66 23.67 21.48 -58.62
N ARG F 67 22.43 21.23 -59.07
CA ARG F 67 22.23 20.57 -60.36
C ARG F 67 22.72 21.54 -61.42
N ASP F 68 22.37 22.81 -61.28
CA ASP F 68 22.85 23.78 -62.26
C ASP F 68 24.38 23.93 -62.18
N ALA F 69 24.92 23.98 -60.95
CA ALA F 69 26.34 24.16 -60.76
C ALA F 69 27.14 22.96 -61.29
N VAL F 70 26.67 21.75 -61.06
CA VAL F 70 27.42 20.61 -61.53
C VAL F 70 27.30 20.54 -63.04
N THR F 71 26.16 20.90 -63.61
CA THR F 71 26.04 20.87 -65.07
C THR F 71 27.03 21.82 -65.73
N TYR F 72 27.17 23.02 -65.16
CA TYR F 72 28.29 23.89 -65.49
C TYR F 72 29.63 23.19 -65.29
N THR F 73 29.82 22.39 -64.26
CA THR F 73 31.10 21.72 -64.00
C THR F 73 31.42 20.65 -65.03
N GLU F 74 30.51 19.73 -65.38
CA GLU F 74 30.93 18.78 -66.42
C GLU F 74 30.91 19.44 -67.78
N HIS F 75 30.34 20.63 -67.96
CA HIS F 75 30.60 21.31 -69.22
C HIS F 75 32.08 21.64 -69.39
N ALA F 76 32.75 22.04 -68.32
CA ALA F 76 34.11 22.54 -68.43
C ALA F 76 35.15 21.43 -68.58
N LYS F 77 34.73 20.20 -68.89
CA LYS F 77 35.56 19.00 -68.80
C LYS F 77 36.14 18.84 -67.39
N ARG F 78 35.45 19.35 -66.36
CA ARG F 78 35.91 19.36 -64.97
C ARG F 78 35.20 18.36 -64.09
N LYS F 79 35.89 18.01 -63.01
CA LYS F 79 35.40 17.06 -62.01
C LYS F 79 35.42 17.56 -60.57
N THR F 80 35.55 18.87 -60.43
CA THR F 80 35.31 19.61 -59.20
C THR F 80 34.40 20.77 -59.52
N VAL F 81 33.55 21.20 -58.59
CA VAL F 81 32.73 22.39 -58.81
C VAL F 81 33.49 23.53 -58.12
N THR F 82 33.31 24.75 -58.61
CA THR F 82 34.01 25.91 -58.09
C THR F 82 33.07 26.95 -57.57
N ALA F 83 33.55 27.84 -56.70
CA ALA F 83 32.71 28.89 -56.18
C ALA F 83 32.24 29.78 -57.34
N MET F 84 33.07 29.86 -58.38
CA MET F 84 32.73 30.57 -59.59
C MET F 84 31.51 29.90 -60.23
N ASP F 85 31.54 28.58 -60.36
CA ASP F 85 30.39 27.85 -60.90
C ASP F 85 29.16 27.97 -60.00
N VAL F 86 29.36 28.09 -58.69
CA VAL F 86 28.23 28.24 -57.80
C VAL F 86 27.56 29.55 -58.09
N VAL F 87 28.28 30.67 -58.01
CA VAL F 87 27.64 31.97 -58.24
C VAL F 87 27.11 32.04 -59.67
N TYR F 88 27.68 31.23 -60.56
CA TYR F 88 27.21 31.16 -61.94
C TYR F 88 25.84 30.49 -62.01
N ALA F 89 25.66 29.41 -61.24
CA ALA F 89 24.36 28.75 -61.12
C ALA F 89 23.34 29.65 -60.44
N LEU F 90 23.81 30.35 -59.41
CA LEU F 90 23.01 31.32 -58.71
C LEU F 90 22.59 32.37 -59.72
N LYS F 91 23.50 32.80 -60.60
CA LYS F 91 23.23 33.78 -61.66
C LYS F 91 22.10 33.30 -62.56
N ARG F 92 22.14 32.05 -63.00
CA ARG F 92 21.04 31.45 -63.75
C ARG F 92 19.73 31.45 -62.97
N GLN F 93 19.78 30.93 -61.74
CA GLN F 93 18.65 30.86 -60.82
C GLN F 93 18.10 32.26 -60.51
N GLY F 94 18.95 33.27 -60.62
CA GLY F 94 18.70 34.69 -60.47
C GLY F 94 19.49 35.37 -59.35
N ARG F 95 19.83 34.69 -58.24
CA ARG F 95 20.52 35.35 -57.12
C ARG F 95 22.02 35.44 -57.33
N THR F 96 22.66 36.52 -56.93
CA THR F 96 24.13 36.67 -57.03
C THR F 96 24.81 36.73 -55.66
N LEU F 97 25.95 36.10 -55.45
CA LEU F 97 26.74 36.17 -54.21
C LEU F 97 28.08 36.85 -54.45
N TYR F 98 28.57 37.65 -53.52
CA TYR F 98 29.84 38.36 -53.69
C TYR F 98 30.92 37.84 -52.77
N GLY F 99 32.17 38.04 -53.16
CA GLY F 99 33.35 37.61 -52.40
C GLY F 99 33.73 36.15 -52.59
N PHE F 100 32.91 35.39 -53.31
CA PHE F 100 33.15 33.98 -53.61
C PHE F 100 33.56 33.79 -55.08
N GLY F 101 34.30 34.76 -55.62
CA GLY F 101 34.65 34.74 -57.03
C GLY F 101 33.53 35.45 -57.81
N GLY F 102 33.74 35.71 -59.10
CA GLY F 102 32.74 36.36 -59.94
C GLY F 102 32.62 37.83 -59.56
N LYS G 13 21.08 19.26 -108.36
CA LYS G 13 20.12 18.91 -107.32
C LYS G 13 20.73 19.23 -105.95
N ALA G 14 20.07 20.12 -105.22
CA ALA G 14 20.52 20.53 -103.89
C ALA G 14 19.46 20.11 -102.88
N LYS G 15 19.90 19.38 -101.85
CA LYS G 15 19.02 18.92 -100.79
C LYS G 15 19.19 19.81 -99.56
N THR G 16 18.11 19.95 -98.79
CA THR G 16 18.15 20.81 -97.62
C THR G 16 18.84 20.10 -96.45
N ARG G 17 19.26 20.89 -95.46
CA ARG G 17 19.93 20.32 -94.30
C ARG G 17 18.94 19.64 -93.37
N SER G 18 17.67 20.05 -93.42
CA SER G 18 16.66 19.43 -92.55
C SER G 18 16.41 17.99 -92.94
N SER G 19 16.33 17.72 -94.25
CA SER G 19 16.15 16.34 -94.72
C SER G 19 17.40 15.51 -94.46
N ARG G 20 18.56 16.15 -94.42
CA ARG G 20 19.76 15.48 -93.94
C ARG G 20 19.62 15.12 -92.46
N ALA G 21 19.03 16.02 -91.68
CA ALA G 21 18.85 15.78 -90.26
C ALA G 21 17.53 15.08 -89.94
N GLY G 22 16.67 14.90 -90.93
CA GLY G 22 15.37 14.28 -90.68
C GLY G 22 14.43 15.12 -89.85
N LEU G 23 14.39 16.44 -90.08
CA LEU G 23 13.53 17.35 -89.34
C LEU G 23 12.69 18.17 -90.30
N GLN G 24 11.61 18.74 -89.77
CA GLN G 24 10.81 19.69 -90.53
C GLN G 24 11.21 21.13 -90.23
N PHE G 25 11.75 21.40 -89.05
CA PHE G 25 12.29 22.72 -88.78
C PHE G 25 13.56 22.95 -89.58
N PRO G 26 13.79 24.16 -90.05
CA PRO G 26 14.86 24.42 -91.03
C PRO G 26 16.17 24.75 -90.34
N VAL G 27 17.24 24.07 -90.74
CA VAL G 27 18.56 24.36 -90.21
C VAL G 27 19.07 25.69 -90.75
N GLY G 28 18.67 26.04 -91.98
CA GLY G 28 19.26 27.18 -92.66
C GLY G 28 18.97 28.51 -91.98
N ARG G 29 17.69 28.71 -91.67
CA ARG G 29 17.26 29.96 -91.07
C ARG G 29 17.77 30.11 -89.69
N VAL G 30 17.85 29.01 -88.97
CA VAL G 30 18.23 29.10 -87.57
C VAL G 30 19.74 29.24 -87.45
N HIS G 31 20.48 28.71 -88.42
CA HIS G 31 21.90 29.03 -88.54
C HIS G 31 22.09 30.50 -88.85
N ARG G 32 21.25 31.06 -89.73
CA ARG G 32 21.36 32.47 -90.07
C ARG G 32 20.97 33.36 -88.89
N LEU G 33 20.17 32.78 -88.00
CA LEU G 33 19.79 33.48 -86.79
C LEU G 33 20.89 33.35 -85.74
N LEU G 34 21.43 32.15 -85.57
CA LEU G 34 22.46 31.95 -84.57
C LEU G 34 23.66 32.80 -84.89
N ARG G 35 23.96 32.94 -86.17
CA ARG G 35 25.11 33.73 -86.57
C ARG G 35 24.85 35.20 -86.36
N LYS G 36 23.75 35.72 -86.90
CA LYS G 36 23.44 37.15 -86.72
C LYS G 36 23.20 37.48 -85.26
N GLY G 37 22.82 36.49 -84.46
CA GLY G 37 22.64 36.61 -83.03
C GLY G 37 23.97 36.81 -82.31
N ASN G 38 25.09 36.55 -82.98
CA ASN G 38 26.44 36.76 -82.48
C ASN G 38 26.72 36.08 -81.12
N TYR G 39 26.14 34.90 -80.92
CA TYR G 39 26.30 34.15 -79.66
C TYR G 39 27.75 33.75 -79.37
N ALA G 40 28.55 33.54 -80.41
CA ALA G 40 29.96 33.23 -80.28
C ALA G 40 30.67 33.63 -81.56
N GLU G 41 31.98 33.67 -81.49
CA GLU G 41 32.85 34.08 -82.59
C GLU G 41 32.60 33.21 -83.83
N ARG G 42 32.50 31.88 -83.66
CA ARG G 42 32.22 30.92 -84.73
C ARG G 42 31.06 30.02 -84.35
N VAL G 43 30.06 29.71 -85.17
CA VAL G 43 29.09 28.68 -84.84
C VAL G 43 29.36 27.46 -85.70
N GLY G 44 29.31 26.27 -85.09
CA GLY G 44 29.56 25.06 -85.82
C GLY G 44 28.35 24.59 -86.62
N ALA G 45 28.56 23.51 -87.36
CA ALA G 45 27.52 22.98 -88.23
C ALA G 45 26.43 22.28 -87.45
N GLY G 46 26.80 21.51 -86.42
CA GLY G 46 25.81 20.73 -85.69
C GLY G 46 24.97 21.50 -84.70
N ALA G 47 25.39 22.71 -84.32
CA ALA G 47 24.61 23.49 -83.37
C ALA G 47 23.23 23.90 -83.89
N PRO G 48 23.06 24.43 -85.12
CA PRO G 48 21.70 24.67 -85.60
C PRO G 48 20.88 23.41 -85.80
N VAL G 49 21.53 22.28 -86.11
CA VAL G 49 20.80 21.02 -86.25
C VAL G 49 20.21 20.60 -84.90
N TYR G 50 21.04 20.62 -83.86
CA TYR G 50 20.58 20.31 -82.52
C TYR G 50 19.52 21.30 -82.04
N LEU G 51 19.72 22.57 -82.39
CA LEU G 51 18.77 23.62 -82.01
C LEU G 51 17.41 23.40 -82.65
N ALA G 52 17.38 23.13 -83.95
CA ALA G 52 16.12 22.81 -84.62
C ALA G 52 15.49 21.54 -84.08
N ALA G 53 16.33 20.56 -83.69
CA ALA G 53 15.81 19.32 -83.13
C ALA G 53 15.07 19.56 -81.81
N VAL G 54 15.62 20.38 -80.93
CA VAL G 54 14.95 20.67 -79.67
C VAL G 54 13.72 21.55 -79.82
N LEU G 55 13.79 22.53 -80.71
CA LEU G 55 12.65 23.43 -80.93
C LEU G 55 11.43 22.69 -81.49
N GLU G 56 11.65 21.78 -82.42
CA GLU G 56 10.53 21.01 -82.95
C GLU G 56 9.92 20.11 -81.90
N TYR G 57 10.75 19.59 -81.00
CA TYR G 57 10.24 18.77 -79.93
C TYR G 57 9.36 19.59 -79.02
N LEU G 58 9.84 20.74 -78.59
CA LEU G 58 9.07 21.52 -77.65
C LEU G 58 7.92 22.18 -78.36
N THR G 59 7.92 22.18 -79.69
CA THR G 59 6.80 22.72 -80.43
C THR G 59 5.83 21.61 -80.61
N ALA G 60 6.32 20.39 -80.50
CA ALA G 60 5.46 19.25 -80.68
C ALA G 60 4.79 18.90 -79.37
N GLU G 61 5.53 18.54 -78.34
CA GLU G 61 4.83 18.30 -77.08
C GLU G 61 3.74 19.34 -76.82
N ILE G 62 4.03 20.62 -77.06
CA ILE G 62 3.01 21.65 -76.78
C ILE G 62 1.84 21.51 -77.75
N LEU G 63 2.13 21.15 -79.01
CA LEU G 63 1.05 20.99 -79.98
C LEU G 63 0.24 19.73 -79.73
N GLU G 64 0.88 18.66 -79.24
CA GLU G 64 0.16 17.43 -78.95
C GLU G 64 -0.73 17.59 -77.72
N LEU G 65 -0.25 18.31 -76.71
CA LEU G 65 -1.10 18.63 -75.57
C LEU G 65 -2.24 19.56 -75.98
N ALA G 66 -1.99 20.51 -76.88
CA ALA G 66 -3.05 21.35 -77.39
C ALA G 66 -4.08 20.54 -78.18
N GLY G 67 -3.62 19.54 -78.93
CA GLY G 67 -4.54 18.67 -79.64
C GLY G 67 -5.39 17.84 -78.71
N ASN G 68 -4.80 17.35 -77.61
CA ASN G 68 -5.59 16.67 -76.59
C ASN G 68 -6.63 17.59 -75.97
N ALA G 69 -6.24 18.85 -75.72
CA ALA G 69 -7.18 19.82 -75.19
C ALA G 69 -8.31 20.09 -76.17
N ALA G 70 -7.99 20.18 -77.47
CA ALA G 70 -8.99 20.41 -78.50
C ALA G 70 -9.94 19.24 -78.63
N ARG G 71 -9.44 18.01 -78.51
CA ARG G 71 -10.30 16.84 -78.50
C ARG G 71 -11.21 16.84 -77.28
N ASP G 72 -10.68 17.21 -76.12
CA ASP G 72 -11.48 17.22 -74.90
C ASP G 72 -12.51 18.35 -74.92
N ASN G 73 -12.23 19.43 -75.64
CA ASN G 73 -13.14 20.56 -75.78
C ASN G 73 -14.01 20.41 -77.08
N LYS G 74 -13.77 19.23 -77.69
CA LYS G 74 -14.39 18.75 -78.93
C LYS G 74 -14.40 19.82 -80.02
N LYS G 75 -13.23 20.36 -80.35
CA LYS G 75 -12.97 21.33 -81.43
C LYS G 75 -12.04 20.74 -82.49
N THR G 76 -12.22 21.11 -83.75
CA THR G 76 -11.39 20.61 -84.88
C THR G 76 -10.23 21.55 -85.25
N ARG G 77 -10.06 22.64 -84.50
CA ARG G 77 -9.02 23.65 -84.70
C ARG G 77 -8.49 24.18 -83.36
N ILE G 78 -7.18 24.39 -83.26
CA ILE G 78 -6.51 24.82 -82.04
C ILE G 78 -6.84 26.27 -81.74
N ILE G 79 -7.27 26.56 -80.52
CA ILE G 79 -7.53 27.93 -80.09
C ILE G 79 -6.63 28.17 -78.90
N PRO G 80 -6.17 29.38 -78.61
CA PRO G 80 -5.26 29.61 -77.49
C PRO G 80 -5.82 29.23 -76.13
N ARG G 81 -7.12 29.03 -76.00
CA ARG G 81 -7.63 28.41 -74.78
C ARG G 81 -7.10 27.00 -74.63
N HIS G 82 -7.06 26.25 -75.74
CA HIS G 82 -6.43 24.94 -75.72
C HIS G 82 -4.94 25.04 -75.42
N LEU G 83 -4.27 26.06 -75.93
CA LEU G 83 -2.86 26.25 -75.62
C LEU G 83 -2.65 26.55 -74.14
N GLN G 84 -3.54 27.35 -73.56
CA GLN G 84 -3.45 27.68 -72.15
C GLN G 84 -3.70 26.44 -71.29
N LEU G 85 -4.69 25.63 -71.65
CA LEU G 85 -4.91 24.38 -70.93
C LEU G 85 -3.72 23.44 -71.07
N ALA G 86 -3.11 23.41 -72.25
CA ALA G 86 -1.92 22.59 -72.46
C ALA G 86 -0.76 23.03 -71.59
N VAL G 87 -0.53 24.34 -71.49
CA VAL G 87 0.64 24.81 -70.77
C VAL G 87 0.39 24.80 -69.26
N ARG G 88 -0.87 24.94 -68.84
CA ARG G 88 -1.15 25.02 -67.42
C ARG G 88 -1.41 23.66 -66.78
N ASN G 89 -2.00 22.71 -67.52
CA ASN G 89 -2.18 21.38 -66.97
C ASN G 89 -0.87 20.65 -66.80
N ASP G 90 0.09 20.86 -67.70
CA ASP G 90 1.42 20.29 -67.54
C ASP G 90 2.23 21.12 -66.56
N GLU G 91 2.62 20.49 -65.46
CA GLU G 91 3.35 21.17 -64.39
C GLU G 91 4.78 21.52 -64.80
N GLU G 92 5.32 20.80 -65.78
CA GLU G 92 6.69 21.03 -66.21
C GLU G 92 6.78 22.31 -67.03
N LEU G 93 5.82 22.51 -67.94
CA LEU G 93 5.65 23.80 -68.58
C LEU G 93 5.25 24.89 -67.59
N ASN G 94 4.63 24.52 -66.47
CA ASN G 94 4.21 25.51 -65.48
C ASN G 94 5.38 26.15 -64.75
N LYS G 95 6.58 25.58 -64.82
CA LYS G 95 7.72 26.36 -64.36
C LYS G 95 8.69 26.60 -65.51
N LEU G 96 8.41 26.02 -66.69
CA LEU G 96 9.04 26.51 -67.90
C LEU G 96 8.39 27.82 -68.36
N LEU G 97 7.05 27.87 -68.37
CA LEU G 97 6.31 29.01 -68.90
C LEU G 97 5.29 29.56 -67.89
N GLY G 98 5.46 29.25 -66.61
CA GLY G 98 4.65 29.93 -65.60
C GLY G 98 5.09 31.37 -65.42
N ARG G 99 6.33 31.66 -65.87
CA ARG G 99 6.90 33.00 -66.05
C ARG G 99 6.18 33.73 -67.18
N VAL G 100 5.48 32.97 -68.03
CA VAL G 100 4.93 33.49 -69.28
C VAL G 100 3.41 33.58 -69.20
N THR G 101 2.86 34.73 -69.61
CA THR G 101 1.43 34.86 -69.89
C THR G 101 1.22 34.87 -71.40
N ILE G 102 0.17 34.21 -71.87
CA ILE G 102 -0.10 34.05 -73.29
C ILE G 102 -1.40 34.78 -73.63
N ALA G 103 -1.64 34.95 -74.92
CA ALA G 103 -2.79 35.75 -75.36
C ALA G 103 -4.07 34.92 -75.35
N GLN G 104 -5.14 35.52 -74.81
CA GLN G 104 -6.49 34.95 -74.79
C GLN G 104 -6.53 33.56 -74.15
N GLY G 105 -5.81 33.40 -73.04
CA GLY G 105 -5.73 32.10 -72.41
C GLY G 105 -6.76 31.86 -71.32
N GLY G 106 -7.08 32.90 -70.56
CA GLY G 106 -7.88 32.66 -69.38
C GLY G 106 -7.03 32.01 -68.30
N VAL G 107 -7.71 31.43 -67.32
CA VAL G 107 -7.05 30.76 -66.21
C VAL G 107 -7.57 29.32 -66.13
N LEU G 108 -6.94 28.55 -65.26
CA LEU G 108 -7.42 27.20 -64.99
C LEU G 108 -8.74 27.26 -64.23
N PRO G 109 -9.65 26.33 -64.48
CA PRO G 109 -10.89 26.30 -63.69
C PRO G 109 -10.67 25.75 -62.29
N ASN G 110 -10.15 26.57 -61.39
CA ASN G 110 -9.85 26.14 -60.03
C ASN G 110 -10.68 26.92 -59.01
N ILE G 111 -11.21 26.20 -58.04
CA ILE G 111 -11.93 26.77 -56.91
C ILE G 111 -11.28 26.23 -55.63
N GLN G 112 -10.93 27.13 -54.72
CA GLN G 112 -10.40 26.70 -53.44
C GLN G 112 -11.49 26.04 -52.61
N SER G 113 -11.09 25.04 -51.82
CA SER G 113 -12.05 24.16 -51.16
C SER G 113 -12.87 24.88 -50.10
N VAL G 114 -12.31 25.89 -49.44
CA VAL G 114 -13.06 26.60 -48.40
C VAL G 114 -14.14 27.46 -49.02
N LEU G 115 -14.01 27.82 -50.30
CA LEU G 115 -15.04 28.60 -50.97
C LEU G 115 -16.23 27.76 -51.43
N LEU G 116 -16.11 26.43 -51.38
CA LEU G 116 -17.23 25.58 -51.74
C LEU G 116 -18.31 25.66 -50.64
N PRO G 117 -19.59 25.47 -51.01
CA PRO G 117 -20.67 25.42 -50.04
C PRO G 117 -20.50 24.16 -49.18
N LYS G 118 -20.95 24.19 -47.93
CA LYS G 118 -20.85 23.07 -47.01
C LYS G 118 -21.81 21.94 -47.40
N LYS H 28 13.41 45.05 -97.22
CA LYS H 28 12.24 44.83 -98.06
C LYS H 28 11.05 44.24 -97.30
N THR H 29 10.01 43.94 -98.07
CA THR H 29 8.70 43.43 -97.66
C THR H 29 8.75 42.10 -96.90
N ARG H 30 9.80 41.28 -97.04
CA ARG H 30 9.76 39.89 -96.60
C ARG H 30 9.85 39.81 -95.08
N LYS H 31 8.87 39.17 -94.45
CA LYS H 31 8.87 38.98 -93.00
C LYS H 31 8.90 37.48 -92.76
N GLU H 32 9.66 37.05 -91.78
CA GLU H 32 10.26 35.72 -91.68
C GLU H 32 9.80 35.08 -90.37
N SER H 33 9.11 33.93 -90.48
CA SER H 33 8.51 33.31 -89.32
C SER H 33 8.34 31.81 -89.58
N TYR H 34 8.07 31.06 -88.50
CA TYR H 34 8.02 29.60 -88.54
C TYR H 34 6.63 29.06 -88.86
N ALA H 35 5.95 29.66 -89.84
CA ALA H 35 4.56 29.30 -90.12
C ALA H 35 4.44 27.89 -90.68
N ILE H 36 5.03 27.65 -91.85
CA ILE H 36 4.83 26.39 -92.53
C ILE H 36 5.54 25.26 -91.79
N TYR H 37 6.61 25.58 -91.06
CA TYR H 37 7.36 24.53 -90.36
C TYR H 37 6.56 23.95 -89.20
N VAL H 38 6.00 24.83 -88.35
CA VAL H 38 5.16 24.37 -87.26
C VAL H 38 3.89 23.74 -87.82
N TYR H 39 3.40 24.23 -88.97
CA TYR H 39 2.27 23.59 -89.62
C TYR H 39 2.59 22.16 -90.02
N LYS H 40 3.80 21.92 -90.56
CA LYS H 40 4.14 20.57 -90.99
C LYS H 40 4.40 19.64 -89.81
N VAL H 41 4.97 20.15 -88.72
CA VAL H 41 5.16 19.26 -87.57
C VAL H 41 3.80 18.99 -86.89
N LEU H 42 2.86 19.93 -87.00
CA LEU H 42 1.50 19.68 -86.55
C LEU H 42 0.84 18.59 -87.37
N LYS H 43 1.01 18.65 -88.70
CA LYS H 43 0.47 17.59 -89.56
C LYS H 43 1.18 16.27 -89.31
N GLN H 44 2.45 16.31 -88.93
CA GLN H 44 3.16 15.09 -88.53
C GLN H 44 2.56 14.51 -87.25
N VAL H 45 2.17 15.38 -86.32
CA VAL H 45 1.53 14.92 -85.09
C VAL H 45 0.07 14.61 -85.37
N HIS H 46 -0.69 15.62 -85.82
CA HIS H 46 -2.12 15.48 -86.09
C HIS H 46 -2.38 15.94 -87.52
N PRO H 47 -2.52 15.03 -88.47
CA PRO H 47 -2.85 15.45 -89.84
C PRO H 47 -4.34 15.61 -90.06
N ASP H 48 -5.02 16.21 -89.09
CA ASP H 48 -6.43 16.54 -89.22
C ASP H 48 -6.84 17.85 -88.55
N THR H 49 -5.93 18.55 -87.90
CA THR H 49 -6.26 19.64 -86.98
C THR H 49 -5.84 20.97 -87.58
N GLY H 50 -6.74 21.95 -87.50
CA GLY H 50 -6.45 23.31 -87.92
C GLY H 50 -5.71 24.09 -86.85
N ILE H 51 -5.51 25.33 -87.30
CA ILE H 51 -4.87 26.47 -86.65
C ILE H 51 -5.44 27.82 -87.11
N SER H 52 -5.65 28.74 -86.16
CA SER H 52 -5.97 30.14 -86.42
C SER H 52 -4.68 30.94 -86.39
N SER H 53 -4.64 32.08 -87.04
CA SER H 53 -3.44 32.88 -87.11
C SER H 53 -2.90 33.39 -85.76
N LYS H 54 -3.71 33.84 -84.81
CA LYS H 54 -3.13 34.36 -83.55
C LYS H 54 -2.58 33.31 -82.58
N ALA H 55 -3.16 32.10 -82.49
CA ALA H 55 -2.50 30.95 -81.88
C ALA H 55 -1.20 30.62 -82.59
N MET H 56 -1.14 30.88 -83.89
CA MET H 56 0.08 30.56 -84.62
C MET H 56 1.18 31.57 -84.28
N SER H 57 0.77 32.81 -84.01
CA SER H 57 1.71 33.81 -83.51
C SER H 57 2.16 33.47 -82.09
N ILE H 58 1.27 32.89 -81.29
CA ILE H 58 1.66 32.35 -79.99
C ILE H 58 2.79 31.34 -80.17
N MET H 59 2.61 30.39 -81.10
CA MET H 59 3.65 29.40 -81.37
C MET H 59 4.95 30.03 -81.89
N ASN H 60 4.84 31.01 -82.78
CA ASN H 60 6.04 31.63 -83.36
C ASN H 60 6.83 32.40 -82.32
N SER H 61 6.15 33.24 -81.53
CA SER H 61 6.81 33.95 -80.45
C SER H 61 7.36 33.00 -79.39
N PHE H 62 6.67 31.87 -79.17
CA PHE H 62 7.13 30.92 -78.17
C PHE H 62 8.41 30.21 -78.60
N VAL H 63 8.47 29.77 -79.86
CA VAL H 63 9.68 29.12 -80.33
C VAL H 63 10.82 30.13 -80.44
N ASN H 64 10.50 31.38 -80.79
CA ASN H 64 11.53 32.42 -80.81
C ASN H 64 12.09 32.67 -79.42
N ASP H 65 11.21 32.71 -78.40
CA ASP H 65 11.66 32.98 -77.04
C ASP H 65 12.51 31.83 -76.50
N VAL H 66 12.06 30.58 -76.69
CA VAL H 66 12.85 29.47 -76.18
C VAL H 66 14.16 29.34 -76.94
N PHE H 67 14.15 29.68 -78.24
CA PHE H 67 15.39 29.75 -79.01
C PHE H 67 16.34 30.78 -78.44
N GLU H 68 15.85 31.97 -78.11
CA GLU H 68 16.78 32.93 -77.57
C GLU H 68 17.29 32.44 -76.21
N ARG H 69 16.44 31.87 -75.30
CA ARG H 69 16.94 31.42 -74.01
C ARG H 69 18.03 30.36 -74.18
N ILE H 70 17.78 29.35 -75.02
CA ILE H 70 18.75 28.27 -75.21
C ILE H 70 20.03 28.80 -75.87
N ALA H 71 19.91 29.74 -76.81
CA ALA H 71 21.09 30.24 -77.49
C ALA H 71 21.89 31.18 -76.60
N GLY H 72 21.19 31.99 -75.79
CA GLY H 72 21.88 32.88 -74.88
C GLY H 72 22.64 32.13 -73.81
N GLU H 73 22.01 31.16 -73.19
CA GLU H 73 22.69 30.41 -72.16
C GLU H 73 23.91 29.79 -72.78
N ALA H 74 23.77 29.31 -73.99
CA ALA H 74 24.90 28.69 -74.67
C ALA H 74 26.00 29.69 -74.84
N SER H 75 25.67 30.87 -75.33
CA SER H 75 26.67 31.89 -75.53
C SER H 75 27.38 32.12 -74.22
N ARG H 76 26.64 32.16 -73.11
CA ARG H 76 27.19 32.44 -71.79
C ARG H 76 28.13 31.32 -71.40
N LEU H 77 27.69 30.07 -71.49
CA LEU H 77 28.52 28.93 -71.14
C LEU H 77 29.83 29.05 -71.82
N ALA H 78 29.80 29.33 -73.10
CA ALA H 78 31.01 29.41 -73.89
C ALA H 78 31.90 30.48 -73.33
N HIS H 79 31.38 31.70 -73.18
CA HIS H 79 32.23 32.77 -72.69
C HIS H 79 32.77 32.46 -71.30
N TYR H 80 32.12 31.57 -70.55
CA TYR H 80 32.66 31.24 -69.24
C TYR H 80 33.80 30.28 -69.40
N ASN H 81 33.64 29.33 -70.33
CA ASN H 81 34.67 28.32 -70.54
C ASN H 81 35.75 28.82 -71.47
N LYS H 82 35.77 30.12 -71.73
CA LYS H 82 36.80 30.70 -72.57
C LYS H 82 36.85 30.09 -73.96
N ARG H 83 35.73 29.54 -74.40
CA ARG H 83 35.67 29.02 -75.75
C ARG H 83 35.24 30.12 -76.67
N SER H 84 35.01 29.84 -77.92
CA SER H 84 34.72 30.77 -79.00
C SER H 84 33.68 30.25 -79.97
N THR H 85 33.13 29.06 -79.72
CA THR H 85 32.21 28.51 -80.70
C THR H 85 31.03 27.76 -80.10
N ILE H 86 29.88 27.82 -80.76
CA ILE H 86 28.72 27.23 -80.16
C ILE H 86 28.60 25.83 -80.69
N THR H 87 29.18 24.88 -79.96
CA THR H 87 29.13 23.52 -80.38
C THR H 87 27.80 22.93 -80.02
N SER H 88 27.46 21.80 -80.61
CA SER H 88 26.22 21.14 -80.27
C SER H 88 26.25 20.83 -78.80
N ARG H 89 27.43 20.77 -78.23
CA ARG H 89 27.56 20.46 -76.82
C ARG H 89 26.96 21.56 -75.99
N GLU H 90 27.26 22.79 -76.33
CA GLU H 90 26.77 23.86 -75.49
C GLU H 90 25.25 23.83 -75.52
N ILE H 91 24.67 23.71 -76.71
CA ILE H 91 23.23 23.74 -76.80
C ILE H 91 22.64 22.69 -75.87
N GLN H 92 23.43 21.68 -75.55
CA GLN H 92 22.92 20.63 -74.68
C GLN H 92 23.04 21.06 -73.24
N THR H 93 24.26 21.30 -72.79
CA THR H 93 24.45 21.78 -71.44
C THR H 93 23.39 22.80 -71.20
N ALA H 94 23.09 23.58 -72.23
CA ALA H 94 22.05 24.58 -72.11
C ALA H 94 20.66 23.96 -71.98
N VAL H 95 20.25 23.14 -72.94
CA VAL H 95 18.89 22.62 -72.89
C VAL H 95 18.66 21.94 -71.56
N ARG H 96 19.72 21.44 -70.96
CA ARG H 96 19.59 20.71 -69.70
C ARG H 96 19.68 21.68 -68.57
N LEU H 97 20.12 22.87 -68.86
CA LEU H 97 20.31 23.86 -67.83
C LEU H 97 19.06 24.69 -67.76
N LEU H 98 18.38 24.81 -68.89
CA LEU H 98 17.22 25.71 -68.87
C LEU H 98 15.91 24.96 -68.70
N LEU H 99 15.51 24.23 -69.72
CA LEU H 99 14.26 23.50 -69.66
C LEU H 99 14.20 22.67 -68.40
N PRO H 100 13.03 22.60 -67.78
CA PRO H 100 12.91 21.73 -66.61
C PRO H 100 13.22 20.30 -67.00
N GLY H 101 13.57 19.45 -66.05
CA GLY H 101 13.99 18.10 -66.35
C GLY H 101 13.18 17.24 -67.30
N GLU H 102 11.87 17.15 -67.08
CA GLU H 102 11.08 16.24 -67.90
C GLU H 102 11.28 16.54 -69.37
N LEU H 103 11.13 17.81 -69.75
CA LEU H 103 11.31 18.17 -71.14
C LEU H 103 12.74 17.95 -71.54
N ALA H 104 13.65 18.18 -70.59
CA ALA H 104 15.07 18.06 -70.90
C ALA H 104 15.55 16.74 -71.47
N LYS H 105 15.50 15.66 -70.69
CA LYS H 105 16.09 14.41 -71.17
C LYS H 105 15.51 14.02 -72.52
N HIS H 106 14.22 14.28 -72.75
CA HIS H 106 13.66 13.97 -74.06
C HIS H 106 14.22 14.90 -75.14
N ALA H 107 14.45 16.18 -74.81
CA ALA H 107 15.04 17.11 -75.76
C ALA H 107 16.47 16.73 -76.09
N VAL H 108 17.25 16.32 -75.08
CA VAL H 108 18.59 15.84 -75.33
C VAL H 108 18.57 14.59 -76.21
N SER H 109 17.64 13.68 -75.94
CA SER H 109 17.54 12.45 -76.75
C SER H 109 17.24 12.78 -78.20
N GLU H 110 16.26 13.65 -78.45
CA GLU H 110 15.88 13.95 -79.82
C GLU H 110 16.94 14.78 -80.53
N GLY H 111 17.60 15.69 -79.80
CA GLY H 111 18.68 16.46 -80.40
C GLY H 111 19.88 15.60 -80.74
N THR H 112 20.23 14.66 -79.85
CA THR H 112 21.33 13.75 -80.13
C THR H 112 21.04 12.83 -81.31
N LYS H 113 19.82 12.31 -81.40
CA LYS H 113 19.52 11.45 -82.56
C LYS H 113 19.41 12.29 -83.83
N ALA H 114 19.02 13.55 -83.71
CA ALA H 114 18.97 14.44 -84.86
C ALA H 114 20.36 14.75 -85.39
N VAL H 115 21.30 15.08 -84.50
CA VAL H 115 22.66 15.35 -84.95
C VAL H 115 23.36 14.07 -85.39
N THR H 116 22.95 12.92 -84.82
CA THR H 116 23.45 11.64 -85.30
C THR H 116 23.00 11.38 -86.72
N LYS H 117 21.73 11.68 -87.01
CA LYS H 117 21.21 11.59 -88.38
C LYS H 117 21.93 12.57 -89.30
N TYR H 118 22.23 13.77 -88.80
CA TYR H 118 22.91 14.77 -89.60
C TYR H 118 24.33 14.33 -89.98
N THR H 119 25.07 13.76 -89.03
CA THR H 119 26.42 13.31 -89.33
C THR H 119 26.40 12.00 -90.13
N SER H 120 25.37 11.17 -89.95
CA SER H 120 25.27 9.95 -90.75
C SER H 120 24.97 10.28 -92.21
N ALA H 121 24.09 11.25 -92.43
CA ALA H 121 23.81 11.69 -93.79
C ALA H 121 24.82 12.72 -94.28
N LYS H 122 25.78 13.11 -93.44
CA LYS H 122 26.83 14.08 -93.74
C LYS H 122 26.24 15.42 -94.15
N SER K 661 56.96 -15.40 22.88
CA SER K 661 55.75 -16.17 22.61
C SER K 661 54.50 -15.35 22.95
N LEU K 662 54.46 -14.85 24.19
CA LEU K 662 53.34 -14.00 24.61
C LEU K 662 53.29 -12.70 23.85
N ASN K 663 54.45 -12.08 23.61
CA ASN K 663 54.51 -10.75 23.01
C ASN K 663 53.95 -10.76 21.60
N GLU K 664 54.30 -11.78 20.80
CA GLU K 664 53.74 -11.88 19.46
C GLU K 664 52.24 -12.12 19.49
N GLU K 665 51.76 -12.88 20.49
CA GLU K 665 50.34 -13.14 20.63
C GLU K 665 49.55 -11.87 20.92
N VAL K 666 50.08 -11.00 21.79
CA VAL K 666 49.36 -9.76 22.08
C VAL K 666 49.60 -8.70 21.02
N THR K 667 50.68 -8.79 20.26
CA THR K 667 51.06 -7.78 19.27
C THR K 667 50.60 -8.15 17.86
N PHE K 668 49.94 -9.31 17.69
CA PHE K 668 49.59 -9.77 16.35
C PHE K 668 48.57 -8.85 15.68
N PHE K 669 47.57 -8.38 16.43
CA PHE K 669 46.44 -7.68 15.80
C PHE K 669 46.83 -6.31 15.28
N GLU K 670 47.53 -5.49 16.07
CA GLU K 670 47.80 -4.15 15.57
C GLU K 670 48.97 -4.14 14.60
N LYS K 671 49.86 -5.14 14.66
CA LYS K 671 50.85 -5.27 13.60
C LYS K 671 50.21 -5.74 12.31
N ALA K 672 49.16 -6.57 12.40
CA ALA K 672 48.37 -6.90 11.21
C ALA K 672 47.67 -5.67 10.67
N LYS K 673 47.14 -4.82 11.56
CA LYS K 673 46.51 -3.58 11.14
C LYS K 673 47.49 -2.64 10.45
N ARG K 674 48.72 -2.58 10.96
CA ARG K 674 49.77 -1.78 10.33
C ARG K 674 50.12 -2.34 8.96
N TYR K 675 50.18 -3.66 8.83
CA TYR K 675 50.47 -4.26 7.53
C TYR K 675 49.32 -4.08 6.54
N ILE K 676 48.09 -4.01 7.02
CA ILE K 676 46.94 -3.87 6.12
C ILE K 676 46.99 -2.54 5.40
N GLY K 677 47.26 -1.46 6.13
CA GLY K 677 47.30 -0.15 5.50
C GLY K 677 45.98 0.58 5.60
N ASN K 678 45.18 0.47 4.54
CA ASN K 678 43.90 1.17 4.47
C ASN K 678 42.97 0.66 5.56
N LYS K 679 42.21 1.57 6.17
CA LYS K 679 41.33 1.20 7.26
C LYS K 679 40.09 0.45 6.78
N HIS K 680 39.70 0.62 5.50
CA HIS K 680 38.56 -0.13 4.98
C HIS K 680 38.90 -1.61 4.83
N LEU K 681 40.12 -1.91 4.38
CA LEU K 681 40.56 -3.29 4.28
C LEU K 681 40.69 -3.92 5.66
N TYR K 682 41.11 -3.15 6.65
CA TYR K 682 41.15 -3.67 8.02
C TYR K 682 39.75 -3.86 8.58
N THR K 683 38.80 -3.00 8.19
CA THR K 683 37.41 -3.20 8.58
C THR K 683 36.85 -4.49 8.01
N GLU K 684 37.12 -4.76 6.73
CA GLU K 684 36.70 -6.03 6.14
C GLU K 684 37.45 -7.22 6.72
N PHE K 685 38.71 -7.04 7.13
CA PHE K 685 39.46 -8.09 7.80
C PHE K 685 38.86 -8.43 9.16
N LEU K 686 38.46 -7.42 9.93
CA LEU K 686 37.75 -7.66 11.18
C LEU K 686 36.38 -8.28 10.95
N LYS K 687 35.72 -7.92 9.85
CA LYS K 687 34.47 -8.58 9.48
C LYS K 687 34.70 -10.06 9.18
N ILE K 688 35.80 -10.39 8.50
CA ILE K 688 36.15 -11.79 8.25
C ILE K 688 36.40 -12.53 9.56
N LEU K 689 37.17 -11.92 10.46
CA LEU K 689 37.48 -12.53 11.74
C LEU K 689 36.26 -12.66 12.65
N ASN K 690 35.27 -11.79 12.50
CA ASN K 690 33.99 -11.92 13.20
C ASN K 690 33.13 -13.02 12.60
N LEU K 691 33.06 -13.10 11.27
CA LEU K 691 32.27 -14.13 10.61
C LEU K 691 32.81 -15.52 10.92
N TYR K 692 34.13 -15.64 11.09
CA TYR K 692 34.69 -16.89 11.56
C TYR K 692 34.31 -17.15 13.02
N SER K 693 34.30 -16.10 13.84
CA SER K 693 34.00 -16.24 15.26
C SER K 693 32.54 -16.51 15.55
N GLN K 694 31.66 -16.34 14.57
CA GLN K 694 30.22 -16.58 14.76
C GLN K 694 29.80 -17.96 14.34
N ASP K 695 30.75 -18.88 14.15
CA ASP K 695 30.52 -20.24 13.65
C ASP K 695 29.79 -20.21 12.30
N ILE K 696 30.17 -19.26 11.45
CA ILE K 696 29.61 -19.12 10.11
C ILE K 696 30.66 -19.44 9.05
N LEU K 697 31.79 -18.75 9.09
CA LEU K 697 32.86 -19.03 8.14
C LEU K 697 33.65 -20.25 8.58
N ASP K 698 33.97 -21.10 7.60
CA ASP K 698 34.74 -22.32 7.83
C ASP K 698 36.22 -21.95 7.91
N LEU K 699 37.00 -22.82 8.56
CA LEU K 699 38.42 -22.58 8.77
C LEU K 699 39.18 -22.49 7.45
N ASP K 700 38.78 -23.27 6.45
CA ASP K 700 39.46 -23.26 5.16
C ASP K 700 39.31 -21.91 4.47
N ASP K 701 38.09 -21.38 4.43
CA ASP K 701 37.88 -20.09 3.81
C ASP K 701 38.48 -18.95 4.63
N LEU K 702 38.54 -19.09 5.95
CA LEU K 702 39.21 -18.09 6.76
C LEU K 702 40.71 -18.06 6.47
N VAL K 703 41.31 -19.23 6.33
CA VAL K 703 42.73 -19.32 5.96
C VAL K 703 42.95 -18.75 4.57
N GLU K 704 42.03 -19.02 3.63
CA GLU K 704 42.14 -18.45 2.28
C GLU K 704 42.04 -16.93 2.30
N LYS K 705 41.12 -16.38 3.10
CA LYS K 705 40.96 -14.92 3.18
C LYS K 705 42.18 -14.27 3.81
N VAL K 706 42.74 -14.87 4.87
CA VAL K 706 43.95 -14.33 5.47
C VAL K 706 45.14 -14.47 4.52
N ASP K 707 45.18 -15.55 3.73
CA ASP K 707 46.21 -15.70 2.71
C ASP K 707 46.12 -14.59 1.68
N PHE K 708 44.90 -14.22 1.28
CA PHE K 708 44.74 -13.09 0.40
C PHE K 708 45.03 -11.76 1.10
N TYR K 709 44.98 -11.74 2.42
CA TYR K 709 45.22 -10.52 3.19
C TYR K 709 46.68 -10.34 3.56
N LEU K 710 47.32 -11.39 4.07
CA LEU K 710 48.70 -11.32 4.55
C LEU K 710 49.58 -12.32 3.82
N GLY K 711 49.45 -12.39 2.49
CA GLY K 711 50.24 -13.33 1.72
C GLY K 711 51.71 -12.98 1.65
N SER K 712 52.02 -11.71 1.39
CA SER K 712 53.41 -11.31 1.22
C SER K 712 54.14 -11.27 2.54
N ASN K 713 53.44 -11.01 3.65
CA ASN K 713 54.02 -11.14 4.98
C ASN K 713 54.07 -12.62 5.31
N LYS K 714 55.20 -13.24 4.98
CA LYS K 714 55.34 -14.68 5.16
C LYS K 714 55.42 -15.05 6.64
N GLU K 715 56.10 -14.23 7.45
CA GLU K 715 56.27 -14.53 8.86
C GLU K 715 54.95 -14.41 9.62
N LEU K 716 54.19 -13.34 9.37
CA LEU K 716 52.91 -13.17 10.03
C LEU K 716 51.91 -14.23 9.61
N PHE K 717 51.71 -14.43 8.32
CA PHE K 717 50.69 -15.37 7.90
C PHE K 717 51.05 -16.79 8.31
N THR K 718 52.23 -16.98 8.85
CA THR K 718 52.57 -18.31 9.33
C THR K 718 52.22 -18.35 10.79
N TRP K 719 52.46 -17.25 11.48
CA TRP K 719 52.06 -17.21 12.85
C TRP K 719 50.62 -17.61 12.87
N PHE K 720 49.80 -16.89 12.12
CA PHE K 720 48.39 -17.18 12.09
C PHE K 720 48.14 -18.55 11.54
N LYS K 721 48.81 -18.91 10.47
CA LYS K 721 48.49 -20.18 9.84
C LYS K 721 48.51 -21.26 10.88
N ASN K 722 49.39 -21.13 11.86
CA ASN K 722 49.50 -22.15 12.85
C ASN K 722 48.88 -21.71 14.16
N PHE K 723 48.98 -20.43 14.49
CA PHE K 723 48.41 -19.95 15.73
C PHE K 723 47.03 -20.41 15.70
N VAL K 724 46.62 -20.79 14.51
CA VAL K 724 45.21 -21.13 14.38
C VAL K 724 45.03 -22.64 14.40
N GLY K 725 45.91 -23.37 13.71
CA GLY K 725 45.84 -24.81 13.69
C GLY K 725 45.20 -25.38 12.44
N TYR K 726 45.61 -24.86 11.28
CA TYR K 726 45.14 -25.38 10.00
C TYR K 726 46.14 -26.39 9.47
N GLN K 727 45.63 -27.56 9.06
CA GLN K 727 46.45 -28.64 8.52
C GLN K 727 46.17 -28.80 7.04
N GLU K 728 47.23 -28.82 6.24
CA GLU K 728 47.10 -28.96 4.79
C GLU K 728 46.91 -30.43 4.41
N CYS K 748 35.55 -30.61 -0.71
CA CYS K 748 35.40 -30.67 -2.15
C CYS K 748 34.22 -29.83 -2.62
N GLU K 749 33.43 -30.39 -3.53
CA GLU K 749 32.23 -29.77 -4.09
C GLU K 749 32.55 -28.41 -4.73
N ALA K 750 33.64 -28.38 -5.50
CA ALA K 750 34.04 -27.18 -6.22
C ALA K 750 33.34 -27.20 -7.58
N PHE K 751 32.17 -26.57 -7.64
CA PHE K 751 31.35 -26.64 -8.84
C PHE K 751 31.89 -25.72 -9.94
N GLY K 752 32.43 -24.56 -9.56
CA GLY K 752 32.86 -23.58 -10.53
C GLY K 752 31.78 -22.56 -10.79
N PRO K 753 32.14 -21.45 -11.41
CA PRO K 753 31.20 -20.34 -11.56
C PRO K 753 30.25 -20.48 -12.75
N SER K 754 30.61 -21.32 -13.70
CA SER K 754 29.93 -21.33 -14.99
C SER K 754 29.12 -22.61 -15.23
N TYR K 755 28.61 -23.23 -14.18
CA TYR K 755 27.75 -24.39 -14.33
C TYR K 755 26.70 -24.36 -13.23
N LYS K 756 25.46 -24.70 -13.59
CA LYS K 756 24.39 -24.81 -12.61
C LYS K 756 23.63 -26.11 -12.87
N ARG K 757 23.01 -26.62 -11.81
CA ARG K 757 22.43 -27.96 -11.82
C ARG K 757 20.94 -27.89 -12.13
N LEU K 758 20.52 -28.62 -13.16
CA LEU K 758 19.12 -28.74 -13.49
C LEU K 758 18.44 -29.72 -12.54
N PRO K 759 17.12 -29.60 -12.35
CA PRO K 759 16.40 -30.61 -11.56
C PRO K 759 16.25 -31.91 -12.34
N LYS K 760 15.73 -32.93 -11.64
CA LYS K 760 15.52 -34.22 -12.27
C LYS K 760 14.37 -34.19 -13.28
N SER K 761 13.52 -33.16 -13.23
CA SER K 761 12.46 -33.05 -14.22
C SER K 761 13.01 -32.65 -15.58
N ASP K 762 13.97 -31.73 -15.62
CA ASP K 762 14.54 -31.29 -16.90
C ASP K 762 15.50 -32.31 -17.50
N THR K 763 16.02 -33.24 -16.69
CA THR K 763 16.92 -34.26 -17.21
C THR K 763 16.20 -35.26 -18.10
N PHE K 764 14.96 -35.61 -17.74
CA PHE K 764 14.21 -36.65 -18.43
C PHE K 764 13.69 -36.12 -19.77
N MET K 765 14.57 -36.13 -20.77
CA MET K 765 14.22 -35.78 -22.13
C MET K 765 14.69 -36.88 -23.08
N PRO K 766 13.84 -37.34 -23.99
CA PRO K 766 14.14 -38.57 -24.75
C PRO K 766 15.28 -38.40 -25.74
N CYS K 767 16.35 -39.17 -25.52
CA CYS K 767 17.43 -39.33 -26.48
C CYS K 767 17.39 -40.80 -26.91
N SER K 768 16.87 -41.05 -28.12
CA SER K 768 16.57 -42.41 -28.53
C SER K 768 17.82 -43.24 -28.76
N GLY K 769 18.93 -42.62 -29.12
CA GLY K 769 20.13 -43.37 -29.44
C GLY K 769 20.99 -43.77 -28.27
N ARG K 770 20.61 -43.42 -27.05
CA ARG K 770 21.46 -43.63 -25.89
C ARG K 770 21.24 -45.02 -25.31
N ASP K 771 22.34 -45.74 -25.11
CA ASP K 771 22.33 -46.99 -24.37
C ASP K 771 22.72 -46.71 -22.92
N ASP K 772 22.99 -47.77 -22.16
CA ASP K 772 23.32 -47.61 -20.75
C ASP K 772 24.63 -46.86 -20.55
N MET K 773 25.63 -47.13 -21.41
CA MET K 773 26.90 -46.44 -21.31
C MET K 773 26.75 -44.96 -21.61
N CYS K 774 25.93 -44.63 -22.61
CA CYS K 774 25.68 -43.22 -22.93
C CYS K 774 24.98 -42.52 -21.79
N TRP K 775 24.03 -43.19 -21.14
CA TRP K 775 23.37 -42.60 -19.98
C TRP K 775 24.29 -42.52 -18.77
N GLU K 776 25.35 -43.32 -18.74
CA GLU K 776 26.29 -43.28 -17.62
C GLU K 776 27.35 -42.19 -17.77
N VAL K 777 27.90 -42.02 -18.98
CA VAL K 777 29.06 -41.15 -19.15
C VAL K 777 28.69 -39.74 -19.59
N LEU K 778 27.44 -39.48 -19.95
CA LEU K 778 27.03 -38.15 -20.42
C LEU K 778 26.36 -37.37 -19.30
N ASN K 779 26.72 -36.10 -19.19
CA ASN K 779 26.17 -35.23 -18.17
C ASN K 779 24.94 -34.53 -18.71
N ASP K 780 23.82 -34.65 -18.00
CA ASP K 780 22.57 -34.03 -18.40
C ASP K 780 21.99 -33.11 -17.34
N GLU K 781 22.62 -33.00 -16.17
CA GLU K 781 22.12 -32.16 -15.10
C GLU K 781 22.86 -30.84 -14.98
N TRP K 782 24.17 -30.83 -15.22
CA TRP K 782 24.96 -29.61 -15.12
C TRP K 782 25.13 -29.02 -16.52
N VAL K 783 24.70 -27.76 -16.68
CA VAL K 783 24.71 -27.10 -17.96
C VAL K 783 25.34 -25.72 -17.83
N GLY K 784 25.77 -25.19 -18.98
CA GLY K 784 26.27 -23.83 -19.04
C GLY K 784 25.86 -23.20 -20.36
N HIS K 785 25.73 -21.88 -20.33
CA HIS K 785 25.31 -21.11 -21.49
C HIS K 785 26.15 -19.85 -21.58
N PRO K 786 26.41 -19.35 -22.79
CA PRO K 786 27.08 -18.04 -22.92
C PRO K 786 26.31 -16.89 -22.31
N VAL K 787 24.98 -16.94 -22.30
CA VAL K 787 24.20 -15.88 -21.68
C VAL K 787 24.36 -15.88 -20.17
N TRP K 788 24.46 -17.06 -19.56
CA TRP K 788 24.69 -17.13 -18.12
C TRP K 788 26.09 -16.69 -17.76
N ALA K 789 27.08 -17.05 -18.58
CA ALA K 789 28.46 -16.65 -18.29
C ALA K 789 28.70 -15.18 -18.57
N SER K 790 27.87 -14.56 -19.41
CA SER K 790 28.00 -13.14 -19.70
C SER K 790 27.37 -12.25 -18.63
N GLU K 791 26.63 -12.85 -17.69
CA GLU K 791 25.78 -12.13 -16.74
C GLU K 791 24.79 -11.21 -17.46
N ASP K 792 24.27 -11.71 -18.59
CA ASP K 792 23.29 -11.01 -19.42
C ASP K 792 23.80 -9.64 -19.88
N SER K 793 25.09 -9.58 -20.22
CA SER K 793 25.70 -8.35 -20.70
C SER K 793 26.18 -8.46 -22.14
N GLY K 794 26.96 -9.49 -22.46
CA GLY K 794 27.43 -9.71 -23.81
C GLY K 794 28.88 -10.14 -23.81
N PHE K 795 29.48 -10.07 -24.98
CA PHE K 795 30.87 -10.44 -25.18
C PHE K 795 31.60 -9.32 -25.90
N ILE K 796 32.93 -9.31 -25.76
CA ILE K 796 33.78 -8.33 -26.40
C ILE K 796 34.51 -9.01 -27.55
N ALA K 797 34.22 -8.59 -28.78
CA ALA K 797 34.94 -9.09 -29.93
C ALA K 797 36.33 -8.45 -29.98
N HIS K 798 37.27 -9.17 -30.60
CA HIS K 798 38.63 -8.67 -30.75
C HIS K 798 38.66 -7.59 -31.84
N ARG K 799 39.31 -6.47 -31.57
CA ARG K 799 39.35 -5.39 -32.53
C ARG K 799 40.30 -5.69 -33.68
N LYS K 800 39.83 -5.49 -34.90
CA LYS K 800 40.64 -5.78 -36.07
C LYS K 800 40.91 -4.53 -36.89
N ASN K 801 42.09 -4.45 -37.52
CA ASN K 801 42.43 -3.31 -38.36
C ASN K 801 41.49 -3.16 -39.54
N GLN K 802 41.46 -1.99 -40.17
CA GLN K 802 40.65 -1.84 -41.38
C GLN K 802 41.25 -2.64 -42.54
N TYR K 803 42.57 -2.86 -42.51
CA TYR K 803 43.19 -3.74 -43.48
C TYR K 803 42.79 -5.19 -43.23
N GLU K 804 42.66 -5.57 -41.98
CA GLU K 804 42.16 -6.91 -41.69
C GLU K 804 40.70 -7.05 -42.13
N GLU K 805 39.90 -6.00 -41.92
CA GLU K 805 38.49 -6.05 -42.35
C GLU K 805 38.37 -6.16 -43.86
N THR K 806 39.19 -5.42 -44.61
CA THR K 806 39.09 -5.53 -46.06
C THR K 806 39.70 -6.84 -46.56
N LEU K 807 40.66 -7.42 -45.82
CA LEU K 807 41.12 -8.76 -46.13
C LEU K 807 40.00 -9.79 -45.93
N PHE K 808 39.23 -9.62 -44.86
CA PHE K 808 38.07 -10.48 -44.62
C PHE K 808 37.01 -10.31 -45.71
N LYS K 809 36.81 -9.09 -46.19
CA LYS K 809 35.89 -8.86 -47.31
C LYS K 809 36.37 -9.50 -48.61
N ILE K 810 37.67 -9.43 -48.89
CA ILE K 810 38.26 -10.11 -50.05
C ILE K 810 38.04 -11.61 -49.95
N GLU K 811 38.32 -12.19 -48.78
CA GLU K 811 38.07 -13.61 -48.53
C GLU K 811 36.59 -13.96 -48.67
N GLU K 812 35.71 -13.06 -48.23
CA GLU K 812 34.27 -13.30 -48.32
C GLU K 812 33.82 -13.38 -49.78
N GLU K 813 34.31 -12.45 -50.60
CA GLU K 813 33.97 -12.45 -52.02
C GLU K 813 34.55 -13.67 -52.72
N ARG K 814 35.79 -14.03 -52.36
CA ARG K 814 36.43 -15.24 -52.87
C ARG K 814 35.61 -16.49 -52.55
N HIS K 815 35.16 -16.59 -51.30
CA HIS K 815 34.36 -17.72 -50.87
C HIS K 815 33.03 -17.78 -51.61
N GLU K 816 32.40 -16.61 -51.80
CA GLU K 816 31.15 -16.53 -52.54
C GLU K 816 31.29 -17.11 -53.95
N TYR K 817 32.30 -16.61 -54.66
CA TYR K 817 32.53 -17.06 -56.03
C TYR K 817 32.88 -18.55 -56.08
N ASP K 818 33.76 -19.00 -55.20
CA ASP K 818 34.22 -20.38 -55.25
C ASP K 818 33.14 -21.36 -54.80
N PHE K 819 32.37 -20.99 -53.79
CA PHE K 819 31.25 -21.81 -53.34
C PHE K 819 30.23 -21.99 -54.47
N TYR K 820 29.88 -20.90 -55.13
CA TYR K 820 28.88 -20.99 -56.20
C TYR K 820 29.41 -21.78 -57.39
N ILE K 821 30.66 -21.54 -57.78
CA ILE K 821 31.26 -22.21 -58.92
C ILE K 821 31.44 -23.71 -58.66
N GLU K 822 31.92 -24.08 -57.47
CA GLU K 822 32.13 -25.50 -57.19
C GLU K 822 30.83 -26.26 -56.99
N SER K 823 29.81 -25.63 -56.39
CA SER K 823 28.50 -26.27 -56.34
C SER K 823 27.94 -26.51 -57.74
N ASN K 824 28.08 -25.50 -58.61
CA ASN K 824 27.61 -25.64 -59.99
C ASN K 824 28.41 -26.70 -60.74
N LEU K 825 29.72 -26.81 -60.46
CA LEU K 825 30.55 -27.80 -61.12
C LEU K 825 30.21 -29.22 -60.67
N ARG K 826 29.90 -29.40 -59.38
CA ARG K 826 29.45 -30.70 -58.90
C ARG K 826 28.12 -31.09 -59.54
N THR K 827 27.20 -30.13 -59.66
CA THR K 827 25.95 -30.41 -60.34
C THR K 827 26.16 -30.71 -61.82
N ILE K 828 27.13 -30.04 -62.47
CA ILE K 828 27.46 -30.33 -63.86
C ILE K 828 28.00 -31.74 -64.00
N GLN K 829 28.86 -32.17 -63.06
CA GLN K 829 29.40 -33.53 -63.11
C GLN K 829 28.29 -34.56 -62.97
N CYS K 830 27.37 -34.36 -62.02
CA CYS K 830 26.26 -35.29 -61.86
C CYS K 830 25.34 -35.30 -63.09
N LEU K 831 25.03 -34.12 -63.61
CA LEU K 831 24.13 -34.02 -64.76
C LEU K 831 24.77 -34.60 -66.01
N GLU K 832 26.09 -34.46 -66.16
CA GLU K 832 26.75 -35.02 -67.33
C GLU K 832 26.92 -36.53 -67.20
N THR K 833 27.01 -37.05 -65.97
CA THR K 833 26.92 -38.50 -65.79
C THR K 833 25.55 -39.01 -66.21
N ILE K 834 24.49 -38.30 -65.82
CA ILE K 834 23.13 -38.66 -66.24
C ILE K 834 22.99 -38.56 -67.76
N VAL K 835 23.61 -37.54 -68.36
CA VAL K 835 23.47 -37.32 -69.80
C VAL K 835 24.21 -38.40 -70.58
N ASN K 836 25.43 -38.75 -70.17
CA ASN K 836 26.14 -39.80 -70.89
C ASN K 836 25.56 -41.18 -70.60
N LYS K 837 24.80 -41.33 -69.51
CA LYS K 837 24.02 -42.55 -69.32
C LYS K 837 22.83 -42.59 -70.27
N ILE K 838 22.12 -41.47 -70.43
CA ILE K 838 20.89 -41.46 -71.19
C ILE K 838 21.13 -41.40 -72.69
N GLU K 839 22.32 -40.96 -73.13
CA GLU K 839 22.60 -40.89 -74.55
C GLU K 839 22.74 -42.28 -75.16
N ASN K 840 23.34 -43.22 -74.43
CA ASN K 840 23.60 -44.56 -74.94
C ASN K 840 22.46 -45.53 -74.63
N MET K 841 21.24 -45.13 -74.95
CA MET K 841 20.09 -46.03 -74.90
C MET K 841 19.02 -45.47 -75.83
N THR K 842 18.14 -46.36 -76.31
CA THR K 842 17.15 -45.95 -77.29
C THR K 842 15.95 -45.28 -76.62
N GLU K 843 14.99 -44.88 -77.44
CA GLU K 843 13.93 -43.98 -77.00
C GLU K 843 12.69 -44.70 -76.47
N ASN K 844 12.59 -46.02 -76.63
CA ASN K 844 11.36 -46.71 -76.24
C ASN K 844 11.23 -46.83 -74.73
N GLU K 845 12.36 -46.88 -74.01
CA GLU K 845 12.34 -46.86 -72.55
C GLU K 845 12.84 -45.55 -71.98
N LYS K 846 13.25 -44.61 -72.84
CA LYS K 846 13.67 -43.29 -72.36
C LYS K 846 12.49 -42.45 -71.88
N ALA K 847 11.26 -42.82 -72.25
CA ALA K 847 10.09 -42.05 -71.83
C ALA K 847 9.76 -42.30 -70.36
N ASN K 848 9.87 -43.54 -69.89
CA ASN K 848 9.53 -43.88 -68.51
C ASN K 848 10.75 -43.90 -67.58
N PHE K 849 11.91 -43.50 -68.07
CA PHE K 849 13.09 -43.42 -67.21
C PHE K 849 12.96 -42.25 -66.25
N LYS K 850 13.12 -42.52 -64.96
CA LYS K 850 12.98 -41.54 -63.91
C LYS K 850 14.29 -41.40 -63.14
N LEU K 851 14.36 -40.37 -62.29
CA LEU K 851 15.52 -40.11 -61.48
C LEU K 851 15.11 -39.98 -60.01
N PRO K 852 15.78 -40.66 -59.10
CA PRO K 852 15.45 -40.53 -57.67
C PRO K 852 15.90 -39.18 -57.12
N PRO K 853 15.32 -38.75 -56.00
CA PRO K 853 15.86 -37.60 -55.27
C PRO K 853 17.35 -37.74 -55.01
N GLY K 854 18.10 -36.68 -55.28
CA GLY K 854 19.54 -36.74 -55.11
C GLY K 854 20.21 -37.14 -56.39
N LEU K 855 19.43 -37.55 -57.38
CA LEU K 855 19.99 -37.89 -58.66
C LEU K 855 21.07 -38.90 -58.46
N GLY K 856 20.89 -39.76 -57.46
CA GLY K 856 21.86 -40.80 -57.23
C GLY K 856 23.16 -40.29 -56.65
N HIS K 857 23.12 -39.09 -56.11
CA HIS K 857 24.32 -38.50 -55.55
C HIS K 857 24.24 -38.52 -54.04
N THR K 858 25.36 -38.28 -53.39
CA THR K 858 25.39 -38.36 -51.94
C THR K 858 24.70 -37.17 -51.28
N SER K 859 24.34 -36.18 -52.06
CA SER K 859 23.63 -35.03 -51.50
C SER K 859 22.26 -35.01 -52.10
N MET K 860 21.33 -34.42 -51.37
CA MET K 860 19.99 -34.33 -51.86
C MET K 860 19.63 -32.89 -52.00
N THR K 861 20.54 -32.02 -51.63
CA THR K 861 20.20 -30.60 -51.68
C THR K 861 21.10 -29.73 -52.54
N ILE K 862 22.30 -30.19 -52.90
CA ILE K 862 23.26 -29.33 -53.61
C ILE K 862 22.74 -28.97 -55.00
N TYR K 863 22.26 -29.97 -55.74
CA TYR K 863 21.68 -29.72 -57.05
C TYR K 863 20.42 -28.87 -56.94
N LYS K 864 19.67 -29.02 -55.84
CA LYS K 864 18.51 -28.17 -55.60
C LYS K 864 18.92 -26.71 -55.41
N LYS K 865 20.00 -26.48 -54.66
CA LYS K 865 20.51 -25.12 -54.49
C LYS K 865 20.94 -24.51 -55.81
N VAL K 866 21.66 -25.29 -56.62
CA VAL K 866 22.16 -24.81 -57.89
C VAL K 866 21.02 -24.49 -58.85
N ILE K 867 20.00 -25.35 -58.91
CA ILE K 867 18.85 -25.10 -59.76
C ILE K 867 18.06 -23.89 -59.28
N ARG K 868 17.83 -23.79 -57.96
CA ARG K 868 17.08 -22.67 -57.41
C ARG K 868 17.81 -21.34 -57.57
N LYS K 869 19.14 -21.38 -57.71
CA LYS K 869 19.86 -20.13 -57.96
C LYS K 869 19.85 -19.77 -59.44
N VAL K 870 20.19 -20.73 -60.30
CA VAL K 870 20.42 -20.44 -61.72
C VAL K 870 19.11 -20.05 -62.40
N TYR K 871 18.05 -20.80 -62.14
CA TYR K 871 16.77 -20.51 -62.73
C TYR K 871 15.99 -19.58 -61.79
N ASP K 872 14.71 -19.36 -62.10
CA ASP K 872 13.89 -18.46 -61.30
C ASP K 872 13.54 -19.11 -59.96
N LYS K 873 13.10 -18.27 -59.02
CA LYS K 873 12.74 -18.74 -57.68
C LYS K 873 11.52 -19.64 -57.73
N GLU K 874 10.45 -19.19 -58.40
CA GLU K 874 9.23 -20.00 -58.48
C GLU K 874 9.36 -21.14 -59.48
N ARG K 875 10.19 -20.97 -60.51
CA ARG K 875 10.35 -21.98 -61.55
C ARG K 875 11.40 -23.03 -61.19
N GLY K 876 12.22 -22.77 -60.17
CA GLY K 876 13.24 -23.74 -59.79
C GLY K 876 12.65 -25.03 -59.24
N PHE K 877 11.59 -24.91 -58.42
CA PHE K 877 10.93 -26.09 -57.88
C PHE K 877 10.32 -26.93 -59.00
N GLU K 878 9.66 -26.28 -59.97
CA GLU K 878 9.01 -27.05 -61.02
C GLU K 878 10.03 -27.61 -62.00
N ILE K 879 11.19 -26.96 -62.14
CA ILE K 879 12.27 -27.57 -62.93
C ILE K 879 12.84 -28.78 -62.21
N ILE K 880 12.96 -28.72 -60.88
CA ILE K 880 13.43 -29.86 -60.11
C ILE K 880 12.44 -31.03 -60.24
N ASP K 881 11.14 -30.75 -60.15
CA ASP K 881 10.14 -31.79 -60.32
C ASP K 881 10.12 -32.34 -61.74
N ALA K 882 10.33 -31.49 -62.75
CA ALA K 882 10.41 -31.98 -64.13
C ALA K 882 11.64 -32.83 -64.35
N LEU K 883 12.74 -32.50 -63.66
CA LEU K 883 13.94 -33.32 -63.76
C LEU K 883 13.75 -34.66 -63.06
N HIS K 884 13.01 -34.67 -61.96
CA HIS K 884 12.74 -35.93 -61.27
C HIS K 884 11.79 -36.82 -62.07
N GLU K 885 10.77 -36.22 -62.69
CA GLU K 885 9.77 -36.99 -63.41
C GLU K 885 10.19 -37.32 -64.84
N HIS K 886 10.62 -36.32 -65.60
CA HIS K 886 11.01 -36.49 -67.00
C HIS K 886 12.41 -35.92 -67.21
N PRO K 887 13.45 -36.66 -66.82
CA PRO K 887 14.82 -36.18 -67.04
C PRO K 887 15.28 -36.22 -68.48
N ALA K 888 14.55 -36.93 -69.37
CA ALA K 888 15.00 -37.14 -70.74
C ALA K 888 15.07 -35.83 -71.52
N VAL K 889 14.11 -34.94 -71.31
CA VAL K 889 14.15 -33.66 -71.99
C VAL K 889 14.81 -32.58 -71.14
N THR K 890 14.63 -32.64 -69.81
CA THR K 890 15.09 -31.57 -68.94
C THR K 890 16.58 -31.64 -68.63
N ALA K 891 17.17 -32.85 -68.63
CA ALA K 891 18.58 -32.98 -68.27
C ALA K 891 19.55 -32.27 -69.24
N PRO K 892 19.46 -32.42 -70.57
CA PRO K 892 20.48 -31.77 -71.41
C PRO K 892 20.40 -30.25 -71.40
N VAL K 893 19.19 -29.67 -71.37
CA VAL K 893 19.07 -28.22 -71.37
C VAL K 893 19.56 -27.64 -70.05
N VAL K 894 19.26 -28.33 -68.94
CA VAL K 894 19.76 -27.91 -67.63
C VAL K 894 21.28 -28.00 -67.59
N LEU K 895 21.84 -29.07 -68.13
CA LEU K 895 23.31 -29.22 -68.17
C LEU K 895 23.95 -28.13 -69.01
N LYS K 896 23.35 -27.80 -70.17
CA LYS K 896 23.89 -26.76 -71.03
C LYS K 896 23.85 -25.39 -70.35
N ARG K 897 22.72 -25.07 -69.71
CA ARG K 897 22.61 -23.79 -69.01
C ARG K 897 23.57 -23.72 -67.83
N LEU K 898 23.75 -24.83 -67.11
CA LEU K 898 24.69 -24.86 -66.00
C LEU K 898 26.12 -24.70 -66.49
N LYS K 899 26.47 -25.29 -67.63
CA LYS K 899 27.81 -25.14 -68.17
C LYS K 899 28.08 -23.73 -68.64
N GLN K 900 27.09 -23.09 -69.26
CA GLN K 900 27.22 -21.70 -69.69
C GLN K 900 27.40 -20.79 -68.47
N LYS K 901 26.59 -21.02 -67.42
CA LYS K 901 26.73 -20.25 -66.20
C LYS K 901 28.08 -20.50 -65.53
N ASP K 902 28.58 -21.74 -65.62
CA ASP K 902 29.88 -22.08 -65.06
C ASP K 902 30.99 -21.31 -65.74
N GLU K 903 31.01 -21.32 -67.08
CA GLU K 903 32.11 -20.65 -67.78
C GLU K 903 32.03 -19.13 -67.62
N GLU K 904 30.81 -18.58 -67.57
CA GLU K 904 30.69 -17.13 -67.38
C GLU K 904 31.08 -16.72 -65.96
N TRP K 905 30.70 -17.53 -64.97
CA TRP K 905 31.11 -17.28 -63.59
C TRP K 905 32.62 -17.43 -63.43
N ARG K 906 33.24 -18.39 -64.14
CA ARG K 906 34.68 -18.54 -64.04
C ARG K 906 35.43 -17.40 -64.69
N ARG K 907 34.93 -16.87 -65.81
CA ARG K 907 35.58 -15.70 -66.41
C ARG K 907 35.46 -14.49 -65.48
N ALA K 908 34.28 -14.30 -64.89
CA ALA K 908 34.12 -13.21 -63.92
C ALA K 908 34.98 -13.43 -62.69
N GLN K 909 35.19 -14.69 -62.30
CA GLN K 909 36.01 -15.00 -61.14
C GLN K 909 37.48 -14.73 -61.41
N ARG K 910 37.95 -14.99 -62.64
CA ARG K 910 39.33 -14.66 -62.98
C ARG K 910 39.55 -13.15 -62.99
N GLU K 911 38.60 -12.42 -63.60
CA GLU K 911 38.72 -10.96 -63.63
C GLU K 911 38.65 -10.38 -62.22
N TRP K 912 37.85 -10.97 -61.35
CA TRP K 912 37.82 -10.56 -59.95
C TRP K 912 39.07 -11.02 -59.19
N ASN K 913 39.67 -12.14 -59.61
CA ASN K 913 40.85 -12.67 -58.94
C ASN K 913 42.03 -11.75 -59.11
N LYS K 914 42.13 -11.11 -60.27
CA LYS K 914 43.16 -10.08 -60.48
C LYS K 914 43.04 -8.98 -59.42
N VAL K 915 41.83 -8.45 -59.25
CA VAL K 915 41.57 -7.35 -58.31
C VAL K 915 41.84 -7.80 -56.88
N TRP K 916 41.38 -9.00 -56.53
CA TRP K 916 41.58 -9.53 -55.18
C TRP K 916 43.06 -9.71 -54.88
N ARG K 917 43.83 -10.21 -55.85
CA ARG K 917 45.26 -10.40 -55.65
C ARG K 917 45.98 -9.08 -55.45
N GLU K 918 45.64 -8.07 -56.26
CA GLU K 918 46.32 -6.78 -56.10
C GLU K 918 45.95 -6.11 -54.78
N LEU K 919 44.71 -6.20 -54.33
CA LEU K 919 44.38 -5.63 -53.03
C LEU K 919 45.03 -6.43 -51.91
N GLU K 920 45.10 -7.75 -52.04
CA GLU K 920 45.80 -8.52 -51.03
C GLU K 920 47.26 -8.10 -50.92
N GLN K 921 47.92 -7.88 -52.06
CA GLN K 921 49.30 -7.40 -52.04
C GLN K 921 49.40 -6.02 -51.43
N LYS K 922 48.37 -5.18 -51.62
CA LYS K 922 48.37 -3.85 -51.05
C LYS K 922 48.09 -3.85 -49.55
N VAL K 923 47.36 -4.85 -49.05
CA VAL K 923 46.72 -4.77 -47.75
C VAL K 923 47.41 -5.68 -46.71
N PHE K 924 47.91 -6.85 -47.13
CA PHE K 924 48.15 -7.97 -46.23
C PHE K 924 49.18 -7.65 -45.14
N PHE K 925 50.30 -7.04 -45.51
CA PHE K 925 51.35 -6.83 -44.52
C PHE K 925 50.99 -5.73 -43.53
N LYS K 926 50.22 -4.73 -43.97
CA LYS K 926 49.67 -3.77 -43.02
C LYS K 926 48.64 -4.43 -42.10
N SER K 927 47.86 -5.39 -42.63
CA SER K 927 46.88 -6.09 -41.83
C SER K 927 47.55 -6.92 -40.75
N LEU K 928 48.66 -7.58 -41.07
CA LEU K 928 49.38 -8.37 -40.09
C LEU K 928 50.15 -7.51 -39.09
N ASP K 929 50.27 -6.21 -39.33
CA ASP K 929 50.95 -5.29 -38.43
C ASP K 929 49.94 -4.74 -37.43
N HIS K 930 50.17 -5.02 -36.16
CA HIS K 930 49.25 -4.56 -35.13
C HIS K 930 49.84 -3.38 -34.39
N LEU K 931 50.99 -3.60 -33.74
CA LEU K 931 51.60 -2.52 -32.99
C LEU K 931 52.18 -1.45 -33.90
N GLY K 932 52.60 -1.83 -35.11
CA GLY K 932 53.20 -0.88 -36.02
C GLY K 932 52.19 0.06 -36.66
N LEU K 933 50.92 -0.33 -36.73
CA LEU K 933 49.92 0.55 -37.30
C LEU K 933 49.62 1.73 -36.39
N THR K 934 49.83 1.54 -35.10
CA THR K 934 49.58 2.60 -34.14
C THR K 934 50.86 3.01 -33.42
N PHE K 935 52.01 2.70 -33.98
CA PHE K 935 53.26 2.99 -33.30
C PHE K 935 53.62 4.47 -33.38
N LYS K 936 53.16 5.17 -34.38
CA LYS K 936 53.58 6.53 -34.49
C LYS K 936 52.91 7.40 -33.43
N GLN K 937 51.59 7.28 -33.25
CA GLN K 937 50.92 8.04 -32.20
C GLN K 937 51.33 7.56 -30.81
N ALA K 938 51.58 6.26 -30.66
CA ALA K 938 52.05 5.73 -29.39
C ALA K 938 53.43 6.26 -29.05
N ASP K 939 54.31 6.36 -30.04
CA ASP K 939 55.65 6.91 -29.80
C ASP K 939 55.60 8.40 -29.55
N LYS K 940 54.66 9.12 -30.19
CA LYS K 940 54.48 10.53 -29.89
C LYS K 940 53.99 10.73 -28.46
N LYS K 941 53.06 9.88 -28.02
CA LYS K 941 52.49 10.04 -26.68
C LYS K 941 53.43 9.57 -25.58
N LEU K 942 54.18 8.48 -25.80
CA LEU K 942 54.90 7.82 -24.73
C LEU K 942 56.39 8.10 -24.69
N LEU K 943 56.98 8.63 -25.76
CA LEU K 943 58.37 9.05 -25.72
C LEU K 943 58.46 10.54 -25.41
N THR K 944 57.86 10.91 -24.29
CA THR K 944 57.84 12.28 -23.80
C THR K 944 58.61 12.36 -22.49
N THR K 945 58.70 13.57 -21.94
CA THR K 945 59.38 13.76 -20.68
C THR K 945 58.60 13.13 -19.53
N LYS K 946 57.28 13.27 -19.55
CA LYS K 946 56.45 12.80 -18.44
C LYS K 946 56.51 11.29 -18.28
N GLN K 947 56.45 10.55 -19.39
CA GLN K 947 56.48 9.08 -19.31
C GLN K 947 57.86 8.58 -18.92
N LEU K 948 58.92 9.22 -19.42
CA LEU K 948 60.26 8.80 -19.07
C LEU K 948 60.60 9.11 -17.62
N ILE K 949 60.04 10.19 -17.07
CA ILE K 949 60.15 10.42 -15.63
C ILE K 949 59.31 9.39 -14.87
N SER K 950 58.15 9.03 -15.41
CA SER K 950 57.25 8.10 -14.73
C SER K 950 57.86 6.71 -14.62
N GLU K 951 58.61 6.28 -15.63
CA GLU K 951 59.22 4.95 -15.59
C GLU K 951 60.26 4.84 -14.47
N ILE K 952 61.20 5.79 -14.43
CA ILE K 952 62.24 5.76 -13.40
C ILE K 952 61.65 6.00 -12.02
N SER K 953 60.62 6.84 -11.90
CA SER K 953 60.00 7.07 -10.61
C SER K 953 59.23 5.85 -10.13
N SER K 954 58.57 5.13 -11.05
CA SER K 954 57.86 3.92 -10.67
C SER K 954 58.83 2.83 -10.23
N ILE K 955 59.97 2.71 -10.91
CA ILE K 955 60.96 1.72 -10.49
C ILE K 955 61.54 2.08 -9.11
N LYS K 956 61.79 3.37 -8.88
CA LYS K 956 62.27 3.79 -7.57
C LYS K 956 61.22 3.56 -6.47
N VAL K 957 59.95 3.80 -6.79
CA VAL K 957 58.86 3.58 -5.84
C VAL K 957 58.74 2.11 -5.50
N ASP K 958 58.87 1.24 -6.52
CA ASP K 958 58.88 -0.21 -6.28
C ASP K 958 60.04 -0.63 -5.38
N GLN K 959 61.23 -0.09 -5.65
CA GLN K 959 62.40 -0.44 -4.85
C GLN K 959 62.25 0.02 -3.40
N THR K 960 61.73 1.23 -3.20
CA THR K 960 61.57 1.73 -1.84
C THR K 960 60.45 1.02 -1.10
N ASN K 961 59.41 0.60 -1.83
CA ASN K 961 58.32 -0.16 -1.21
C ASN K 961 58.80 -1.54 -0.78
N LYS K 962 59.61 -2.19 -1.60
CA LYS K 962 60.11 -3.51 -1.25
C LYS K 962 61.37 -3.47 -0.39
N LYS K 963 61.93 -2.28 -0.14
CA LYS K 963 63.11 -2.18 0.72
C LYS K 963 62.77 -2.45 2.17
N ILE K 964 61.60 -1.98 2.64
CA ILE K 964 61.23 -2.13 4.04
C ILE K 964 60.81 -3.56 4.37
N HIS K 965 60.54 -4.38 3.36
CA HIS K 965 60.13 -5.77 3.60
C HIS K 965 61.32 -6.71 3.63
N TRP K 966 62.17 -6.65 2.60
CA TRP K 966 63.39 -7.44 2.55
C TRP K 966 64.42 -6.67 1.71
N LEU K 967 65.51 -7.36 1.36
CA LEU K 967 66.61 -6.81 0.56
C LEU K 967 67.21 -5.57 1.23
N THR K 968 67.82 -5.83 2.39
CA THR K 968 68.52 -4.76 3.13
C THR K 968 69.63 -4.08 2.31
N PRO K 969 70.47 -4.79 1.50
CA PRO K 969 71.32 -4.04 0.57
C PRO K 969 70.52 -3.45 -0.58
N LYS K 970 69.92 -2.28 -0.33
CA LYS K 970 69.11 -1.61 -1.34
C LYS K 970 69.98 -1.21 -2.53
N PRO K 971 69.55 -1.49 -3.76
CA PRO K 971 70.38 -1.17 -4.92
C PRO K 971 70.55 0.32 -5.13
N LYS K 972 71.73 0.68 -5.65
CA LYS K 972 72.06 2.07 -5.95
C LYS K 972 71.76 2.44 -7.40
N SER K 973 70.79 1.77 -8.02
CA SER K 973 70.42 2.05 -9.40
C SER K 973 68.97 1.63 -9.61
N GLN K 974 68.33 2.26 -10.58
CA GLN K 974 66.97 1.90 -10.96
C GLN K 974 66.91 1.34 -12.38
N LEU K 975 67.47 2.03 -13.35
CA LEU K 975 67.48 1.59 -14.73
C LEU K 975 68.85 1.05 -15.09
N ASP K 976 68.86 -0.02 -15.91
CA ASP K 976 70.09 -0.64 -16.36
C ASP K 976 70.07 -0.69 -17.87
N PHE K 977 71.10 -0.13 -18.51
CA PHE K 977 71.21 -0.09 -19.96
C PHE K 977 72.45 -0.85 -20.40
N ASP K 978 72.28 -1.72 -21.39
CA ASP K 978 73.37 -2.51 -21.93
C ASP K 978 73.74 -1.99 -23.30
N PHE K 979 75.04 -1.81 -23.53
CA PHE K 979 75.57 -1.34 -24.81
C PHE K 979 76.63 -2.31 -25.29
N PRO K 980 76.23 -3.43 -25.90
CA PRO K 980 77.22 -4.43 -26.34
C PRO K 980 77.89 -4.10 -27.67
N ASP K 981 77.25 -3.30 -28.52
CA ASP K 981 77.77 -2.97 -29.83
C ASP K 981 78.12 -1.49 -29.89
N LYS K 982 79.28 -1.19 -30.47
CA LYS K 982 79.74 0.19 -30.56
C LYS K 982 79.49 0.84 -31.91
N ASN K 983 79.27 0.06 -32.97
CA ASN K 983 78.98 0.61 -34.28
C ASN K 983 77.63 1.33 -34.31
N ILE K 984 76.70 0.95 -33.43
CA ILE K 984 75.39 1.57 -33.38
C ILE K 984 75.47 3.03 -32.99
N PHE K 985 76.46 3.39 -32.17
CA PHE K 985 76.70 4.80 -31.86
C PHE K 985 77.04 5.59 -33.12
N TYR K 986 77.89 5.01 -33.97
CA TYR K 986 78.24 5.67 -35.23
C TYR K 986 77.04 5.73 -36.16
N ASP K 987 76.17 4.73 -36.12
CA ASP K 987 74.95 4.75 -36.93
C ASP K 987 74.00 5.87 -36.48
N ILE K 988 73.83 6.02 -35.17
CA ILE K 988 72.97 7.10 -34.66
C ILE K 988 73.60 8.46 -34.96
N LEU K 989 74.94 8.54 -34.88
CA LEU K 989 75.61 9.79 -35.22
C LEU K 989 75.43 10.14 -36.68
N CYS K 990 75.47 9.14 -37.57
CA CYS K 990 75.22 9.38 -38.99
C CYS K 990 73.78 9.81 -39.23
N LEU K 991 72.82 9.20 -38.53
CA LEU K 991 71.43 9.62 -38.67
C LEU K 991 71.22 11.04 -38.19
N ALA K 992 71.85 11.40 -37.06
CA ALA K 992 71.75 12.75 -36.54
C ALA K 992 72.40 13.75 -37.49
N ASP K 993 73.56 13.39 -38.07
CA ASP K 993 74.20 14.25 -39.04
C ASP K 993 73.35 14.44 -40.29
N THR K 994 72.67 13.37 -40.71
CA THR K 994 71.74 13.48 -41.85
C THR K 994 70.59 14.43 -41.52
N PHE K 995 70.06 14.36 -40.30
CA PHE K 995 68.99 15.27 -39.93
C PHE K 995 69.48 16.71 -39.85
N ILE K 996 70.70 16.92 -39.36
CA ILE K 996 71.29 18.26 -39.31
C ILE K 996 71.47 18.81 -40.72
N THR K 997 71.96 18.00 -41.65
CA THR K 997 72.14 18.45 -43.01
C THR K 997 70.81 18.73 -43.70
N HIS K 998 69.79 17.93 -43.40
CA HIS K 998 68.50 18.10 -44.07
C HIS K 998 67.70 19.28 -43.55
N THR K 999 67.75 19.53 -42.24
CA THR K 999 66.81 20.46 -41.61
C THR K 999 67.09 21.91 -42.02
N THR K 1000 66.07 22.74 -41.88
CA THR K 1000 66.16 24.15 -42.23
C THR K 1000 65.77 25.09 -41.10
N ALA K 1001 65.17 24.60 -40.02
CA ALA K 1001 64.76 25.46 -38.92
C ALA K 1001 65.90 25.84 -38.00
N TYR K 1002 67.09 25.26 -38.18
CA TYR K 1002 68.24 25.54 -37.36
C TYR K 1002 69.28 26.27 -38.20
N SER K 1003 69.94 27.26 -37.59
CA SER K 1003 70.97 28.00 -38.30
C SER K 1003 72.23 27.14 -38.46
N ASN K 1004 73.02 27.48 -39.48
CA ASN K 1004 74.26 26.74 -39.74
C ASN K 1004 75.27 26.76 -38.59
N PRO K 1005 75.52 27.89 -37.88
CA PRO K 1005 76.33 27.76 -36.66
C PRO K 1005 75.70 26.85 -35.61
N ASP K 1006 74.38 26.95 -35.40
CA ASP K 1006 73.71 26.04 -34.49
C ASP K 1006 73.82 24.61 -34.96
N LYS K 1007 73.80 24.39 -36.29
CA LYS K 1007 73.98 23.07 -36.86
C LYS K 1007 75.35 22.50 -36.52
N GLU K 1008 76.41 23.29 -36.72
CA GLU K 1008 77.73 22.73 -36.49
C GLU K 1008 78.02 22.56 -35.00
N ARG K 1009 77.48 23.46 -34.14
CA ARG K 1009 77.59 23.24 -32.69
C ARG K 1009 76.85 21.99 -32.24
N LEU K 1010 75.69 21.71 -32.84
CA LEU K 1010 75.00 20.45 -32.59
C LEU K 1010 75.86 19.26 -32.97
N LYS K 1011 76.55 19.36 -34.11
CA LYS K 1011 77.42 18.28 -34.57
C LYS K 1011 78.53 17.97 -33.57
N ASP K 1012 79.31 18.98 -33.15
CA ASP K 1012 80.43 18.59 -32.29
C ASP K 1012 79.95 18.35 -30.87
N LEU K 1013 78.77 18.87 -30.49
CA LEU K 1013 78.22 18.52 -29.19
C LEU K 1013 77.87 17.04 -29.13
N LEU K 1014 77.18 16.53 -30.15
CA LEU K 1014 76.85 15.11 -30.18
C LEU K 1014 78.11 14.25 -30.24
N LYS K 1015 79.06 14.62 -31.10
CA LYS K 1015 80.29 13.85 -31.21
C LYS K 1015 81.10 13.88 -29.91
N TYR K 1016 81.18 15.04 -29.27
CA TYR K 1016 81.96 15.19 -28.04
C TYR K 1016 81.31 14.43 -26.89
N PHE K 1017 79.98 14.49 -26.78
CA PHE K 1017 79.29 13.75 -25.73
C PHE K 1017 79.45 12.25 -25.92
N ILE K 1018 79.39 11.77 -27.16
CA ILE K 1018 79.55 10.34 -27.38
C ILE K 1018 80.98 9.91 -27.11
N SER K 1019 81.96 10.73 -27.50
CA SER K 1019 83.36 10.40 -27.25
C SER K 1019 83.72 10.49 -25.77
N LEU K 1020 83.05 11.36 -25.01
CA LEU K 1020 83.41 11.57 -23.62
C LEU K 1020 82.67 10.64 -22.66
N PHE K 1021 81.39 10.36 -22.94
CA PHE K 1021 80.62 9.47 -22.08
C PHE K 1021 81.12 8.04 -22.19
N PHE K 1022 81.31 7.55 -23.41
CA PHE K 1022 81.68 6.16 -23.63
C PHE K 1022 83.19 6.07 -23.85
N SER K 1023 83.68 4.87 -24.16
CA SER K 1023 85.10 4.63 -24.37
C SER K 1023 85.56 4.98 -25.78
N ILE K 1024 84.66 5.44 -26.64
CA ILE K 1024 85.03 5.75 -28.02
C ILE K 1024 85.87 7.02 -28.05
N SER K 1025 86.91 7.01 -28.88
CA SER K 1025 87.75 8.18 -29.08
C SER K 1025 87.20 9.03 -30.22
N PHE K 1026 87.64 10.29 -30.26
CA PHE K 1026 87.23 11.18 -31.34
C PHE K 1026 87.83 10.77 -32.67
N GLU K 1027 89.04 10.20 -32.66
CA GLU K 1027 89.65 9.72 -33.89
C GLU K 1027 88.86 8.56 -34.48
N LYS K 1028 88.39 7.65 -33.63
CA LYS K 1028 87.58 6.53 -34.11
C LYS K 1028 86.24 7.02 -34.67
N ILE K 1029 85.65 8.03 -34.03
CA ILE K 1029 84.39 8.60 -34.53
C ILE K 1029 84.61 9.26 -35.88
N GLU K 1030 85.70 10.01 -36.03
CA GLU K 1030 85.99 10.68 -37.29
C GLU K 1030 86.31 9.68 -38.40
N GLU K 1031 87.03 8.60 -38.08
CA GLU K 1031 87.37 7.61 -39.09
C GLU K 1031 86.21 6.66 -39.38
N SER K 1032 85.20 6.61 -38.52
CA SER K 1032 84.04 5.77 -38.75
C SER K 1032 82.85 6.52 -39.33
N LEU K 1033 82.94 7.83 -39.46
CA LEU K 1033 81.83 8.64 -39.98
C LEU K 1033 82.34 9.75 -40.89
N GLY K 1128 91.30 7.26 1.17
CA GLY K 1128 90.16 6.84 0.35
C GLY K 1128 90.25 7.31 -1.08
N ILE K 1129 91.47 7.47 -1.58
CA ILE K 1129 91.69 7.91 -2.96
C ILE K 1129 91.46 6.73 -3.90
N ILE K 1130 90.66 6.96 -4.93
CA ILE K 1130 90.34 5.93 -5.92
C ILE K 1130 91.14 6.27 -7.18
N GLN K 1131 92.31 5.67 -7.29
CA GLN K 1131 93.15 5.86 -8.47
C GLN K 1131 92.70 4.95 -9.60
N ASN K 1132 93.02 5.36 -10.83
CA ASN K 1132 92.65 4.72 -12.11
C ASN K 1132 91.20 4.23 -12.11
N ARG K 1133 90.29 5.18 -11.93
CA ARG K 1133 88.88 4.87 -11.76
C ARG K 1133 88.27 4.33 -13.04
N SER K 1134 87.26 3.47 -12.86
CA SER K 1134 86.55 2.85 -13.97
C SER K 1134 85.06 3.15 -13.98
N ILE K 1135 84.46 3.43 -12.82
CA ILE K 1135 83.05 3.79 -12.74
C ILE K 1135 82.99 5.32 -12.73
N PHE K 1136 82.26 5.88 -13.68
CA PHE K 1136 82.16 7.33 -13.85
C PHE K 1136 80.70 7.75 -13.67
N ASN K 1137 80.50 8.81 -12.90
CA ASN K 1137 79.16 9.27 -12.54
C ASN K 1137 78.86 10.56 -13.27
N LEU K 1138 77.68 10.63 -13.89
CA LEU K 1138 77.17 11.86 -14.48
C LEU K 1138 75.96 12.29 -13.68
N PHE K 1139 76.04 13.46 -13.07
CA PHE K 1139 74.92 14.08 -12.38
C PHE K 1139 74.25 15.05 -13.32
N ALA K 1140 72.93 14.98 -13.41
CA ALA K 1140 72.24 15.72 -14.45
C ALA K 1140 70.85 16.13 -13.96
N ASN K 1141 70.31 17.14 -14.62
CA ASN K 1141 68.92 17.52 -14.42
C ASN K 1141 68.06 16.73 -15.40
N THR K 1142 66.81 17.16 -15.59
CA THR K 1142 65.92 16.47 -16.50
C THR K 1142 66.35 16.59 -17.97
N ASN K 1143 67.10 17.63 -18.33
CA ASN K 1143 67.43 17.85 -19.73
C ASN K 1143 68.42 16.83 -20.25
N ILE K 1144 69.55 16.66 -19.55
CA ILE K 1144 70.53 15.67 -19.97
C ILE K 1144 69.99 14.26 -19.79
N TYR K 1145 69.15 14.04 -18.78
CA TYR K 1145 68.53 12.73 -18.61
C TYR K 1145 67.62 12.38 -19.77
N ILE K 1146 66.79 13.32 -20.21
CA ILE K 1146 65.88 13.05 -21.33
C ILE K 1146 66.65 12.89 -22.63
N PHE K 1147 67.73 13.68 -22.79
CA PHE K 1147 68.60 13.51 -23.96
C PHE K 1147 69.24 12.13 -23.99
N PHE K 1148 69.76 11.67 -22.84
CA PHE K 1148 70.35 10.35 -22.75
C PHE K 1148 69.31 9.25 -22.93
N ARG K 1149 68.08 9.47 -22.45
CA ARG K 1149 67.02 8.49 -22.65
C ARG K 1149 66.66 8.36 -24.12
N HIS K 1150 66.62 9.48 -24.83
CA HIS K 1150 66.38 9.41 -26.28
C HIS K 1150 67.52 8.69 -26.99
N TRP K 1151 68.76 8.92 -26.56
CA TRP K 1151 69.88 8.20 -27.14
C TRP K 1151 69.77 6.69 -26.90
N THR K 1152 69.42 6.29 -25.68
CA THR K 1152 69.25 4.87 -25.38
C THR K 1152 68.06 4.27 -26.12
N THR K 1153 67.00 5.07 -26.33
CA THR K 1153 65.85 4.60 -27.10
C THR K 1153 66.24 4.29 -28.53
N ILE K 1154 66.98 5.20 -29.18
CA ILE K 1154 67.45 4.95 -30.54
C ILE K 1154 68.38 3.75 -30.57
N TYR K 1155 69.25 3.63 -29.56
CA TYR K 1155 70.25 2.57 -29.65
C TYR K 1155 69.60 1.22 -29.42
N GLU K 1156 68.59 1.16 -28.53
CA GLU K 1156 67.86 -0.08 -28.32
C GLU K 1156 67.06 -0.47 -29.55
N ARG K 1157 66.42 0.51 -30.20
CA ARG K 1157 65.67 0.22 -31.41
C ARG K 1157 66.58 -0.30 -32.53
N LEU K 1158 67.77 0.28 -32.66
CA LEU K 1158 68.70 -0.19 -33.67
C LEU K 1158 69.38 -1.50 -33.27
N LEU K 1159 69.55 -1.73 -31.97
CA LEU K 1159 70.18 -2.96 -31.50
C LEU K 1159 69.26 -4.16 -31.66
N GLU K 1160 67.94 -3.94 -31.55
CA GLU K 1160 66.99 -5.01 -31.87
C GLU K 1160 67.10 -5.41 -33.34
N ILE K 1161 67.32 -4.44 -34.22
CA ILE K 1161 67.49 -4.73 -35.65
C ILE K 1161 68.82 -5.43 -35.90
N LYS K 1162 69.90 -4.95 -35.28
CA LYS K 1162 71.23 -5.49 -35.57
C LYS K 1162 71.45 -6.86 -34.95
N GLN K 1163 70.83 -7.13 -33.79
CA GLN K 1163 71.02 -8.43 -33.15
C GLN K 1163 70.36 -9.56 -33.92
N MET K 1164 69.37 -9.25 -34.76
CA MET K 1164 68.73 -10.22 -35.61
C MET K 1164 69.06 -10.01 -37.09
N ASN K 1165 70.07 -9.18 -37.36
CA ASN K 1165 70.40 -8.78 -38.73
C ASN K 1165 70.86 -9.96 -39.58
N GLU K 1166 71.66 -10.88 -39.00
CA GLU K 1166 72.18 -11.98 -39.78
C GLU K 1166 71.09 -12.97 -40.19
N ARG K 1167 70.14 -13.26 -39.30
CA ARG K 1167 69.11 -14.24 -39.65
C ARG K 1167 68.11 -13.65 -40.65
N VAL K 1168 67.76 -12.37 -40.50
CA VAL K 1168 66.85 -11.77 -41.47
C VAL K 1168 67.56 -11.58 -42.81
N THR K 1169 68.87 -11.31 -42.80
CA THR K 1169 69.62 -11.23 -44.06
C THR K 1169 69.66 -12.59 -44.76
N LYS K 1170 69.91 -13.67 -43.99
CA LYS K 1170 69.92 -15.01 -44.57
C LYS K 1170 68.54 -15.43 -45.04
N GLU K 1171 67.48 -14.93 -44.38
CA GLU K 1171 66.13 -15.27 -44.79
C GLU K 1171 65.76 -14.54 -46.07
N ILE K 1172 66.12 -13.27 -46.20
CA ILE K 1172 65.80 -12.49 -47.38
C ILE K 1172 66.62 -12.96 -48.58
N ASN K 1173 67.91 -13.24 -48.37
CA ASN K 1173 68.76 -13.70 -49.45
C ASN K 1173 68.34 -15.08 -49.95
N THR K 1174 67.99 -15.98 -49.04
CA THR K 1174 67.51 -17.31 -49.41
C THR K 1174 65.98 -17.35 -49.42
N ARG K 1175 65.40 -16.50 -50.27
CA ARG K 1175 63.96 -16.44 -50.46
C ARG K 1175 63.64 -17.11 -51.79
N SER K 1176 63.35 -18.41 -51.72
CA SER K 1176 63.04 -19.20 -52.90
C SER K 1176 61.56 -19.07 -53.21
N THR K 1177 61.23 -18.26 -54.23
CA THR K 1177 59.84 -18.07 -54.61
C THR K 1177 59.29 -19.33 -55.28
N VAL K 1178 57.98 -19.52 -55.17
CA VAL K 1178 57.35 -20.70 -55.76
C VAL K 1178 57.20 -20.50 -57.26
N THR K 1179 57.13 -21.63 -57.98
CA THR K 1179 57.25 -21.60 -59.43
C THR K 1179 56.01 -21.07 -60.11
N PHE K 1180 54.81 -21.50 -59.67
CA PHE K 1180 53.59 -21.11 -60.36
C PHE K 1180 53.28 -19.63 -60.18
N ALA K 1181 53.81 -19.01 -59.13
CA ALA K 1181 53.65 -17.57 -58.98
C ALA K 1181 54.56 -16.81 -59.94
N LYS K 1182 55.75 -17.36 -60.21
CA LYS K 1182 56.63 -16.74 -61.19
C LYS K 1182 56.11 -16.92 -62.61
N ASP K 1183 55.56 -18.09 -62.93
CA ASP K 1183 55.02 -18.30 -64.27
C ASP K 1183 53.74 -17.51 -64.51
N LEU K 1184 52.95 -17.27 -63.47
CA LEU K 1184 51.69 -16.56 -63.59
C LEU K 1184 51.72 -15.19 -62.92
N ASP K 1185 52.92 -14.60 -62.80
CA ASP K 1185 53.27 -13.27 -62.30
C ASP K 1185 52.41 -12.77 -61.14
N LEU K 1186 52.12 -13.66 -60.19
CA LEU K 1186 51.26 -13.35 -59.05
C LEU K 1186 51.96 -12.55 -57.97
N LEU K 1187 53.29 -12.45 -58.00
CA LEU K 1187 54.01 -11.75 -56.95
C LEU K 1187 53.83 -10.24 -57.12
N SER K 1188 54.23 -9.50 -56.07
CA SER K 1188 54.16 -8.05 -56.09
C SER K 1188 55.20 -7.51 -57.07
N SER K 1189 54.74 -6.76 -58.07
CA SER K 1189 55.64 -6.22 -59.08
C SER K 1189 56.56 -5.16 -58.48
N GLN K 1190 56.02 -4.25 -57.68
CA GLN K 1190 56.83 -3.21 -57.07
C GLN K 1190 57.41 -3.72 -55.74
N LEU K 1191 57.99 -2.79 -54.98
CA LEU K 1191 58.99 -2.96 -53.92
C LEU K 1191 60.32 -3.45 -54.47
N SER K 1192 60.44 -3.67 -55.78
CA SER K 1192 61.68 -3.94 -56.47
C SER K 1192 62.03 -2.87 -57.49
N GLU K 1193 61.04 -2.24 -58.12
CA GLU K 1193 61.32 -1.14 -59.02
C GLU K 1193 61.87 0.07 -58.28
N MET K 1194 61.35 0.35 -57.10
CA MET K 1194 61.87 1.42 -56.26
C MET K 1194 62.98 0.96 -55.32
N GLY K 1195 63.40 -0.30 -55.43
CA GLY K 1195 64.50 -0.82 -54.63
C GLY K 1195 64.22 -0.90 -53.15
N LEU K 1196 63.05 -1.40 -52.77
CA LEU K 1196 62.67 -1.45 -51.37
C LEU K 1196 62.94 -2.79 -50.71
N ASP K 1197 63.02 -3.88 -51.49
CA ASP K 1197 63.38 -5.16 -50.92
C ASP K 1197 64.85 -5.17 -50.53
N PHE K 1198 65.21 -6.12 -49.68
CA PHE K 1198 66.52 -6.14 -49.03
C PHE K 1198 67.43 -7.20 -49.64
N VAL K 1199 67.20 -7.57 -50.90
CA VAL K 1199 67.94 -8.64 -51.55
C VAL K 1199 69.25 -8.07 -52.11
N GLY K 1200 70.35 -8.76 -51.83
CA GLY K 1200 71.65 -8.35 -52.30
C GLY K 1200 72.41 -7.42 -51.40
N GLU K 1201 71.78 -6.91 -50.34
CA GLU K 1201 72.42 -6.01 -49.41
C GLU K 1201 72.26 -6.54 -47.99
N ASP K 1202 73.13 -6.07 -47.10
CA ASP K 1202 72.96 -6.35 -45.68
C ASP K 1202 71.70 -5.67 -45.17
N ALA K 1203 70.96 -6.38 -44.31
CA ALA K 1203 69.65 -5.89 -43.89
C ALA K 1203 69.76 -4.66 -43.00
N TYR K 1204 70.70 -4.66 -42.06
CA TYR K 1204 70.84 -3.53 -41.15
C TYR K 1204 71.39 -2.29 -41.86
N LYS K 1205 72.33 -2.49 -42.78
CA LYS K 1205 72.84 -1.36 -43.56
C LYS K 1205 71.78 -0.79 -44.48
N GLN K 1206 70.93 -1.66 -45.05
CA GLN K 1206 69.82 -1.18 -45.85
C GLN K 1206 68.79 -0.44 -45.00
N VAL K 1207 68.59 -0.88 -43.75
CA VAL K 1207 67.72 -0.15 -42.82
C VAL K 1207 68.29 1.24 -42.58
N LEU K 1208 69.60 1.34 -42.37
CA LEU K 1208 70.23 2.64 -42.15
C LEU K 1208 70.10 3.54 -43.37
N ARG K 1209 70.31 3.00 -44.57
CA ARG K 1209 70.18 3.79 -45.79
C ARG K 1209 68.74 4.24 -46.02
N LEU K 1210 67.78 3.35 -45.79
CA LEU K 1210 66.37 3.69 -45.94
C LEU K 1210 65.94 4.76 -44.94
N SER K 1211 66.43 4.65 -43.70
CA SER K 1211 66.10 5.67 -42.69
C SER K 1211 66.76 7.00 -43.01
N ARG K 1212 67.98 6.98 -43.57
CA ARG K 1212 68.61 8.21 -44.02
C ARG K 1212 67.81 8.87 -45.14
N ARG K 1213 67.32 8.05 -46.09
CA ARG K 1213 66.49 8.58 -47.16
C ARG K 1213 65.18 9.15 -46.62
N LEU K 1214 64.58 8.47 -45.63
CA LEU K 1214 63.36 8.95 -45.02
C LEU K 1214 63.58 10.27 -44.29
N ILE K 1215 64.71 10.41 -43.60
CA ILE K 1215 65.06 11.66 -42.94
C ILE K 1215 65.25 12.77 -43.98
N ASN K 1216 65.94 12.46 -45.07
CA ASN K 1216 66.20 13.44 -46.13
C ASN K 1216 64.95 13.85 -46.89
N GLY K 1217 63.84 13.10 -46.77
CA GLY K 1217 62.59 13.48 -47.37
C GLY K 1217 62.34 12.93 -48.76
N ASP K 1218 63.30 12.22 -49.35
CA ASP K 1218 63.10 11.64 -50.68
C ASP K 1218 62.33 10.32 -50.64
N LEU K 1219 62.02 9.82 -49.45
CA LEU K 1219 61.32 8.55 -49.27
C LEU K 1219 60.04 8.79 -48.48
N GLU K 1220 58.93 8.25 -48.97
CA GLU K 1220 57.67 8.39 -48.26
C GLU K 1220 57.64 7.53 -47.00
N HIS K 1221 56.83 7.95 -46.04
CA HIS K 1221 56.70 7.20 -44.79
C HIS K 1221 56.07 5.84 -45.02
N GLN K 1222 55.03 5.78 -45.87
CA GLN K 1222 54.32 4.52 -46.10
C GLN K 1222 55.20 3.50 -46.79
N TRP K 1223 56.03 3.94 -47.74
CA TRP K 1223 56.89 3.00 -48.45
C TRP K 1223 58.03 2.51 -47.55
N PHE K 1224 58.54 3.38 -46.69
CA PHE K 1224 59.54 2.96 -45.71
C PHE K 1224 58.97 1.93 -44.75
N GLU K 1225 57.74 2.18 -44.25
CA GLU K 1225 57.10 1.22 -43.35
C GLU K 1225 56.81 -0.09 -44.05
N GLU K 1226 56.35 -0.03 -45.31
CA GLU K 1226 56.05 -1.25 -46.07
C GLU K 1226 57.31 -2.07 -46.33
N SER K 1227 58.41 -1.40 -46.67
CA SER K 1227 59.67 -2.09 -46.88
C SER K 1227 60.15 -2.75 -45.60
N LEU K 1228 60.06 -2.03 -44.47
CA LEU K 1228 60.48 -2.61 -43.19
C LEU K 1228 59.63 -3.80 -42.80
N ARG K 1229 58.34 -3.70 -43.02
CA ARG K 1229 57.44 -4.75 -42.61
C ARG K 1229 57.57 -5.95 -43.47
N GLN K 1230 57.82 -5.75 -44.75
CA GLN K 1230 58.01 -6.89 -45.65
C GLN K 1230 59.36 -7.56 -45.43
N ALA K 1231 60.41 -6.78 -45.15
CA ALA K 1231 61.73 -7.38 -44.97
C ALA K 1231 61.85 -8.09 -43.63
N TYR K 1232 61.32 -7.51 -42.56
CA TYR K 1232 61.55 -8.02 -41.22
C TYR K 1232 60.36 -8.79 -40.65
N ASN K 1233 59.31 -9.01 -41.46
CA ASN K 1233 58.07 -9.64 -41.02
C ASN K 1233 57.48 -8.92 -39.81
N ASN K 1234 57.35 -7.61 -39.94
CA ASN K 1234 56.77 -6.68 -38.96
C ASN K 1234 57.53 -6.66 -37.65
N LYS K 1235 58.76 -7.14 -37.60
CA LYS K 1235 59.57 -7.05 -36.39
C LYS K 1235 60.36 -5.76 -36.31
N ALA K 1236 60.33 -4.94 -37.36
CA ALA K 1236 60.99 -3.64 -37.38
C ALA K 1236 59.98 -2.50 -37.31
N PHE K 1237 58.90 -2.71 -36.56
CA PHE K 1237 57.88 -1.67 -36.43
C PHE K 1237 58.35 -0.51 -35.57
N LYS K 1238 59.30 -0.74 -34.67
CA LYS K 1238 59.80 0.32 -33.79
C LYS K 1238 60.70 1.30 -34.51
N LEU K 1239 61.08 1.01 -35.74
CA LEU K 1239 61.89 1.89 -36.57
C LEU K 1239 61.04 2.79 -37.46
N TYR K 1240 59.71 2.77 -37.29
CA TYR K 1240 58.84 3.56 -38.16
C TYR K 1240 58.97 5.05 -37.88
N THR K 1241 59.38 5.42 -36.67
CA THR K 1241 59.49 6.81 -36.27
C THR K 1241 60.93 7.20 -36.00
N ILE K 1242 61.87 6.65 -36.78
CA ILE K 1242 63.29 6.92 -36.54
C ILE K 1242 63.62 8.38 -36.81
N ASP K 1243 62.98 8.97 -37.82
CA ASP K 1243 63.21 10.38 -38.13
C ASP K 1243 62.72 11.29 -37.00
N LYS K 1244 61.55 10.99 -36.44
CA LYS K 1244 60.99 11.80 -35.38
C LYS K 1244 61.78 11.67 -34.09
N VAL K 1245 62.24 10.46 -33.76
CA VAL K 1245 63.00 10.28 -32.53
C VAL K 1245 64.39 10.91 -32.66
N THR K 1246 65.01 10.80 -33.85
CA THR K 1246 66.28 11.49 -34.05
C THR K 1246 66.11 13.01 -34.03
N GLN K 1247 64.98 13.52 -34.55
CA GLN K 1247 64.68 14.93 -34.47
C GLN K 1247 64.51 15.38 -33.02
N SER K 1248 63.83 14.57 -32.21
CA SER K 1248 63.64 14.90 -30.80
C SER K 1248 64.96 14.85 -30.03
N LEU K 1249 65.83 13.90 -30.37
CA LEU K 1249 67.16 13.85 -29.77
C LEU K 1249 67.99 15.08 -30.14
N VAL K 1250 67.88 15.50 -31.41
CA VAL K 1250 68.56 16.70 -31.88
C VAL K 1250 68.05 17.94 -31.15
N LYS K 1251 66.73 18.04 -30.99
CA LYS K 1251 66.13 19.17 -30.27
C LYS K 1251 66.55 19.17 -28.81
N HIS K 1252 66.61 17.99 -28.20
CA HIS K 1252 67.03 17.90 -26.79
C HIS K 1252 68.49 18.30 -26.62
N ALA K 1253 69.35 17.95 -27.58
CA ALA K 1253 70.73 18.42 -27.55
C ALA K 1253 70.81 19.94 -27.73
N HIS K 1254 69.97 20.48 -28.61
CA HIS K 1254 69.98 21.92 -28.87
C HIS K 1254 69.58 22.71 -27.63
N THR K 1255 68.48 22.33 -26.99
CA THR K 1255 68.15 22.94 -25.70
C THR K 1255 69.06 22.46 -24.58
N LEU K 1256 69.90 21.45 -24.82
CA LEU K 1256 70.87 21.05 -23.80
C LEU K 1256 72.04 22.01 -23.75
N MET K 1257 72.50 22.54 -24.89
CA MET K 1257 73.59 23.51 -24.73
C MET K 1257 73.09 24.93 -24.50
N THR K 1258 71.90 25.26 -25.00
CA THR K 1258 71.43 26.64 -25.05
C THR K 1258 70.47 26.99 -23.91
N ASP K 1259 70.62 26.34 -22.77
CA ASP K 1259 69.79 26.63 -21.62
C ASP K 1259 70.68 27.00 -20.44
N ALA K 1260 70.30 28.08 -19.76
CA ALA K 1260 70.94 28.44 -18.51
C ALA K 1260 70.67 27.37 -17.45
N LYS K 1261 71.63 27.23 -16.53
CA LYS K 1261 71.64 26.19 -15.49
C LYS K 1261 71.61 24.78 -16.07
N THR K 1262 72.02 24.61 -17.33
CA THR K 1262 72.08 23.30 -17.95
C THR K 1262 73.43 22.99 -18.58
N ALA K 1263 74.06 23.96 -19.24
CA ALA K 1263 75.32 23.69 -19.92
C ALA K 1263 76.49 23.61 -18.94
N GLU K 1264 76.40 24.33 -17.82
CA GLU K 1264 77.46 24.24 -16.82
C GLU K 1264 77.45 22.91 -16.10
N ILE K 1265 76.29 22.23 -16.03
CA ILE K 1265 76.27 20.86 -15.53
C ILE K 1265 77.09 19.95 -16.44
N MET K 1266 76.94 20.10 -17.76
CA MET K 1266 77.76 19.31 -18.66
C MET K 1266 79.22 19.74 -18.62
N ALA K 1267 79.50 21.01 -18.34
CA ALA K 1267 80.88 21.43 -18.14
C ALA K 1267 81.49 20.77 -16.91
N LEU K 1268 80.70 20.66 -15.83
CA LEU K 1268 81.16 19.95 -14.64
C LEU K 1268 81.37 18.48 -14.93
N PHE K 1269 80.51 17.89 -15.77
CA PHE K 1269 80.73 16.53 -16.23
C PHE K 1269 82.02 16.40 -17.03
N VAL K 1270 82.34 17.41 -17.84
CA VAL K 1270 83.58 17.42 -18.60
C VAL K 1270 84.78 17.45 -17.66
N LYS K 1271 84.73 18.31 -16.64
CA LYS K 1271 85.83 18.37 -15.67
C LYS K 1271 85.94 17.09 -14.86
N ASP K 1272 84.82 16.44 -14.54
CA ASP K 1272 84.89 15.21 -13.77
C ASP K 1272 85.43 14.05 -14.60
N ARG K 1273 85.03 13.98 -15.88
CA ARG K 1273 85.47 12.88 -16.73
C ARG K 1273 86.92 13.04 -17.16
N ASN K 1274 87.32 14.26 -17.52
CA ASN K 1274 88.68 14.50 -17.99
C ASN K 1274 89.70 14.32 -16.87
N ALA K 1275 89.38 14.78 -15.67
CA ALA K 1275 90.28 14.65 -14.53
C ALA K 1275 89.92 13.37 -13.79
N SER K 1276 90.70 12.32 -14.02
CA SER K 1276 90.50 11.03 -13.37
C SER K 1276 91.24 11.00 -12.03
N THR K 1277 91.34 9.81 -11.44
CA THR K 1277 91.95 9.56 -10.13
C THR K 1277 91.37 10.47 -9.06
N THR K 1278 90.06 10.36 -8.85
CA THR K 1278 89.34 11.17 -7.88
C THR K 1278 88.86 10.30 -6.73
N SER K 1279 88.89 10.86 -5.53
CA SER K 1279 88.41 10.18 -4.33
C SER K 1279 86.90 10.41 -4.18
N ALA K 1280 86.37 10.00 -3.03
CA ALA K 1280 84.93 10.14 -2.80
C ALA K 1280 84.54 11.60 -2.57
N LYS K 1281 85.33 12.33 -1.77
CA LYS K 1281 85.00 13.71 -1.40
C LYS K 1281 84.85 14.61 -2.62
N ASP K 1282 85.65 14.34 -3.65
CA ASP K 1282 85.45 15.01 -4.94
C ASP K 1282 84.07 14.70 -5.53
N GLN K 1283 83.59 13.46 -5.35
CA GLN K 1283 82.28 13.10 -5.89
C GLN K 1283 81.16 13.82 -5.15
N ILE K 1284 81.23 13.91 -3.81
CA ILE K 1284 80.15 14.66 -3.14
C ILE K 1284 80.23 16.15 -3.47
N ILE K 1285 81.43 16.75 -3.52
CA ILE K 1285 81.45 18.20 -3.78
C ILE K 1285 81.01 18.47 -5.22
N TYR K 1286 81.31 17.55 -6.15
CA TYR K 1286 80.77 17.64 -7.50
C TYR K 1286 79.25 17.53 -7.50
N ARG K 1287 78.70 16.66 -6.63
CA ARG K 1287 77.25 16.54 -6.53
C ARG K 1287 76.59 17.82 -6.03
N LEU K 1288 77.11 18.43 -4.94
CA LEU K 1288 76.45 19.66 -4.48
C LEU K 1288 76.74 20.83 -5.41
N GLN K 1289 77.86 20.80 -6.14
CA GLN K 1289 78.13 21.88 -7.09
C GLN K 1289 77.20 21.78 -8.28
N VAL K 1290 76.84 20.57 -8.71
CA VAL K 1290 75.80 20.39 -9.71
C VAL K 1290 74.46 20.85 -9.16
N ARG K 1291 74.16 20.50 -7.91
CA ARG K 1291 72.88 20.85 -7.29
C ARG K 1291 72.70 22.36 -7.18
N SER K 1292 73.78 23.08 -6.85
CA SER K 1292 73.69 24.53 -6.67
C SER K 1292 73.46 25.28 -7.98
N HIS K 1293 73.66 24.63 -9.13
CA HIS K 1293 73.48 25.31 -10.40
C HIS K 1293 72.01 25.50 -10.73
N MET K 1294 71.18 24.53 -10.40
CA MET K 1294 69.77 24.54 -10.77
C MET K 1294 68.88 24.81 -9.55
N SER K 1295 67.58 24.72 -9.77
CA SER K 1295 66.60 25.02 -8.73
C SER K 1295 66.59 23.94 -7.65
N ASN K 1296 65.98 24.28 -6.53
CA ASN K 1296 65.87 23.36 -5.40
C ASN K 1296 64.74 22.35 -5.56
N THR K 1297 63.88 22.51 -6.56
CA THR K 1297 62.77 21.60 -6.79
C THR K 1297 62.98 20.71 -8.01
N GLU K 1298 64.15 20.80 -8.65
CA GLU K 1298 64.42 20.01 -9.85
C GLU K 1298 64.83 18.59 -9.47
N ASN K 1299 64.96 17.73 -10.47
CA ASN K 1299 65.28 16.33 -10.28
C ASN K 1299 66.72 16.05 -10.69
N MET K 1300 67.44 15.32 -9.85
CA MET K 1300 68.77 14.83 -10.16
C MET K 1300 68.73 13.40 -10.66
N PHE K 1301 69.71 13.06 -11.50
CA PHE K 1301 69.84 11.71 -12.06
C PHE K 1301 71.31 11.34 -12.02
N ARG K 1302 71.60 10.15 -11.49
CA ARG K 1302 72.97 9.66 -11.40
C ARG K 1302 73.17 8.62 -12.50
N ILE K 1303 73.74 9.05 -13.62
CA ILE K 1303 73.94 8.16 -14.78
C ILE K 1303 75.34 7.59 -14.65
N GLU K 1304 75.43 6.40 -14.07
CA GLU K 1304 76.71 5.75 -13.84
C GLU K 1304 77.16 5.01 -15.09
N PHE K 1305 78.42 5.20 -15.47
CA PHE K 1305 79.02 4.50 -16.59
C PHE K 1305 80.23 3.71 -16.12
N ASP K 1306 80.37 2.50 -16.67
CA ASP K 1306 81.50 1.65 -16.33
C ASP K 1306 82.21 1.30 -17.61
N LYS K 1307 83.46 1.70 -17.71
CA LYS K 1307 84.21 1.47 -18.91
C LYS K 1307 84.15 0.02 -19.26
N ARG K 1308 84.55 -0.84 -18.37
CA ARG K 1308 84.38 -2.22 -18.67
C ARG K 1308 82.90 -2.42 -18.83
N THR K 1309 82.44 -2.93 -19.97
CA THR K 1309 81.03 -3.26 -20.17
C THR K 1309 80.06 -2.13 -20.52
N LEU K 1310 80.54 -0.91 -20.65
CA LEU K 1310 79.63 0.13 -21.08
C LEU K 1310 78.24 -0.09 -20.51
N HIS K 1311 78.10 -0.12 -19.19
CA HIS K 1311 76.81 -0.38 -18.57
C HIS K 1311 76.32 0.85 -17.88
N VAL K 1312 75.30 1.49 -18.44
CA VAL K 1312 74.87 2.74 -17.88
C VAL K 1312 73.73 2.58 -16.90
N SER K 1313 74.04 2.61 -15.61
CA SER K 1313 73.03 2.57 -14.57
C SER K 1313 72.56 3.99 -14.25
N ILE K 1314 71.27 4.22 -14.34
CA ILE K 1314 70.66 5.52 -14.06
C ILE K 1314 69.86 5.40 -12.77
N GLN K 1315 70.06 6.32 -11.84
CA GLN K 1315 69.46 6.27 -10.53
C GLN K 1315 68.70 7.56 -10.25
N TYR K 1316 67.56 7.44 -9.58
CA TYR K 1316 66.66 8.55 -9.34
C TYR K 1316 66.89 9.08 -7.93
N ILE K 1317 67.53 10.25 -7.83
CA ILE K 1317 67.80 10.88 -6.54
C ILE K 1317 67.14 12.26 -6.48
N ALA K 1318 65.99 12.40 -7.14
CA ALA K 1318 65.22 13.63 -7.13
C ALA K 1318 64.81 14.03 -5.72
N LEU K 1319 65.35 15.18 -5.26
CA LEU K 1319 65.10 15.73 -3.93
C LEU K 1319 65.46 14.73 -2.83
N ASP K 1320 66.55 14.00 -3.03
CA ASP K 1320 67.02 13.02 -2.05
C ASP K 1320 68.28 13.46 -1.31
N ASP K 1321 69.19 14.13 -2.00
CA ASP K 1321 70.43 14.61 -1.40
C ASP K 1321 70.26 15.96 -0.70
N LEU K 1322 69.07 16.55 -0.76
CA LEU K 1322 68.83 17.85 -0.16
C LEU K 1322 68.77 17.76 1.36
N MET L 1 57.22 -21.91 -9.86
CA MET L 1 58.38 -22.63 -10.34
C MET L 1 57.97 -23.78 -11.26
N VAL L 2 56.87 -23.59 -11.98
CA VAL L 2 56.34 -24.58 -12.90
C VAL L 2 56.53 -24.16 -14.35
N TYR L 3 56.17 -22.92 -14.67
CA TYR L 3 56.34 -22.40 -16.03
C TYR L 3 57.80 -22.08 -16.29
N GLU L 4 58.30 -22.53 -17.45
CA GLU L 4 59.66 -22.25 -17.88
C GLU L 4 59.60 -21.57 -19.24
N ALA L 5 60.28 -20.44 -19.36
CA ALA L 5 60.33 -19.70 -20.62
C ALA L 5 61.34 -20.40 -21.54
N THR L 6 60.85 -21.06 -22.58
CA THR L 6 61.67 -21.83 -23.48
C THR L 6 61.41 -21.35 -24.90
N PRO L 7 62.45 -21.11 -25.70
CA PRO L 7 62.24 -20.74 -27.10
C PRO L 7 61.65 -21.89 -27.89
N PHE L 8 60.92 -21.53 -28.95
CA PHE L 8 60.21 -22.50 -29.76
C PHE L 8 61.20 -23.33 -30.57
N ASP L 9 61.32 -24.61 -30.22
CA ASP L 9 62.18 -25.51 -30.96
C ASP L 9 61.57 -25.81 -32.33
N PRO L 10 62.40 -26.08 -33.35
CA PRO L 10 61.85 -26.47 -34.65
C PRO L 10 61.13 -27.80 -34.58
N ILE L 11 60.13 -27.96 -35.44
CA ILE L 11 59.31 -29.16 -35.46
C ILE L 11 60.09 -30.30 -36.11
N THR L 12 60.26 -31.39 -35.38
CA THR L 12 60.96 -32.57 -35.89
C THR L 12 60.06 -33.78 -35.69
N VAL L 13 59.93 -34.59 -36.75
CA VAL L 13 59.12 -35.79 -36.65
C VAL L 13 59.91 -36.91 -35.99
N LYS L 14 59.19 -37.93 -35.53
CA LYS L 14 59.81 -39.10 -34.93
C LYS L 14 59.74 -40.26 -35.91
N PRO L 15 60.86 -40.73 -36.45
CA PRO L 15 60.80 -41.85 -37.41
C PRO L 15 60.42 -43.17 -36.78
N SER L 16 60.51 -43.29 -35.45
CA SER L 16 60.12 -44.51 -34.75
C SER L 16 58.66 -44.47 -34.32
N ASP L 17 57.88 -43.51 -34.81
CA ASP L 17 56.48 -43.34 -34.46
C ASP L 17 55.62 -43.28 -35.71
N LYS L 18 55.84 -44.22 -36.62
CA LYS L 18 55.03 -44.31 -37.82
C LYS L 18 53.62 -44.76 -37.47
N ARG L 19 52.63 -44.01 -37.95
CA ARG L 19 51.23 -44.27 -37.65
C ARG L 19 50.46 -44.48 -38.94
N ARG L 20 49.57 -45.47 -38.94
CA ARG L 20 48.61 -45.64 -40.02
C ARG L 20 47.58 -44.52 -39.91
N VAL L 21 47.52 -43.67 -40.93
CA VAL L 21 46.67 -42.49 -40.90
C VAL L 21 45.45 -42.73 -41.77
N ALA L 22 44.27 -42.51 -41.20
CA ALA L 22 43.01 -42.58 -41.93
C ALA L 22 42.48 -41.17 -42.11
N TYR L 23 42.15 -40.81 -43.35
CA TYR L 23 41.64 -39.49 -43.68
C TYR L 23 40.16 -39.61 -44.05
N PHE L 24 39.33 -38.80 -43.44
CA PHE L 24 37.89 -38.82 -43.69
C PHE L 24 37.49 -37.51 -44.35
N TYR L 25 37.13 -37.60 -45.61
CA TYR L 25 36.70 -36.43 -46.34
C TYR L 25 35.55 -36.78 -47.25
N ASP L 26 34.47 -36.00 -47.20
CA ASP L 26 33.36 -36.19 -48.10
C ASP L 26 33.35 -35.01 -49.00
N ALA L 27 33.47 -35.23 -50.30
CA ALA L 27 33.58 -34.14 -51.23
C ALA L 27 32.46 -33.13 -51.16
N ASP L 28 31.41 -33.47 -50.45
CA ASP L 28 30.27 -32.58 -50.41
C ASP L 28 30.37 -31.56 -49.32
N VAL L 29 31.14 -31.83 -48.29
CA VAL L 29 31.17 -30.92 -47.15
C VAL L 29 31.31 -29.48 -47.58
N GLY L 30 32.15 -29.21 -48.55
CA GLY L 30 32.40 -27.83 -48.92
C GLY L 30 31.31 -27.13 -49.65
N ASN L 31 30.36 -27.87 -50.17
CA ASN L 31 29.33 -27.23 -50.99
C ASN L 31 28.24 -26.71 -50.10
N TYR L 32 28.56 -26.51 -48.83
CA TYR L 32 27.60 -25.99 -47.89
C TYR L 32 28.14 -24.69 -47.36
N ALA L 33 27.29 -23.68 -47.21
CA ALA L 33 27.72 -22.38 -46.74
C ALA L 33 26.76 -21.80 -45.75
N TYR L 34 27.26 -21.40 -44.60
CA TYR L 34 26.40 -20.87 -43.56
C TYR L 34 25.52 -19.70 -44.00
N GLY L 35 26.07 -18.73 -44.71
CA GLY L 35 25.31 -17.59 -45.15
C GLY L 35 26.10 -16.69 -46.07
N ALA L 36 25.59 -15.49 -46.32
CA ALA L 36 26.28 -14.52 -47.17
C ALA L 36 27.32 -13.72 -46.38
N GLY L 37 26.94 -13.24 -45.20
CA GLY L 37 27.83 -12.49 -44.33
C GLY L 37 28.44 -13.29 -43.20
N HIS L 38 28.51 -14.62 -43.32
CA HIS L 38 28.84 -15.44 -42.16
C HIS L 38 30.32 -15.79 -42.15
N PRO L 39 30.95 -15.83 -40.97
CA PRO L 39 32.38 -16.16 -40.93
C PRO L 39 32.69 -17.64 -41.10
N MET L 40 31.86 -18.53 -40.57
CA MET L 40 32.13 -19.96 -40.70
C MET L 40 31.88 -20.42 -42.12
N LYS L 41 32.87 -21.09 -42.71
CA LYS L 41 32.81 -21.53 -44.09
C LYS L 41 33.26 -22.99 -44.17
N PRO L 42 32.38 -23.92 -44.55
CA PRO L 42 32.82 -25.30 -44.78
C PRO L 42 33.70 -25.46 -46.01
N HIS L 43 33.81 -24.39 -46.81
CA HIS L 43 34.69 -24.36 -47.97
C HIS L 43 36.16 -24.42 -47.59
N ARG L 44 36.50 -24.32 -46.33
CA ARG L 44 37.88 -24.34 -45.89
C ARG L 44 38.33 -25.72 -45.77
N ILE L 45 37.39 -26.61 -45.82
CA ILE L 45 37.70 -28.02 -45.64
C ILE L 45 38.31 -28.57 -46.92
N ARG L 46 37.73 -28.20 -48.06
CA ARG L 46 38.16 -28.74 -49.34
C ARG L 46 39.36 -28.03 -49.92
N MET L 47 39.63 -26.77 -49.54
CA MET L 47 40.92 -26.21 -49.91
C MET L 47 42.04 -26.75 -49.03
N ALA L 48 41.71 -27.13 -47.79
CA ALA L 48 42.66 -27.90 -47.00
C ALA L 48 42.90 -29.26 -47.63
N HIS L 49 41.84 -29.91 -48.10
CA HIS L 49 41.95 -31.22 -48.74
C HIS L 49 42.65 -31.13 -50.08
N SER L 50 42.43 -30.04 -50.83
CA SER L 50 43.13 -29.85 -52.09
C SER L 50 44.63 -29.68 -51.87
N LEU L 51 45.03 -29.18 -50.71
CA LEU L 51 46.44 -29.13 -50.36
C LEU L 51 46.98 -30.51 -49.98
N ILE L 52 46.12 -31.39 -49.46
CA ILE L 52 46.55 -32.76 -49.17
C ILE L 52 46.83 -33.53 -50.44
N MET L 53 45.93 -33.42 -51.42
CA MET L 53 46.08 -34.17 -52.67
C MET L 53 47.26 -33.65 -53.49
N ASN L 54 47.44 -32.34 -53.54
CA ASN L 54 48.47 -31.76 -54.38
C ASN L 54 49.85 -31.81 -53.74
N TYR L 55 49.95 -32.10 -52.44
CA TYR L 55 51.22 -32.38 -51.81
C TYR L 55 51.62 -33.84 -51.95
N GLY L 56 50.77 -34.65 -52.57
CA GLY L 56 51.03 -36.08 -52.67
C GLY L 56 50.99 -36.80 -51.35
N LEU L 57 50.14 -36.35 -50.42
CA LEU L 57 50.00 -36.99 -49.13
C LEU L 57 49.06 -38.17 -49.15
N TYR L 58 48.32 -38.39 -50.25
CA TYR L 58 47.41 -39.51 -50.32
C TYR L 58 48.12 -40.84 -50.50
N LYS L 59 49.41 -40.82 -50.83
CA LYS L 59 50.18 -42.05 -50.99
C LYS L 59 50.66 -42.61 -49.66
N LYS L 60 50.56 -41.85 -48.57
CA LYS L 60 50.98 -42.30 -47.25
C LYS L 60 49.81 -42.51 -46.31
N MET L 61 48.58 -42.52 -46.83
CA MET L 61 47.40 -42.58 -45.98
C MET L 61 46.23 -43.07 -46.83
N GLU L 62 45.15 -43.46 -46.13
CA GLU L 62 43.96 -43.98 -46.77
C GLU L 62 42.84 -42.96 -46.63
N ILE L 63 42.22 -42.60 -47.75
CA ILE L 63 41.14 -41.63 -47.79
C ILE L 63 39.82 -42.37 -47.75
N TYR L 64 38.96 -42.03 -46.79
CA TYR L 64 37.67 -42.66 -46.63
C TYR L 64 36.57 -41.60 -46.72
N ARG L 65 35.41 -42.02 -47.22
CA ARG L 65 34.20 -41.21 -47.17
C ARG L 65 33.26 -41.87 -46.19
N ALA L 66 33.14 -41.29 -45.00
CA ALA L 66 32.32 -41.86 -43.95
C ALA L 66 30.85 -41.80 -44.32
N LYS L 67 30.11 -42.83 -43.91
CA LYS L 67 28.67 -42.83 -44.10
C LYS L 67 28.04 -41.75 -43.24
N PRO L 68 27.18 -40.90 -43.80
CA PRO L 68 26.57 -39.84 -43.00
C PRO L 68 25.65 -40.41 -41.92
N ALA L 69 25.64 -39.71 -40.78
CA ALA L 69 24.88 -40.17 -39.63
C ALA L 69 23.39 -40.04 -39.88
N THR L 70 22.62 -41.00 -39.36
CA THR L 70 21.17 -40.94 -39.44
C THR L 70 20.65 -40.15 -38.24
N LYS L 71 19.33 -40.16 -38.03
CA LYS L 71 18.73 -39.33 -37.00
C LYS L 71 19.07 -39.84 -35.60
N GLN L 72 18.97 -41.14 -35.38
CA GLN L 72 19.11 -41.67 -34.03
C GLN L 72 20.54 -42.02 -33.66
N GLU L 73 21.48 -41.95 -34.60
CA GLU L 73 22.89 -41.96 -34.21
C GLU L 73 23.30 -40.61 -33.67
N MET L 74 22.71 -39.53 -34.18
CA MET L 74 22.92 -38.21 -33.62
C MET L 74 22.34 -38.10 -32.22
N CYS L 75 21.30 -38.87 -31.93
CA CYS L 75 20.64 -38.85 -30.63
C CYS L 75 21.40 -39.65 -29.58
N GLN L 76 22.61 -40.11 -29.88
CA GLN L 76 23.49 -40.67 -28.86
C GLN L 76 23.92 -39.62 -27.85
N PHE L 77 23.91 -38.36 -28.21
CA PHE L 77 24.18 -37.28 -27.29
C PHE L 77 23.06 -36.25 -27.25
N HIS L 78 22.48 -35.90 -28.39
CA HIS L 78 21.45 -34.88 -28.45
C HIS L 78 20.08 -35.47 -28.20
N THR L 79 19.11 -34.60 -27.92
CA THR L 79 17.75 -35.07 -27.71
C THR L 79 17.09 -35.38 -29.04
N ASP L 80 15.95 -36.09 -28.95
CA ASP L 80 15.19 -36.43 -30.15
C ASP L 80 14.60 -35.18 -30.80
N GLU L 81 14.12 -34.24 -29.98
CA GLU L 81 13.44 -33.07 -30.53
C GLU L 81 14.41 -32.14 -31.24
N TYR L 82 15.65 -32.05 -30.75
CA TYR L 82 16.63 -31.17 -31.38
C TYR L 82 17.09 -31.72 -32.72
N ILE L 83 17.34 -33.02 -32.79
CA ILE L 83 17.72 -33.64 -34.06
C ILE L 83 16.54 -33.64 -35.04
N ASP L 84 15.33 -33.82 -34.52
CA ASP L 84 14.14 -33.76 -35.36
C ASP L 84 13.94 -32.36 -35.93
N PHE L 85 14.21 -31.32 -35.13
CA PHE L 85 14.14 -29.96 -35.63
C PHE L 85 15.24 -29.69 -36.65
N LEU L 86 16.45 -30.18 -36.38
CA LEU L 86 17.58 -29.95 -37.29
C LEU L 86 17.36 -30.62 -38.63
N SER L 87 16.78 -31.83 -38.62
CA SER L 87 16.57 -32.57 -39.86
C SER L 87 15.39 -32.05 -40.67
N ARG L 88 14.58 -31.17 -40.10
CA ARG L 88 13.39 -30.69 -40.78
C ARG L 88 13.39 -29.22 -41.13
N VAL L 89 14.25 -28.45 -40.49
CA VAL L 89 14.25 -27.01 -40.70
C VAL L 89 15.00 -26.69 -41.98
N THR L 90 14.46 -25.76 -42.75
CA THR L 90 15.04 -25.21 -43.97
C THR L 90 14.87 -23.70 -43.91
N PRO L 91 15.63 -22.95 -44.72
CA PRO L 91 15.34 -21.52 -44.84
C PRO L 91 13.96 -21.19 -45.38
N ASP L 92 13.32 -22.13 -46.08
CA ASP L 92 11.96 -21.91 -46.54
C ASP L 92 10.97 -21.91 -45.39
N ASN L 93 10.90 -23.02 -44.65
CA ASN L 93 9.95 -23.12 -43.54
C ASN L 93 10.56 -22.70 -42.22
N LEU L 94 11.20 -21.53 -42.20
CA LEU L 94 11.71 -21.00 -40.94
C LEU L 94 10.61 -20.38 -40.10
N GLU L 95 9.58 -19.82 -40.74
CA GLU L 95 8.45 -19.28 -40.01
C GLU L 95 7.57 -20.36 -39.40
N MET L 96 7.65 -21.59 -39.91
CA MET L 96 6.91 -22.71 -39.33
C MET L 96 7.54 -23.20 -38.04
N PHE L 97 8.80 -22.84 -37.76
CA PHE L 97 9.48 -23.21 -36.53
C PHE L 97 10.02 -21.92 -35.90
N LYS L 98 9.19 -21.23 -35.14
CA LYS L 98 9.62 -20.04 -34.41
C LYS L 98 9.88 -20.31 -32.94
N ARG L 99 9.08 -21.18 -32.31
CA ARG L 99 9.36 -21.57 -30.94
C ARG L 99 10.63 -22.39 -30.85
N GLU L 100 10.83 -23.33 -31.80
CA GLU L 100 12.02 -24.14 -31.82
C GLU L 100 13.26 -23.34 -32.24
N SER L 101 13.07 -22.23 -32.94
CA SER L 101 14.20 -21.39 -33.33
C SER L 101 14.86 -20.77 -32.10
N VAL L 102 14.07 -20.26 -31.16
CA VAL L 102 14.63 -19.73 -29.92
C VAL L 102 14.88 -20.81 -28.88
N LYS L 103 14.19 -21.95 -28.98
CA LYS L 103 14.45 -23.05 -28.06
C LYS L 103 15.83 -23.65 -28.29
N PHE L 104 16.14 -23.96 -29.54
CA PHE L 104 17.39 -24.63 -29.90
C PHE L 104 18.45 -23.68 -30.41
N ASN L 105 18.22 -22.36 -30.28
CA ASN L 105 19.19 -21.31 -30.62
C ASN L 105 19.61 -21.37 -32.09
N VAL L 106 18.66 -21.61 -32.99
CA VAL L 106 18.92 -21.73 -34.42
C VAL L 106 18.18 -20.60 -35.13
N GLY L 107 18.90 -19.83 -35.92
CA GLY L 107 18.29 -18.74 -36.67
C GLY L 107 19.10 -17.46 -36.64
N ASP L 108 19.75 -17.20 -35.52
CA ASP L 108 20.69 -16.10 -35.38
C ASP L 108 21.96 -16.62 -34.70
N ASP L 109 23.10 -16.32 -35.34
CA ASP L 109 24.47 -16.75 -35.02
C ASP L 109 24.66 -18.24 -35.32
N CYS L 110 23.58 -18.95 -35.65
CA CYS L 110 23.61 -20.30 -36.17
C CYS L 110 22.52 -20.38 -37.21
N PRO L 111 22.75 -19.85 -38.41
CA PRO L 111 21.67 -19.65 -39.38
C PRO L 111 21.23 -20.97 -39.99
N VAL L 112 20.07 -20.93 -40.64
CA VAL L 112 19.49 -22.10 -41.29
C VAL L 112 19.83 -22.01 -42.76
N PHE L 113 20.74 -22.87 -43.20
CA PHE L 113 21.00 -23.08 -44.61
C PHE L 113 20.47 -24.45 -45.00
N ASP L 114 20.11 -24.60 -46.26
CA ASP L 114 19.31 -25.75 -46.68
C ASP L 114 20.11 -27.04 -46.81
N GLY L 115 21.41 -27.02 -46.53
CA GLY L 115 22.18 -28.24 -46.41
C GLY L 115 22.66 -28.47 -44.99
N LEU L 116 21.86 -28.02 -44.02
CA LEU L 116 22.26 -28.08 -42.62
C LEU L 116 22.32 -29.53 -42.13
N TYR L 117 21.26 -30.30 -42.38
CA TYR L 117 21.20 -31.68 -41.91
C TYR L 117 22.27 -32.53 -42.56
N GLU L 118 22.51 -32.32 -43.85
CA GLU L 118 23.53 -33.09 -44.55
C GLU L 118 24.94 -32.75 -44.07
N TYR L 119 25.19 -31.45 -43.80
CA TYR L 119 26.48 -31.05 -43.26
C TYR L 119 26.72 -31.65 -41.89
N CYS L 120 25.72 -31.62 -41.02
CA CYS L 120 25.84 -32.22 -39.69
C CYS L 120 26.02 -33.73 -39.80
N SER L 121 25.31 -34.38 -40.73
CA SER L 121 25.45 -35.81 -40.92
C SER L 121 26.84 -36.19 -41.39
N ILE L 122 27.42 -35.40 -42.30
CA ILE L 122 28.77 -35.65 -42.77
C ILE L 122 29.77 -35.51 -41.63
N SER L 123 29.62 -34.44 -40.84
CA SER L 123 30.53 -34.20 -39.71
C SER L 123 30.46 -35.32 -38.67
N GLY L 124 29.24 -35.68 -38.27
CA GLY L 124 29.08 -36.72 -37.26
C GLY L 124 29.51 -38.09 -37.76
N GLY L 125 29.21 -38.40 -39.02
CA GLY L 125 29.66 -39.67 -39.59
C GLY L 125 31.17 -39.75 -39.68
N GLY L 126 31.82 -38.63 -40.04
CA GLY L 126 33.27 -38.62 -40.08
C GLY L 126 33.89 -38.86 -38.72
N SER L 127 33.37 -38.17 -37.70
CA SER L 127 33.91 -38.35 -36.35
C SER L 127 33.67 -39.78 -35.83
N MET L 128 32.46 -40.30 -36.03
CA MET L 128 32.15 -41.63 -35.51
C MET L 128 32.91 -42.72 -36.26
N GLU L 129 33.10 -42.57 -37.58
CA GLU L 129 33.87 -43.56 -38.31
C GLU L 129 35.35 -43.48 -38.00
N GLY L 130 35.88 -42.28 -37.74
CA GLY L 130 37.26 -42.19 -37.28
C GLY L 130 37.46 -42.87 -35.95
N ALA L 131 36.52 -42.68 -35.02
CA ALA L 131 36.59 -43.36 -33.73
C ALA L 131 36.44 -44.86 -33.89
N ALA L 132 35.57 -45.30 -34.81
CA ALA L 132 35.37 -46.74 -35.04
C ALA L 132 36.60 -47.38 -35.65
N ARG L 133 37.24 -46.71 -36.61
CA ARG L 133 38.49 -47.22 -37.18
C ARG L 133 39.60 -47.24 -36.15
N LEU L 134 39.58 -46.31 -35.20
CA LEU L 134 40.55 -46.37 -34.10
C LEU L 134 40.24 -47.53 -33.18
N ASN L 135 38.96 -47.87 -33.00
CA ASN L 135 38.59 -48.94 -32.09
C ASN L 135 39.01 -50.31 -32.62
N ARG L 136 38.82 -50.56 -33.91
CA ARG L 136 39.14 -51.85 -34.50
C ARG L 136 40.61 -52.00 -34.82
N GLY L 137 41.42 -50.97 -34.65
CA GLY L 137 42.83 -51.05 -34.95
C GLY L 137 43.19 -50.89 -36.41
N LYS L 138 42.23 -50.46 -37.25
CA LYS L 138 42.53 -50.27 -38.66
C LYS L 138 43.42 -49.06 -38.91
N CYS L 139 43.52 -48.14 -37.96
CA CYS L 139 44.38 -46.97 -38.11
C CYS L 139 44.83 -46.52 -36.73
N ASP L 140 45.95 -45.81 -36.71
CA ASP L 140 46.47 -45.21 -35.49
C ASP L 140 46.10 -43.74 -35.34
N VAL L 141 45.99 -43.01 -36.44
CA VAL L 141 45.55 -41.62 -36.44
C VAL L 141 44.36 -41.50 -37.38
N ALA L 142 43.26 -40.96 -36.87
CA ALA L 142 42.07 -40.70 -37.68
C ALA L 142 41.94 -39.20 -37.87
N VAL L 143 41.97 -38.76 -39.12
CA VAL L 143 41.90 -37.34 -39.45
C VAL L 143 40.53 -37.06 -40.06
N ASN L 144 39.80 -36.13 -39.46
CA ASN L 144 38.47 -35.75 -39.94
C ASN L 144 38.32 -34.26 -39.70
N TYR L 145 38.54 -33.46 -40.74
CA TYR L 145 38.36 -32.02 -40.64
C TYR L 145 36.92 -31.60 -40.90
N ALA L 146 36.04 -32.54 -41.27
CA ALA L 146 34.66 -32.20 -41.52
C ALA L 146 33.89 -31.83 -40.26
N GLY L 147 34.40 -32.20 -39.09
CA GLY L 147 33.70 -31.92 -37.86
C GLY L 147 34.25 -30.77 -37.04
N GLY L 148 34.55 -31.06 -35.77
CA GLY L 148 35.08 -30.06 -34.86
C GLY L 148 34.06 -29.18 -34.19
N LEU L 149 32.78 -29.48 -34.35
CA LEU L 149 31.73 -28.66 -33.78
C LEU L 149 31.67 -28.88 -32.28
N HIS L 150 32.55 -28.20 -31.55
CA HIS L 150 32.68 -28.39 -30.10
C HIS L 150 31.84 -27.52 -29.24
N HIS L 151 31.13 -26.62 -29.85
CA HIS L 151 30.26 -25.74 -29.09
C HIS L 151 28.82 -26.24 -29.00
N ALA L 152 28.43 -27.16 -29.86
CA ALA L 152 27.06 -27.66 -29.86
C ALA L 152 26.80 -28.46 -28.60
N LYS L 153 25.56 -28.36 -28.11
CA LYS L 153 25.21 -29.00 -26.84
C LYS L 153 24.02 -29.93 -27.04
N LYS L 154 23.45 -30.40 -25.94
CA LYS L 154 22.45 -31.47 -25.99
C LYS L 154 21.19 -31.03 -26.75
N SER L 155 20.73 -29.80 -26.53
CA SER L 155 19.50 -29.36 -27.14
C SER L 155 19.62 -27.94 -27.66
N GLU L 156 20.80 -27.56 -28.16
CA GLU L 156 20.98 -26.22 -28.67
C GLU L 156 22.14 -26.19 -29.65
N ALA L 157 22.14 -25.16 -30.49
CA ALA L 157 23.22 -24.89 -31.43
C ALA L 157 23.86 -23.56 -31.05
N SER L 158 25.14 -23.59 -30.77
CA SER L 158 25.86 -22.38 -30.38
C SER L 158 27.20 -22.35 -31.09
N GLY L 159 27.73 -21.14 -31.29
CA GLY L 159 29.07 -20.94 -31.80
C GLY L 159 29.32 -21.51 -33.17
N PHE L 160 28.35 -21.37 -34.08
CA PHE L 160 28.36 -21.92 -35.44
C PHE L 160 28.44 -23.44 -35.45
N CYS L 161 28.00 -24.08 -34.36
CA CYS L 161 28.05 -25.52 -34.22
C CYS L 161 26.65 -26.05 -33.95
N TYR L 162 26.24 -27.08 -34.68
CA TYR L 162 24.91 -27.65 -34.55
C TYR L 162 24.93 -29.06 -33.99
N LEU L 163 25.73 -29.95 -34.57
CA LEU L 163 25.84 -31.32 -34.11
C LEU L 163 27.21 -31.50 -33.47
N ASN L 164 27.21 -31.81 -32.18
CA ASN L 164 28.47 -32.02 -31.46
C ASN L 164 29.02 -33.39 -31.83
N ASP L 165 29.73 -33.43 -32.97
CA ASP L 165 30.29 -34.67 -33.47
C ASP L 165 31.42 -35.18 -32.59
N ILE L 166 32.10 -34.29 -31.87
CA ILE L 166 33.21 -34.71 -31.03
C ILE L 166 32.71 -35.57 -29.88
N VAL L 167 31.54 -35.23 -29.33
CA VAL L 167 30.95 -36.05 -28.29
C VAL L 167 30.57 -37.43 -28.84
N LEU L 168 30.06 -37.46 -30.08
CA LEU L 168 29.74 -38.74 -30.71
C LEU L 168 30.99 -39.58 -30.93
N GLY L 169 32.08 -38.94 -31.35
CA GLY L 169 33.34 -39.66 -31.52
C GLY L 169 33.91 -40.18 -30.22
N ILE L 170 33.84 -39.37 -29.15
CA ILE L 170 34.32 -39.83 -27.85
C ILE L 170 33.43 -40.93 -27.31
N ILE L 171 32.12 -40.88 -27.61
CA ILE L 171 31.20 -41.94 -27.22
C ILE L 171 31.58 -43.24 -27.93
N GLU L 172 31.87 -43.17 -29.23
CA GLU L 172 32.29 -44.35 -29.97
C GLU L 172 33.65 -44.85 -29.51
N LEU L 173 34.52 -43.95 -29.04
CA LEU L 173 35.80 -44.37 -28.48
C LEU L 173 35.62 -45.05 -27.12
N LEU L 174 34.63 -44.62 -26.34
CA LEU L 174 34.44 -45.14 -25.00
C LEU L 174 33.93 -46.57 -25.00
N ARG L 175 33.40 -47.04 -26.12
CA ARG L 175 32.94 -48.43 -26.19
C ARG L 175 34.11 -49.40 -26.22
N TYR L 176 35.30 -48.93 -26.58
CA TYR L 176 36.50 -49.77 -26.61
C TYR L 176 37.65 -49.23 -25.77
N HIS L 177 37.61 -47.97 -25.35
CA HIS L 177 38.67 -47.42 -24.55
C HIS L 177 38.15 -46.96 -23.20
N PRO L 178 38.88 -47.24 -22.11
CA PRO L 178 38.38 -46.85 -20.78
C PRO L 178 38.55 -45.37 -20.49
N ARG L 179 39.64 -44.77 -20.96
CA ARG L 179 39.92 -43.36 -20.71
C ARG L 179 40.24 -42.66 -22.02
N VAL L 180 39.50 -41.60 -22.33
CA VAL L 180 39.67 -40.82 -23.55
C VAL L 180 39.97 -39.39 -23.16
N LEU L 181 41.09 -38.85 -23.64
CA LEU L 181 41.48 -37.49 -23.36
C LEU L 181 41.14 -36.60 -24.56
N TYR L 182 40.40 -35.53 -24.29
CA TYR L 182 40.02 -34.56 -25.31
C TYR L 182 40.83 -33.29 -25.11
N ILE L 183 41.59 -32.90 -26.13
CA ILE L 183 42.42 -31.70 -26.10
C ILE L 183 41.87 -30.72 -27.12
N ASP L 184 41.62 -29.49 -26.67
CA ASP L 184 41.00 -28.44 -27.47
C ASP L 184 41.99 -27.27 -27.55
N ILE L 185 42.62 -27.09 -28.71
CA ILE L 185 43.56 -25.98 -28.88
C ILE L 185 42.87 -24.86 -29.65
N ASP L 186 41.56 -24.99 -29.84
CA ASP L 186 40.75 -23.90 -30.36
C ASP L 186 40.81 -22.72 -29.38
N VAL L 187 40.80 -21.50 -29.93
CA VAL L 187 40.88 -20.30 -29.10
C VAL L 187 39.62 -20.13 -28.25
N HIS L 188 38.49 -20.68 -28.68
CA HIS L 188 37.30 -20.71 -27.85
C HIS L 188 37.30 -21.95 -26.97
N HIS L 189 36.60 -21.85 -25.85
CA HIS L 189 36.49 -22.96 -24.92
C HIS L 189 35.58 -24.03 -25.47
N GLY L 190 35.98 -25.29 -25.31
CA GLY L 190 35.16 -26.39 -25.75
C GLY L 190 34.01 -26.66 -24.80
N ASP L 191 33.03 -25.74 -24.78
CA ASP L 191 31.99 -25.78 -23.77
C ASP L 191 31.06 -26.96 -23.96
N GLY L 192 30.75 -27.32 -25.20
CA GLY L 192 29.87 -28.45 -25.44
C GLY L 192 30.48 -29.77 -25.03
N VAL L 193 31.76 -29.98 -25.38
CA VAL L 193 32.42 -31.23 -25.07
C VAL L 193 32.70 -31.33 -23.57
N GLU L 194 33.12 -30.23 -22.95
CA GLU L 194 33.36 -30.23 -21.52
C GLU L 194 32.07 -30.41 -20.73
N GLU L 195 31.00 -29.75 -21.18
CA GLU L 195 29.70 -29.88 -20.51
C GLU L 195 29.16 -31.29 -20.65
N ALA L 196 29.39 -31.94 -21.81
CA ALA L 196 28.93 -33.30 -22.01
C ALA L 196 29.62 -34.29 -21.08
N PHE L 197 30.91 -34.12 -20.85
CA PHE L 197 31.70 -35.04 -20.03
C PHE L 197 32.18 -34.37 -18.75
N TYR L 198 31.31 -33.56 -18.15
CA TYR L 198 31.69 -32.83 -16.95
C TYR L 198 31.68 -33.74 -15.72
N THR L 199 30.74 -34.67 -15.65
CA THR L 199 30.51 -35.46 -14.45
C THR L 199 31.12 -36.85 -14.52
N THR L 200 31.93 -37.14 -15.54
CA THR L 200 32.51 -38.46 -15.69
C THR L 200 34.03 -38.39 -15.59
N ASP L 201 34.61 -39.43 -15.03
CA ASP L 201 36.06 -39.58 -14.97
C ASP L 201 36.61 -40.35 -16.17
N ARG L 202 35.75 -40.89 -17.01
CA ARG L 202 36.21 -41.65 -18.17
C ARG L 202 36.75 -40.74 -19.25
N VAL L 203 36.31 -39.48 -19.30
CA VAL L 203 36.77 -38.52 -20.30
C VAL L 203 37.36 -37.32 -19.57
N MET L 204 38.62 -37.03 -19.86
CA MET L 204 39.28 -35.81 -19.40
C MET L 204 39.27 -34.80 -20.54
N THR L 205 38.62 -33.67 -20.32
CA THR L 205 38.49 -32.63 -21.34
C THR L 205 39.43 -31.49 -20.99
N CYS L 206 40.46 -31.31 -21.80
CA CYS L 206 41.42 -30.24 -21.62
C CYS L 206 41.23 -29.21 -22.72
N SER L 207 41.11 -27.94 -22.34
CA SER L 207 40.85 -26.86 -23.28
C SER L 207 41.87 -25.76 -23.08
N PHE L 208 42.59 -25.42 -24.14
CA PHE L 208 43.53 -24.31 -24.15
C PHE L 208 42.87 -23.18 -24.92
N HIS L 209 42.26 -22.25 -24.19
CA HIS L 209 41.39 -21.27 -24.81
C HIS L 209 41.65 -19.89 -24.23
N LYS L 210 41.29 -18.87 -25.00
CA LYS L 210 41.24 -17.51 -24.48
C LYS L 210 40.04 -17.38 -23.55
N TYR L 211 40.28 -16.87 -22.35
CA TYR L 211 39.22 -16.66 -21.37
C TYR L 211 39.25 -15.19 -20.95
N GLY L 212 38.36 -14.40 -21.54
CA GLY L 212 38.19 -13.03 -21.14
C GLY L 212 36.72 -12.73 -21.01
N GLU L 213 36.26 -11.74 -21.77
CA GLU L 213 34.84 -11.60 -22.09
C GLU L 213 34.57 -12.22 -23.46
N PHE L 214 35.24 -13.33 -23.72
CA PHE L 214 35.17 -13.96 -25.02
C PHE L 214 34.23 -15.14 -25.04
N PHE L 215 33.72 -15.48 -26.21
CA PHE L 215 32.82 -16.61 -26.37
C PHE L 215 33.55 -17.89 -25.97
N PRO L 216 32.88 -18.82 -25.27
CA PRO L 216 31.50 -18.77 -24.78
C PRO L 216 31.38 -18.30 -23.33
N GLY L 217 32.44 -17.73 -22.75
CA GLY L 217 32.35 -17.26 -21.39
C GLY L 217 32.68 -18.32 -20.36
N THR L 218 32.34 -19.57 -20.65
CA THR L 218 32.74 -20.67 -19.80
C THR L 218 34.23 -20.96 -19.97
N GLY L 219 34.82 -21.59 -18.98
CA GLY L 219 36.21 -21.96 -19.06
C GLY L 219 37.08 -21.32 -18.01
N GLU L 220 36.49 -20.99 -16.87
CA GLU L 220 37.27 -20.54 -15.72
C GLU L 220 38.15 -21.66 -15.21
N LEU L 221 39.28 -21.29 -14.60
CA LEU L 221 40.20 -22.28 -14.06
C LEU L 221 39.56 -23.12 -12.96
N ARG L 222 38.61 -22.54 -12.22
CA ARG L 222 37.94 -23.29 -11.16
C ARG L 222 36.97 -24.33 -11.68
N ASP L 223 36.67 -24.33 -12.99
CA ASP L 223 35.81 -25.34 -13.58
C ASP L 223 36.62 -26.62 -13.76
N ILE L 224 36.45 -27.57 -12.84
CA ILE L 224 37.27 -28.77 -12.84
C ILE L 224 36.38 -30.00 -12.84
N GLY L 225 35.08 -29.82 -13.01
CA GLY L 225 34.18 -30.96 -13.00
C GLY L 225 33.56 -31.19 -11.65
N VAL L 226 32.38 -31.81 -11.67
CA VAL L 226 31.64 -32.11 -10.46
C VAL L 226 31.39 -33.61 -10.39
N GLY L 227 31.06 -34.08 -9.20
CA GLY L 227 30.73 -35.49 -9.02
C GLY L 227 31.95 -36.37 -9.19
N ALA L 228 31.79 -37.44 -9.97
CA ALA L 228 32.89 -38.31 -10.30
C ALA L 228 33.84 -37.71 -11.31
N GLY L 229 33.47 -36.60 -11.95
CA GLY L 229 34.32 -35.95 -12.92
C GLY L 229 35.11 -34.80 -12.35
N LYS L 230 35.24 -34.75 -11.02
CA LYS L 230 36.02 -33.72 -10.38
C LYS L 230 37.50 -33.88 -10.71
N ASN L 231 38.15 -32.76 -11.03
CA ASN L 231 39.54 -32.71 -11.51
C ASN L 231 39.75 -33.48 -12.80
N TYR L 232 38.67 -33.67 -13.58
CA TYR L 232 38.75 -34.34 -14.86
C TYR L 232 38.31 -33.42 -16.00
N ALA L 233 38.39 -32.12 -15.78
CA ALA L 233 38.11 -31.12 -16.82
C ALA L 233 39.09 -29.97 -16.58
N VAL L 234 40.21 -30.01 -17.28
CA VAL L 234 41.27 -29.03 -17.13
C VAL L 234 40.97 -27.85 -18.05
N ASN L 235 40.92 -26.65 -17.49
CA ASN L 235 40.73 -25.43 -18.25
C ASN L 235 41.97 -24.57 -18.12
N VAL L 236 42.54 -24.17 -19.25
CA VAL L 236 43.75 -23.35 -19.27
C VAL L 236 43.39 -21.98 -19.84
N PRO L 237 43.12 -20.99 -18.99
CA PRO L 237 42.75 -19.66 -19.50
C PRO L 237 43.98 -18.91 -19.99
N LEU L 238 43.87 -18.33 -21.17
CA LEU L 238 44.96 -17.59 -21.80
C LEU L 238 44.49 -16.20 -22.19
N ARG L 239 45.44 -15.28 -22.28
CA ARG L 239 45.17 -13.92 -22.69
C ARG L 239 45.46 -13.78 -24.18
N ASP L 240 45.37 -12.55 -24.69
CA ASP L 240 45.53 -12.30 -26.11
C ASP L 240 46.98 -12.45 -26.56
N GLY L 241 47.16 -12.77 -27.83
CA GLY L 241 48.45 -12.68 -28.48
C GLY L 241 49.49 -13.66 -28.00
N ILE L 242 49.10 -14.87 -27.61
CA ILE L 242 50.09 -15.85 -27.18
C ILE L 242 50.86 -16.36 -28.39
N ASP L 243 52.19 -16.36 -28.29
CA ASP L 243 53.03 -16.73 -29.41
C ASP L 243 53.39 -18.21 -29.32
N ASP L 244 54.23 -18.67 -30.25
CA ASP L 244 54.51 -20.09 -30.37
C ASP L 244 55.30 -20.63 -29.19
N ALA L 245 56.30 -19.87 -28.73
CA ALA L 245 57.10 -20.32 -27.60
C ALA L 245 56.29 -20.35 -26.31
N THR L 246 55.47 -19.32 -26.10
CA THR L 246 54.62 -19.26 -24.91
C THR L 246 53.57 -20.35 -24.92
N TYR L 247 52.92 -20.56 -26.07
CA TYR L 247 51.92 -21.62 -26.19
C TYR L 247 52.56 -22.99 -26.03
N ARG L 248 53.77 -23.18 -26.54
CA ARG L 248 54.45 -24.46 -26.37
C ARG L 248 54.80 -24.71 -24.92
N SER L 249 55.34 -23.70 -24.23
CA SER L 249 55.70 -23.84 -22.83
C SER L 249 54.49 -23.92 -21.91
N VAL L 250 53.31 -23.57 -22.39
CA VAL L 250 52.08 -23.86 -21.64
C VAL L 250 51.53 -25.24 -21.97
N PHE L 251 51.48 -25.57 -23.27
CA PHE L 251 50.80 -26.77 -23.73
C PHE L 251 51.55 -28.04 -23.33
N GLU L 252 52.86 -28.07 -23.59
CA GLU L 252 53.62 -29.30 -23.38
C GLU L 252 53.69 -29.76 -21.92
N PRO L 253 53.93 -28.90 -20.90
CA PRO L 253 53.88 -29.42 -19.52
C PRO L 253 52.50 -29.89 -19.10
N VAL L 254 51.43 -29.20 -19.48
CA VAL L 254 50.08 -29.59 -19.07
C VAL L 254 49.69 -30.93 -19.68
N ILE L 255 49.91 -31.07 -20.99
CA ILE L 255 49.56 -32.30 -21.69
C ILE L 255 50.46 -33.44 -21.24
N LYS L 256 51.73 -33.15 -20.94
CA LYS L 256 52.62 -34.18 -20.42
C LYS L 256 52.17 -34.66 -19.05
N LYS L 257 51.78 -33.74 -18.16
CA LYS L 257 51.30 -34.12 -16.84
C LYS L 257 50.01 -34.91 -16.92
N ILE L 258 49.12 -34.54 -17.85
CA ILE L 258 47.91 -35.30 -18.08
C ILE L 258 48.25 -36.70 -18.59
N MET L 259 49.24 -36.80 -19.49
CA MET L 259 49.63 -38.09 -20.06
C MET L 259 50.16 -39.04 -18.99
N GLU L 260 51.08 -38.56 -18.14
CA GLU L 260 51.63 -39.44 -17.11
C GLU L 260 50.79 -39.49 -15.84
N TRP L 261 49.67 -38.77 -15.78
CA TRP L 261 48.79 -38.84 -14.62
C TRP L 261 47.43 -39.45 -14.95
N TYR L 262 46.76 -38.93 -15.98
CA TYR L 262 45.45 -39.47 -16.36
C TYR L 262 45.59 -40.79 -17.09
N GLN L 263 46.65 -40.94 -17.89
CA GLN L 263 46.97 -42.12 -18.70
C GLN L 263 45.82 -42.53 -19.61
N PRO L 264 45.50 -41.77 -20.64
CA PRO L 264 44.37 -42.12 -21.50
C PRO L 264 44.72 -43.24 -22.46
N SER L 265 43.66 -43.86 -22.99
CA SER L 265 43.80 -44.88 -24.01
C SER L 265 43.55 -44.36 -25.41
N ALA L 266 42.83 -43.26 -25.56
CA ALA L 266 42.61 -42.62 -26.85
C ALA L 266 42.65 -41.11 -26.64
N VAL L 267 43.01 -40.39 -27.70
CA VAL L 267 43.14 -38.94 -27.66
C VAL L 267 42.28 -38.35 -28.77
N VAL L 268 41.48 -37.35 -28.43
CA VAL L 268 40.78 -36.54 -29.42
C VAL L 268 41.39 -35.15 -29.37
N LEU L 269 41.88 -34.68 -30.50
CA LEU L 269 42.56 -33.40 -30.59
C LEU L 269 41.75 -32.47 -31.49
N GLN L 270 41.16 -31.44 -30.89
CA GLN L 270 40.44 -30.42 -31.64
C GLN L 270 41.47 -29.43 -32.18
N CYS L 271 41.64 -29.40 -33.50
CA CYS L 271 42.57 -28.49 -34.14
C CYS L 271 41.81 -27.31 -34.74
N GLY L 272 41.42 -26.40 -33.85
CA GLY L 272 40.75 -25.19 -34.28
C GLY L 272 41.75 -24.25 -34.92
N GLY L 273 41.49 -23.84 -36.15
CA GLY L 273 42.37 -22.91 -36.81
C GLY L 273 42.21 -21.48 -36.40
N ASP L 274 41.23 -21.18 -35.55
CA ASP L 274 41.05 -19.82 -35.07
C ASP L 274 42.04 -19.46 -33.97
N SER L 275 42.84 -20.43 -33.51
CA SER L 275 43.99 -20.14 -32.66
C SER L 275 45.14 -19.50 -33.44
N LEU L 276 45.07 -19.48 -34.77
CA LEU L 276 46.13 -18.90 -35.57
C LEU L 276 46.09 -17.38 -35.52
N SER L 277 47.23 -16.77 -35.81
CA SER L 277 47.31 -15.33 -35.95
C SER L 277 46.56 -14.87 -37.19
N GLY L 278 45.96 -13.68 -37.10
CA GLY L 278 45.23 -13.12 -38.21
C GLY L 278 43.84 -13.68 -38.41
N ASP L 279 43.29 -14.39 -37.42
CA ASP L 279 41.95 -14.94 -37.54
C ASP L 279 40.91 -13.83 -37.41
N ARG L 280 39.74 -14.08 -38.02
CA ARG L 280 38.66 -13.09 -37.98
C ARG L 280 38.10 -12.94 -36.56
N LEU L 281 37.92 -14.05 -35.86
CA LEU L 281 37.39 -14.01 -34.51
C LEU L 281 38.41 -14.33 -33.44
N GLY L 282 39.43 -15.12 -33.76
CA GLY L 282 40.45 -15.44 -32.78
C GLY L 282 41.33 -14.26 -32.45
N CYS L 283 41.98 -14.34 -31.29
CA CYS L 283 42.83 -13.27 -30.79
C CYS L 283 44.19 -13.77 -30.34
N PHE L 284 44.62 -14.93 -30.85
CA PHE L 284 45.93 -15.46 -30.52
C PHE L 284 46.93 -15.09 -31.60
N ASN L 285 48.20 -15.38 -31.35
CA ASN L 285 49.28 -15.03 -32.25
C ASN L 285 50.11 -16.26 -32.60
N LEU L 286 49.44 -17.37 -32.90
CA LEU L 286 50.12 -18.60 -33.25
C LEU L 286 50.41 -18.64 -34.74
N SER L 287 51.63 -19.02 -35.08
CA SER L 287 51.99 -19.32 -36.45
C SER L 287 51.54 -20.76 -36.75
N MET L 288 51.75 -21.21 -37.98
CA MET L 288 51.36 -22.57 -38.33
C MET L 288 52.26 -23.59 -37.64
N GLU L 289 53.54 -23.24 -37.44
CA GLU L 289 54.42 -24.06 -36.60
C GLU L 289 53.91 -24.15 -35.17
N GLY L 290 53.46 -23.04 -34.60
CA GLY L 290 52.95 -23.07 -33.24
C GLY L 290 51.68 -23.86 -33.09
N HIS L 291 50.81 -23.81 -34.12
CA HIS L 291 49.58 -24.60 -34.08
C HIS L 291 49.88 -26.08 -34.26
N ALA L 292 50.82 -26.41 -35.15
CA ALA L 292 51.12 -27.80 -35.46
C ALA L 292 52.04 -28.45 -34.44
N ASN L 293 52.71 -27.66 -33.59
CA ASN L 293 53.56 -28.25 -32.57
C ASN L 293 52.74 -29.01 -31.54
N CYS L 294 51.52 -28.56 -31.26
CA CYS L 294 50.63 -29.30 -30.38
C CYS L 294 50.28 -30.67 -30.95
N VAL L 295 50.00 -30.72 -32.25
CA VAL L 295 49.67 -31.99 -32.91
C VAL L 295 50.89 -32.90 -32.96
N ASN L 296 52.07 -32.34 -33.19
CA ASN L 296 53.27 -33.15 -33.22
C ASN L 296 53.65 -33.65 -31.83
N TYR L 297 53.40 -32.85 -30.80
CA TYR L 297 53.74 -33.26 -29.44
C TYR L 297 52.78 -34.33 -28.94
N VAL L 298 51.50 -34.20 -29.25
CA VAL L 298 50.55 -35.24 -28.85
C VAL L 298 50.75 -36.51 -29.67
N LYS L 299 51.37 -36.40 -30.84
CA LYS L 299 51.69 -37.58 -31.65
C LYS L 299 52.82 -38.40 -31.05
N SER L 300 53.68 -37.77 -30.26
CA SER L 300 54.86 -38.44 -29.71
C SER L 300 54.50 -39.48 -28.65
N PHE L 301 53.31 -39.40 -28.06
CA PHE L 301 52.95 -40.31 -26.98
C PHE L 301 52.54 -41.69 -27.47
N GLY L 302 52.24 -41.85 -28.76
CA GLY L 302 51.90 -43.14 -29.31
C GLY L 302 50.50 -43.60 -29.06
N ILE L 303 49.70 -42.81 -28.36
CA ILE L 303 48.30 -43.17 -28.06
C ILE L 303 47.48 -43.06 -29.34
N PRO L 304 46.59 -44.01 -29.64
CA PRO L 304 45.74 -43.90 -30.83
C PRO L 304 44.85 -42.67 -30.77
N MET L 305 45.07 -41.75 -31.72
CA MET L 305 44.48 -40.42 -31.65
C MET L 305 43.51 -40.17 -32.80
N MET L 306 42.64 -39.19 -32.58
CA MET L 306 41.66 -38.75 -33.57
C MET L 306 41.85 -37.26 -33.75
N VAL L 307 42.46 -36.86 -34.86
CA VAL L 307 42.68 -35.45 -35.15
C VAL L 307 41.44 -34.90 -35.84
N VAL L 308 40.76 -33.99 -35.18
CA VAL L 308 39.50 -33.45 -35.67
C VAL L 308 39.63 -31.94 -35.75
N GLY L 309 39.39 -31.38 -36.93
CA GLY L 309 39.59 -29.96 -37.16
C GLY L 309 38.33 -29.18 -36.82
N GLY L 310 38.51 -28.09 -36.08
CA GLY L 310 37.38 -27.34 -35.58
C GLY L 310 37.14 -25.99 -36.20
N GLY L 311 37.57 -24.94 -35.51
CA GLY L 311 37.33 -23.58 -35.96
C GLY L 311 38.23 -23.14 -37.10
N GLY L 312 38.53 -21.85 -37.16
CA GLY L 312 39.27 -21.32 -38.28
C GLY L 312 38.37 -20.60 -39.24
N TYR L 313 38.44 -19.27 -39.24
CA TYR L 313 37.52 -18.47 -40.03
C TYR L 313 38.19 -17.64 -41.11
N THR L 314 39.52 -17.62 -41.17
CA THR L 314 40.24 -17.27 -42.38
C THR L 314 40.66 -18.57 -43.05
N MET L 315 40.10 -18.81 -44.24
CA MET L 315 40.18 -20.11 -44.89
C MET L 315 41.60 -20.50 -45.27
N ARG L 316 42.41 -19.53 -45.72
CA ARG L 316 43.76 -19.82 -46.19
C ARG L 316 44.64 -20.32 -45.06
N ASN L 317 44.62 -19.64 -43.91
CA ASN L 317 45.48 -20.01 -42.80
C ASN L 317 45.08 -21.35 -42.20
N VAL L 318 43.79 -21.59 -42.02
CA VAL L 318 43.35 -22.86 -41.45
C VAL L 318 43.61 -24.01 -42.42
N ALA L 319 43.46 -23.77 -43.72
CA ALA L 319 43.78 -24.80 -44.71
C ALA L 319 45.26 -25.14 -44.70
N ARG L 320 46.12 -24.12 -44.63
CA ARG L 320 47.56 -24.36 -44.62
C ARG L 320 47.99 -25.08 -43.34
N THR L 321 47.43 -24.68 -42.19
CA THR L 321 47.83 -25.34 -40.95
C THR L 321 47.26 -26.76 -40.87
N TRP L 322 46.10 -27.02 -41.49
CA TRP L 322 45.59 -28.38 -41.49
C TRP L 322 46.39 -29.27 -42.41
N CYS L 323 46.85 -28.72 -43.54
CA CYS L 323 47.72 -29.48 -44.43
C CYS L 323 49.06 -29.79 -43.77
N PHE L 324 49.63 -28.82 -43.06
CA PHE L 324 50.89 -29.06 -42.36
C PHE L 324 50.72 -30.07 -41.22
N GLU L 325 49.61 -29.97 -40.48
CA GLU L 325 49.35 -30.90 -39.40
C GLU L 325 49.13 -32.31 -39.92
N THR L 326 48.39 -32.44 -41.03
CA THR L 326 48.16 -33.74 -41.64
C THR L 326 49.46 -34.34 -42.16
N GLY L 327 50.31 -33.52 -42.79
CA GLY L 327 51.62 -33.99 -43.21
C GLY L 327 52.50 -34.40 -42.06
N LEU L 328 52.36 -33.73 -40.91
CA LEU L 328 53.13 -34.09 -39.73
C LEU L 328 52.75 -35.46 -39.18
N LEU L 329 51.50 -35.87 -39.37
CA LEU L 329 51.04 -37.17 -38.90
C LEU L 329 51.57 -38.32 -39.74
N ASN L 330 52.10 -38.04 -40.94
CA ASN L 330 52.75 -39.05 -41.77
C ASN L 330 54.25 -39.05 -41.60
N ASN L 331 54.76 -38.43 -40.53
CA ASN L 331 56.19 -38.34 -40.21
C ASN L 331 56.98 -37.69 -41.34
N VAL L 332 56.42 -36.63 -41.93
CA VAL L 332 57.11 -35.84 -42.92
C VAL L 332 56.86 -34.36 -42.60
N VAL L 333 57.77 -33.50 -43.04
CA VAL L 333 57.57 -32.06 -42.92
C VAL L 333 57.46 -31.50 -44.33
N LEU L 334 56.30 -30.96 -44.64
CA LEU L 334 56.06 -30.45 -45.99
C LEU L 334 56.88 -29.19 -46.24
N ASP L 335 57.43 -29.09 -47.44
CA ASP L 335 58.25 -27.93 -47.79
C ASP L 335 57.41 -26.68 -47.87
N LYS L 336 58.02 -25.54 -47.57
CA LYS L 336 57.31 -24.28 -47.51
C LYS L 336 57.17 -23.65 -48.89
N ASP L 337 56.68 -24.44 -49.85
CA ASP L 337 56.45 -23.97 -51.21
C ASP L 337 55.20 -24.69 -51.68
N LEU L 338 54.09 -23.96 -51.78
CA LEU L 338 52.81 -24.59 -52.05
C LEU L 338 52.78 -25.14 -53.47
N PRO L 339 52.25 -26.34 -53.67
CA PRO L 339 52.03 -26.85 -55.02
C PRO L 339 50.82 -26.16 -55.65
N TYR L 340 50.66 -26.38 -56.94
CA TYR L 340 49.55 -25.77 -57.66
C TYR L 340 48.26 -26.50 -57.32
N ASN L 341 47.33 -25.80 -56.67
CA ASN L 341 46.00 -26.31 -56.44
C ASN L 341 45.00 -25.41 -57.17
N GLU L 342 43.73 -25.80 -57.16
CA GLU L 342 42.70 -25.01 -57.80
C GLU L 342 42.35 -23.76 -57.01
N TYR L 343 42.77 -23.67 -55.75
CA TYR L 343 42.55 -22.51 -54.92
C TYR L 343 43.87 -21.82 -54.58
N TYR L 344 44.78 -21.78 -55.56
CA TYR L 344 46.10 -21.21 -55.35
C TYR L 344 46.06 -19.71 -55.12
N GLU L 345 45.01 -19.03 -55.59
CA GLU L 345 44.93 -17.58 -55.49
C GLU L 345 44.65 -17.09 -54.08
N TYR L 346 44.35 -17.98 -53.13
CA TYR L 346 44.05 -17.54 -51.77
C TYR L 346 45.32 -17.17 -51.01
N TYR L 347 46.41 -17.89 -51.26
CA TYR L 347 47.55 -17.89 -50.36
C TYR L 347 48.59 -16.82 -50.69
N GLY L 348 48.19 -15.72 -51.30
CA GLY L 348 49.10 -14.63 -51.56
C GLY L 348 49.57 -13.95 -50.30
N PRO L 349 50.64 -13.16 -50.39
CA PRO L 349 51.42 -12.83 -51.58
C PRO L 349 52.60 -13.76 -51.83
N ASP L 350 53.01 -14.58 -50.87
CA ASP L 350 54.20 -15.42 -51.04
C ASP L 350 53.88 -16.80 -51.57
N TYR L 351 52.62 -17.24 -51.43
CA TYR L 351 52.14 -18.55 -51.90
C TYR L 351 52.95 -19.70 -51.28
N LYS L 352 53.27 -19.55 -49.99
CA LYS L 352 53.98 -20.55 -49.23
C LYS L 352 53.06 -21.16 -48.19
N LEU L 353 53.54 -22.25 -47.57
CA LEU L 353 52.74 -22.93 -46.57
C LEU L 353 52.65 -22.16 -45.27
N SER L 354 53.64 -21.32 -44.96
CA SER L 354 53.75 -20.71 -43.64
C SER L 354 52.64 -19.70 -43.39
N VAL L 355 52.18 -19.66 -42.14
CA VAL L 355 51.27 -18.64 -41.64
C VAL L 355 52.07 -17.72 -40.74
N ARG L 356 52.21 -16.47 -41.14
CA ARG L 356 53.11 -15.56 -40.43
C ARG L 356 52.42 -14.97 -39.20
N PRO L 357 53.06 -15.00 -38.04
CA PRO L 357 52.45 -14.39 -36.85
C PRO L 357 52.49 -12.87 -36.90
N SER L 358 51.54 -12.25 -36.21
CA SER L 358 51.51 -10.81 -36.09
C SER L 358 52.45 -10.34 -34.99
N ASN L 359 52.84 -9.08 -35.06
CA ASN L 359 53.76 -8.50 -34.08
C ASN L 359 53.02 -7.83 -32.93
N MET L 360 52.05 -8.53 -32.35
CA MET L 360 51.22 -7.94 -31.31
C MET L 360 51.65 -8.46 -29.94
N PHE L 361 51.21 -7.75 -28.91
CA PHE L 361 51.76 -7.93 -27.57
C PHE L 361 51.35 -9.29 -27.00
N ASN L 362 52.36 -10.07 -26.63
CA ASN L 362 52.14 -11.32 -25.89
C ASN L 362 51.93 -10.92 -24.45
N VAL L 363 50.66 -10.71 -24.08
CA VAL L 363 50.33 -10.17 -22.77
C VAL L 363 50.18 -11.29 -21.73
N ASN L 364 50.33 -12.54 -22.14
CA ASN L 364 50.38 -13.67 -21.20
C ASN L 364 51.71 -13.66 -20.46
N THR L 365 51.74 -13.04 -19.29
CA THR L 365 52.97 -12.92 -18.52
C THR L 365 53.38 -14.29 -17.95
N PRO L 366 54.68 -14.50 -17.73
CA PRO L 366 55.12 -15.77 -17.12
C PRO L 366 54.57 -16.02 -15.73
N GLU L 367 54.33 -14.97 -14.94
CA GLU L 367 53.79 -15.17 -13.59
C GLU L 367 52.36 -15.69 -13.64
N TYR L 368 51.54 -15.13 -14.54
CA TYR L 368 50.15 -15.57 -14.66
C TYR L 368 50.07 -17.01 -15.12
N LEU L 369 50.84 -17.37 -16.14
CA LEU L 369 50.83 -18.74 -16.62
C LEU L 369 51.46 -19.70 -15.62
N ASP L 370 52.41 -19.22 -14.82
CA ASP L 370 52.96 -20.04 -13.76
C ASP L 370 51.91 -20.36 -12.71
N LYS L 371 51.13 -19.36 -12.30
CA LYS L 371 50.04 -19.61 -11.36
C LYS L 371 48.98 -20.53 -11.95
N VAL L 372 48.64 -20.32 -13.23
CA VAL L 372 47.63 -21.13 -13.90
C VAL L 372 48.07 -22.58 -13.96
N MET L 373 49.32 -22.82 -14.37
CA MET L 373 49.82 -24.18 -14.49
C MET L 373 50.08 -24.80 -13.13
N THR L 374 50.37 -23.98 -12.10
CA THR L 374 50.53 -24.52 -10.75
C THR L 374 49.21 -25.04 -10.21
N ASN L 375 48.13 -24.27 -10.37
CA ASN L 375 46.82 -24.76 -9.94
C ASN L 375 46.35 -25.94 -10.78
N ILE L 376 46.65 -25.93 -12.08
CA ILE L 376 46.28 -27.05 -12.93
C ILE L 376 47.03 -28.32 -12.52
N PHE L 377 48.33 -28.20 -12.24
CA PHE L 377 49.12 -29.34 -11.80
C PHE L 377 48.67 -29.84 -10.44
N ALA L 378 48.27 -28.91 -9.55
CA ALA L 378 47.74 -29.32 -8.25
C ALA L 378 46.42 -30.06 -8.38
N ASN L 379 45.57 -29.65 -9.32
CA ASN L 379 44.31 -30.36 -9.52
C ASN L 379 44.52 -31.73 -10.17
N LEU L 380 45.64 -31.89 -10.89
CA LEU L 380 45.87 -33.15 -11.60
C LEU L 380 46.47 -34.22 -10.71
N GLU L 381 46.77 -33.91 -9.45
CA GLU L 381 47.37 -34.90 -8.56
C GLU L 381 46.39 -35.99 -8.15
N ASN L 382 45.09 -35.77 -8.36
CA ASN L 382 44.06 -36.70 -7.92
C ASN L 382 43.54 -37.56 -9.07
N THR L 383 44.23 -37.58 -10.21
CA THR L 383 43.78 -38.29 -11.39
C THR L 383 44.52 -39.59 -11.63
N LYS L 384 45.30 -40.07 -10.66
CA LYS L 384 46.08 -41.28 -10.82
C LYS L 384 45.18 -42.52 -10.86
N GLU M 7 -57.61 58.51 -64.33
CA GLU M 7 -58.11 57.38 -65.09
C GLU M 7 -57.00 56.37 -65.39
N PHE M 8 -57.18 55.60 -66.46
CA PHE M 8 -56.21 54.61 -66.89
C PHE M 8 -55.64 54.99 -68.25
N ALA M 9 -54.32 54.96 -68.37
CA ALA M 9 -53.64 55.28 -69.61
C ALA M 9 -52.57 54.24 -69.89
N LEU M 10 -52.21 54.11 -71.17
CA LEU M 10 -51.14 53.20 -71.56
C LEU M 10 -49.80 53.71 -71.06
N GLY M 11 -49.12 52.86 -70.29
CA GLY M 11 -47.86 53.23 -69.68
C GLY M 11 -47.96 54.00 -68.37
N GLY M 12 -49.18 54.32 -67.93
CA GLY M 12 -49.33 55.09 -66.71
C GLY M 12 -49.25 54.23 -65.46
N ARG M 13 -49.08 54.92 -64.34
CA ARG M 13 -49.05 54.28 -63.03
C ARG M 13 -50.44 53.76 -62.66
N CYS M 14 -50.46 52.63 -61.95
CA CYS M 14 -51.71 52.14 -61.39
C CYS M 14 -51.39 51.35 -60.12
N LEU M 15 -52.39 51.20 -59.28
CA LEU M 15 -52.28 50.39 -58.07
C LEU M 15 -53.30 49.26 -58.14
N ALA M 16 -52.84 48.05 -57.80
CA ALA M 16 -53.59 46.84 -58.11
C ALA M 16 -53.60 45.87 -56.94
N PHE M 17 -54.61 45.01 -56.92
CA PHE M 17 -54.69 43.98 -55.91
C PHE M 17 -53.68 42.91 -56.22
N HIS M 18 -53.30 42.15 -55.22
CA HIS M 18 -52.43 41.02 -55.43
C HIS M 18 -52.60 40.44 -54.08
N GLY M 19 -53.36 39.37 -53.99
CA GLY M 19 -53.70 38.89 -52.67
C GLY M 19 -54.44 39.96 -51.90
N PRO M 20 -54.01 40.20 -50.65
CA PRO M 20 -54.66 41.26 -49.86
C PRO M 20 -54.01 42.63 -49.98
N LEU M 21 -52.95 42.78 -50.77
CA LEU M 21 -52.13 43.98 -50.72
C LEU M 21 -52.08 44.71 -52.06
N MET M 22 -51.61 45.95 -51.98
CA MET M 22 -51.61 46.90 -53.08
C MET M 22 -50.22 46.99 -53.69
N TYR M 23 -50.16 46.95 -55.01
CA TYR M 23 -48.87 47.05 -55.68
C TYR M 23 -48.95 47.96 -56.89
N GLU M 24 -47.86 48.69 -57.13
CA GLU M 24 -47.79 49.61 -58.24
C GLU M 24 -47.42 48.88 -59.52
N ALA M 25 -47.98 49.31 -60.64
CA ALA M 25 -47.82 48.62 -61.91
C ALA M 25 -47.91 49.60 -63.07
N LYS M 26 -47.35 49.16 -64.19
CA LYS M 26 -47.42 49.84 -65.47
C LYS M 26 -48.48 49.17 -66.32
N ILE M 27 -49.30 49.98 -66.99
CA ILE M 27 -50.31 49.45 -67.91
C ILE M 27 -49.69 49.39 -69.31
N LEU M 28 -49.38 48.17 -69.76
CA LEU M 28 -48.79 47.97 -71.08
C LEU M 28 -49.81 47.76 -72.17
N LYS M 29 -50.94 47.11 -71.87
CA LYS M 29 -51.99 46.87 -72.85
C LYS M 29 -53.34 47.25 -72.25
N ILE M 30 -54.25 47.71 -73.09
CA ILE M 30 -55.61 48.05 -72.70
C ILE M 30 -56.55 47.18 -73.54
N TRP M 31 -57.39 46.40 -72.88
CA TRP M 31 -58.26 45.43 -73.53
C TRP M 31 -59.70 45.94 -73.59
N ASP M 32 -60.35 45.74 -74.73
CA ASP M 32 -61.76 46.07 -74.91
C ASP M 32 -62.54 44.79 -75.11
N PRO M 33 -63.49 44.45 -74.23
CA PRO M 33 -64.21 43.18 -74.36
C PRO M 33 -65.09 43.11 -75.60
N SER M 34 -65.65 44.25 -76.04
CA SER M 34 -66.59 44.24 -77.14
C SER M 34 -65.92 43.90 -78.46
N SER M 35 -64.72 44.45 -78.69
CA SER M 35 -64.01 44.25 -79.95
C SER M 35 -63.10 43.02 -79.93
N LYS M 36 -62.97 42.35 -78.78
CA LYS M 36 -62.05 41.23 -78.59
C LYS M 36 -60.63 41.63 -79.02
N MET M 37 -60.16 42.73 -78.47
CA MET M 37 -59.01 43.46 -79.01
C MET M 37 -58.30 44.18 -77.86
N TYR M 38 -57.01 44.43 -78.03
CA TYR M 38 -56.28 45.26 -77.09
C TYR M 38 -55.28 46.15 -77.83
N THR M 39 -55.00 47.30 -77.23
CA THR M 39 -53.99 48.23 -77.72
C THR M 39 -52.75 48.13 -76.83
N SER M 40 -51.58 48.24 -77.46
CA SER M 40 -50.32 48.01 -76.78
C SER M 40 -49.35 49.16 -77.05
N ILE M 41 -48.26 49.16 -76.32
CA ILE M 41 -47.21 50.16 -76.45
C ILE M 41 -45.92 49.46 -76.90
N PRO M 42 -45.03 50.15 -77.64
CA PRO M 42 -43.76 49.56 -78.06
C PRO M 42 -42.81 49.31 -76.89
N LYS M 57 -52.19 51.23 -81.81
CA LYS M 57 -52.06 50.07 -82.67
C LYS M 57 -52.92 48.90 -82.17
N PRO M 58 -54.17 48.86 -82.64
CA PRO M 58 -55.09 47.79 -82.20
C PRO M 58 -54.65 46.43 -82.72
N GLN M 59 -54.91 45.41 -81.91
CA GLN M 59 -54.62 44.02 -82.29
C GLN M 59 -55.43 43.08 -81.43
N LYS M 60 -55.69 41.89 -81.97
CA LYS M 60 -56.38 40.84 -81.24
C LYS M 60 -55.39 40.02 -80.41
N LEU M 61 -55.92 39.07 -79.64
CA LEU M 61 -55.07 38.19 -78.85
C LEU M 61 -54.26 37.27 -79.74
N GLY M 62 -53.02 37.00 -79.34
CA GLY M 62 -52.16 36.14 -80.11
C GLY M 62 -52.43 34.67 -79.85
N GLU M 63 -51.57 33.84 -80.43
CA GLU M 63 -51.70 32.39 -80.29
C GLU M 63 -51.44 31.93 -78.86
N ASP M 64 -50.38 32.46 -78.24
CA ASP M 64 -50.02 32.12 -76.88
C ASP M 64 -50.60 33.10 -75.85
N GLU M 65 -51.31 34.13 -76.31
CA GLU M 65 -51.87 35.13 -75.42
C GLU M 65 -53.33 34.83 -75.11
N SER M 66 -53.67 34.93 -73.83
CA SER M 66 -55.01 34.65 -73.37
C SER M 66 -55.28 35.46 -72.11
N ILE M 67 -56.57 35.69 -71.84
CA ILE M 67 -57.01 36.43 -70.67
C ILE M 67 -57.95 35.52 -69.89
N PRO M 68 -57.86 35.47 -68.57
CA PRO M 68 -58.82 34.68 -67.78
C PRO M 68 -60.25 35.15 -67.99
N GLU M 69 -61.17 34.19 -68.03
CA GLU M 69 -62.55 34.49 -68.42
C GLU M 69 -63.32 35.17 -67.30
N GLU M 70 -62.77 35.23 -66.09
CA GLU M 70 -63.45 35.92 -64.99
C GLU M 70 -63.45 37.43 -65.20
N ILE M 71 -62.52 37.96 -65.99
CA ILE M 71 -62.37 39.41 -66.13
C ILE M 71 -62.52 39.82 -67.59
N ILE M 72 -62.43 38.86 -68.51
CA ILE M 72 -62.38 39.17 -69.95
C ILE M 72 -63.66 39.82 -70.46
N ASN M 73 -64.77 39.68 -69.73
CA ASN M 73 -65.99 40.40 -70.03
C ASN M 73 -65.97 41.86 -69.57
N GLY M 74 -65.10 42.20 -68.62
CA GLY M 74 -64.85 43.57 -68.23
C GLY M 74 -63.58 44.10 -68.88
N LYS M 75 -63.40 45.41 -68.76
CA LYS M 75 -62.28 46.07 -69.41
C LYS M 75 -60.98 45.74 -68.66
N CYS M 76 -60.07 45.07 -69.37
CA CYS M 76 -58.86 44.54 -68.77
C CYS M 76 -57.66 45.41 -69.11
N PHE M 77 -56.64 45.31 -68.26
CA PHE M 77 -55.35 45.93 -68.51
C PHE M 77 -54.26 44.91 -68.23
N PHE M 78 -53.35 44.75 -69.18
CA PHE M 78 -52.14 43.97 -68.96
C PHE M 78 -51.17 44.87 -68.20
N ILE M 79 -50.71 44.42 -67.04
CA ILE M 79 -49.91 45.25 -66.15
C ILE M 79 -48.64 44.52 -65.77
N HIS M 80 -47.62 45.33 -65.46
CA HIS M 80 -46.30 44.88 -65.06
C HIS M 80 -46.00 45.45 -63.68
N TYR M 81 -45.71 44.58 -62.72
CA TYR M 81 -45.43 45.02 -61.36
C TYR M 81 -44.06 45.68 -61.28
N GLN M 82 -44.01 46.85 -60.64
CA GLN M 82 -42.74 47.54 -60.45
C GLN M 82 -41.90 46.80 -59.41
N GLY M 83 -40.59 46.71 -59.69
CA GLY M 83 -39.71 45.99 -58.80
C GLY M 83 -39.81 44.48 -58.88
N TRP M 84 -40.52 43.96 -59.87
CA TRP M 84 -40.72 42.52 -60.04
C TRP M 84 -40.67 42.23 -61.52
N LYS M 85 -40.16 41.03 -61.88
CA LYS M 85 -39.88 40.66 -63.28
C LYS M 85 -41.15 40.43 -64.12
N SER M 86 -40.96 40.24 -65.42
CA SER M 86 -42.03 40.09 -66.39
C SER M 86 -42.83 38.81 -66.22
N SER M 87 -42.35 37.86 -65.42
CA SER M 87 -43.08 36.64 -65.09
C SER M 87 -44.31 36.94 -64.22
N TRP M 88 -44.37 38.14 -63.60
CA TRP M 88 -45.49 38.59 -62.80
C TRP M 88 -46.48 39.44 -63.58
N ASP M 89 -46.26 39.63 -64.89
CA ASP M 89 -47.13 40.47 -65.68
C ASP M 89 -48.46 39.75 -65.93
N GLU M 90 -49.57 40.47 -65.77
CA GLU M 90 -50.85 39.78 -65.85
C GLU M 90 -51.98 40.74 -66.23
N TRP M 91 -53.10 40.16 -66.65
CA TRP M 91 -54.30 40.91 -66.99
C TRP M 91 -55.18 41.08 -65.75
N VAL M 92 -55.66 42.30 -65.54
CA VAL M 92 -56.52 42.62 -64.39
C VAL M 92 -57.71 43.44 -64.86
N GLY M 93 -58.88 43.19 -64.27
CA GLY M 93 -60.05 44.00 -64.52
C GLY M 93 -60.19 45.14 -63.51
N TYR M 94 -61.30 45.87 -63.63
CA TYR M 94 -61.61 46.98 -62.71
C TYR M 94 -61.67 46.54 -61.25
N ASP M 95 -62.02 45.29 -61.01
CA ASP M 95 -61.95 44.76 -59.65
C ASP M 95 -60.52 44.80 -59.13
N ARG M 96 -59.57 44.34 -59.95
CA ARG M 96 -58.19 44.27 -59.51
C ARG M 96 -57.36 45.49 -59.84
N ILE M 97 -57.90 46.47 -60.58
CA ILE M 97 -57.13 47.65 -60.97
C ILE M 97 -57.86 48.91 -60.52
N ARG M 98 -57.07 49.90 -60.10
CA ARG M 98 -57.55 51.23 -59.71
C ARG M 98 -56.59 52.27 -60.27
N ALA M 99 -57.10 53.50 -60.42
CA ALA M 99 -56.26 54.58 -60.91
C ALA M 99 -55.24 54.99 -59.85
N TYR M 100 -54.14 55.57 -60.30
CA TYR M 100 -53.07 56.02 -59.41
C TYR M 100 -53.42 57.42 -58.90
N ASN M 101 -54.20 57.48 -57.82
CA ASN M 101 -54.57 58.74 -57.21
C ASN M 101 -54.36 58.63 -55.70
N GLU M 102 -54.48 59.78 -55.02
CA GLU M 102 -54.05 59.89 -53.63
C GLU M 102 -54.90 59.03 -52.71
N GLU M 103 -56.16 58.79 -53.07
CA GLU M 103 -57.00 57.88 -52.28
C GLU M 103 -56.47 56.45 -52.35
N ASN M 104 -56.12 56.00 -53.55
CA ASN M 104 -55.55 54.67 -53.72
C ASN M 104 -54.17 54.56 -53.08
N ILE M 105 -53.36 55.62 -53.16
CA ILE M 105 -52.06 55.62 -52.51
C ILE M 105 -52.22 55.56 -50.99
N ALA M 106 -53.20 56.29 -50.45
CA ALA M 106 -53.44 56.28 -49.01
C ALA M 106 -53.93 54.91 -48.52
N MET M 107 -54.83 54.27 -49.26
CA MET M 107 -55.27 52.94 -48.85
C MET M 107 -54.19 51.89 -49.12
N LYS M 108 -53.28 52.17 -50.06
CA LYS M 108 -52.08 51.36 -50.20
C LYS M 108 -51.19 51.46 -48.97
N LYS M 109 -51.01 52.67 -48.45
CA LYS M 109 -50.29 52.85 -47.18
C LYS M 109 -51.00 52.13 -46.05
N ARG M 110 -52.33 52.19 -46.03
CA ARG M 110 -53.12 51.51 -44.99
C ARG M 110 -52.93 50.01 -45.04
N LEU M 111 -52.96 49.42 -46.24
CA LEU M 111 -52.78 47.97 -46.35
C LEU M 111 -51.33 47.57 -46.12
N ALA M 112 -50.38 48.47 -46.41
CA ALA M 112 -49.00 48.24 -46.01
C ALA M 112 -48.87 48.21 -44.50
N ASN M 113 -49.62 49.07 -43.81
CA ASN M 113 -49.66 49.03 -42.35
C ASN M 113 -50.32 47.75 -41.85
N GLU M 114 -51.34 47.26 -42.56
CA GLU M 114 -51.95 45.98 -42.20
C GLU M 114 -50.96 44.82 -42.36
N ALA M 115 -50.17 44.84 -43.43
CA ALA M 115 -49.13 43.83 -43.60
C ALA M 115 -48.05 43.96 -42.53
N LYS M 116 -47.75 45.19 -42.13
CA LYS M 116 -46.80 45.43 -41.03
C LYS M 116 -47.33 44.86 -39.72
N GLU M 117 -48.64 45.04 -39.47
CA GLU M 117 -49.25 44.47 -38.27
C GLU M 117 -49.26 42.95 -38.33
N ALA M 118 -49.46 42.37 -39.51
CA ALA M 118 -49.39 40.92 -39.68
C ALA M 118 -47.97 40.41 -39.40
N LYS M 119 -46.96 41.13 -39.87
CA LYS M 119 -45.57 40.77 -39.60
C LYS M 119 -45.26 40.90 -38.11
N LYS M 120 -45.82 41.93 -37.46
CA LYS M 120 -45.62 42.10 -36.03
C LYS M 120 -46.28 40.97 -35.24
N SER M 121 -47.47 40.54 -35.68
CA SER M 121 -48.13 39.40 -35.06
C SER M 121 -47.33 38.12 -35.28
N LEU M 122 -46.71 37.99 -36.45
CA LEU M 122 -45.79 36.89 -36.72
C LEU M 122 -44.62 36.89 -35.73
N LEU M 123 -44.04 38.07 -35.51
CA LEU M 123 -42.94 38.20 -34.55
C LEU M 123 -43.39 37.86 -33.13
N GLU M 124 -44.58 38.32 -32.74
CA GLU M 124 -45.10 38.02 -31.41
C GLU M 124 -45.36 36.53 -31.23
N GLN M 125 -45.92 35.87 -32.24
CA GLN M 125 -46.24 34.46 -32.06
C GLN M 125 -44.97 33.62 -32.08
N GLN M 126 -43.96 34.02 -32.86
CA GLN M 126 -42.71 33.26 -32.85
C GLN M 126 -41.92 33.50 -31.57
N LYS M 127 -42.01 34.70 -30.99
CA LYS M 127 -41.29 34.94 -29.74
C LYS M 127 -42.02 34.30 -28.57
N LYS M 128 -43.34 34.09 -28.67
CA LYS M 128 -44.03 33.27 -27.67
C LYS M 128 -43.76 31.79 -27.89
N LYS M 129 -43.53 31.35 -29.13
CA LYS M 129 -43.15 29.96 -29.47
C LYS M 129 -41.75 29.64 -28.93
N LYS M 130 -40.85 30.63 -28.95
CA LYS M 130 -39.48 30.56 -28.42
C LYS M 130 -39.52 30.37 -26.90
N LEU M 131 -40.46 31.03 -26.20
CA LEU M 131 -40.66 30.89 -24.76
C LEU M 131 -41.47 29.64 -24.44
N LYS M 219 -5.56 6.49 -0.40
CA LYS M 219 -4.25 5.92 -0.11
C LYS M 219 -4.38 4.75 0.87
N ILE M 220 -3.88 3.59 0.46
CA ILE M 220 -3.94 2.37 1.25
C ILE M 220 -2.52 1.86 1.46
N SER M 221 -2.15 1.62 2.72
CA SER M 221 -0.82 1.19 3.06
C SER M 221 -0.85 -0.17 3.75
N LEU M 222 0.22 -0.95 3.55
CA LEU M 222 0.37 -2.26 4.16
C LEU M 222 1.70 -2.33 4.88
N GLN M 223 1.67 -2.81 6.12
CA GLN M 223 2.87 -2.91 6.93
C GLN M 223 3.40 -4.34 6.81
N ILE M 224 4.15 -4.59 5.74
CA ILE M 224 4.83 -5.85 5.53
C ILE M 224 6.15 -5.79 6.28
N PRO M 225 6.51 -6.82 7.05
CA PRO M 225 7.81 -6.82 7.72
C PRO M 225 8.95 -6.86 6.72
N ILE M 226 10.07 -6.26 7.10
CA ILE M 226 11.20 -6.14 6.19
C ILE M 226 11.88 -7.47 5.94
N LYS M 227 11.67 -8.46 6.81
CA LYS M 227 12.15 -9.81 6.52
C LYS M 227 11.41 -10.40 5.33
N LEU M 228 10.08 -10.24 5.30
CA LEU M 228 9.31 -10.72 4.15
C LEU M 228 9.51 -9.83 2.94
N LYS M 229 9.79 -8.53 3.14
CA LYS M 229 10.16 -7.66 2.04
C LYS M 229 11.48 -8.12 1.41
N SER M 230 12.44 -8.50 2.24
CA SER M 230 13.71 -9.02 1.72
C SER M 230 13.52 -10.38 1.07
N VAL M 231 12.59 -11.19 1.56
CA VAL M 231 12.25 -12.46 0.92
C VAL M 231 11.69 -12.22 -0.48
N LEU M 232 10.79 -11.24 -0.61
CA LEU M 232 10.24 -10.89 -1.92
C LEU M 232 11.31 -10.34 -2.85
N VAL M 233 12.21 -9.51 -2.32
CA VAL M 233 13.28 -8.95 -3.15
C VAL M 233 14.25 -10.04 -3.60
N ASP M 234 14.54 -10.99 -2.71
CA ASP M 234 15.36 -12.15 -3.09
C ASP M 234 14.67 -13.02 -4.14
N ASP M 235 13.34 -13.14 -4.05
CA ASP M 235 12.58 -13.83 -5.08
C ASP M 235 12.70 -13.12 -6.43
N TRP M 236 12.61 -11.79 -6.41
CA TRP M 236 12.81 -11.00 -7.63
C TRP M 236 14.21 -11.19 -8.20
N GLU M 237 15.22 -11.19 -7.32
CA GLU M 237 16.59 -11.48 -7.71
C GLU M 237 16.71 -12.83 -8.39
N TYR M 238 16.16 -13.87 -7.76
CA TYR M 238 16.30 -15.23 -8.27
C TYR M 238 15.57 -15.40 -9.59
N VAL M 239 14.42 -14.77 -9.77
CA VAL M 239 13.67 -14.96 -11.01
C VAL M 239 14.28 -14.14 -12.14
N THR M 240 14.52 -12.85 -11.91
CA THR M 240 14.91 -12.01 -13.03
C THR M 240 16.41 -12.04 -13.30
N LYS M 241 17.24 -11.97 -12.25
CA LYS M 241 18.69 -11.93 -12.42
C LYS M 241 19.31 -13.31 -12.48
N ASP M 242 19.05 -14.15 -11.48
CA ASP M 242 19.61 -15.50 -11.43
C ASP M 242 18.88 -16.47 -12.33
N LYS M 243 17.72 -16.09 -12.87
CA LYS M 243 16.91 -16.90 -13.77
C LYS M 243 16.54 -18.24 -13.13
N LYS M 244 15.90 -18.15 -11.98
CA LYS M 244 15.45 -19.32 -11.25
C LYS M 244 13.94 -19.29 -11.16
N ILE M 245 13.31 -20.45 -11.35
CA ILE M 245 11.89 -20.60 -11.16
C ILE M 245 11.65 -21.40 -9.89
N CYS M 246 10.41 -21.47 -9.47
CA CYS M 246 10.07 -22.21 -8.26
C CYS M 246 9.87 -23.68 -8.57
N ARG M 247 10.22 -24.53 -7.61
CA ARG M 247 9.85 -25.93 -7.67
C ARG M 247 8.34 -26.08 -7.54
N LEU M 248 7.69 -26.54 -8.61
CA LEU M 248 6.25 -26.71 -8.61
C LEU M 248 5.89 -28.15 -8.90
N PRO M 249 5.05 -28.78 -8.08
CA PRO M 249 4.43 -28.27 -6.85
C PRO M 249 5.40 -28.25 -5.67
N ALA M 250 5.27 -27.30 -4.76
CA ALA M 250 6.20 -27.17 -3.66
C ALA M 250 5.91 -28.21 -2.58
N ASP M 251 6.91 -28.47 -1.74
CA ASP M 251 6.70 -29.33 -0.58
C ASP M 251 5.80 -28.66 0.46
N VAL M 252 5.51 -27.38 0.23
CA VAL M 252 4.56 -26.65 1.08
C VAL M 252 3.81 -25.65 0.22
N THR M 253 2.54 -25.90 -0.10
CA THR M 253 1.79 -25.05 -0.99
C THR M 253 1.16 -23.84 -0.33
N VAL M 254 0.25 -23.17 -1.02
CA VAL M 254 -0.36 -21.96 -0.48
C VAL M 254 -1.56 -22.28 0.32
N GLU M 255 -2.31 -23.28 -0.08
CA GLU M 255 -3.41 -23.69 0.72
C GLU M 255 -2.83 -24.14 2.00
N MET M 256 -1.82 -24.95 1.91
CA MET M 256 -1.22 -25.47 3.11
C MET M 256 -0.79 -24.37 4.04
N VAL M 257 -0.52 -23.17 3.56
CA VAL M 257 -0.16 -22.15 4.53
C VAL M 257 -1.39 -21.42 5.03
N LEU M 258 -2.42 -21.29 4.21
CA LEU M 258 -3.59 -20.57 4.62
C LEU M 258 -4.46 -21.49 5.44
N ASN M 259 -4.17 -22.77 5.45
CA ASN M 259 -4.90 -23.70 6.33
C ASN M 259 -4.22 -23.83 7.69
N LYS M 260 -2.89 -23.86 7.71
CA LYS M 260 -2.18 -23.97 8.99
C LYS M 260 -2.29 -22.67 9.78
N TYR M 261 -2.31 -21.52 9.10
CA TYR M 261 -2.52 -20.25 9.79
C TYR M 261 -3.92 -20.17 10.38
N GLU M 262 -4.92 -20.65 9.65
CA GLU M 262 -6.29 -20.71 10.19
C GLU M 262 -6.37 -21.66 11.37
N HIS M 263 -5.74 -22.83 11.27
CA HIS M 263 -5.75 -23.79 12.36
C HIS M 263 -4.86 -23.37 13.53
N GLU M 264 -4.00 -22.38 13.35
CA GLU M 264 -3.19 -21.89 14.45
C GLU M 264 -3.83 -20.72 15.17
N VAL M 265 -4.40 -19.75 14.43
CA VAL M 265 -5.01 -18.60 15.06
C VAL M 265 -6.50 -18.77 15.29
N SER M 266 -7.07 -19.93 14.93
CA SER M 266 -8.47 -20.19 15.24
C SER M 266 -8.68 -20.39 16.73
N GLN M 267 -7.72 -21.03 17.40
CA GLN M 267 -7.79 -21.26 18.84
C GLN M 267 -7.16 -20.15 19.66
N GLU M 268 -6.61 -19.12 19.01
CA GLU M 268 -5.98 -18.03 19.74
C GLU M 268 -6.98 -17.10 20.40
N LEU M 269 -8.24 -17.15 20.00
CA LEU M 269 -9.29 -16.35 20.63
C LEU M 269 -10.61 -17.09 20.49
N GLU M 270 -11.56 -16.71 21.35
CA GLU M 270 -12.84 -17.39 21.47
C GLU M 270 -14.00 -16.51 21.04
N SER M 271 -13.82 -15.77 19.95
CA SER M 271 -14.88 -14.94 19.40
C SER M 271 -15.41 -15.58 18.12
N PRO M 272 -16.69 -15.93 18.05
CA PRO M 272 -17.19 -16.62 16.85
C PRO M 272 -17.30 -15.71 15.64
N GLY M 273 -17.59 -14.42 15.83
CA GLY M 273 -17.57 -13.49 14.72
C GLY M 273 -16.18 -13.31 14.15
N SER M 274 -15.16 -13.29 15.02
CA SER M 274 -13.78 -13.24 14.55
C SER M 274 -13.40 -14.51 13.82
N GLN M 275 -13.91 -15.66 14.28
CA GLN M 275 -13.68 -16.92 13.58
C GLN M 275 -14.29 -16.89 12.19
N SER M 276 -15.51 -16.36 12.08
CA SER M 276 -16.16 -16.22 10.77
C SER M 276 -15.39 -15.28 9.87
N GLN M 277 -14.89 -14.18 10.42
CA GLN M 277 -14.10 -13.23 9.62
C GLN M 277 -12.78 -13.84 9.17
N LEU M 278 -12.14 -14.65 10.03
CA LEU M 278 -10.90 -15.30 9.66
C LEU M 278 -11.10 -16.33 8.56
N SER M 279 -12.14 -17.17 8.69
CA SER M 279 -12.44 -18.14 7.64
C SER M 279 -12.85 -17.44 6.34
N GLU M 280 -13.57 -16.32 6.46
CA GLU M 280 -13.92 -15.52 5.28
C GLU M 280 -12.68 -14.99 4.58
N TYR M 281 -11.73 -14.46 5.35
CA TYR M 281 -10.50 -13.93 4.77
C TYR M 281 -9.69 -15.02 4.11
N CYS M 282 -9.58 -16.19 4.75
CA CYS M 282 -8.80 -17.28 4.18
C CYS M 282 -9.43 -17.79 2.88
N ALA M 283 -10.75 -18.00 2.87
CA ALA M 283 -11.42 -18.48 1.67
C ALA M 283 -11.34 -17.46 0.53
N GLY M 284 -11.49 -16.17 0.87
CA GLY M 284 -11.39 -15.14 -0.15
C GLY M 284 -9.99 -15.02 -0.70
N LEU M 285 -8.98 -15.18 0.15
CA LEU M 285 -7.60 -15.15 -0.31
C LEU M 285 -7.31 -16.33 -1.23
N LYS M 286 -7.87 -17.50 -0.92
CA LYS M 286 -7.70 -18.67 -1.79
C LYS M 286 -8.34 -18.44 -3.16
N LEU M 287 -9.59 -17.94 -3.17
CA LEU M 287 -10.28 -17.69 -4.43
C LEU M 287 -9.57 -16.61 -5.25
N TYR M 288 -9.10 -15.56 -4.57
CA TYR M 288 -8.38 -14.49 -5.24
C TYR M 288 -7.07 -14.99 -5.83
N PHE M 289 -6.37 -15.86 -5.09
CA PHE M 289 -5.13 -16.43 -5.57
C PHE M 289 -5.34 -17.25 -6.83
N ASP M 290 -6.36 -18.12 -6.83
CA ASP M 290 -6.65 -18.92 -8.02
C ASP M 290 -7.06 -18.07 -9.21
N LYS M 291 -7.89 -17.06 -9.00
CA LYS M 291 -8.35 -16.30 -10.14
C LYS M 291 -7.31 -15.29 -10.63
N CYS M 292 -6.36 -14.87 -9.79
CA CYS M 292 -5.42 -13.82 -10.17
C CYS M 292 -4.01 -14.30 -10.46
N LEU M 293 -3.66 -15.55 -10.15
CA LEU M 293 -2.31 -16.03 -10.42
C LEU M 293 -1.98 -16.04 -11.90
N GLY M 294 -2.91 -16.52 -12.73
CA GLY M 294 -2.70 -16.47 -14.16
C GLY M 294 -2.69 -15.08 -14.74
N ASN M 295 -3.28 -14.11 -14.04
CA ASN M 295 -3.33 -12.74 -14.53
C ASN M 295 -2.09 -11.94 -14.18
N MET M 296 -1.78 -11.80 -12.89
CA MET M 296 -0.78 -10.81 -12.53
C MET M 296 0.12 -11.20 -11.37
N LEU M 297 0.41 -12.48 -11.16
CA LEU M 297 1.14 -12.87 -9.96
C LEU M 297 2.49 -13.52 -10.24
N LEU M 298 2.91 -13.62 -11.49
CA LEU M 298 4.14 -14.32 -11.79
C LEU M 298 4.88 -13.64 -12.92
N TYR M 299 6.20 -13.69 -12.87
CA TYR M 299 7.06 -12.97 -13.81
C TYR M 299 6.98 -13.59 -15.20
N ARG M 300 7.65 -12.93 -16.15
CA ARG M 300 7.64 -13.40 -17.53
C ARG M 300 8.35 -14.73 -17.68
N LEU M 301 9.34 -15.01 -16.84
CA LEU M 301 10.05 -16.28 -16.91
C LEU M 301 9.16 -17.44 -16.48
N GLU M 302 8.35 -17.25 -15.45
CA GLU M 302 7.52 -18.32 -14.91
C GLU M 302 6.26 -18.57 -15.70
N ARG M 303 5.95 -17.73 -16.70
CA ARG M 303 4.74 -17.94 -17.48
C ARG M 303 4.86 -19.17 -18.38
N LEU M 304 6.08 -19.54 -18.78
CA LEU M 304 6.27 -20.79 -19.48
C LEU M 304 5.97 -21.99 -18.59
N GLN M 305 6.43 -21.95 -17.33
CA GLN M 305 6.12 -23.01 -16.37
C GLN M 305 4.62 -23.08 -16.10
N TYR M 306 3.97 -21.91 -16.06
CA TYR M 306 2.51 -21.87 -15.95
C TYR M 306 1.85 -22.53 -17.16
N ASP M 307 2.38 -22.28 -18.37
CA ASP M 307 1.84 -22.91 -19.58
C ASP M 307 1.98 -24.43 -19.53
N GLU M 308 3.17 -24.94 -19.15
CA GLU M 308 3.34 -26.38 -19.10
C GLU M 308 2.49 -27.01 -18.00
N LEU M 309 2.27 -26.30 -16.89
CA LEU M 309 1.36 -26.81 -15.86
C LEU M 309 -0.06 -26.87 -16.39
N LEU M 310 -0.50 -25.86 -17.14
CA LEU M 310 -1.84 -25.88 -17.70
C LEU M 310 -2.01 -27.00 -18.71
N LYS M 311 -1.01 -27.23 -19.56
CA LYS M 311 -1.10 -28.33 -20.52
C LYS M 311 -1.05 -29.69 -19.83
N LYS M 312 -0.25 -29.82 -18.77
CA LYS M 312 -0.21 -31.08 -18.03
C LYS M 312 -1.53 -31.34 -17.31
N SER M 313 -2.17 -30.28 -16.80
CA SER M 313 -3.47 -30.44 -16.17
C SER M 313 -4.54 -30.79 -17.20
N SER M 314 -4.47 -30.19 -18.39
CA SER M 314 -5.42 -30.54 -19.45
C SER M 314 -5.17 -31.92 -20.02
N LYS M 315 -3.96 -32.44 -19.91
CA LYS M 315 -3.66 -33.80 -20.37
C LYS M 315 -4.43 -34.83 -19.55
N ASP M 316 -4.46 -34.67 -18.23
CA ASP M 316 -5.12 -35.60 -17.34
C ASP M 316 -6.55 -35.17 -16.98
N GLN M 317 -7.05 -34.12 -17.66
CA GLN M 317 -8.46 -33.69 -17.60
C GLN M 317 -8.89 -33.25 -16.20
N LYS M 318 -7.96 -32.67 -15.45
CA LYS M 318 -8.29 -32.01 -14.19
C LYS M 318 -7.93 -30.53 -14.31
N PRO M 319 -8.84 -29.60 -14.06
CA PRO M 319 -8.49 -28.18 -14.13
C PRO M 319 -7.41 -27.80 -13.12
N LEU M 320 -6.54 -26.89 -13.54
CA LEU M 320 -5.42 -26.47 -12.71
C LEU M 320 -5.88 -25.46 -11.67
N VAL M 321 -5.65 -25.77 -10.40
CA VAL M 321 -5.95 -24.87 -9.29
C VAL M 321 -4.62 -24.43 -8.67
N PRO M 322 -4.33 -23.12 -8.61
CA PRO M 322 -3.06 -22.66 -8.04
C PRO M 322 -2.96 -22.81 -6.53
N ILE M 323 -4.03 -23.20 -5.84
CA ILE M 323 -3.97 -23.38 -4.39
C ILE M 323 -3.04 -24.54 -4.04
N ARG M 324 -3.21 -25.68 -4.73
CA ARG M 324 -2.48 -26.89 -4.40
C ARG M 324 -1.13 -26.99 -5.09
N ILE M 325 -0.81 -26.05 -5.98
CA ILE M 325 0.40 -26.13 -6.81
C ILE M 325 1.46 -25.13 -6.34
N TYR M 326 1.14 -23.85 -6.34
CA TYR M 326 2.12 -22.81 -6.11
C TYR M 326 2.43 -22.67 -4.62
N GLY M 327 3.66 -22.24 -4.33
CA GLY M 327 4.12 -22.14 -2.96
C GLY M 327 3.79 -20.81 -2.33
N ALA M 328 4.26 -20.66 -1.09
CA ALA M 328 3.93 -19.49 -0.27
C ALA M 328 4.56 -18.20 -0.77
N ILE M 329 5.58 -18.27 -1.63
CA ILE M 329 6.21 -17.06 -2.14
C ILE M 329 5.25 -16.32 -3.06
N HIS M 330 4.43 -17.05 -3.83
CA HIS M 330 3.44 -16.39 -4.66
C HIS M 330 2.29 -15.82 -3.82
N LEU M 331 1.98 -16.45 -2.69
CA LEU M 331 1.04 -15.85 -1.75
C LEU M 331 1.59 -14.54 -1.18
N LEU M 332 2.88 -14.51 -0.88
CA LEU M 332 3.52 -13.28 -0.44
C LEU M 332 3.50 -12.22 -1.53
N ARG M 333 3.67 -12.64 -2.79
CA ARG M 333 3.55 -11.72 -3.91
C ARG M 333 2.15 -11.12 -4.01
N LEU M 334 1.12 -11.96 -3.82
CA LEU M 334 -0.25 -11.48 -3.82
C LEU M 334 -0.50 -10.50 -2.70
N ILE M 335 0.07 -10.77 -1.53
CA ILE M 335 -0.06 -9.87 -0.39
C ILE M 335 0.62 -8.53 -0.69
N SER M 336 1.80 -8.58 -1.30
CA SER M 336 2.56 -7.37 -1.57
C SER M 336 1.89 -6.51 -2.64
N VAL M 337 1.28 -7.15 -3.65
CA VAL M 337 0.58 -6.40 -4.69
C VAL M 337 -0.87 -6.11 -4.32
N LEU M 338 -1.34 -6.62 -3.18
CA LEU M 338 -2.74 -6.48 -2.78
C LEU M 338 -3.21 -5.03 -2.56
N PRO M 339 -2.46 -4.11 -1.94
CA PRO M 339 -2.99 -2.73 -1.81
C PRO M 339 -3.30 -2.02 -3.11
N GLU M 340 -2.55 -2.27 -4.17
CA GLU M 340 -2.84 -1.65 -5.46
C GLU M 340 -4.16 -2.18 -6.02
N LEU M 341 -4.45 -3.46 -5.81
CA LEU M 341 -5.73 -4.03 -6.19
C LEU M 341 -6.86 -3.47 -5.34
N ILE M 342 -6.59 -3.21 -4.06
CA ILE M 342 -7.59 -2.63 -3.18
C ILE M 342 -7.93 -1.21 -3.64
N SER M 343 -6.91 -0.43 -4.00
CA SER M 343 -7.13 0.94 -4.44
C SER M 343 -7.77 1.03 -5.83
N SER M 344 -7.85 -0.07 -6.57
CA SER M 344 -8.39 -0.07 -7.92
C SER M 344 -9.83 -0.56 -8.00
N THR M 345 -10.48 -0.78 -6.85
CA THR M 345 -11.86 -1.23 -6.84
C THR M 345 -12.69 -0.33 -5.94
N THR M 346 -13.99 -0.28 -6.19
CA THR M 346 -14.88 0.55 -5.39
C THR M 346 -15.21 -0.14 -4.08
N MET M 347 -14.22 -0.26 -3.20
CA MET M 347 -14.37 -0.89 -1.90
C MET M 347 -14.45 0.21 -0.84
N ASP M 348 -15.43 0.09 0.06
CA ASP M 348 -15.60 1.08 1.12
C ASP M 348 -14.47 1.01 2.13
N LEU M 349 -14.35 2.07 2.94
CA LEU M 349 -13.22 2.24 3.85
C LEU M 349 -13.15 1.15 4.92
N GLN M 350 -14.31 0.71 5.41
CA GLN M 350 -14.34 -0.31 6.46
C GLN M 350 -13.79 -1.64 5.98
N SER M 351 -14.22 -2.07 4.79
CA SER M 351 -13.74 -3.34 4.23
C SER M 351 -12.25 -3.28 3.93
N CYS M 352 -11.79 -2.15 3.39
CA CYS M 352 -10.36 -1.97 3.13
C CYS M 352 -9.54 -2.02 4.41
N GLN M 353 -10.01 -1.35 5.46
CA GLN M 353 -9.28 -1.34 6.72
C GLN M 353 -9.24 -2.73 7.35
N LEU M 354 -10.36 -3.45 7.33
CA LEU M 354 -10.36 -4.77 7.97
C LEU M 354 -9.56 -5.78 7.15
N LEU M 355 -9.58 -5.66 5.82
CA LEU M 355 -8.82 -6.58 4.98
C LEU M 355 -7.33 -6.31 5.15
N ILE M 356 -6.94 -5.03 5.23
CA ILE M 356 -5.56 -4.68 5.51
C ILE M 356 -5.12 -5.18 6.89
N LYS M 357 -6.00 -5.09 7.89
CA LYS M 357 -5.70 -5.59 9.23
C LYS M 357 -5.50 -7.10 9.25
N GLN M 358 -6.38 -7.83 8.54
CA GLN M 358 -6.26 -9.29 8.48
C GLN M 358 -5.01 -9.71 7.73
N THR M 359 -4.68 -9.00 6.65
CA THR M 359 -3.45 -9.27 5.90
C THR M 359 -2.23 -8.99 6.77
N GLU M 360 -2.27 -7.93 7.57
CA GLU M 360 -1.16 -7.62 8.47
C GLU M 360 -0.99 -8.69 9.54
N ASP M 361 -2.11 -9.20 10.07
CA ASP M 361 -2.03 -10.29 11.05
C ASP M 361 -1.48 -11.57 10.42
N PHE M 362 -1.86 -11.87 9.18
CA PHE M 362 -1.28 -13.01 8.48
C PHE M 362 0.22 -12.80 8.24
N LEU M 363 0.62 -11.55 7.94
CA LEU M 363 2.03 -11.26 7.71
C LEU M 363 2.85 -11.41 8.98
N VAL M 364 2.33 -10.95 10.12
CA VAL M 364 3.08 -11.13 11.36
C VAL M 364 2.99 -12.57 11.86
N TRP M 365 2.02 -13.35 11.36
CA TRP M 365 2.07 -14.78 11.59
C TRP M 365 3.16 -15.44 10.76
N LEU M 366 3.44 -14.90 9.57
CA LEU M 366 4.47 -15.47 8.70
C LEU M 366 5.87 -15.29 9.25
N LEU M 367 6.11 -14.25 10.06
CA LEU M 367 7.43 -14.08 10.66
C LEU M 367 7.74 -15.20 11.65
N MET M 368 6.74 -15.67 12.39
CA MET M 368 6.96 -16.74 13.34
C MET M 368 7.26 -18.07 12.65
N HIS M 369 6.92 -18.19 11.36
CA HIS M 369 7.21 -19.39 10.59
C HIS M 369 7.95 -19.06 9.30
N VAL M 370 8.83 -18.05 9.35
CA VAL M 370 9.59 -17.65 8.17
C VAL M 370 10.76 -18.58 7.90
N ASP M 371 11.16 -19.40 8.86
CA ASP M 371 12.25 -20.34 8.68
C ASP M 371 11.81 -21.68 8.12
N GLU M 372 10.49 -21.93 8.03
CA GLU M 372 9.98 -23.19 7.52
C GLU M 372 9.19 -23.04 6.23
N TYR M 373 8.90 -21.82 5.79
CA TYR M 373 8.24 -21.59 4.51
C TYR M 373 9.17 -20.94 3.49
N PHE M 374 10.03 -20.04 3.94
CA PHE M 374 10.97 -19.32 3.08
C PHE M 374 12.38 -19.65 3.57
N ASN M 375 12.90 -20.78 3.12
CA ASN M 375 14.27 -21.17 3.46
C ASN M 375 15.23 -20.73 2.37
N ASP M 376 16.52 -20.79 2.70
CA ASP M 376 17.58 -20.36 1.81
C ASP M 376 18.42 -21.58 1.45
N LYS M 377 18.32 -22.01 0.20
CA LYS M 377 19.02 -23.21 -0.25
C LYS M 377 19.49 -23.04 -1.68
N ASP M 378 20.72 -23.44 -1.94
CA ASP M 378 21.25 -23.41 -3.31
C ASP M 378 20.67 -24.55 -4.12
N PRO M 379 20.04 -24.29 -5.27
CA PRO M 379 19.59 -25.39 -6.14
C PRO M 379 20.72 -26.27 -6.64
N ASN M 380 21.94 -25.74 -6.76
CA ASN M 380 23.08 -26.52 -7.22
C ASN M 380 23.54 -27.54 -6.20
N ARG M 381 23.15 -27.39 -4.94
CA ARG M 381 23.56 -28.28 -3.86
C ARG M 381 22.44 -29.14 -3.32
N SER M 382 21.23 -28.61 -3.23
CA SER M 382 20.11 -29.31 -2.63
C SER M 382 18.98 -29.48 -3.64
N ASP M 383 18.45 -30.69 -3.73
CA ASP M 383 17.25 -30.93 -4.50
C ASP M 383 16.00 -30.41 -3.79
N ASP M 384 16.07 -30.23 -2.47
CA ASP M 384 14.94 -29.76 -1.68
C ASP M 384 14.92 -28.24 -1.52
N ALA M 385 15.57 -27.52 -2.43
CA ALA M 385 15.48 -26.07 -2.44
C ALA M 385 14.12 -25.62 -2.96
N LEU M 386 13.74 -24.39 -2.59
CA LEU M 386 12.47 -23.85 -3.07
C LEU M 386 12.55 -23.37 -4.51
N TYR M 387 13.74 -23.03 -4.99
CA TYR M 387 13.95 -22.59 -6.35
C TYR M 387 14.76 -23.64 -7.11
N VAL M 388 14.59 -23.65 -8.43
CA VAL M 388 15.36 -24.54 -9.28
C VAL M 388 16.07 -23.71 -10.34
N ASN M 389 17.21 -24.21 -10.80
CA ASN M 389 17.88 -23.59 -11.93
C ASN M 389 17.14 -23.96 -13.21
N THR M 390 17.22 -23.08 -14.19
CA THR M 390 16.50 -23.27 -15.43
C THR M 390 17.44 -23.74 -16.54
N SER M 391 16.85 -24.23 -17.62
CA SER M 391 17.60 -24.65 -18.79
C SER M 391 17.63 -23.53 -19.82
N SER M 392 18.57 -23.66 -20.76
CA SER M 392 18.69 -22.67 -21.83
C SER M 392 17.48 -22.70 -22.76
N GLN M 393 16.89 -23.88 -22.96
CA GLN M 393 15.70 -24.00 -23.81
C GLN M 393 14.51 -23.31 -23.16
N TYR M 394 14.35 -23.47 -21.84
CA TYR M 394 13.32 -22.75 -21.10
C TYR M 394 13.54 -21.24 -21.21
N GLU M 395 14.79 -20.79 -21.07
CA GLU M 395 15.10 -19.38 -21.20
C GLU M 395 14.75 -18.85 -22.58
N GLY M 396 15.09 -19.61 -23.63
CA GLY M 396 14.80 -19.18 -24.98
C GLY M 396 13.31 -19.07 -25.26
N VAL M 397 12.54 -20.08 -24.86
CA VAL M 397 11.11 -20.03 -25.10
C VAL M 397 10.44 -18.97 -24.22
N ALA M 398 10.93 -18.78 -22.99
CA ALA M 398 10.30 -17.84 -22.08
C ALA M 398 10.57 -16.40 -22.48
N LEU M 399 11.81 -16.07 -22.85
CA LEU M 399 12.21 -14.69 -23.09
C LEU M 399 12.75 -14.47 -24.49
N GLY M 400 12.28 -15.25 -25.47
CA GLY M 400 12.75 -15.08 -26.83
C GLY M 400 11.65 -14.89 -27.85
N MET M 401 10.42 -15.19 -27.45
CA MET M 401 9.28 -15.08 -28.34
C MET M 401 8.12 -14.36 -27.68
N LYS N 82 3.96 -21.24 -67.17
CA LYS N 82 3.75 -20.80 -68.54
C LYS N 82 4.03 -21.92 -69.54
N GLU N 83 3.37 -23.07 -69.31
CA GLU N 83 3.50 -24.27 -70.15
C GLU N 83 4.95 -24.74 -70.23
N LEU N 84 5.47 -25.17 -69.08
CA LEU N 84 6.86 -25.62 -69.01
C LEU N 84 7.06 -26.89 -69.84
N LEU N 85 6.23 -27.89 -69.62
CA LEU N 85 6.34 -29.18 -70.32
C LEU N 85 5.26 -29.22 -71.40
N GLU N 86 5.70 -29.15 -72.66
CA GLU N 86 4.80 -29.19 -73.80
C GLU N 86 4.53 -30.65 -74.14
N LYS N 87 3.53 -31.23 -73.50
CA LYS N 87 3.16 -32.61 -73.73
C LYS N 87 2.43 -32.75 -75.07
N ASP N 88 2.48 -33.97 -75.61
CA ASP N 88 1.84 -34.27 -76.90
C ASP N 88 0.37 -34.60 -76.67
N SER N 89 -0.30 -35.08 -77.71
CA SER N 89 -1.69 -35.49 -77.58
C SER N 89 -1.83 -36.75 -76.75
N LYS N 90 -0.83 -37.63 -76.79
CA LYS N 90 -0.82 -38.85 -75.99
C LYS N 90 -0.14 -38.66 -74.64
N GLY N 91 0.27 -37.45 -74.30
CA GLY N 91 0.94 -37.19 -73.05
C GLY N 91 2.45 -37.29 -73.08
N ASN N 92 3.03 -37.66 -74.22
CA ASN N 92 4.47 -37.77 -74.31
C ASN N 92 5.13 -36.40 -74.33
N ILE N 93 6.33 -36.34 -73.77
CA ILE N 93 7.12 -35.11 -73.69
C ILE N 93 7.77 -34.85 -75.03
N ILE N 94 7.81 -33.59 -75.44
CA ILE N 94 8.44 -33.21 -76.69
C ILE N 94 9.63 -32.30 -76.44
N LYS N 95 9.36 -31.12 -75.87
CA LYS N 95 10.39 -30.12 -75.66
C LYS N 95 9.88 -29.11 -74.63
N LEU N 96 10.77 -28.71 -73.73
CA LEU N 96 10.45 -27.71 -72.72
C LEU N 96 11.11 -26.38 -73.06
N ASN N 97 10.56 -25.31 -72.49
CA ASN N 97 11.05 -23.96 -72.71
C ASN N 97 11.78 -23.46 -71.47
N GLU N 98 12.88 -22.76 -71.69
CA GLU N 98 13.68 -22.26 -70.57
C GLU N 98 12.95 -21.10 -69.89
N PRO N 99 12.85 -21.10 -68.56
CA PRO N 99 12.23 -19.96 -67.87
C PRO N 99 13.10 -18.72 -67.84
N SER N 100 12.65 -17.68 -67.15
CA SER N 100 13.32 -16.38 -67.14
C SER N 100 14.59 -16.47 -66.31
N THR N 101 15.74 -16.65 -66.98
CA THR N 101 17.02 -16.59 -66.30
C THR N 101 17.34 -15.15 -65.89
N ILE N 102 16.90 -14.19 -66.69
CA ILE N 102 17.19 -12.77 -66.46
C ILE N 102 16.38 -12.22 -65.29
N SER N 103 15.46 -13.03 -64.76
CA SER N 103 14.70 -12.63 -63.58
C SER N 103 15.61 -12.44 -62.37
N GLU N 104 16.59 -13.34 -62.19
CA GLU N 104 17.55 -13.19 -61.12
C GLU N 104 18.98 -13.47 -61.59
N ASP N 105 19.27 -13.23 -62.87
CA ASP N 105 20.64 -13.34 -63.34
C ASP N 105 21.53 -12.21 -62.84
N SER N 106 20.95 -11.10 -62.38
CA SER N 106 21.71 -9.92 -61.98
C SER N 106 21.42 -9.57 -60.53
N LYS N 107 21.32 -10.57 -59.66
CA LYS N 107 21.20 -10.31 -58.23
C LYS N 107 22.52 -9.83 -57.65
N VAL N 108 22.43 -8.89 -56.72
CA VAL N 108 23.62 -8.31 -56.11
C VAL N 108 24.20 -9.31 -55.13
N SER N 109 25.47 -9.66 -55.33
CA SER N 109 26.18 -10.57 -54.45
C SER N 109 26.90 -9.77 -53.37
N VAL N 110 27.81 -10.42 -52.65
CA VAL N 110 28.56 -9.75 -51.60
C VAL N 110 29.55 -8.74 -52.19
N THR N 111 29.95 -8.94 -53.45
CA THR N 111 30.85 -8.01 -54.12
C THR N 111 30.20 -6.67 -54.43
N GLY N 112 28.89 -6.57 -54.36
CA GLY N 112 28.17 -5.39 -54.78
C GLY N 112 27.77 -5.39 -56.24
N LEU N 113 28.26 -6.36 -57.01
CA LEU N 113 27.96 -6.57 -58.42
C LEU N 113 27.47 -8.00 -58.60
N PRO N 114 26.70 -8.27 -59.66
CA PRO N 114 26.29 -9.65 -59.93
C PRO N 114 27.48 -10.53 -60.30
N LEU N 115 27.29 -11.83 -60.10
CA LEU N 115 28.30 -12.80 -60.51
C LEU N 115 28.46 -12.88 -62.02
N ASN N 116 27.49 -12.37 -62.77
CA ASN N 116 27.60 -12.34 -64.23
C ASN N 116 28.74 -11.45 -64.69
N LYS N 117 28.90 -10.29 -64.06
CA LYS N 117 29.89 -9.30 -64.47
C LYS N 117 31.05 -9.27 -63.49
N GLY N 118 32.17 -8.72 -63.96
CA GLY N 118 33.35 -8.54 -63.14
C GLY N 118 33.34 -7.22 -62.41
N PRO N 119 34.47 -6.86 -61.81
CA PRO N 119 34.55 -5.62 -61.05
C PRO N 119 34.44 -4.38 -61.92
N SER N 120 33.86 -3.33 -61.36
CA SER N 120 33.74 -2.05 -62.04
C SER N 120 35.03 -1.24 -61.87
N GLU N 121 35.16 -0.21 -62.71
CA GLU N 121 36.36 0.63 -62.67
C GLU N 121 36.43 1.47 -61.41
N LYS N 122 35.27 1.86 -60.85
CA LYS N 122 35.23 2.69 -59.66
C LYS N 122 35.90 1.98 -58.49
N ILE N 123 35.71 0.66 -58.37
CA ILE N 123 36.41 -0.10 -57.34
C ILE N 123 37.73 -0.69 -57.85
N LYS N 124 37.95 -0.69 -59.16
CA LYS N 124 39.25 -1.11 -59.70
C LYS N 124 40.32 -0.05 -59.54
N ARG N 125 39.94 1.22 -59.36
CA ARG N 125 40.88 2.34 -59.18
C ARG N 125 41.70 2.21 -57.89
N GLU N 126 41.08 1.90 -56.76
CA GLU N 126 41.80 1.81 -55.50
C GLU N 126 42.24 0.39 -55.15
N SER N 127 41.80 -0.61 -55.90
CA SER N 127 42.17 -1.99 -55.60
C SER N 127 43.45 -2.40 -56.32
N LEU N 128 43.49 -2.24 -57.64
CA LEU N 128 44.71 -2.48 -58.39
C LEU N 128 45.75 -1.43 -58.07
N TRP N 129 47.03 -1.79 -58.26
CA TRP N 129 48.10 -0.84 -58.00
C TRP N 129 48.07 0.33 -58.98
N ASN N 130 47.78 0.06 -60.25
CA ASN N 130 47.65 1.10 -61.25
C ASN N 130 46.58 0.69 -62.26
N TYR N 131 45.74 1.64 -62.65
CA TYR N 131 44.69 1.40 -63.63
C TYR N 131 44.77 2.47 -64.71
N ARG N 132 44.80 2.04 -65.97
CA ARG N 132 44.83 2.95 -67.10
C ARG N 132 43.48 3.00 -67.78
N LYS N 133 43.11 4.18 -68.28
CA LYS N 133 41.84 4.36 -68.96
C LYS N 133 41.92 3.87 -70.40
N ARG N 164 50.05 -24.58 -64.13
CA ARG N 164 49.86 -25.64 -65.12
C ARG N 164 48.92 -26.70 -64.55
N ASN N 165 48.20 -27.41 -65.43
CA ASN N 165 47.20 -28.39 -65.03
C ASN N 165 47.89 -29.73 -64.74
N ASP N 166 48.62 -29.75 -63.62
CA ASP N 166 49.18 -30.98 -63.06
C ASP N 166 48.47 -31.33 -61.75
N LEU N 167 47.15 -31.15 -61.73
CA LEU N 167 46.37 -31.29 -60.52
C LEU N 167 46.23 -32.75 -60.11
N LYS N 168 46.45 -33.01 -58.83
CA LYS N 168 46.24 -34.33 -58.25
C LYS N 168 44.96 -34.40 -57.43
N THR N 169 44.11 -33.38 -57.52
CA THR N 169 42.88 -33.30 -56.75
C THR N 169 41.70 -34.00 -57.41
N PHE N 170 41.86 -34.50 -58.61
CA PHE N 170 40.80 -35.26 -59.28
C PHE N 170 40.91 -36.77 -59.04
N LEU N 171 41.94 -37.21 -58.33
CA LEU N 171 42.16 -38.63 -58.07
C LEU N 171 41.48 -39.12 -56.80
N THR N 172 40.86 -38.22 -56.04
CA THR N 172 40.31 -38.59 -54.74
C THR N 172 39.11 -39.51 -54.82
N GLU N 173 38.16 -39.19 -55.67
CA GLU N 173 36.95 -39.99 -55.75
C GLU N 173 37.35 -41.44 -55.86
N ASN N 174 38.41 -41.71 -56.61
CA ASN N 174 38.84 -43.07 -56.83
C ASN N 174 39.53 -43.65 -55.62
N MET N 175 40.26 -42.84 -54.88
CA MET N 175 41.02 -43.37 -53.77
C MET N 175 40.27 -43.35 -52.45
N THR N 176 38.99 -43.05 -52.51
CA THR N 176 38.18 -43.00 -51.30
C THR N 176 37.36 -44.27 -51.10
N GLU N 177 37.54 -44.93 -49.97
CA GLU N 177 36.77 -46.12 -49.67
C GLU N 177 35.75 -45.80 -48.61
N GLU N 178 34.48 -46.11 -48.84
CA GLU N 178 33.43 -45.83 -47.87
C GLU N 178 33.76 -46.42 -46.52
N SER N 179 33.07 -45.98 -45.48
CA SER N 179 33.39 -46.44 -44.13
C SER N 179 32.09 -46.56 -43.36
N ASN N 180 31.71 -47.78 -43.01
CA ASN N 180 30.50 -48.04 -42.23
C ASN N 180 30.76 -49.13 -41.20
N ILE N 181 31.88 -49.05 -40.50
CA ILE N 181 32.29 -50.08 -39.56
C ILE N 181 32.00 -49.70 -38.11
N ARG N 182 31.14 -48.70 -37.89
CA ARG N 182 30.82 -48.30 -36.53
C ARG N 182 29.91 -49.32 -35.86
N SER N 183 29.97 -49.35 -34.53
CA SER N 183 29.13 -50.26 -33.75
C SER N 183 27.66 -49.88 -33.82
N THR N 184 27.35 -48.64 -34.18
CA THR N 184 25.97 -48.19 -34.33
C THR N 184 25.54 -48.13 -35.78
N ILE N 185 26.20 -48.89 -36.67
CA ILE N 185 25.80 -48.92 -38.07
C ILE N 185 24.49 -49.69 -38.20
N GLY N 186 23.77 -49.40 -39.29
CA GLY N 186 22.41 -49.91 -39.41
C GLY N 186 21.50 -49.09 -38.52
N TRP N 187 21.10 -49.69 -37.39
CA TRP N 187 20.41 -48.95 -36.34
C TRP N 187 21.09 -49.26 -35.02
N ASN N 188 20.98 -48.31 -34.08
CA ASN N 188 21.58 -48.47 -32.76
C ASN N 188 20.91 -49.57 -31.96
N ASN N 259 -2.02 -1.21 -32.56
CA ASN N 259 -1.02 -2.19 -32.15
C ASN N 259 0.31 -1.51 -31.85
N GLU N 260 0.99 -1.98 -30.81
CA GLU N 260 2.25 -1.40 -30.37
C GLU N 260 3.41 -2.37 -30.62
N ASP N 261 4.62 -1.84 -30.51
CA ASP N 261 5.84 -2.61 -30.71
C ASP N 261 6.34 -3.25 -29.43
N PHE N 262 5.61 -3.12 -28.33
CA PHE N 262 5.99 -3.72 -27.06
C PHE N 262 4.80 -4.48 -26.49
N CYS N 263 5.11 -5.52 -25.71
CA CYS N 263 4.08 -6.29 -25.05
C CYS N 263 3.38 -5.44 -23.99
N SER N 264 2.06 -5.59 -23.89
CA SER N 264 1.31 -4.84 -22.91
C SER N 264 1.40 -5.44 -21.51
N ALA N 265 1.96 -6.63 -21.37
CA ALA N 265 2.05 -7.31 -20.08
C ALA N 265 3.42 -7.17 -19.44
N CYS N 266 4.50 -7.37 -20.21
CA CYS N 266 5.84 -7.33 -19.66
C CYS N 266 6.65 -6.13 -20.15
N ASN N 267 6.11 -5.32 -21.06
CA ASN N 267 6.77 -4.14 -21.62
C ASN N 267 8.12 -4.51 -22.27
N GLN N 268 8.10 -5.58 -23.07
CA GLN N 268 9.28 -6.04 -23.76
C GLN N 268 8.92 -6.41 -25.19
N SER N 269 9.91 -6.35 -26.07
CA SER N 269 9.69 -6.65 -27.48
C SER N 269 9.65 -8.16 -27.70
N GLY N 270 9.13 -8.54 -28.85
CA GLY N 270 9.02 -9.94 -29.21
C GLY N 270 7.88 -10.14 -30.19
N SER N 271 7.54 -11.41 -30.41
CA SER N 271 6.42 -11.75 -31.26
C SER N 271 5.12 -11.63 -30.47
N PHE N 272 4.18 -10.86 -31.00
CA PHE N 272 2.97 -10.50 -30.27
C PHE N 272 1.73 -11.07 -30.94
N LEU N 273 0.70 -11.26 -30.13
CA LEU N 273 -0.66 -11.49 -30.62
C LEU N 273 -1.42 -10.19 -30.49
N CYS N 274 -1.87 -9.64 -31.61
CA CYS N 274 -2.41 -8.29 -31.67
C CYS N 274 -3.91 -8.32 -31.42
N CYS N 275 -4.37 -7.45 -30.51
CA CYS N 275 -5.78 -7.30 -30.26
C CYS N 275 -6.46 -6.62 -31.45
N ASP N 276 -7.64 -7.12 -31.82
CA ASP N 276 -8.32 -6.61 -33.01
C ASP N 276 -8.98 -5.26 -32.74
N THR N 277 -9.86 -5.21 -31.75
CA THR N 277 -10.60 -3.99 -31.42
C THR N 277 -9.93 -3.21 -30.29
N CYS N 278 -8.61 -3.28 -30.20
CA CYS N 278 -7.86 -2.69 -29.11
C CYS N 278 -6.42 -2.52 -29.57
N PRO N 279 -5.78 -1.38 -29.27
CA PRO N 279 -4.42 -1.14 -29.77
C PRO N 279 -3.32 -1.78 -28.94
N LYS N 280 -3.62 -2.73 -28.07
CA LYS N 280 -2.62 -3.37 -27.22
C LYS N 280 -2.18 -4.69 -27.83
N SER N 281 -0.91 -5.04 -27.61
CA SER N 281 -0.34 -6.29 -28.10
C SER N 281 0.26 -7.06 -26.94
N PHE N 282 0.10 -8.38 -26.97
CA PHE N 282 0.53 -9.24 -25.89
C PHE N 282 1.42 -10.35 -26.43
N HIS N 283 2.40 -10.77 -25.62
CA HIS N 283 3.19 -11.93 -25.92
C HIS N 283 2.31 -13.18 -25.90
N PHE N 284 2.73 -14.20 -26.65
CA PHE N 284 1.97 -15.45 -26.69
C PHE N 284 1.99 -16.17 -25.36
N LEU N 285 3.06 -16.01 -24.58
CA LEU N 285 3.17 -16.61 -23.26
C LEU N 285 2.66 -15.72 -22.15
N CYS N 286 2.35 -14.46 -22.44
CA CYS N 286 1.99 -13.49 -21.41
C CYS N 286 0.50 -13.49 -21.09
N LEU N 287 -0.31 -14.21 -21.85
CA LEU N 287 -1.76 -14.20 -21.68
C LEU N 287 -2.21 -15.29 -20.71
N ASP N 288 -3.47 -15.18 -20.29
CA ASP N 288 -4.11 -16.21 -19.48
C ASP N 288 -5.34 -16.79 -20.18
N PRO N 289 -5.31 -18.07 -20.56
CA PRO N 289 -4.17 -18.99 -20.54
C PRO N 289 -3.23 -18.66 -21.69
N PRO N 290 -1.95 -19.01 -21.60
CA PRO N 290 -1.02 -18.72 -22.69
C PRO N 290 -1.40 -19.43 -23.98
N ILE N 291 -1.24 -18.73 -25.10
CA ILE N 291 -1.69 -19.20 -26.40
C ILE N 291 -0.52 -19.83 -27.12
N ASP N 292 -0.74 -21.04 -27.65
CA ASP N 292 0.27 -21.70 -28.46
C ASP N 292 0.52 -20.90 -29.74
N PRO N 293 1.77 -20.74 -30.16
CA PRO N 293 2.04 -20.00 -31.40
C PRO N 293 1.69 -20.76 -32.67
N ASN N 294 1.25 -22.01 -32.57
CA ASN N 294 0.73 -22.75 -33.71
C ASN N 294 -0.78 -23.00 -33.63
N ASN N 295 -1.36 -22.97 -32.45
CA ASN N 295 -2.79 -23.19 -32.31
C ASN N 295 -3.51 -21.88 -32.07
N LEU N 296 -3.44 -20.98 -33.04
CA LEU N 296 -4.01 -19.65 -32.83
C LEU N 296 -5.52 -19.62 -32.94
N PRO N 297 -6.12 -18.51 -32.50
CA PRO N 297 -7.56 -18.38 -32.66
C PRO N 297 -7.88 -18.20 -34.12
N LYS N 298 -8.91 -18.88 -34.61
CA LYS N 298 -9.21 -18.85 -36.05
C LYS N 298 -9.65 -17.50 -36.60
N GLY N 299 -10.61 -16.85 -35.95
CA GLY N 299 -11.13 -15.60 -36.49
C GLY N 299 -10.65 -14.32 -35.86
N ASP N 300 -11.16 -14.00 -34.68
CA ASP N 300 -10.77 -12.76 -34.02
C ASP N 300 -10.27 -13.01 -32.62
N TRP N 301 -9.40 -12.13 -32.13
CA TRP N 301 -8.90 -12.28 -30.79
C TRP N 301 -9.03 -10.99 -30.07
N HIS N 302 -9.76 -11.00 -28.98
CA HIS N 302 -9.85 -9.79 -28.17
C HIS N 302 -9.09 -10.00 -26.88
N CYS N 303 -8.63 -8.89 -26.29
CA CYS N 303 -7.99 -8.95 -25.00
C CYS N 303 -9.03 -9.11 -23.89
N ASN N 304 -8.55 -9.30 -22.67
CA ASN N 304 -9.44 -9.46 -21.53
C ASN N 304 -10.24 -8.19 -21.28
N GLU N 305 -9.59 -7.03 -21.36
CA GLU N 305 -10.29 -5.75 -21.22
C GLU N 305 -11.29 -5.55 -22.34
N CYS N 306 -10.90 -5.88 -23.57
CA CYS N 306 -11.81 -5.76 -24.71
C CYS N 306 -12.98 -6.72 -24.58
N LYS N 307 -12.71 -7.97 -24.14
CA LYS N 307 -13.79 -8.94 -23.96
C LYS N 307 -14.76 -8.49 -22.89
N PHE N 308 -14.24 -7.90 -21.80
CA PHE N 308 -15.12 -7.34 -20.78
C PHE N 308 -15.93 -6.17 -21.33
N LYS N 309 -15.33 -5.38 -22.23
CA LYS N 309 -16.06 -4.28 -22.85
C LYS N 309 -17.22 -4.77 -23.70
N ILE N 310 -17.00 -5.82 -24.51
CA ILE N 310 -18.10 -6.37 -25.31
C ILE N 310 -19.13 -7.03 -24.41
N PHE N 311 -18.70 -7.64 -23.30
CA PHE N 311 -19.65 -8.26 -22.38
C PHE N 311 -20.51 -7.20 -21.70
N ILE N 312 -19.92 -6.05 -21.36
CA ILE N 312 -20.68 -4.97 -20.75
C ILE N 312 -21.64 -4.34 -21.75
N ASN N 313 -21.16 -4.09 -22.98
CA ASN N 313 -22.00 -3.44 -23.98
C ASN N 313 -23.12 -4.37 -24.48
N ASN N 314 -22.89 -5.68 -24.45
CA ASN N 314 -23.93 -6.62 -24.87
C ASN N 314 -25.04 -6.72 -23.83
N SER N 315 -24.68 -6.67 -22.55
CA SER N 315 -25.65 -6.73 -21.47
C SER N 315 -26.33 -5.38 -21.30
N MET N 316 -27.66 -5.39 -21.07
CA MET N 316 -28.49 -4.17 -20.92
C MET N 316 -28.27 -3.45 -19.58
N ALA N 317 -28.00 -4.20 -18.52
CA ALA N 317 -27.74 -3.65 -17.19
C ALA N 317 -26.34 -2.99 -17.12
N THR N 318 -26.19 -2.01 -16.23
CA THR N 318 -24.91 -1.27 -16.06
C THR N 318 -23.89 -2.08 -15.23
N LEU N 319 -22.65 -1.60 -15.13
CA LEU N 319 -21.53 -2.31 -14.51
C LEU N 319 -21.78 -2.57 -13.03
N LYS N 320 -22.28 -1.58 -12.28
CA LYS N 320 -22.53 -1.75 -10.83
C LYS N 320 -23.62 -2.77 -10.55
N LYS N 321 -24.56 -2.97 -11.48
CA LYS N 321 -25.62 -3.98 -11.35
C LYS N 321 -24.99 -5.37 -11.44
N ILE N 322 -24.07 -5.62 -12.37
CA ILE N 322 -23.39 -6.91 -12.46
C ILE N 322 -22.46 -7.10 -11.27
N GLU N 323 -21.83 -6.02 -10.80
CA GLU N 323 -20.98 -6.11 -9.61
C GLU N 323 -21.78 -6.52 -8.39
N SER N 324 -22.95 -5.90 -8.19
CA SER N 324 -23.80 -6.24 -7.07
C SER N 324 -24.36 -7.66 -7.19
N ASN N 325 -24.71 -8.06 -8.42
CA ASN N 325 -25.18 -9.43 -8.64
C ASN N 325 -24.09 -10.45 -8.37
N PHE N 326 -22.84 -10.14 -8.74
CA PHE N 326 -21.72 -11.04 -8.45
C PHE N 326 -21.41 -11.07 -6.97
N ILE N 327 -21.60 -9.96 -6.26
CA ILE N 327 -21.39 -9.94 -4.82
C ILE N 327 -22.44 -10.78 -4.11
N LYS N 328 -23.70 -10.60 -4.48
CA LYS N 328 -24.84 -11.30 -3.88
C LYS N 328 -24.86 -12.78 -4.23
N GLN N 329 -24.46 -13.17 -5.45
CA GLN N 329 -24.38 -14.57 -5.83
C GLN N 329 -23.22 -15.27 -5.14
N ASN N 330 -22.09 -14.58 -5.01
CA ASN N 330 -20.95 -15.10 -4.27
C ASN N 330 -21.06 -14.59 -2.84
N ASN N 331 -22.06 -15.12 -2.13
CA ASN N 331 -22.29 -14.74 -0.74
C ASN N 331 -21.33 -15.42 0.22
N ASN N 332 -20.63 -16.46 -0.23
CA ASN N 332 -19.65 -17.15 0.61
C ASN N 332 -18.50 -16.24 1.01
N VAL N 333 -18.01 -15.42 0.08
CA VAL N 333 -16.95 -14.45 0.36
C VAL N 333 -17.46 -13.07 -0.01
N LYS N 334 -17.44 -12.14 0.94
CA LYS N 334 -17.94 -10.79 0.72
C LYS N 334 -16.83 -9.77 0.51
N ILE N 335 -15.77 -9.82 1.31
CA ILE N 335 -14.75 -8.79 1.26
C ILE N 335 -13.91 -8.87 -0.02
N PHE N 336 -13.59 -10.08 -0.47
CA PHE N 336 -12.83 -10.25 -1.69
C PHE N 336 -13.69 -10.21 -2.95
N ALA N 337 -15.01 -10.10 -2.81
CA ALA N 337 -15.89 -10.18 -3.97
C ALA N 337 -15.68 -9.02 -4.92
N LYS N 338 -15.49 -7.81 -4.39
CA LYS N 338 -15.16 -6.67 -5.24
C LYS N 338 -13.77 -6.83 -5.85
N LEU N 339 -12.85 -7.50 -5.16
CA LEU N 339 -11.56 -7.81 -5.73
C LEU N 339 -11.67 -8.88 -6.81
N LEU N 340 -12.54 -9.86 -6.60
CA LEU N 340 -12.73 -10.91 -7.60
C LEU N 340 -13.37 -10.37 -8.87
N PHE N 341 -14.28 -9.41 -8.73
CA PHE N 341 -15.02 -8.92 -9.89
C PHE N 341 -14.15 -8.10 -10.82
N ASN N 342 -13.29 -7.24 -10.26
CA ASN N 342 -12.60 -6.24 -11.06
C ASN N 342 -11.40 -6.79 -11.82
N ILE N 343 -10.93 -8.00 -11.51
CA ILE N 343 -9.73 -8.47 -12.19
C ILE N 343 -10.07 -9.30 -13.43
N ASP N 344 -11.35 -9.61 -13.64
CA ASP N 344 -11.75 -10.17 -14.92
C ASP N 344 -11.66 -9.13 -16.03
N SER N 345 -11.82 -7.85 -15.70
CA SER N 345 -11.67 -6.77 -16.66
C SER N 345 -10.23 -6.35 -16.90
N HIS N 346 -9.35 -6.62 -15.94
CA HIS N 346 -7.95 -6.24 -16.10
C HIS N 346 -7.24 -7.18 -17.06
N ASN N 347 -6.50 -6.61 -18.00
CA ASN N 347 -5.66 -7.41 -18.88
C ASN N 347 -4.53 -8.05 -18.07
N PRO N 348 -4.08 -9.23 -18.48
CA PRO N 348 -2.97 -9.88 -17.76
C PRO N 348 -1.69 -9.08 -17.93
N LYS N 349 -0.95 -8.94 -16.83
CA LYS N 349 0.31 -8.21 -16.82
C LYS N 349 1.35 -9.01 -16.06
N GLN N 350 2.61 -8.79 -16.39
CA GLN N 350 3.70 -9.42 -15.65
C GLN N 350 3.77 -8.83 -14.25
N PHE N 351 3.99 -9.71 -13.27
CA PHE N 351 4.08 -9.25 -11.89
C PHE N 351 5.33 -8.38 -11.69
N GLN N 352 5.15 -7.22 -11.09
CA GLN N 352 6.25 -6.37 -10.71
C GLN N 352 6.09 -6.03 -9.24
N LEU N 353 7.20 -6.01 -8.52
CA LEU N 353 7.18 -5.63 -7.12
C LEU N 353 6.76 -4.16 -7.00
N PRO N 354 5.89 -3.83 -6.05
CA PRO N 354 5.52 -2.43 -5.84
C PRO N 354 6.71 -1.62 -5.32
N ASN N 355 6.56 -0.31 -5.39
CA ASN N 355 7.66 0.59 -5.06
C ASN N 355 8.06 0.49 -3.60
N TYR N 356 7.08 0.35 -2.69
CA TYR N 356 7.39 0.32 -1.26
C TYR N 356 8.13 -0.94 -0.83
N ILE N 357 8.16 -1.98 -1.67
CA ILE N 357 9.05 -3.11 -1.41
C ILE N 357 10.44 -2.81 -1.96
N LYS N 358 10.54 -1.91 -2.94
CA LYS N 358 11.84 -1.61 -3.54
C LYS N 358 12.52 -0.42 -2.88
N GLU N 359 11.75 0.54 -2.36
CA GLU N 359 12.35 1.72 -1.74
C GLU N 359 12.97 1.43 -0.38
N THR N 360 12.61 0.32 0.27
CA THR N 360 13.22 0.01 1.56
C THR N 360 14.65 -0.49 1.41
N PHE N 361 15.04 -0.91 0.21
CA PHE N 361 16.41 -1.30 -0.08
C PHE N 361 16.99 -0.34 -1.10
N PRO N 362 17.80 0.63 -0.68
CA PRO N 362 18.30 1.64 -1.63
C PRO N 362 19.32 1.10 -2.62
N ALA N 363 20.01 0.01 -2.31
CA ALA N 363 20.97 -0.54 -3.26
C ALA N 363 20.28 -1.22 -4.43
N VAL N 364 19.05 -1.68 -4.23
CA VAL N 364 18.34 -2.43 -5.26
C VAL N 364 17.78 -1.47 -6.30
N LYS N 365 18.12 -1.68 -7.56
CA LYS N 365 17.64 -0.88 -8.67
C LYS N 365 16.81 -1.75 -9.61
N THR N 366 16.22 -1.11 -10.61
CA THR N 366 15.41 -1.78 -11.62
C THR N 366 16.05 -1.57 -12.98
N GLY N 367 16.26 -2.67 -13.71
CA GLY N 367 16.85 -2.60 -15.03
C GLY N 367 15.90 -2.06 -16.08
N SER N 368 16.41 -2.01 -17.32
CA SER N 368 15.61 -1.51 -18.43
C SER N 368 14.47 -2.44 -18.77
N ARG N 369 14.65 -3.75 -18.59
CA ARG N 369 13.62 -4.74 -18.85
C ARG N 369 12.81 -5.07 -17.61
N GLY N 370 13.00 -4.32 -16.52
CA GLY N 370 12.37 -4.65 -15.27
C GLY N 370 13.10 -5.68 -14.45
N GLN N 371 14.29 -6.10 -14.88
CA GLN N 371 15.04 -7.11 -14.18
C GLN N 371 15.68 -6.55 -12.91
N TYR N 372 16.19 -7.45 -12.08
CA TYR N 372 16.86 -7.06 -10.85
C TYR N 372 18.20 -6.40 -11.16
N SER N 373 18.55 -5.43 -10.33
CA SER N 373 19.86 -4.79 -10.38
C SER N 373 20.18 -4.26 -9.00
N ASP N 374 21.44 -4.33 -8.61
CA ASP N 374 21.85 -3.89 -7.28
C ASP N 374 23.27 -3.32 -7.37
N GLU N 375 23.91 -3.16 -6.20
CA GLU N 375 25.24 -2.56 -6.14
C GLU N 375 26.30 -3.45 -6.76
N ASN N 376 26.05 -4.75 -6.90
CA ASN N 376 26.98 -5.64 -7.59
C ASN N 376 26.65 -5.76 -9.07
N ASP N 377 26.52 -4.61 -9.73
CA ASP N 377 26.21 -4.56 -11.16
C ASP N 377 26.82 -3.31 -11.75
N LYS N 378 27.54 -3.47 -12.85
CA LYS N 378 28.21 -2.34 -13.47
C LYS N 378 27.22 -1.46 -14.23
N ILE N 379 27.60 -0.20 -14.40
CA ILE N 379 26.89 0.69 -15.31
C ILE N 379 27.17 0.18 -16.71
N PRO N 380 26.14 -0.12 -17.51
CA PRO N 380 26.38 -0.72 -18.83
C PRO N 380 27.12 0.21 -19.76
N LEU N 381 28.17 -0.32 -20.39
CA LEU N 381 28.98 0.45 -21.31
C LEU N 381 28.23 0.70 -22.61
N THR N 382 28.21 1.95 -23.05
CA THR N 382 27.55 2.30 -24.29
C THR N 382 28.35 1.79 -25.48
N ASP N 383 27.71 1.75 -26.65
CA ASP N 383 28.37 1.27 -27.86
C ASP N 383 29.45 2.24 -28.34
N ARG N 384 29.45 3.48 -27.82
CA ARG N 384 30.51 4.42 -28.12
C ARG N 384 31.84 3.98 -27.52
N GLN N 385 31.80 3.19 -26.45
CA GLN N 385 33.02 2.73 -25.79
C GLN N 385 33.52 1.40 -26.33
N LEU N 386 32.62 0.47 -26.69
CA LEU N 386 33.02 -0.85 -27.14
C LEU N 386 33.50 -0.86 -28.59
N PHE N 387 32.67 -0.42 -29.53
CA PHE N 387 32.96 -0.56 -30.95
C PHE N 387 33.34 0.75 -31.63
N ASN N 388 33.16 1.90 -30.98
CA ASN N 388 33.49 3.18 -31.56
C ASN N 388 34.81 3.75 -31.03
N THR N 389 35.76 2.85 -30.76
CA THR N 389 37.06 3.27 -30.26
C THR N 389 38.15 3.02 -31.29
N SER N 390 39.32 3.62 -31.08
CA SER N 390 40.42 3.47 -32.02
C SER N 390 41.01 2.07 -31.99
N TYR N 391 41.78 1.71 -33.02
CA TYR N 391 42.29 0.34 -33.09
C TYR N 391 43.20 -0.01 -31.92
N GLY N 392 44.19 0.81 -31.65
CA GLY N 392 45.14 0.48 -30.60
C GLY N 392 44.55 0.54 -29.21
N GLN N 393 43.55 1.38 -29.02
CA GLN N 393 42.97 1.55 -27.70
C GLN N 393 41.67 0.78 -27.59
N SER N 394 41.68 -0.27 -26.78
CA SER N 394 40.49 -1.09 -26.62
C SER N 394 40.08 -1.18 -25.16
N ILE N 395 38.79 -1.35 -24.92
CA ILE N 395 38.30 -1.50 -23.56
C ILE N 395 38.95 -2.68 -22.87
N THR N 396 39.46 -3.63 -23.64
CA THR N 396 40.08 -4.82 -23.07
C THR N 396 41.42 -4.50 -22.44
N LYS N 397 42.08 -3.43 -22.90
CA LYS N 397 43.40 -2.98 -22.41
C LYS N 397 44.44 -4.08 -22.54
N LEU N 398 44.37 -4.85 -23.62
CA LEU N 398 45.32 -5.92 -23.88
C LEU N 398 46.03 -5.81 -25.22
N ASP N 399 45.58 -4.91 -26.08
CA ASP N 399 46.14 -4.79 -27.43
C ASP N 399 47.27 -3.78 -27.56
N SER N 400 47.59 -3.10 -26.47
CA SER N 400 48.61 -2.07 -26.51
C SER N 400 49.16 -1.86 -25.11
N TYR N 401 50.29 -1.17 -25.05
CA TYR N 401 50.93 -0.80 -23.78
C TYR N 401 50.32 0.50 -23.30
N ASN N 402 49.57 0.45 -22.20
CA ASN N 402 48.91 1.63 -21.65
C ASN N 402 49.43 1.89 -20.24
N PRO N 403 50.42 2.76 -20.07
CA PRO N 403 50.94 3.04 -18.73
C PRO N 403 50.10 4.05 -17.95
N ASP N 404 49.07 4.64 -18.56
CA ASP N 404 48.17 5.53 -17.82
C ASP N 404 47.04 4.74 -17.17
N THR N 405 47.43 3.65 -16.51
CA THR N 405 46.55 2.85 -15.67
C THR N 405 47.17 2.50 -14.33
N HIS N 406 48.50 2.60 -14.21
CA HIS N 406 49.18 2.50 -12.93
C HIS N 406 49.21 3.82 -12.17
N ILE N 407 48.77 4.91 -12.79
CA ILE N 407 48.80 6.24 -12.21
C ILE N 407 47.38 6.62 -11.81
N ASP N 408 47.22 7.01 -10.55
CA ASP N 408 45.91 7.45 -10.06
C ASP N 408 45.57 8.77 -10.74
N SER N 409 44.31 8.90 -11.16
CA SER N 409 43.90 10.08 -11.91
C SER N 409 43.77 11.30 -11.01
N ASN N 410 43.18 11.14 -9.82
CA ASN N 410 42.89 12.26 -8.95
C ASN N 410 44.00 12.54 -7.94
N SER N 411 45.08 11.76 -7.94
CA SER N 411 46.16 11.97 -6.98
C SER N 411 47.50 12.09 -7.68
N GLY N 412 47.64 11.40 -8.82
CA GLY N 412 48.88 11.39 -9.55
C GLY N 412 49.91 10.40 -9.05
N LYS N 413 49.63 9.69 -7.98
CA LYS N 413 50.56 8.71 -7.45
C LYS N 413 50.44 7.40 -8.22
N PHE N 414 51.26 6.43 -7.84
CA PHE N 414 51.31 5.14 -8.52
C PHE N 414 50.40 4.14 -7.81
N LEU N 415 49.57 3.46 -8.59
CA LEU N 415 48.67 2.44 -8.06
C LEU N 415 49.50 1.22 -7.67
N ILE N 416 49.77 1.07 -6.38
CA ILE N 416 50.56 -0.04 -5.87
C ILE N 416 49.64 -1.24 -5.70
N CYS N 417 49.98 -2.35 -6.34
CA CYS N 417 49.22 -3.58 -6.20
C CYS N 417 49.32 -4.08 -4.76
N TYR N 418 48.23 -4.68 -4.27
CA TYR N 418 48.16 -5.02 -2.86
C TYR N 418 49.05 -6.21 -2.53
N LYS N 419 49.05 -7.24 -3.37
CA LYS N 419 49.76 -8.46 -3.03
C LYS N 419 51.27 -8.32 -3.23
N CYS N 420 51.70 -7.85 -4.40
CA CYS N 420 53.12 -7.78 -4.69
C CYS N 420 53.78 -6.51 -4.16
N ASN N 421 52.99 -5.54 -3.69
CA ASN N 421 53.47 -4.26 -3.17
C ASN N 421 54.33 -3.50 -4.17
N GLN N 422 54.02 -3.66 -5.46
CA GLN N 422 54.77 -3.01 -6.51
C GLN N 422 53.81 -2.54 -7.59
N THR N 423 54.26 -1.58 -8.39
CA THR N 423 53.59 -1.21 -9.62
C THR N 423 54.55 -1.44 -10.78
N ARG N 424 54.20 -2.38 -11.65
CA ARG N 424 55.05 -2.75 -12.77
C ARG N 424 54.60 -1.92 -13.97
N LEU N 425 55.09 -0.69 -14.03
CA LEU N 425 54.64 0.23 -15.07
C LEU N 425 55.24 -0.12 -16.42
N GLY N 426 56.41 -0.73 -16.45
CA GLY N 426 57.11 -0.95 -17.70
C GLY N 426 57.94 0.24 -18.09
N SER N 427 58.50 0.18 -19.29
CA SER N 427 59.42 1.22 -19.71
C SER N 427 59.24 1.70 -21.15
N TRP N 428 58.32 1.11 -21.93
CA TRP N 428 58.00 1.41 -23.32
C TRP N 428 59.15 1.02 -24.27
N SER N 429 60.30 0.65 -23.72
CA SER N 429 61.32 -0.07 -24.46
C SER N 429 61.31 -1.56 -24.15
N HIS N 430 60.81 -1.93 -22.97
CA HIS N 430 60.49 -3.32 -22.64
C HIS N 430 59.07 -3.33 -22.11
N PRO N 431 58.06 -3.25 -22.99
CA PRO N 431 56.67 -3.24 -22.52
C PRO N 431 56.21 -4.59 -22.00
N GLU N 432 56.96 -5.66 -22.25
CA GLU N 432 56.65 -6.95 -21.67
C GLU N 432 56.94 -7.01 -20.18
N ASN N 433 57.70 -6.04 -19.66
CA ASN N 433 57.96 -5.95 -18.23
C ASN N 433 56.82 -5.29 -17.46
N SER N 434 55.81 -4.77 -18.17
CA SER N 434 54.67 -4.13 -17.53
C SER N 434 53.61 -5.16 -17.21
N ARG N 435 53.20 -5.21 -15.95
CA ARG N 435 52.13 -6.11 -15.51
C ARG N 435 50.83 -5.33 -15.44
N LEU N 436 49.76 -5.92 -15.98
CA LEU N 436 48.47 -5.25 -16.02
C LEU N 436 47.92 -5.09 -14.60
N ILE N 437 47.30 -3.95 -14.36
CA ILE N 437 46.76 -3.65 -13.04
C ILE N 437 45.32 -3.16 -13.19
N MET N 438 44.45 -3.64 -12.32
CA MET N 438 43.08 -3.17 -12.25
C MET N 438 42.77 -2.77 -10.81
N THR N 439 41.72 -1.99 -10.64
CA THR N 439 41.28 -1.58 -9.32
C THR N 439 39.94 -2.25 -9.01
N CYS N 440 39.73 -2.54 -7.72
CA CYS N 440 38.47 -3.09 -7.28
C CYS N 440 37.35 -2.08 -7.50
N ASP N 441 36.16 -2.59 -7.80
CA ASP N 441 35.03 -1.73 -8.09
C ASP N 441 34.30 -1.28 -6.84
N TYR N 442 34.73 -1.72 -5.66
CA TYR N 442 34.10 -1.35 -4.41
C TYR N 442 35.00 -0.51 -3.52
N CYS N 443 36.20 -1.00 -3.19
CA CYS N 443 37.11 -0.28 -2.31
C CYS N 443 38.29 0.35 -3.06
N GLN N 444 38.31 0.20 -4.39
CA GLN N 444 39.34 0.78 -5.27
C GLN N 444 40.75 0.30 -4.92
N THR N 445 40.88 -0.90 -4.38
CA THR N 445 42.18 -1.45 -4.08
C THR N 445 42.81 -1.99 -5.35
N PRO N 446 43.98 -1.50 -5.77
CA PRO N 446 44.55 -1.93 -7.05
C PRO N 446 45.19 -3.30 -6.94
N TRP N 447 44.91 -4.16 -7.92
CA TRP N 447 45.41 -5.51 -7.96
C TRP N 447 46.04 -5.77 -9.31
N HIS N 448 47.17 -6.46 -9.32
CA HIS N 448 47.73 -6.92 -10.58
C HIS N 448 46.89 -8.05 -11.14
N LEU N 449 46.94 -8.21 -12.45
CA LEU N 449 46.21 -9.28 -13.11
C LEU N 449 46.80 -10.65 -12.83
N ASP N 450 48.02 -10.73 -12.31
CA ASP N 450 48.67 -12.00 -12.02
C ASP N 450 48.66 -12.34 -10.53
N CYS N 451 48.57 -11.34 -9.66
CA CYS N 451 48.56 -11.61 -8.22
C CYS N 451 47.27 -12.27 -7.80
N VAL N 452 46.14 -11.73 -8.26
CA VAL N 452 44.87 -12.46 -8.30
C VAL N 452 44.78 -13.11 -9.67
N PRO N 453 44.55 -14.41 -9.76
CA PRO N 453 44.58 -15.06 -11.08
C PRO N 453 43.38 -14.66 -11.94
N ARG N 454 43.64 -13.79 -12.91
CA ARG N 454 42.60 -13.27 -13.79
C ARG N 454 43.22 -12.99 -15.15
N ALA N 455 42.47 -13.27 -16.21
CA ALA N 455 42.90 -12.92 -17.56
C ALA N 455 42.12 -11.77 -18.15
N SER N 456 40.87 -11.58 -17.74
CA SER N 456 40.05 -10.48 -18.22
C SER N 456 40.22 -9.26 -17.32
N PHE N 457 39.74 -8.11 -17.80
CA PHE N 457 39.72 -6.90 -17.02
C PHE N 457 38.37 -6.60 -16.38
N LYS N 458 37.36 -7.44 -16.60
CA LYS N 458 35.99 -7.22 -16.12
C LYS N 458 35.46 -5.87 -16.58
N ASN N 459 35.27 -5.76 -17.90
CA ASN N 459 34.80 -4.49 -18.46
C ASN N 459 33.29 -4.33 -18.35
N LEU N 460 32.53 -5.41 -18.54
CA LEU N 460 31.07 -5.32 -18.47
C LEU N 460 30.53 -6.54 -17.73
N GLY N 461 29.30 -6.41 -17.26
CA GLY N 461 28.67 -7.46 -16.48
C GLY N 461 28.48 -7.05 -15.04
N SER N 462 29.00 -7.86 -14.13
CA SER N 462 28.97 -7.52 -12.71
C SER N 462 30.24 -6.79 -12.33
N LYS N 463 30.16 -6.05 -11.22
CA LYS N 463 31.33 -5.34 -10.71
C LYS N 463 32.33 -6.34 -10.16
N TRP N 464 33.61 -6.12 -10.46
CA TRP N 464 34.64 -7.02 -9.96
C TRP N 464 34.94 -6.75 -8.49
N LYS N 465 35.03 -7.82 -7.71
CA LYS N 465 35.28 -7.73 -6.28
C LYS N 465 36.68 -8.28 -5.99
N CYS N 466 37.50 -7.46 -5.34
CA CYS N 466 38.82 -7.90 -4.94
C CYS N 466 38.71 -8.95 -3.84
N PRO N 467 39.75 -9.78 -3.65
CA PRO N 467 39.66 -10.83 -2.63
C PRO N 467 39.57 -10.35 -1.18
N LEU N 468 39.83 -9.06 -0.91
CA LEU N 468 39.88 -8.60 0.47
C LEU N 468 38.51 -8.35 1.08
N HIS N 469 37.45 -8.37 0.29
CA HIS N 469 36.12 -8.03 0.81
C HIS N 469 35.47 -9.24 1.47
N SER N 470 34.75 -9.00 2.56
CA SER N 470 34.05 -10.06 3.26
C SER N 470 32.86 -10.54 2.42
N PRO N 471 32.59 -11.84 2.40
CA PRO N 471 31.52 -12.35 1.55
C PRO N 471 30.14 -12.02 2.08
N THR N 472 29.20 -11.82 1.16
CA THR N 472 27.80 -11.65 1.50
C THR N 472 27.02 -12.96 1.48
N LYS N 473 27.65 -14.05 1.05
CA LYS N 473 27.03 -15.37 1.01
C LYS N 473 28.12 -16.42 1.16
N VAL N 474 27.96 -17.31 2.12
CA VAL N 474 28.94 -18.37 2.37
C VAL N 474 28.19 -19.67 2.60
N TYR N 475 28.81 -20.79 2.29
CA TYR N 475 28.27 -22.10 2.61
C TYR N 475 29.22 -22.83 3.56
N LYS N 476 28.67 -23.41 4.62
CA LYS N 476 29.46 -24.14 5.59
C LYS N 476 28.90 -25.55 5.74
N LYS N 477 29.79 -26.49 6.03
CA LYS N 477 29.42 -27.89 6.17
C LYS N 477 28.89 -28.17 7.57
N ILE N 478 27.79 -28.91 7.64
CA ILE N 478 27.22 -29.28 8.93
C ILE N 478 28.12 -30.30 9.63
N HIS N 479 28.58 -31.31 8.90
CA HIS N 479 29.42 -32.41 9.40
C HIS N 479 28.80 -33.11 10.61
N ASN N 488 24.13 -32.35 5.92
CA ASN N 488 23.82 -31.32 4.95
C ASN N 488 24.77 -30.14 5.06
N TYR N 489 24.22 -28.93 5.07
CA TYR N 489 25.02 -27.72 5.11
C TYR N 489 24.17 -26.61 5.71
N LYS N 490 24.79 -25.46 5.94
CA LYS N 490 24.09 -24.26 6.32
C LYS N 490 24.60 -23.09 5.49
N VAL N 491 23.67 -22.20 5.13
CA VAL N 491 24.00 -21.02 4.33
C VAL N 491 23.76 -19.80 5.21
N TRP N 492 24.49 -18.72 4.93
CA TRP N 492 24.27 -17.44 5.57
C TRP N 492 24.36 -16.35 4.50
N LYS N 493 23.37 -15.47 4.47
CA LYS N 493 23.42 -14.30 3.60
C LYS N 493 23.36 -13.03 4.43
N LYS N 494 24.24 -12.09 4.11
CA LYS N 494 24.24 -10.79 4.76
C LYS N 494 22.95 -10.05 4.46
N GLN N 495 22.46 -9.31 5.44
CA GLN N 495 21.23 -8.53 5.27
C GLN N 495 21.44 -7.43 4.23
N ARG N 496 20.39 -7.17 3.46
CA ARG N 496 20.46 -6.12 2.47
C ARG N 496 20.49 -4.75 3.15
N LEU N 497 21.06 -3.77 2.46
CA LEU N 497 21.09 -2.41 2.97
C LEU N 497 19.69 -1.83 3.02
N ILE N 498 19.40 -1.10 4.10
CA ILE N 498 18.10 -0.50 4.34
C ILE N 498 18.29 1.00 4.48
N ASN N 499 17.36 1.77 3.93
CA ASN N 499 17.40 3.22 4.03
C ASN N 499 17.35 3.67 5.49
N LYS N 500 17.85 4.89 5.73
CA LYS N 500 18.09 5.38 7.07
C LYS N 500 16.82 5.54 7.90
N LYS N 501 15.65 5.67 7.26
CA LYS N 501 14.41 5.81 8.00
C LYS N 501 13.91 4.49 8.55
N ASN N 502 14.39 3.35 8.04
CA ASN N 502 13.91 2.05 8.47
C ASN N 502 15.05 1.13 8.92
N GLN N 503 16.25 1.66 9.06
CA GLN N 503 17.41 0.88 9.47
C GLN N 503 17.83 1.30 10.87
N LEU N 504 17.85 0.34 11.79
CA LEU N 504 18.24 0.59 13.17
C LEU N 504 19.61 -0.01 13.43
N TYR N 505 20.56 0.84 13.82
CA TYR N 505 21.88 0.41 14.27
C TYR N 505 21.86 0.43 15.79
N TYR N 506 22.15 -0.71 16.41
CA TYR N 506 22.09 -0.81 17.86
C TYR N 506 23.45 -1.28 18.36
N GLU N 507 23.84 -0.79 19.55
CA GLU N 507 25.12 -1.15 20.15
C GLU N 507 24.91 -2.19 21.22
N PRO N 508 25.53 -3.37 21.12
CA PRO N 508 25.44 -4.37 22.19
C PRO N 508 25.88 -3.86 23.54
N LEU N 509 25.20 -4.37 24.57
CA LEU N 509 25.70 -4.24 25.94
C LEU N 509 26.73 -5.33 26.24
N GLN N 510 26.48 -6.54 25.75
CA GLN N 510 27.44 -7.62 25.90
C GLN N 510 28.57 -7.46 24.89
N LYS N 511 29.80 -7.45 25.38
CA LYS N 511 30.96 -7.25 24.51
C LYS N 511 31.48 -8.58 23.98
N ILE N 512 31.53 -9.59 24.84
CA ILE N 512 32.19 -10.85 24.49
C ILE N 512 31.13 -11.92 24.31
N GLY N 513 31.17 -12.60 23.17
CA GLY N 513 30.29 -13.72 22.89
C GLY N 513 28.90 -13.33 22.41
N TYR N 514 28.67 -12.07 22.06
CA TYR N 514 27.38 -11.65 21.54
C TYR N 514 27.16 -12.26 20.16
N GLN N 515 26.20 -13.18 20.08
CA GLN N 515 25.87 -13.85 18.83
C GLN N 515 25.14 -12.87 17.93
N ASN N 516 25.92 -12.24 17.06
CA ASN N 516 25.37 -11.35 16.06
C ASN N 516 25.20 -12.22 14.87
N ASN N 517 24.32 -11.84 13.98
CA ASN N 517 24.02 -12.69 12.86
C ASN N 517 25.11 -12.66 11.83
N GLY N 518 26.23 -12.05 12.14
CA GLY N 518 27.27 -11.89 11.14
C GLY N 518 27.07 -10.56 10.50
N ASN N 519 25.98 -9.90 10.82
CA ASN N 519 25.71 -8.59 10.28
C ASN N 519 26.12 -7.55 11.28
N ILE N 520 27.30 -6.99 11.13
CA ILE N 520 27.82 -6.07 12.12
C ILE N 520 28.30 -4.77 11.55
N GLN N 521 28.67 -3.83 12.41
CA GLN N 521 29.25 -2.56 11.98
C GLN N 521 30.40 -2.31 12.90
N ILE N 522 31.50 -1.79 12.39
CA ILE N 522 32.68 -1.54 13.20
C ILE N 522 32.66 -0.09 13.68
N ILE N 523 32.80 0.10 14.98
CA ILE N 523 32.86 1.44 15.58
C ILE N 523 34.32 1.74 15.89
N PRO N 524 34.73 3.01 15.95
CA PRO N 524 36.11 3.32 16.35
C PRO N 524 36.37 2.92 17.79
N THR N 525 37.62 2.53 18.05
CA THR N 525 38.04 2.10 19.37
C THR N 525 38.64 3.28 20.12
N THR N 526 38.07 3.59 21.29
CA THR N 526 38.54 4.71 22.10
C THR N 526 39.25 4.22 23.35
N ASN N 545 44.75 3.22 26.94
CA ASN N 545 45.98 2.55 27.35
C ASN N 545 45.70 1.40 28.31
N SER N 546 44.66 1.56 29.12
CA SER N 546 44.29 0.51 30.07
C SER N 546 43.79 -0.73 29.37
N ILE N 547 43.09 -0.55 28.23
CA ILE N 547 42.57 -1.68 27.47
C ILE N 547 43.70 -2.50 26.88
N LYS N 548 44.81 -1.83 26.51
CA LYS N 548 45.94 -2.53 25.91
C LYS N 548 46.59 -3.50 26.91
N TYR N 549 46.78 -3.06 28.16
CA TYR N 549 47.33 -3.95 29.17
C TYR N 549 46.29 -4.93 29.70
N ASP N 550 45.00 -4.60 29.57
CA ASP N 550 43.94 -5.51 29.98
C ASP N 550 43.97 -6.76 29.11
N PHE N 551 44.26 -6.58 27.82
CA PHE N 551 44.40 -7.71 26.92
C PHE N 551 45.65 -8.54 27.25
N PHE N 552 46.70 -7.90 27.75
CA PHE N 552 47.96 -8.61 28.00
C PHE N 552 47.82 -9.58 29.16
N ASP N 553 47.19 -9.16 30.25
CA ASP N 553 47.02 -10.05 31.39
C ASP N 553 45.97 -11.12 31.12
N LYS N 554 44.96 -10.79 30.31
CA LYS N 554 43.89 -11.75 30.04
C LYS N 554 44.39 -12.94 29.24
N ILE N 555 45.34 -12.73 28.34
CA ILE N 555 46.05 -13.86 27.73
C ILE N 555 46.96 -14.53 28.74
N TYR N 556 47.65 -13.78 29.57
CA TYR N 556 48.52 -14.50 30.49
C TYR N 556 47.72 -15.51 31.30
N LYS N 557 46.73 -15.02 32.04
CA LYS N 557 45.95 -15.90 32.91
C LYS N 557 45.39 -17.10 32.20
N SER N 558 44.80 -16.88 31.05
CA SER N 558 44.15 -17.98 30.34
C SER N 558 45.13 -19.04 29.89
N LYS N 559 46.26 -18.61 29.34
CA LYS N 559 47.26 -19.57 28.90
C LYS N 559 47.80 -20.33 30.11
N MET N 560 47.93 -19.63 31.23
CA MET N 560 48.38 -20.30 32.44
C MET N 560 47.40 -21.41 32.81
N VAL N 561 46.13 -21.08 32.81
CA VAL N 561 45.11 -22.06 33.15
C VAL N 561 45.20 -23.24 32.20
N GLN N 562 45.43 -22.96 30.93
CA GLN N 562 45.56 -24.02 29.94
C GLN N 562 46.71 -24.95 30.28
N LYS N 563 47.89 -24.40 30.51
CA LYS N 563 49.01 -25.24 30.92
C LYS N 563 48.53 -26.17 32.02
N ARG N 564 47.90 -25.60 33.04
CA ARG N 564 47.39 -26.38 34.18
C ARG N 564 46.42 -27.46 33.71
N LYS N 565 45.56 -27.13 32.75
CA LYS N 565 44.65 -28.12 32.19
C LYS N 565 45.41 -29.21 31.44
N LEU N 566 46.51 -28.84 30.78
CA LEU N 566 47.39 -29.83 30.17
C LEU N 566 48.04 -30.71 31.23
N PHE N 567 48.53 -30.10 32.31
CA PHE N 567 49.27 -30.83 33.34
C PHE N 567 48.39 -31.70 34.23
N GLN N 568 47.08 -31.43 34.29
CA GLN N 568 46.17 -32.21 35.13
C GLN N 568 45.72 -33.51 34.47
N PHE N 569 45.80 -33.62 33.15
CA PHE N 569 45.30 -34.80 32.46
C PHE N 569 46.39 -35.78 32.04
N GLN N 570 47.61 -35.31 31.81
CA GLN N 570 48.68 -36.23 31.41
C GLN N 570 49.12 -37.10 32.58
N GLU N 571 49.02 -36.57 33.80
CA GLU N 571 49.34 -37.36 34.99
C GLU N 571 48.35 -38.50 35.18
N SER N 572 47.07 -38.28 34.83
CA SER N 572 46.10 -39.36 34.89
C SER N 572 46.36 -40.41 33.81
N LEU N 573 46.99 -40.02 32.71
CA LEU N 573 47.28 -40.97 31.64
C LEU N 573 48.38 -41.95 32.03
N ILE N 574 49.46 -41.45 32.63
CA ILE N 574 50.54 -42.33 33.04
C ILE N 574 50.19 -43.12 34.28
N ASP N 575 49.27 -42.62 35.11
CA ASP N 575 48.78 -43.38 36.26
C ASP N 575 47.72 -44.39 35.87
N LYS N 576 47.29 -44.42 34.61
CA LYS N 576 46.40 -45.46 34.13
C LYS N 576 47.17 -46.68 33.64
N LEU N 577 48.38 -46.48 33.13
CA LEU N 577 49.18 -47.56 32.58
C LEU N 577 49.70 -48.54 33.63
N VAL N 578 49.91 -48.08 34.86
CA VAL N 578 50.36 -48.98 35.93
C VAL N 578 49.29 -49.99 36.32
N SER N 579 48.02 -49.61 36.29
CA SER N 579 46.92 -50.51 36.62
C SER N 579 46.77 -51.64 35.60
N GLU O 7 -9.02 -2.39 84.18
CA GLU O 7 -8.71 -3.79 83.92
C GLU O 7 -9.98 -4.65 83.88
N PHE O 8 -9.84 -5.93 84.18
CA PHE O 8 -10.95 -6.87 84.20
C PHE O 8 -11.16 -7.38 85.61
N ALA O 9 -12.40 -7.35 86.07
CA ALA O 9 -12.77 -7.83 87.40
C ALA O 9 -14.01 -8.69 87.31
N LEU O 10 -14.17 -9.58 88.29
CA LEU O 10 -15.35 -10.42 88.37
C LEU O 10 -16.59 -9.59 88.68
N GLY O 11 -17.59 -9.66 87.80
CA GLY O 11 -18.79 -8.87 87.93
C GLY O 11 -18.69 -7.47 87.38
N GLY O 12 -17.55 -7.06 86.87
CA GLY O 12 -17.39 -5.71 86.37
C GLY O 12 -17.90 -5.55 84.95
N ARG O 13 -18.07 -4.29 84.56
CA ARG O 13 -18.47 -3.95 83.20
C ARG O 13 -17.36 -4.25 82.21
N CYS O 14 -17.74 -4.65 81.01
CA CYS O 14 -16.78 -4.80 79.92
C CYS O 14 -17.50 -4.56 78.61
N LEU O 15 -16.72 -4.24 77.57
CA LEU O 15 -17.23 -4.07 76.22
C LEU O 15 -16.57 -5.09 75.31
N ALA O 16 -17.37 -5.75 74.48
CA ALA O 16 -16.91 -6.93 73.78
C ALA O 16 -17.36 -6.93 72.32
N PHE O 17 -16.62 -7.68 71.51
CA PHE O 17 -16.99 -7.83 70.12
C PHE O 17 -18.17 -8.74 70.01
N HIS O 18 -18.90 -8.64 68.92
CA HIS O 18 -19.99 -9.56 68.66
C HIS O 18 -20.20 -9.16 67.26
N GLY O 19 -19.77 -9.99 66.33
CA GLY O 19 -19.79 -9.56 64.95
C GLY O 19 -18.94 -8.31 64.79
N PRO O 20 -19.48 -7.30 64.13
CA PRO O 20 -18.72 -6.04 63.97
C PRO O 20 -18.97 -5.01 65.05
N LEU O 21 -19.80 -5.30 66.05
CA LEU O 21 -20.27 -4.27 66.96
C LEU O 21 -19.91 -4.57 68.41
N MET O 22 -20.04 -3.52 69.23
CA MET O 22 -19.62 -3.49 70.61
C MET O 22 -20.81 -3.68 71.52
N TYR O 23 -20.66 -4.54 72.53
CA TYR O 23 -21.76 -4.77 73.45
C TYR O 23 -21.24 -4.85 74.88
N GLU O 24 -22.04 -4.32 75.81
CA GLU O 24 -21.68 -4.33 77.22
C GLU O 24 -22.03 -5.68 77.85
N ALA O 25 -21.19 -6.11 78.79
CA ALA O 25 -21.31 -7.42 79.37
C ALA O 25 -20.78 -7.44 80.79
N LYS O 26 -21.25 -8.42 81.55
CA LYS O 26 -20.78 -8.74 82.90
C LYS O 26 -19.81 -9.90 82.83
N ILE O 27 -18.71 -9.80 83.57
CA ILE O 27 -17.74 -10.88 83.65
C ILE O 27 -18.11 -11.76 84.85
N LEU O 28 -18.64 -12.94 84.57
CA LEU O 28 -19.05 -13.87 85.60
C LEU O 28 -17.94 -14.84 86.01
N LYS O 29 -17.09 -15.25 85.07
CA LYS O 29 -15.99 -16.16 85.36
C LYS O 29 -14.72 -15.62 84.73
N ILE O 30 -13.59 -15.90 85.37
CA ILE O 30 -12.27 -15.53 84.88
C ILE O 30 -11.46 -16.81 84.72
N TRP O 31 -10.97 -17.07 83.51
CA TRP O 31 -10.29 -18.32 83.18
C TRP O 31 -8.79 -18.10 83.10
N ASP O 32 -8.03 -19.04 83.65
CA ASP O 32 -6.57 -19.04 83.56
C ASP O 32 -6.13 -20.23 82.73
N PRO O 33 -5.46 -20.02 81.58
CA PRO O 33 -5.09 -21.15 80.73
C PRO O 33 -4.06 -22.07 81.35
N SER O 34 -3.17 -21.55 82.20
CA SER O 34 -2.08 -22.36 82.74
C SER O 34 -2.60 -23.38 83.74
N SER O 35 -3.56 -22.99 84.58
CA SER O 35 -4.07 -23.87 85.61
C SER O 35 -5.25 -24.71 85.15
N LYS O 36 -5.76 -24.47 83.93
CA LYS O 36 -6.96 -25.12 83.39
C LYS O 36 -8.13 -24.96 84.37
N MET O 37 -8.39 -23.71 84.75
CA MET O 37 -9.20 -23.39 85.91
C MET O 37 -9.86 -22.04 85.68
N TYR O 38 -11.00 -21.82 86.34
CA TYR O 38 -11.65 -20.52 86.34
C TYR O 38 -12.23 -20.22 87.70
N THR O 39 -12.30 -18.93 88.02
CA THR O 39 -12.94 -18.42 89.22
C THR O 39 -14.28 -17.82 88.87
N SER O 40 -15.26 -18.02 89.74
CA SER O 40 -16.63 -17.63 89.47
C SER O 40 -17.20 -16.83 90.63
N ILE O 41 -18.38 -16.26 90.40
CA ILE O 41 -19.09 -15.47 91.40
C ILE O 41 -20.41 -16.16 91.71
N PRO O 42 -20.96 -16.02 92.93
CA PRO O 42 -22.26 -16.62 93.27
C PRO O 42 -23.41 -15.97 92.52
N LYS O 57 -13.19 -18.56 94.61
CA LYS O 57 -13.48 -20.00 94.60
C LYS O 57 -13.03 -20.65 93.29
N PRO O 58 -11.79 -21.09 93.24
CA PRO O 58 -11.26 -21.73 92.02
C PRO O 58 -11.94 -23.06 91.73
N GLN O 59 -12.11 -23.35 90.45
CA GLN O 59 -12.68 -24.62 90.00
C GLN O 59 -12.30 -24.87 88.55
N LYS O 60 -12.27 -26.15 88.18
CA LYS O 60 -12.01 -26.55 86.81
C LYS O 60 -13.31 -26.55 86.00
N LEU O 61 -13.18 -26.85 84.70
CA LEU O 61 -14.34 -26.92 83.83
C LEU O 61 -15.21 -28.12 84.20
N GLY O 62 -16.52 -27.94 84.11
CA GLY O 62 -17.45 -29.01 84.43
C GLY O 62 -17.61 -29.98 83.28
N GLU O 63 -18.55 -30.91 83.48
CA GLU O 63 -18.81 -31.94 82.48
C GLU O 63 -19.43 -31.35 81.21
N ASP O 64 -20.40 -30.45 81.37
CA ASP O 64 -21.05 -29.79 80.25
C ASP O 64 -20.41 -28.46 79.89
N GLU O 65 -19.40 -28.02 80.62
CA GLU O 65 -18.76 -26.75 80.39
C GLU O 65 -17.50 -26.92 79.55
N SER O 66 -17.36 -26.07 78.54
CA SER O 66 -16.22 -26.12 77.63
C SER O 66 -15.97 -24.72 77.10
N ILE O 67 -14.73 -24.51 76.65
CA ILE O 67 -14.30 -23.24 76.08
C ILE O 67 -13.78 -23.54 74.68
N PRO O 68 -14.10 -22.72 73.68
CA PRO O 68 -13.53 -22.91 72.33
C PRO O 68 -12.01 -22.83 72.35
N GLU O 69 -11.37 -23.69 71.56
CA GLU O 69 -9.92 -23.83 71.62
C GLU O 69 -9.19 -22.67 70.96
N GLU O 70 -9.90 -21.80 70.24
CA GLU O 70 -9.25 -20.65 69.63
C GLU O 70 -8.83 -19.62 70.67
N ILE O 71 -9.45 -19.63 71.84
CA ILE O 71 -9.19 -18.60 72.84
C ILE O 71 -8.70 -19.22 74.15
N ILE O 72 -8.87 -20.55 74.30
CA ILE O 72 -8.61 -21.21 75.57
C ILE O 72 -7.14 -21.17 75.97
N ASN O 73 -6.24 -20.92 75.02
CA ASN O 73 -4.83 -20.68 75.32
C ASN O 73 -4.56 -19.27 75.83
N GLY O 74 -5.46 -18.32 75.57
CA GLY O 74 -5.40 -17.00 76.16
C GLY O 74 -6.36 -16.89 77.33
N LYS O 75 -6.20 -15.79 78.08
CA LYS O 75 -6.99 -15.59 79.28
C LYS O 75 -8.42 -15.25 78.91
N CYS O 76 -9.35 -16.11 79.30
CA CYS O 76 -10.75 -16.02 78.89
C CYS O 76 -11.60 -15.45 80.02
N PHE O 77 -12.74 -14.89 79.62
CA PHE O 77 -13.76 -14.44 80.56
C PHE O 77 -15.11 -14.93 80.06
N PHE O 78 -15.86 -15.57 80.94
CA PHE O 78 -17.27 -15.90 80.67
C PHE O 78 -18.07 -14.64 80.92
N ILE O 79 -18.82 -14.20 79.91
CA ILE O 79 -19.50 -12.91 79.96
C ILE O 79 -20.97 -13.11 79.62
N HIS O 80 -21.77 -12.19 80.17
CA HIS O 80 -23.21 -12.14 79.98
C HIS O 80 -23.58 -10.80 79.37
N TYR O 81 -24.24 -10.83 78.22
CA TYR O 81 -24.62 -9.59 77.54
C TYR O 81 -25.76 -8.91 78.27
N GLN O 82 -25.61 -7.60 78.50
CA GLN O 82 -26.66 -6.82 79.13
C GLN O 82 -27.83 -6.64 78.16
N GLY O 83 -29.05 -6.77 78.69
CA GLY O 83 -30.23 -6.66 77.86
C GLY O 83 -30.51 -7.87 77.00
N TRP O 84 -29.80 -8.97 77.23
CA TRP O 84 -29.96 -10.19 76.45
C TRP O 84 -29.85 -11.36 77.41
N LYS O 85 -30.50 -12.48 77.08
CA LYS O 85 -30.65 -13.56 78.04
C LYS O 85 -29.39 -14.40 78.20
N SER O 86 -29.46 -15.39 79.08
CA SER O 86 -28.31 -16.24 79.41
C SER O 86 -27.92 -17.18 78.29
N SER O 87 -28.75 -17.35 77.26
CA SER O 87 -28.36 -18.14 76.10
C SER O 87 -27.26 -17.48 75.30
N TRP O 88 -27.06 -16.18 75.48
CA TRP O 88 -26.00 -15.43 74.81
C TRP O 88 -24.71 -15.37 75.61
N ASP O 89 -24.65 -16.04 76.76
CA ASP O 89 -23.47 -16.00 77.60
C ASP O 89 -22.36 -16.83 76.97
N GLU O 90 -21.13 -16.30 76.96
CA GLU O 90 -20.08 -16.99 76.22
C GLU O 90 -18.71 -16.62 76.76
N TRP O 91 -17.71 -17.44 76.41
CA TRP O 91 -16.32 -17.21 76.75
C TRP O 91 -15.65 -16.37 75.66
N VAL O 92 -14.90 -15.35 76.08
CA VAL O 92 -14.20 -14.47 75.15
C VAL O 92 -12.76 -14.25 75.65
N GLY O 93 -11.82 -14.17 74.70
CA GLY O 93 -10.45 -13.83 75.03
C GLY O 93 -10.20 -12.33 74.90
N TYR O 94 -8.92 -11.96 75.10
CA TYR O 94 -8.50 -10.56 74.97
C TYR O 94 -8.80 -9.97 73.60
N ASP O 95 -8.83 -10.80 72.56
CA ASP O 95 -9.26 -10.33 71.25
C ASP O 95 -10.70 -9.83 71.30
N ARG O 96 -11.58 -10.61 71.93
CA ARG O 96 -12.99 -10.25 71.95
C ARG O 96 -13.40 -9.44 73.18
N ILE O 97 -12.51 -9.22 74.16
CA ILE O 97 -12.86 -8.49 75.37
C ILE O 97 -11.91 -7.31 75.57
N ARG O 98 -12.48 -6.21 76.08
CA ARG O 98 -11.75 -5.00 76.41
C ARG O 98 -12.29 -4.47 77.73
N ALA O 99 -11.47 -3.68 78.42
CA ALA O 99 -11.89 -3.08 79.67
C ALA O 99 -12.93 -1.99 79.41
N TYR O 100 -13.75 -1.72 80.43
CA TYR O 100 -14.80 -0.70 80.32
C TYR O 100 -14.18 0.65 80.67
N ASN O 101 -13.61 1.30 79.66
CA ASN O 101 -13.02 2.63 79.84
C ASN O 101 -13.51 3.53 78.71
N GLU O 102 -13.20 4.82 78.85
CA GLU O 102 -13.81 5.84 77.99
C GLU O 102 -13.38 5.68 76.53
N GLU O 103 -12.18 5.15 76.29
CA GLU O 103 -11.75 4.88 74.92
C GLU O 103 -12.62 3.79 74.29
N ASN O 104 -12.87 2.72 75.02
CA ASN O 104 -13.73 1.64 74.52
C ASN O 104 -15.18 2.11 74.39
N ILE O 105 -15.66 2.96 75.30
CA ILE O 105 -17.00 3.49 75.19
C ILE O 105 -17.12 4.40 73.98
N ALA O 106 -16.09 5.21 73.71
CA ALA O 106 -16.11 6.09 72.55
C ALA O 106 -16.07 5.31 71.24
N MET O 107 -15.26 4.25 71.15
CA MET O 107 -15.26 3.47 69.92
C MET O 107 -16.52 2.61 69.82
N LYS O 108 -17.15 2.31 70.96
CA LYS O 108 -18.48 1.71 70.95
C LYS O 108 -19.50 2.66 70.33
N LYS O 109 -19.44 3.94 70.71
CA LYS O 109 -20.29 4.95 70.07
C LYS O 109 -19.99 5.05 68.59
N ARG O 110 -18.72 4.98 68.22
CA ARG O 110 -18.31 5.05 66.82
C ARG O 110 -18.88 3.88 66.02
N LEU O 111 -18.81 2.67 66.56
CA LEU O 111 -19.34 1.51 65.84
C LEU O 111 -20.86 1.49 65.86
N ALA O 112 -21.48 2.09 66.89
CA ALA O 112 -22.92 2.31 66.85
C ALA O 112 -23.29 3.26 65.73
N ASN O 113 -22.47 4.28 65.51
CA ASN O 113 -22.69 5.17 64.37
C ASN O 113 -22.48 4.46 63.04
N GLU O 114 -21.52 3.52 62.99
CA GLU O 114 -21.34 2.72 61.78
C GLU O 114 -22.55 1.84 61.51
N ALA O 115 -23.12 1.24 62.56
CA ALA O 115 -24.35 0.46 62.40
C ALA O 115 -25.51 1.35 61.99
N LYS O 116 -25.55 2.58 62.50
CA LYS O 116 -26.57 3.55 62.09
C LYS O 116 -26.43 3.90 60.61
N GLU O 117 -25.18 4.07 60.14
CA GLU O 117 -24.95 4.33 58.73
C GLU O 117 -25.32 3.14 57.87
N ALA O 118 -25.09 1.92 58.37
CA ALA O 118 -25.51 0.72 57.65
C ALA O 118 -27.03 0.65 57.55
N LYS O 119 -27.73 0.99 58.64
CA LYS O 119 -29.19 1.03 58.62
C LYS O 119 -29.70 2.12 57.68
N LYS O 120 -29.00 3.26 57.63
CA LYS O 120 -29.39 4.32 56.71
C LYS O 120 -29.18 3.90 55.26
N SER O 121 -28.10 3.17 54.99
CA SER O 121 -27.87 2.62 53.65
C SER O 121 -28.93 1.58 53.29
N LEU O 122 -29.35 0.80 54.28
CA LEU O 122 -30.48 -0.12 54.10
C LEU O 122 -31.75 0.62 53.70
N LEU O 123 -32.03 1.73 54.40
CA LEU O 123 -33.20 2.55 54.08
C LEU O 123 -33.09 3.15 52.69
N GLU O 124 -31.90 3.63 52.31
CA GLU O 124 -31.71 4.20 50.99
C GLU O 124 -31.89 3.16 49.89
N GLN O 125 -31.35 1.95 50.09
CA GLN O 125 -31.45 0.96 49.02
C GLN O 125 -32.87 0.43 48.92
N GLN O 126 -33.60 0.35 50.05
CA GLN O 126 -34.98 -0.13 49.95
C GLN O 126 -35.89 0.95 49.36
N LYS O 127 -35.59 2.24 49.61
CA LYS O 127 -36.41 3.29 49.02
C LYS O 127 -36.09 3.47 47.54
N LYS O 128 -34.87 3.12 47.11
CA LYS O 128 -34.60 3.07 45.68
C LYS O 128 -35.19 1.82 45.05
N LYS O 129 -35.30 0.74 45.82
CA LYS O 129 -35.98 -0.46 45.34
C LYS O 129 -37.47 -0.23 45.15
N LYS O 130 -38.08 0.57 46.02
CA LYS O 130 -39.49 0.90 45.85
C LYS O 130 -39.72 1.73 44.59
N LEU O 131 -38.81 2.64 44.29
CA LEU O 131 -38.90 3.44 43.07
C LEU O 131 -38.50 2.61 41.85
N SER O 221 14.59 -15.26 35.88
CA SER O 221 14.61 -16.69 35.63
C SER O 221 15.50 -17.41 36.65
N LEU O 222 15.71 -16.77 37.79
CA LEU O 222 16.54 -17.36 38.83
C LEU O 222 15.79 -18.47 39.57
N GLN O 223 16.46 -19.62 39.70
CA GLN O 223 15.97 -20.74 40.49
C GLN O 223 17.07 -21.09 41.48
N ILE O 224 17.09 -20.39 42.61
CA ILE O 224 18.12 -20.58 43.63
C ILE O 224 17.70 -21.72 44.55
N PRO O 225 18.64 -22.46 45.14
CA PRO O 225 18.25 -23.58 46.00
C PRO O 225 17.74 -23.11 47.36
N ILE O 226 17.36 -24.09 48.18
CA ILE O 226 16.63 -23.83 49.41
C ILE O 226 17.50 -23.22 50.50
N LYS O 227 18.82 -23.40 50.45
CA LYS O 227 19.68 -22.92 51.53
C LYS O 227 19.84 -21.41 51.48
N LEU O 228 19.98 -20.84 50.28
CA LEU O 228 20.01 -19.39 50.14
C LEU O 228 18.68 -18.77 50.55
N LYS O 229 17.55 -19.42 50.20
CA LYS O 229 16.24 -18.95 50.64
C LYS O 229 16.14 -18.98 52.17
N SER O 230 16.62 -20.06 52.80
CA SER O 230 16.54 -20.17 54.25
C SER O 230 17.39 -19.13 54.95
N VAL O 231 18.61 -18.89 54.45
CA VAL O 231 19.45 -17.88 55.11
C VAL O 231 18.91 -16.48 54.85
N LEU O 232 18.27 -16.25 53.69
CA LEU O 232 17.72 -14.93 53.42
C LEU O 232 16.48 -14.67 54.28
N VAL O 233 15.64 -15.69 54.49
CA VAL O 233 14.47 -15.47 55.34
C VAL O 233 14.85 -15.41 56.80
N ASP O 234 15.94 -16.08 57.23
CA ASP O 234 16.37 -15.90 58.62
C ASP O 234 16.99 -14.53 58.82
N ASP O 235 17.69 -13.99 57.82
CA ASP O 235 18.11 -12.59 57.89
C ASP O 235 16.92 -11.65 57.91
N TRP O 236 15.86 -11.97 57.17
CA TRP O 236 14.63 -11.19 57.22
C TRP O 236 14.02 -11.19 58.62
N GLU O 237 13.99 -12.36 59.27
CA GLU O 237 13.47 -12.44 60.63
C GLU O 237 14.35 -11.66 61.62
N TYR O 238 15.68 -11.73 61.45
CA TYR O 238 16.56 -10.96 62.32
C TYR O 238 16.50 -9.46 62.06
N VAL O 239 16.11 -9.03 60.86
CA VAL O 239 16.09 -7.60 60.56
C VAL O 239 14.71 -6.96 60.75
N THR O 240 13.63 -7.74 60.73
CA THR O 240 12.29 -7.19 60.91
C THR O 240 11.72 -7.47 62.28
N LYS O 241 11.69 -8.73 62.70
CA LYS O 241 11.18 -9.09 64.02
C LYS O 241 12.19 -8.88 65.14
N ASP O 242 13.44 -8.55 64.80
CA ASP O 242 14.47 -8.29 65.80
C ASP O 242 15.17 -6.98 65.45
N LYS O 243 15.67 -6.29 66.47
CA LYS O 243 16.38 -5.03 66.26
C LYS O 243 17.78 -5.26 65.71
N LYS O 244 18.32 -6.46 65.88
CA LYS O 244 19.71 -6.78 65.55
C LYS O 244 20.00 -6.59 64.07
N ILE O 245 21.09 -5.88 63.77
CA ILE O 245 21.56 -5.63 62.43
C ILE O 245 22.98 -6.18 62.30
N CYS O 246 23.54 -6.07 61.10
CA CYS O 246 24.88 -6.57 60.83
C CYS O 246 25.92 -5.72 61.56
N ARG O 247 27.12 -6.28 61.68
CA ARG O 247 28.20 -5.61 62.40
C ARG O 247 28.71 -4.42 61.59
N LEU O 248 29.37 -3.49 62.25
CA LEU O 248 29.82 -2.29 61.55
C LEU O 248 30.68 -2.64 60.32
N PRO O 249 31.91 -3.16 60.54
CA PRO O 249 32.71 -3.40 59.34
C PRO O 249 32.14 -4.56 58.57
N ALA O 250 31.06 -5.14 59.10
CA ALA O 250 30.42 -6.26 58.44
C ALA O 250 31.40 -7.38 58.13
N ASP O 251 32.48 -7.47 58.90
CA ASP O 251 33.44 -8.55 58.72
C ASP O 251 33.90 -8.68 57.28
N VAL O 252 33.86 -9.89 56.74
CA VAL O 252 34.31 -10.11 55.37
C VAL O 252 33.46 -9.31 54.41
N THR O 253 34.11 -8.40 53.70
CA THR O 253 33.40 -7.58 52.74
C THR O 253 33.28 -8.33 51.44
N VAL O 254 32.44 -7.78 50.57
CA VAL O 254 32.25 -8.37 49.29
C VAL O 254 33.54 -8.24 48.54
N GLU O 255 34.43 -7.36 49.03
CA GLU O 255 35.72 -7.27 48.39
C GLU O 255 36.18 -8.67 48.36
N MET O 256 36.37 -9.23 49.55
CA MET O 256 36.94 -10.56 49.63
C MET O 256 36.23 -11.55 48.74
N VAL O 257 34.90 -11.58 48.82
CA VAL O 257 34.20 -12.62 48.05
C VAL O 257 34.55 -12.48 46.58
N LEU O 258 34.27 -11.33 45.99
CA LEU O 258 34.47 -11.21 44.57
C LEU O 258 35.92 -11.48 44.20
N ASN O 259 36.83 -10.99 45.02
CA ASN O 259 38.25 -11.17 44.75
C ASN O 259 38.63 -12.64 44.65
N LYS O 260 38.30 -13.43 45.67
CA LYS O 260 38.74 -14.81 45.62
C LYS O 260 37.96 -15.52 44.54
N TYR O 261 36.67 -15.28 44.49
CA TYR O 261 35.79 -15.87 43.49
C TYR O 261 36.40 -15.76 42.11
N GLU O 262 36.97 -14.59 41.80
CA GLU O 262 37.74 -14.44 40.58
C GLU O 262 38.99 -15.34 40.59
N HIS O 263 39.70 -15.36 41.71
CA HIS O 263 40.94 -16.13 41.81
C HIS O 263 40.73 -17.63 41.73
N GLU O 264 39.50 -18.11 41.95
CA GLU O 264 39.22 -19.52 41.74
C GLU O 264 38.60 -19.78 40.38
N VAL O 265 37.62 -18.97 39.97
CA VAL O 265 36.89 -19.24 38.72
C VAL O 265 37.79 -18.98 37.51
N SER O 266 38.60 -17.92 37.53
CA SER O 266 39.49 -17.62 36.41
C SER O 266 40.55 -18.71 36.26
N GLN O 267 41.00 -19.28 37.37
CA GLN O 267 41.88 -20.44 37.29
C GLN O 267 41.12 -21.72 36.95
N GLU O 268 39.78 -21.67 37.03
CA GLU O 268 38.98 -22.75 36.46
C GLU O 268 38.52 -22.41 35.04
N LEU O 269 38.32 -21.13 34.75
CA LEU O 269 37.92 -20.71 33.41
C LEU O 269 39.09 -20.86 32.45
N GLU O 270 38.77 -21.10 31.18
CA GLU O 270 39.75 -21.59 30.21
C GLU O 270 40.04 -20.56 29.13
N SER O 271 39.02 -19.93 28.58
CA SER O 271 39.21 -18.96 27.52
C SER O 271 39.63 -17.61 28.09
N PRO O 272 40.46 -16.85 27.38
CA PRO O 272 40.67 -15.44 27.75
C PRO O 272 39.42 -14.60 27.58
N GLY O 273 38.54 -14.97 26.65
CA GLY O 273 37.28 -14.25 26.50
C GLY O 273 36.39 -14.41 27.72
N SER O 274 36.29 -15.62 28.25
CA SER O 274 35.43 -15.87 29.40
C SER O 274 35.95 -15.19 30.66
N GLN O 275 37.27 -15.13 30.81
CA GLN O 275 37.86 -14.39 31.93
C GLN O 275 37.63 -12.89 31.82
N SER O 276 37.55 -12.35 30.60
CA SER O 276 37.14 -10.96 30.42
C SER O 276 35.74 -10.72 30.93
N GLN O 277 34.80 -11.64 30.64
CA GLN O 277 33.44 -11.52 31.16
C GLN O 277 33.42 -11.70 32.67
N LEU O 278 34.31 -12.54 33.21
CA LEU O 278 34.38 -12.72 34.67
C LEU O 278 34.82 -11.45 35.37
N SER O 279 35.91 -10.84 34.90
CA SER O 279 36.39 -9.59 35.49
C SER O 279 35.38 -8.47 35.27
N GLU O 280 34.75 -8.47 34.10
CA GLU O 280 33.76 -7.45 33.76
C GLU O 280 32.56 -7.54 34.70
N TYR O 281 32.05 -8.76 34.94
CA TYR O 281 30.98 -9.00 35.88
C TYR O 281 31.35 -8.71 37.32
N CYS O 282 32.60 -8.94 37.71
CA CYS O 282 33.05 -8.62 39.07
C CYS O 282 33.07 -7.10 39.28
N ALA O 283 33.66 -6.38 38.33
CA ALA O 283 33.74 -4.92 38.44
C ALA O 283 32.37 -4.28 38.38
N GLY O 284 31.50 -4.75 37.48
CA GLY O 284 30.16 -4.22 37.40
C GLY O 284 29.34 -4.49 38.64
N LEU O 285 29.49 -5.68 39.23
CA LEU O 285 28.77 -6.00 40.46
C LEU O 285 29.27 -5.14 41.62
N LYS O 286 30.58 -4.90 41.71
CA LYS O 286 31.11 -4.05 42.76
C LYS O 286 30.59 -2.62 42.63
N LEU O 287 30.63 -2.07 41.41
CA LEU O 287 30.19 -0.69 41.22
C LEU O 287 28.69 -0.57 41.41
N TYR O 288 27.93 -1.59 41.01
CA TYR O 288 26.49 -1.57 41.21
C TYR O 288 26.14 -1.69 42.69
N PHE O 289 26.90 -2.48 43.44
CA PHE O 289 26.73 -2.56 44.89
C PHE O 289 26.94 -1.20 45.52
N ASP O 290 28.03 -0.52 45.14
CA ASP O 290 28.32 0.80 45.68
C ASP O 290 27.25 1.81 45.30
N LYS O 291 26.73 1.73 44.08
CA LYS O 291 25.84 2.76 43.57
C LYS O 291 24.37 2.43 43.79
N CYS O 292 24.07 1.27 44.39
CA CYS O 292 22.69 0.86 44.60
C CYS O 292 22.37 0.43 46.04
N LEU O 293 23.38 0.33 46.91
CA LEU O 293 23.14 0.00 48.32
C LEU O 293 22.27 1.06 48.98
N GLY O 294 22.53 2.33 48.68
CA GLY O 294 21.70 3.40 49.21
C GLY O 294 20.34 3.51 48.55
N ASN O 295 20.12 2.81 47.45
CA ASN O 295 18.87 2.92 46.72
C ASN O 295 17.89 1.81 47.07
N MET O 296 18.31 0.54 47.05
CA MET O 296 17.38 -0.50 47.48
C MET O 296 17.89 -1.36 48.64
N LEU O 297 19.19 -1.61 48.73
CA LEU O 297 19.72 -2.62 49.64
C LEU O 297 19.82 -2.12 51.08
N LEU O 298 18.72 -1.63 51.65
CA LEU O 298 18.70 -1.14 53.01
C LEU O 298 17.37 -1.49 53.67
N TYR O 299 17.41 -1.75 54.97
CA TYR O 299 16.21 -2.06 55.74
C TYR O 299 16.05 -1.07 56.89
N ARG O 300 15.08 -1.32 57.77
CA ARG O 300 14.96 -0.53 58.98
C ARG O 300 16.12 -0.81 59.92
N LEU O 301 16.44 0.20 60.74
CA LEU O 301 17.58 0.23 61.65
C LEU O 301 18.92 0.06 60.91
N GLU O 302 18.93 0.35 59.62
CA GLU O 302 20.15 0.42 58.82
C GLU O 302 20.33 1.76 58.15
N ARG O 303 19.26 2.55 58.00
CA ARG O 303 19.40 3.91 57.50
C ARG O 303 20.21 4.77 58.46
N LEU O 304 19.96 4.61 59.76
CA LEU O 304 20.77 5.30 60.77
C LEU O 304 22.21 4.83 60.74
N GLN O 305 22.44 3.53 60.50
CA GLN O 305 23.79 3.02 60.39
C GLN O 305 24.51 3.61 59.18
N TYR O 306 23.80 3.73 58.06
CA TYR O 306 24.37 4.34 56.87
C TYR O 306 24.66 5.82 57.08
N ASP O 307 23.79 6.51 57.82
CA ASP O 307 24.03 7.92 58.15
C ASP O 307 25.27 8.06 59.02
N GLU O 308 25.42 7.17 60.01
CA GLU O 308 26.63 7.16 60.83
C GLU O 308 27.88 6.88 60.00
N LEU O 309 27.77 5.96 59.04
CA LEU O 309 28.88 5.64 58.15
C LEU O 309 29.28 6.85 57.31
N LEU O 310 28.30 7.58 56.76
CA LEU O 310 28.66 8.71 55.91
C LEU O 310 29.15 9.91 56.71
N LYS O 311 28.68 10.10 57.95
CA LYS O 311 29.27 11.12 58.79
C LYS O 311 30.66 10.73 59.28
N LYS O 312 30.93 9.44 59.46
CA LYS O 312 32.27 9.00 59.83
C LYS O 312 33.25 9.11 58.66
N SER O 313 32.77 8.90 57.43
CA SER O 313 33.65 8.98 56.27
C SER O 313 34.14 10.41 56.02
N SER O 314 33.30 11.40 56.28
CA SER O 314 33.70 12.79 56.08
C SER O 314 34.69 13.28 57.12
N LYS O 315 34.85 12.56 58.23
CA LYS O 315 35.76 12.99 59.28
C LYS O 315 37.21 12.77 58.89
N ASP O 316 37.52 11.65 58.24
CA ASP O 316 38.89 11.30 57.87
C ASP O 316 39.20 11.63 56.41
N GLN O 317 38.34 12.40 55.74
CA GLN O 317 38.54 12.98 54.41
C GLN O 317 38.55 11.94 53.29
N LYS O 318 38.45 10.65 53.63
CA LYS O 318 38.34 9.63 52.60
C LYS O 318 36.89 9.52 52.13
N PRO O 319 36.66 9.40 50.82
CA PRO O 319 35.29 9.31 50.32
C PRO O 319 34.62 7.99 50.71
N LEU O 320 33.30 8.00 50.83
CA LEU O 320 32.60 6.79 51.27
C LEU O 320 32.57 5.69 50.22
N VAL O 321 32.55 4.43 50.67
CA VAL O 321 32.46 3.31 49.74
C VAL O 321 31.75 2.12 50.39
N PRO O 322 30.72 1.59 49.72
CA PRO O 322 29.94 0.50 50.31
C PRO O 322 30.38 -0.92 49.95
N ILE O 323 31.39 -1.10 49.11
CA ILE O 323 31.84 -2.44 48.80
C ILE O 323 32.57 -3.02 50.00
N ARG O 324 33.60 -2.33 50.46
CA ARG O 324 34.38 -2.84 51.56
C ARG O 324 33.62 -2.76 52.86
N ILE O 325 32.84 -1.72 53.03
CA ILE O 325 32.17 -1.54 54.30
C ILE O 325 31.17 -2.64 54.58
N TYR O 326 30.26 -2.87 53.64
CA TYR O 326 29.21 -3.84 53.91
C TYR O 326 29.68 -5.25 53.72
N GLY O 327 28.97 -6.18 54.32
CA GLY O 327 29.29 -7.58 54.18
C GLY O 327 28.77 -8.22 52.90
N ALA O 328 28.96 -9.54 52.79
CA ALA O 328 28.59 -10.28 51.58
C ALA O 328 27.11 -10.66 51.55
N ILE O 329 26.39 -10.49 52.65
CA ILE O 329 24.98 -10.88 52.67
C ILE O 329 24.10 -9.85 51.98
N HIS O 330 24.45 -8.55 52.07
CA HIS O 330 23.76 -7.55 51.27
C HIS O 330 24.07 -7.71 49.78
N LEU O 331 25.23 -8.27 49.44
CA LEU O 331 25.48 -8.64 48.05
C LEU O 331 24.49 -9.70 47.58
N LEU O 332 24.24 -10.71 48.41
CA LEU O 332 23.25 -11.73 48.08
C LEU O 332 21.85 -11.13 48.01
N ARG O 333 21.59 -10.11 48.82
CA ARG O 333 20.34 -9.35 48.70
C ARG O 333 20.23 -8.67 47.34
N LEU O 334 21.34 -8.11 46.85
CA LEU O 334 21.37 -7.52 45.51
C LEU O 334 21.09 -8.57 44.44
N ILE O 335 21.68 -9.76 44.57
CA ILE O 335 21.38 -10.84 43.63
C ILE O 335 19.90 -11.25 43.73
N SER O 336 19.32 -11.21 44.91
CA SER O 336 17.92 -11.56 45.06
C SER O 336 17.00 -10.56 44.37
N VAL O 337 17.33 -9.27 44.45
CA VAL O 337 16.44 -8.28 43.81
C VAL O 337 16.75 -8.17 42.32
N LEU O 338 17.91 -8.66 41.86
CA LEU O 338 18.32 -8.55 40.47
C LEU O 338 17.33 -9.04 39.40
N PRO O 339 16.64 -10.19 39.53
CA PRO O 339 15.72 -10.59 38.42
C PRO O 339 14.56 -9.65 38.18
N GLU O 340 13.92 -9.15 39.24
CA GLU O 340 12.84 -8.19 39.06
C GLU O 340 13.37 -6.84 38.61
N LEU O 341 14.57 -6.49 39.07
CA LEU O 341 15.15 -5.19 38.77
C LEU O 341 15.61 -5.10 37.32
N ILE O 342 16.10 -6.20 36.74
CA ILE O 342 16.64 -6.17 35.39
C ILE O 342 15.52 -6.01 34.37
N SER O 343 14.41 -6.74 34.55
CA SER O 343 13.34 -6.76 33.57
C SER O 343 12.48 -5.50 33.60
N SER O 344 12.75 -4.55 34.50
CA SER O 344 11.95 -3.34 34.58
C SER O 344 12.12 -2.47 33.33
N THR O 345 13.34 -2.34 32.83
CA THR O 345 13.63 -1.50 31.69
C THR O 345 13.99 -2.35 30.47
N THR O 346 14.30 -1.68 29.38
CA THR O 346 14.63 -2.33 28.12
C THR O 346 16.01 -2.97 28.22
N MET O 347 16.06 -4.29 28.07
CA MET O 347 17.32 -5.02 28.15
C MET O 347 17.26 -6.16 27.13
N ASP O 348 18.43 -6.63 26.71
CA ASP O 348 18.54 -7.58 25.61
C ASP O 348 18.02 -8.96 26.00
N LEU O 349 18.04 -9.86 25.03
CA LEU O 349 17.88 -11.28 25.32
C LEU O 349 19.21 -11.89 25.74
N GLN O 350 20.22 -11.79 24.87
CA GLN O 350 21.50 -12.48 25.10
C GLN O 350 22.25 -11.88 26.27
N SER O 351 22.19 -10.55 26.44
CA SER O 351 22.81 -9.92 27.60
C SER O 351 22.13 -10.37 28.89
N CYS O 352 20.80 -10.51 28.85
CA CYS O 352 20.08 -11.04 30.00
C CYS O 352 20.50 -12.46 30.32
N GLN O 353 20.65 -13.32 29.30
CA GLN O 353 21.07 -14.70 29.53
C GLN O 353 22.49 -14.76 30.08
N LEU O 354 23.39 -13.90 29.59
CA LEU O 354 24.74 -13.83 30.13
C LEU O 354 24.70 -13.43 31.60
N LEU O 355 23.84 -12.46 31.93
CA LEU O 355 23.75 -11.99 33.31
C LEU O 355 23.22 -13.08 34.24
N ILE O 356 22.22 -13.86 33.81
CA ILE O 356 21.69 -14.88 34.72
C ILE O 356 22.65 -16.07 34.76
N LYS O 357 23.45 -16.26 33.72
CA LYS O 357 24.45 -17.34 33.76
C LYS O 357 25.57 -17.01 34.73
N GLN O 358 26.07 -15.77 34.68
CA GLN O 358 27.05 -15.32 35.67
C GLN O 358 26.45 -15.32 37.07
N THR O 359 25.16 -14.97 37.17
CA THR O 359 24.43 -15.08 38.41
C THR O 359 24.44 -16.51 38.96
N GLU O 360 24.09 -17.49 38.11
CA GLU O 360 23.96 -18.86 38.57
C GLU O 360 25.32 -19.46 38.95
N ASP O 361 26.37 -19.20 38.17
CA ASP O 361 27.63 -19.82 38.57
C ASP O 361 28.27 -19.10 39.75
N PHE O 362 28.04 -17.79 39.92
CA PHE O 362 28.43 -17.13 41.16
C PHE O 362 27.67 -17.70 42.36
N LEU O 363 26.37 -17.98 42.18
CA LEU O 363 25.59 -18.55 43.28
C LEU O 363 26.05 -19.95 43.64
N VAL O 364 26.35 -20.80 42.65
CA VAL O 364 26.82 -22.15 43.01
C VAL O 364 28.24 -22.10 43.59
N TRP O 365 29.06 -21.13 43.18
CA TRP O 365 30.35 -20.95 43.84
C TRP O 365 30.18 -20.53 45.28
N LEU O 366 29.16 -19.71 45.56
CA LEU O 366 28.78 -19.43 46.95
C LEU O 366 28.31 -20.69 47.65
N LEU O 367 27.52 -21.52 46.95
CA LEU O 367 27.00 -22.76 47.51
C LEU O 367 28.08 -23.77 47.85
N MET O 368 29.26 -23.62 47.26
CA MET O 368 30.38 -24.47 47.65
C MET O 368 30.75 -24.27 49.12
N HIS O 369 30.82 -23.01 49.57
CA HIS O 369 31.24 -22.67 50.92
C HIS O 369 30.35 -21.58 51.54
N VAL O 370 29.04 -21.83 51.58
CA VAL O 370 28.11 -20.94 52.28
C VAL O 370 28.54 -20.72 53.72
N ASP O 371 29.07 -21.76 54.38
CA ASP O 371 29.40 -21.69 55.80
C ASP O 371 30.55 -20.74 56.09
N GLU O 372 31.30 -20.33 55.07
CA GLU O 372 32.38 -19.37 55.29
C GLU O 372 31.84 -17.98 55.60
N TYR O 373 30.75 -17.57 54.93
CA TYR O 373 30.22 -16.22 55.06
C TYR O 373 28.84 -16.16 55.71
N PHE O 374 28.17 -17.30 55.87
CA PHE O 374 26.79 -17.28 56.35
C PHE O 374 26.60 -18.11 57.61
N ASN O 375 27.59 -18.10 58.51
CA ASN O 375 27.50 -18.80 59.79
C ASN O 375 27.31 -17.78 60.90
N ASP O 376 26.31 -18.01 61.75
CA ASP O 376 26.01 -17.12 62.86
C ASP O 376 26.97 -17.37 64.02
N GLU P 258 -0.41 16.66 46.55
CA GLU P 258 0.68 17.48 47.07
C GLU P 258 1.37 16.78 48.24
N ASN P 259 0.73 15.74 48.76
CA ASN P 259 1.27 14.99 49.89
C ASN P 259 0.67 13.59 49.87
N GLU P 260 1.32 12.69 50.61
CA GLU P 260 0.86 11.31 50.74
C GLU P 260 0.74 10.95 52.21
N ASP P 261 -0.33 10.21 52.54
CA ASP P 261 -0.56 9.83 53.93
C ASP P 261 0.48 8.83 54.41
N PHE P 262 0.98 7.98 53.52
CA PHE P 262 1.99 6.99 53.83
C PHE P 262 3.26 7.25 53.04
N CYS P 263 4.39 6.88 53.63
CA CYS P 263 5.68 7.02 52.96
C CYS P 263 5.77 6.02 51.82
N SER P 264 5.98 6.52 50.60
CA SER P 264 6.06 5.64 49.44
C SER P 264 7.36 4.83 49.42
N ALA P 265 8.32 5.16 50.27
CA ALA P 265 9.57 4.40 50.35
C ALA P 265 9.49 3.29 51.40
N CYS P 266 9.26 3.66 52.66
CA CYS P 266 9.34 2.71 53.76
C CYS P 266 8.00 2.08 54.14
N ASN P 267 6.88 2.63 53.64
CA ASN P 267 5.53 2.09 53.82
C ASN P 267 5.08 2.08 55.28
N GLN P 268 5.37 3.16 56.00
CA GLN P 268 4.66 3.51 57.22
C GLN P 268 4.57 5.02 57.33
N SER P 269 3.60 5.48 58.10
CA SER P 269 3.40 6.92 58.28
C SER P 269 4.44 7.50 59.23
N GLY P 270 4.77 8.77 59.01
CA GLY P 270 5.74 9.47 59.83
C GLY P 270 5.95 10.90 59.37
N SER P 271 7.09 11.49 59.74
CA SER P 271 7.41 12.83 59.26
C SER P 271 7.73 12.79 57.78
N PHE P 272 7.12 13.69 57.01
CA PHE P 272 7.18 13.66 55.56
C PHE P 272 7.79 14.94 55.02
N LEU P 273 8.23 14.87 53.76
CA LEU P 273 8.69 16.03 53.01
C LEU P 273 7.89 16.07 51.71
N CYS P 274 7.01 17.06 51.58
CA CYS P 274 6.12 17.13 50.44
C CYS P 274 6.88 17.64 49.21
N CYS P 275 6.93 16.82 48.17
CA CYS P 275 7.54 17.23 46.92
C CYS P 275 6.60 18.17 46.15
N ASP P 276 7.15 18.83 45.13
CA ASP P 276 6.38 19.86 44.43
C ASP P 276 5.46 19.24 43.38
N THR P 277 6.00 18.35 42.54
CA THR P 277 5.25 17.78 41.43
C THR P 277 4.65 16.43 41.78
N CYS P 278 5.47 15.46 42.14
CA CYS P 278 4.94 14.16 42.52
C CYS P 278 4.37 14.21 43.94
N PRO P 279 3.18 13.62 44.15
CA PRO P 279 2.55 13.67 45.48
C PRO P 279 3.21 12.78 46.52
N LYS P 280 4.15 11.91 46.13
CA LYS P 280 4.81 11.04 47.08
C LYS P 280 5.72 11.83 48.00
N SER P 281 5.77 11.43 49.26
CA SER P 281 6.59 12.08 50.28
C SER P 281 7.46 11.03 50.96
N PHE P 282 8.57 11.49 51.53
CA PHE P 282 9.55 10.60 52.12
C PHE P 282 9.88 11.01 53.54
N HIS P 283 10.41 10.05 54.30
CA HIS P 283 10.91 10.31 55.65
C HIS P 283 12.26 11.02 55.54
N PHE P 284 12.79 11.47 56.68
CA PHE P 284 14.08 12.14 56.70
C PHE P 284 15.25 11.19 56.51
N LEU P 285 15.01 9.88 56.58
CA LEU P 285 16.02 8.89 56.26
C LEU P 285 15.69 8.07 55.01
N CYS P 286 14.47 8.17 54.50
CA CYS P 286 14.09 7.35 53.36
C CYS P 286 14.54 8.00 52.08
N LEU P 287 15.77 8.52 52.08
CA LEU P 287 16.30 9.16 50.89
C LEU P 287 17.71 8.64 50.67
N ASP P 288 18.20 8.74 49.44
CA ASP P 288 19.56 8.30 49.16
C ASP P 288 20.44 8.86 50.27
N PRO P 289 20.33 10.17 50.54
CA PRO P 289 21.07 10.68 51.68
C PRO P 289 20.12 10.83 52.85
N PRO P 290 20.60 10.56 54.07
CA PRO P 290 19.75 10.73 55.26
C PRO P 290 19.60 12.20 55.58
N ILE P 291 18.73 12.90 54.86
CA ILE P 291 18.61 14.33 55.07
C ILE P 291 18.47 14.62 56.56
N ASP P 292 19.33 15.49 57.07
CA ASP P 292 19.29 15.84 58.49
C ASP P 292 18.09 16.71 58.79
N PRO P 293 17.21 16.24 59.67
CA PRO P 293 16.02 17.03 60.03
C PRO P 293 16.43 18.37 60.60
N ASN P 294 15.64 19.40 60.33
CA ASN P 294 15.95 20.74 60.82
C ASN P 294 17.24 21.26 60.21
N ASN P 295 17.69 20.60 59.14
CA ASN P 295 18.90 21.04 58.47
C ASN P 295 18.75 20.80 56.98
N LEU P 296 17.52 20.72 56.51
CA LEU P 296 17.27 20.47 55.09
C LEU P 296 17.61 21.69 54.23
N PRO P 297 18.45 21.47 53.19
CA PRO P 297 18.81 22.56 52.27
C PRO P 297 17.59 23.39 51.88
N LYS P 298 17.81 24.71 51.79
CA LYS P 298 16.74 25.62 51.45
C LYS P 298 16.50 25.64 49.95
N GLY P 299 15.26 25.42 49.55
CA GLY P 299 14.91 25.44 48.15
C GLY P 299 13.54 24.82 47.92
N ASP P 300 13.31 24.44 46.66
CA ASP P 300 12.04 23.91 46.19
C ASP P 300 11.85 22.47 46.65
N TRP P 301 12.95 21.77 46.97
CA TRP P 301 12.99 20.34 47.28
C TRP P 301 12.50 19.52 46.08
N HIS P 302 13.35 19.56 45.04
CA HIS P 302 13.28 18.58 43.98
C HIS P 302 13.74 17.22 44.50
N CYS P 303 12.97 16.18 44.21
CA CYS P 303 13.37 14.82 44.54
C CYS P 303 14.23 14.26 43.41
N ASN P 304 14.53 12.96 43.47
CA ASN P 304 15.37 12.35 42.43
C ASN P 304 14.61 12.24 41.11
N GLU P 305 13.32 11.91 41.18
CA GLU P 305 12.50 11.89 39.96
C GLU P 305 12.39 13.29 39.36
N CYS P 306 12.13 14.29 40.21
CA CYS P 306 11.97 15.66 39.70
C CYS P 306 13.28 16.19 39.13
N LYS P 307 14.40 15.87 39.78
CA LYS P 307 15.69 16.29 39.23
C LYS P 307 16.02 15.53 37.95
N PHE P 308 15.53 14.30 37.80
CA PHE P 308 15.75 13.57 36.57
C PHE P 308 14.94 14.15 35.42
N LYS P 309 13.70 14.57 35.68
CA LYS P 309 12.91 15.21 34.63
C LYS P 309 13.47 16.57 34.24
N ILE P 310 13.84 17.43 35.20
CA ILE P 310 14.29 18.75 34.73
C ILE P 310 15.74 18.71 34.26
N PHE P 311 16.47 17.64 34.58
CA PHE P 311 17.81 17.47 34.00
C PHE P 311 17.73 17.16 32.51
N ILE P 312 16.72 16.38 32.10
CA ILE P 312 16.57 16.00 30.69
C ILE P 312 15.61 16.91 29.94
N ASN P 313 14.93 17.84 30.64
CA ASN P 313 13.99 18.79 30.05
C ASN P 313 12.86 18.09 29.30
N ASN P 314 12.44 16.94 29.81
CA ASN P 314 11.39 16.05 29.30
C ASN P 314 11.39 15.93 27.78
N SER P 315 12.56 15.61 27.24
CA SER P 315 12.72 15.34 25.82
C SER P 315 13.58 14.09 25.63
N MET P 316 13.20 13.24 24.69
CA MET P 316 13.80 11.91 24.60
C MET P 316 15.18 11.94 23.97
N ALA P 317 15.41 12.85 23.01
CA ALA P 317 16.64 12.80 22.21
C ALA P 317 17.87 13.08 23.04
N THR P 318 17.83 14.15 23.85
CA THR P 318 18.98 14.48 24.69
C THR P 318 19.18 13.43 25.78
N LEU P 319 18.10 12.79 26.26
CA LEU P 319 18.28 11.80 27.31
C LEU P 319 18.92 10.52 26.77
N LYS P 320 18.52 10.08 25.56
CA LYS P 320 19.23 8.96 24.94
C LYS P 320 20.67 9.33 24.61
N LYS P 321 20.93 10.58 24.23
CA LYS P 321 22.31 10.93 23.89
C LYS P 321 23.19 10.97 25.14
N ILE P 322 22.69 11.45 26.28
CA ILE P 322 23.55 11.42 27.47
C ILE P 322 23.58 10.02 28.08
N GLU P 323 22.57 9.19 27.85
CA GLU P 323 22.64 7.79 28.26
C GLU P 323 23.72 7.05 27.48
N SER P 324 23.78 7.28 26.16
CA SER P 324 24.85 6.69 25.35
C SER P 324 26.21 7.24 25.73
N ASN P 325 26.29 8.53 26.05
CA ASN P 325 27.55 9.11 26.53
C ASN P 325 27.98 8.49 27.85
N PHE P 326 27.03 8.25 28.75
CA PHE P 326 27.33 7.62 30.03
C PHE P 326 27.84 6.19 29.84
N ILE P 327 27.18 5.42 28.97
CA ILE P 327 27.65 4.06 28.68
C ILE P 327 29.02 4.08 28.02
N LYS P 328 29.29 5.09 27.19
CA LYS P 328 30.59 5.23 26.54
C LYS P 328 31.70 5.45 27.56
N GLN P 329 31.39 6.10 28.68
CA GLN P 329 32.41 6.40 29.69
C GLN P 329 32.91 5.14 30.38
N ASN P 330 31.99 4.29 30.85
CA ASN P 330 32.36 3.12 31.65
C ASN P 330 32.09 1.85 30.84
N ASN P 331 33.08 1.44 30.05
CA ASN P 331 33.03 0.18 29.33
C ASN P 331 33.56 -1.00 30.13
N ASN P 332 34.13 -0.74 31.32
CA ASN P 332 34.58 -1.83 32.18
C ASN P 332 33.41 -2.47 32.90
N VAL P 333 32.34 -1.70 33.14
CA VAL P 333 31.14 -2.17 33.82
C VAL P 333 29.98 -2.24 32.82
N LYS P 334 30.33 -2.42 31.55
CA LYS P 334 29.47 -2.26 30.38
C LYS P 334 28.15 -3.02 30.43
N ILE P 335 28.14 -4.25 30.93
CA ILE P 335 26.89 -5.02 30.95
C ILE P 335 25.95 -4.46 32.01
N PHE P 336 26.52 -3.84 33.05
CA PHE P 336 25.72 -3.20 34.09
C PHE P 336 25.47 -1.73 33.83
N ALA P 337 26.02 -1.17 32.74
CA ALA P 337 25.98 0.26 32.49
C ALA P 337 24.55 0.75 32.27
N LYS P 338 23.72 -0.06 31.62
CA LYS P 338 22.30 0.27 31.52
C LYS P 338 21.63 0.25 32.88
N LEU P 339 22.03 -0.70 33.73
CA LEU P 339 21.46 -0.81 35.07
C LEU P 339 21.95 0.28 36.02
N LEU P 340 23.11 0.90 35.75
CA LEU P 340 23.53 2.06 36.52
C LEU P 340 22.69 3.31 36.24
N PHE P 341 21.99 3.33 35.11
CA PHE P 341 21.27 4.54 34.74
C PHE P 341 19.92 4.61 35.41
N ASN P 342 19.23 3.48 35.48
CA ASN P 342 17.91 3.46 36.09
C ASN P 342 18.03 3.93 37.53
N ILE P 343 19.15 3.66 38.16
CA ILE P 343 19.35 4.05 39.55
C ILE P 343 19.15 5.54 39.73
N ASP P 344 19.70 6.32 38.81
CA ASP P 344 19.57 7.77 38.89
C ASP P 344 18.10 8.16 38.90
N SER P 345 17.30 7.45 38.12
CA SER P 345 15.88 7.77 38.04
C SER P 345 15.11 6.93 39.02
N HIS P 346 15.77 6.49 40.08
CA HIS P 346 15.11 5.65 41.08
C HIS P 346 14.95 6.35 42.42
N ASN P 347 13.72 6.39 42.93
CA ASN P 347 13.52 6.95 44.26
C ASN P 347 13.76 5.83 45.25
N PRO P 348 14.80 5.97 46.06
CA PRO P 348 15.16 4.93 47.03
C PRO P 348 13.98 4.55 47.90
N LYS P 349 13.84 3.25 48.16
CA LYS P 349 12.70 2.74 48.91
C LYS P 349 13.17 1.61 49.82
N GLN P 350 12.26 1.18 50.71
CA GLN P 350 12.52 0.04 51.56
C GLN P 350 12.63 -1.23 50.72
N PHE P 351 13.50 -2.14 51.15
CA PHE P 351 13.68 -3.39 50.42
C PHE P 351 12.49 -4.31 50.65
N GLN P 352 11.53 -4.29 49.73
CA GLN P 352 10.44 -5.25 49.73
C GLN P 352 10.95 -6.52 49.05
N LEU P 353 10.63 -7.67 49.65
CA LEU P 353 11.13 -8.95 49.16
C LEU P 353 10.52 -9.30 47.81
N PRO P 354 11.29 -9.95 46.92
CA PRO P 354 10.69 -10.50 45.70
C PRO P 354 9.73 -11.63 46.03
N ASN P 355 8.77 -11.85 45.14
CA ASN P 355 7.68 -12.79 45.40
C ASN P 355 8.18 -14.22 45.54
N TYR P 356 9.14 -14.61 44.71
CA TYR P 356 9.68 -15.97 44.79
C TYR P 356 10.58 -16.13 46.01
N ILE P 357 11.16 -15.02 46.49
CA ILE P 357 11.95 -15.06 47.72
C ILE P 357 11.05 -15.27 48.93
N LYS P 358 9.84 -14.70 48.90
CA LYS P 358 8.91 -14.85 50.01
C LYS P 358 8.50 -16.31 50.20
N GLU P 359 8.32 -17.04 49.10
CA GLU P 359 8.09 -18.47 49.20
C GLU P 359 9.37 -19.17 49.63
N THR P 360 9.23 -20.07 50.61
CA THR P 360 10.31 -20.82 51.32
C THR P 360 11.66 -20.12 51.44
N PHE P 533 8.57 -4.79 10.48
CA PHE P 533 9.26 -4.95 11.76
C PHE P 533 10.74 -4.61 11.61
N ASN P 534 11.11 -3.38 11.97
CA ASN P 534 12.47 -2.91 11.77
C ASN P 534 13.49 -3.54 12.72
N GLN P 535 13.03 -4.22 13.77
CA GLN P 535 13.94 -4.80 14.74
C GLN P 535 14.57 -6.11 14.26
N ASP P 536 14.06 -6.69 13.17
CA ASP P 536 14.59 -7.97 12.70
C ASP P 536 15.92 -7.80 11.97
N PHE P 537 16.10 -6.70 11.26
CA PHE P 537 17.33 -6.43 10.50
C PHE P 537 18.22 -5.43 11.21
N LYS P 538 18.29 -5.51 12.54
CA LYS P 538 19.14 -4.61 13.31
C LYS P 538 20.61 -4.94 13.08
N ILE P 539 21.40 -3.93 12.76
CA ILE P 539 22.83 -4.10 12.55
C ILE P 539 23.55 -3.93 13.87
N THR P 540 24.30 -4.97 14.26
CA THR P 540 25.06 -4.96 15.49
C THR P 540 26.23 -3.98 15.38
N GLN P 541 26.35 -3.08 16.35
CA GLN P 541 27.48 -2.16 16.42
C GLN P 541 28.55 -2.79 17.31
N ILE P 542 29.57 -3.33 16.67
CA ILE P 542 30.61 -4.06 17.38
C ILE P 542 31.91 -3.24 17.25
N ASP P 543 32.86 -3.54 18.12
CA ASP P 543 34.15 -2.85 18.11
C ASP P 543 35.27 -3.84 17.80
N GLU P 544 36.46 -3.28 17.57
CA GLU P 544 37.61 -4.09 17.19
C GLU P 544 38.07 -4.98 18.33
N ASN P 545 38.08 -4.46 19.55
CA ASN P 545 38.54 -5.23 20.71
C ASN P 545 37.61 -6.40 21.02
N SER P 546 36.30 -6.21 20.85
CA SER P 546 35.37 -7.31 21.05
C SER P 546 35.54 -8.39 20.00
N ILE P 547 35.80 -8.00 18.75
CA ILE P 547 36.10 -8.98 17.70
C ILE P 547 37.37 -9.75 18.02
N LYS P 548 38.38 -9.04 18.53
CA LYS P 548 39.64 -9.68 18.93
C LYS P 548 39.43 -10.70 20.05
N TYR P 549 38.67 -10.30 21.09
CA TYR P 549 38.34 -11.21 22.19
C TYR P 549 37.53 -12.41 21.71
N ASP P 550 36.55 -12.19 20.84
CA ASP P 550 35.72 -13.28 20.36
C ASP P 550 36.51 -14.26 19.49
N PHE P 551 37.37 -13.74 18.63
CA PHE P 551 38.19 -14.59 17.77
C PHE P 551 39.15 -15.43 18.60
N PHE P 552 39.81 -14.81 19.59
CA PHE P 552 40.72 -15.53 20.47
C PHE P 552 39.98 -16.58 21.30
N ASP P 553 38.82 -16.22 21.85
CA ASP P 553 38.01 -17.15 22.62
C ASP P 553 37.60 -18.35 21.78
N LYS P 554 37.15 -18.11 20.55
CA LYS P 554 36.61 -19.23 19.79
C LYS P 554 37.72 -20.10 19.23
N ILE P 555 38.88 -19.53 18.87
CA ILE P 555 39.98 -20.40 18.43
C ILE P 555 40.52 -21.22 19.58
N TYR P 556 40.57 -20.66 20.80
CA TYR P 556 41.04 -21.44 21.94
C TYR P 556 40.05 -22.54 22.28
N LYS P 557 38.75 -22.24 22.20
CA LYS P 557 37.72 -23.27 22.38
C LYS P 557 37.87 -24.40 21.38
N SER P 558 37.97 -24.06 20.09
CA SER P 558 38.07 -25.09 19.04
C SER P 558 39.33 -25.93 19.19
N LYS P 559 40.46 -25.27 19.44
CA LYS P 559 41.74 -25.98 19.56
C LYS P 559 41.72 -26.93 20.75
N MET P 560 41.17 -26.50 21.89
CA MET P 560 41.27 -27.41 23.01
C MET P 560 40.14 -28.44 23.02
N VAL P 561 39.00 -28.18 22.37
CA VAL P 561 38.03 -29.27 22.28
C VAL P 561 38.54 -30.36 21.33
N GLN P 562 39.22 -30.00 20.24
CA GLN P 562 39.76 -31.05 19.39
C GLN P 562 40.94 -31.76 20.07
N LYS P 563 41.76 -31.01 20.83
CA LYS P 563 42.85 -31.63 21.57
C LYS P 563 42.34 -32.57 22.66
N ARG P 564 41.32 -32.15 23.41
CA ARG P 564 40.78 -32.97 24.48
C ARG P 564 40.02 -34.18 23.95
N LYS P 565 39.33 -34.02 22.81
CA LYS P 565 38.67 -35.19 22.23
C LYS P 565 39.70 -36.17 21.65
N LEU P 566 40.82 -35.66 21.13
CA LEU P 566 41.91 -36.55 20.70
C LEU P 566 42.51 -37.29 21.88
N PHE P 567 42.70 -36.59 23.01
CA PHE P 567 43.20 -37.24 24.21
C PHE P 567 42.24 -38.29 24.74
N GLN P 568 40.94 -37.99 24.71
CA GLN P 568 39.93 -38.96 25.17
C GLN P 568 39.87 -40.18 24.27
N PHE P 569 39.96 -39.98 22.94
CA PHE P 569 40.00 -41.12 22.04
C PHE P 569 41.27 -41.94 22.21
N GLN P 570 42.41 -41.28 22.47
CA GLN P 570 43.65 -42.02 22.73
C GLN P 570 43.54 -42.85 24.01
N GLU P 571 42.96 -42.27 25.06
CA GLU P 571 42.77 -43.01 26.31
C GLU P 571 41.80 -44.18 26.13
N SER P 572 40.73 -43.96 25.36
CA SER P 572 39.77 -45.03 25.10
C SER P 572 40.41 -46.15 24.28
N LEU P 573 41.23 -45.80 23.29
CA LEU P 573 41.91 -46.83 22.49
C LEU P 573 42.94 -47.58 23.33
N ILE P 574 43.62 -46.88 24.25
CA ILE P 574 44.56 -47.55 25.15
C ILE P 574 43.81 -48.54 26.04
N ASP P 575 42.65 -48.14 26.57
CA ASP P 575 41.85 -49.04 27.39
C ASP P 575 41.32 -50.22 26.59
N LYS P 576 40.96 -49.99 25.33
CA LYS P 576 40.48 -51.07 24.47
C LYS P 576 41.59 -52.07 24.18
N LEU P 577 42.81 -51.58 23.92
CA LEU P 577 43.93 -52.48 23.68
C LEU P 577 44.36 -53.21 24.94
N VAL P 578 44.21 -52.57 26.10
CA VAL P 578 44.53 -53.23 27.36
C VAL P 578 43.52 -54.34 27.66
N SER P 579 42.22 -54.05 27.46
CA SER P 579 41.18 -55.03 27.74
C SER P 579 41.21 -56.19 26.76
N ASN P 580 41.58 -55.93 25.50
CA ASN P 580 41.68 -56.99 24.50
C ASN P 580 42.93 -57.83 24.71
N GLY Q 33 -22.19 -7.84 58.71
CA GLY Q 33 -23.21 -8.34 57.80
C GLY Q 33 -24.50 -8.68 58.49
N GLY Q 34 -24.71 -9.97 58.76
CA GLY Q 34 -25.92 -10.41 59.43
C GLY Q 34 -25.95 -10.07 60.91
N VAL Q 35 -26.77 -9.10 61.28
CA VAL Q 35 -26.87 -8.67 62.67
C VAL Q 35 -27.99 -9.47 63.34
N LYS Q 37 -31.15 -10.58 65.90
CA LYS Q 37 -32.48 -10.06 66.16
C LYS Q 37 -33.20 -11.02 67.11
N PRO Q 38 -33.78 -10.47 68.18
CA PRO Q 38 -34.24 -11.31 69.29
C PRO Q 38 -35.49 -12.12 68.94
N HIS Q 39 -35.92 -12.92 69.91
CA HIS Q 39 -37.04 -13.83 69.78
C HIS Q 39 -38.35 -13.22 70.24
N ARG Q 40 -38.51 -11.91 70.13
CA ARG Q 40 -39.73 -11.24 70.55
C ARG Q 40 -40.91 -11.67 69.69
N TYR Q 41 -41.98 -12.13 70.35
CA TYR Q 41 -43.17 -12.55 69.64
C TYR Q 41 -43.95 -11.35 69.12
N ARG Q 42 -44.89 -11.62 68.22
CA ARG Q 42 -45.82 -10.58 67.82
C ARG Q 42 -46.70 -10.20 69.01
N PRO Q 43 -47.11 -8.94 69.14
CA PRO Q 43 -48.01 -8.55 70.22
C PRO Q 43 -49.36 -9.24 70.08
N GLY Q 44 -49.66 -10.13 71.02
CA GLY Q 44 -50.85 -10.94 70.93
C GLY Q 44 -50.61 -12.41 71.13
N THR Q 45 -49.46 -12.92 70.69
CA THR Q 45 -49.16 -14.33 70.93
C THR Q 45 -48.91 -14.60 72.40
N VAL Q 46 -48.08 -13.76 73.03
CA VAL Q 46 -47.87 -13.86 74.47
C VAL Q 46 -49.19 -13.63 75.21
N ALA Q 47 -50.00 -12.70 74.69
CA ALA Q 47 -51.33 -12.44 75.22
C ALA Q 47 -52.17 -13.70 75.27
N LEU Q 48 -52.47 -14.29 74.11
CA LEU Q 48 -53.33 -15.47 74.06
C LEU Q 48 -52.71 -16.65 74.80
N ARG Q 49 -51.38 -16.73 74.82
CA ARG Q 49 -50.73 -17.80 75.57
C ARG Q 49 -51.02 -17.69 77.05
N GLU Q 50 -50.93 -16.49 77.63
CA GLU Q 50 -51.23 -16.39 79.04
C GLU Q 50 -52.74 -16.38 79.28
N ILE Q 51 -53.54 -16.12 78.24
CA ILE Q 51 -54.99 -16.30 78.37
C ILE Q 51 -55.31 -17.79 78.59
N ARG Q 52 -54.75 -18.66 77.74
CA ARG Q 52 -54.92 -20.10 77.94
C ARG Q 52 -54.28 -20.56 79.25
N ARG Q 53 -53.21 -19.89 79.68
CA ARG Q 53 -52.61 -20.21 80.96
C ARG Q 53 -53.53 -19.89 82.13
N TYR Q 54 -54.16 -18.73 82.08
CA TYR Q 54 -54.94 -18.22 83.21
C TYR Q 54 -56.37 -18.73 83.24
N GLN Q 55 -56.92 -19.14 82.10
CA GLN Q 55 -58.26 -19.71 82.07
C GLN Q 55 -58.27 -21.17 82.48
N LYS Q 56 -57.09 -21.76 82.71
CA LYS Q 56 -56.97 -23.04 83.36
C LYS Q 56 -56.58 -22.93 84.83
N SER Q 57 -56.07 -21.78 85.24
CA SER Q 57 -55.67 -21.54 86.63
C SER Q 57 -56.89 -21.34 87.51
N THR Q 58 -56.71 -21.60 88.80
CA THR Q 58 -57.79 -21.49 89.79
C THR Q 58 -57.40 -20.65 90.99
N GLU Q 59 -56.13 -20.24 91.09
CA GLU Q 59 -55.67 -19.53 92.27
C GLU Q 59 -56.14 -18.09 92.28
N LEU Q 60 -55.72 -17.37 93.31
CA LEU Q 60 -56.07 -15.97 93.46
C LEU Q 60 -55.08 -15.11 92.67
N LEU Q 61 -55.57 -14.06 92.03
CA LEU Q 61 -54.70 -13.25 91.19
C LEU Q 61 -54.37 -11.89 91.80
N ILE Q 62 -54.99 -11.52 92.92
CA ILE Q 62 -54.58 -10.38 93.71
C ILE Q 62 -53.76 -10.91 94.88
N ARG Q 63 -52.67 -10.23 95.21
CA ARG Q 63 -51.91 -10.57 96.40
C ARG Q 63 -52.77 -10.35 97.65
N LYS Q 64 -52.66 -11.25 98.63
CA LYS Q 64 -53.56 -11.21 99.78
C LYS Q 64 -53.39 -9.94 100.61
N LEU Q 65 -52.15 -9.55 100.87
CA LEU Q 65 -51.87 -8.43 101.78
C LEU Q 65 -52.40 -7.08 101.29
N PRO Q 66 -52.19 -6.64 100.03
CA PRO Q 66 -52.77 -5.35 99.63
C PRO Q 66 -54.29 -5.33 99.67
N PHE Q 67 -54.94 -6.42 99.26
CA PHE Q 67 -56.40 -6.40 99.26
C PHE Q 67 -56.94 -6.47 100.67
N GLN Q 68 -56.21 -7.13 101.57
CA GLN Q 68 -56.55 -7.07 102.98
C GLN Q 68 -56.42 -5.66 103.52
N ARG Q 69 -55.41 -4.92 103.06
CA ARG Q 69 -55.30 -3.51 103.42
C ARG Q 69 -56.47 -2.71 102.89
N LEU Q 70 -56.94 -3.03 101.67
CA LEU Q 70 -58.17 -2.43 101.15
C LEU Q 70 -59.37 -2.72 102.05
N VAL Q 71 -59.55 -3.98 102.44
CA VAL Q 71 -60.69 -4.36 103.26
C VAL Q 71 -60.63 -3.64 104.61
N ARG Q 72 -59.44 -3.55 105.19
CA ARG Q 72 -59.31 -2.90 106.49
C ARG Q 72 -59.43 -1.38 106.41
N GLU Q 73 -59.01 -0.74 105.31
CA GLU Q 73 -59.18 0.70 105.20
C GLU Q 73 -60.60 1.09 104.82
N ILE Q 74 -61.31 0.25 104.07
CA ILE Q 74 -62.71 0.53 103.76
C ILE Q 74 -63.57 0.39 105.00
N ALA Q 75 -63.29 -0.64 105.80
CA ALA Q 75 -64.01 -0.83 107.06
C ALA Q 75 -63.42 0.02 108.17
N GLN Q 76 -63.26 1.32 107.93
CA GLN Q 76 -62.84 2.26 108.95
C GLN Q 76 -63.92 3.27 109.31
N ASP Q 77 -64.47 3.98 108.32
CA ASP Q 77 -65.52 4.94 108.56
C ASP Q 77 -66.85 4.29 108.92
N PHE Q 78 -67.05 3.02 108.57
CA PHE Q 78 -68.24 2.31 109.00
C PHE Q 78 -68.19 2.06 110.50
N LYS Q 79 -67.06 1.55 110.98
CA LYS Q 79 -66.79 1.36 112.40
C LYS Q 79 -65.29 1.18 112.55
N THR Q 80 -64.73 1.67 113.65
CA THR Q 80 -63.31 1.50 113.90
C THR Q 80 -63.02 0.09 114.40
N ASP Q 81 -61.71 -0.19 114.53
CA ASP Q 81 -61.08 -1.38 115.16
C ASP Q 81 -61.83 -2.70 114.93
N LEU Q 82 -62.22 -2.96 113.69
CA LEU Q 82 -62.79 -4.27 113.36
C LEU Q 82 -61.71 -5.34 113.37
N ARG Q 83 -62.15 -6.58 113.48
CA ARG Q 83 -61.33 -7.74 113.21
C ARG Q 83 -61.99 -8.56 112.10
N PHE Q 84 -61.17 -9.22 111.31
CA PHE Q 84 -61.64 -9.98 110.16
C PHE Q 84 -61.03 -11.37 110.20
N GLN Q 85 -61.86 -12.38 109.97
CA GLN Q 85 -61.34 -13.73 109.88
C GLN Q 85 -60.45 -13.87 108.65
N SER Q 86 -59.43 -14.72 108.77
CA SER Q 86 -58.56 -15.00 107.64
C SER Q 86 -59.31 -15.68 106.50
N SER Q 87 -60.34 -16.46 106.82
CA SER Q 87 -61.25 -16.95 105.81
C SER Q 87 -62.15 -15.86 105.25
N ALA Q 88 -62.52 -14.88 106.07
CA ALA Q 88 -63.41 -13.80 105.61
C ALA Q 88 -62.75 -12.94 104.54
N VAL Q 89 -61.51 -12.51 104.78
CA VAL Q 89 -60.84 -11.65 103.82
C VAL Q 89 -60.59 -12.38 102.51
N MET Q 90 -60.30 -13.68 102.56
CA MET Q 90 -60.07 -14.41 101.31
C MET Q 90 -61.39 -14.75 100.61
N ALA Q 91 -62.48 -14.85 101.37
CA ALA Q 91 -63.79 -14.89 100.74
C ALA Q 91 -64.07 -13.60 99.96
N LEU Q 92 -63.72 -12.45 100.55
CA LEU Q 92 -63.83 -11.18 99.83
C LEU Q 92 -62.97 -11.17 98.58
N GLN Q 93 -61.71 -11.63 98.71
CA GLN Q 93 -60.77 -11.82 97.59
C GLN Q 93 -61.38 -12.59 96.44
N GLU Q 94 -61.86 -13.80 96.69
CA GLU Q 94 -62.30 -14.64 95.57
C GLU Q 94 -63.65 -14.19 95.03
N ALA Q 95 -64.53 -13.67 95.90
CA ALA Q 95 -65.78 -13.09 95.43
C ALA Q 95 -65.57 -11.89 94.53
N SER Q 96 -64.65 -11.00 94.91
CA SER Q 96 -64.33 -9.84 94.09
C SER Q 96 -63.71 -10.26 92.76
N GLU Q 97 -62.86 -11.28 92.77
CA GLU Q 97 -62.38 -11.80 91.48
C GLU Q 97 -63.49 -12.35 90.62
N ALA Q 98 -64.45 -13.07 91.20
CA ALA Q 98 -65.56 -13.60 90.42
C ALA Q 98 -66.39 -12.48 89.79
N TYR Q 99 -66.70 -11.45 90.58
CA TYR Q 99 -67.45 -10.31 90.05
C TYR Q 99 -66.68 -9.62 88.94
N LEU Q 100 -65.37 -9.42 89.12
CA LEU Q 100 -64.59 -8.70 88.13
C LEU Q 100 -64.39 -9.51 86.86
N VAL Q 101 -64.18 -10.82 86.96
CA VAL Q 101 -63.99 -11.59 85.74
C VAL Q 101 -65.30 -11.70 84.97
N ALA Q 102 -66.45 -11.84 85.67
CA ALA Q 102 -67.73 -11.84 85.01
C ALA Q 102 -68.05 -10.50 84.36
N LEU Q 103 -67.63 -9.41 84.97
CA LEU Q 103 -67.68 -8.11 84.30
C LEU Q 103 -66.75 -8.09 83.10
N PHE Q 104 -65.67 -8.86 83.14
CA PHE Q 104 -64.68 -8.76 82.07
C PHE Q 104 -65.07 -9.53 80.81
N GLU Q 105 -65.81 -10.65 80.90
CA GLU Q 105 -66.24 -11.22 79.61
C GLU Q 105 -67.24 -10.32 78.89
N ASP Q 106 -68.19 -9.72 79.60
CA ASP Q 106 -69.12 -8.88 78.86
C ASP Q 106 -68.50 -7.51 78.53
N THR Q 107 -67.45 -7.12 79.24
CA THR Q 107 -66.62 -6.01 78.77
C THR Q 107 -65.95 -6.34 77.44
N ASN Q 108 -65.42 -7.57 77.33
CA ASN Q 108 -64.86 -8.03 76.06
C ASN Q 108 -65.91 -8.03 74.96
N LEU Q 109 -67.12 -8.49 75.27
CA LEU Q 109 -68.20 -8.46 74.29
C LEU Q 109 -68.56 -7.02 73.90
N ALA Q 110 -68.55 -6.09 74.85
CA ALA Q 110 -68.83 -4.70 74.53
C ALA Q 110 -67.73 -4.08 73.68
N ALA Q 111 -66.48 -4.50 73.89
CA ALA Q 111 -65.39 -4.01 73.06
C ALA Q 111 -65.47 -4.57 71.65
N ILE Q 112 -65.79 -5.86 71.51
CA ILE Q 112 -66.02 -6.47 70.20
C ILE Q 112 -67.23 -5.84 69.50
N HIS Q 113 -68.18 -5.31 70.28
CA HIS Q 113 -69.38 -4.71 69.73
C HIS Q 113 -69.08 -3.54 68.80
N ALA Q 114 -68.10 -2.71 69.19
CA ALA Q 114 -67.63 -1.63 68.33
C ALA Q 114 -66.53 -2.07 67.37
N LYS Q 115 -66.43 -3.38 67.09
CA LYS Q 115 -65.43 -3.96 66.20
C LYS Q 115 -64.01 -3.62 66.64
N ARG Q 116 -63.77 -3.68 67.95
CA ARG Q 116 -62.46 -3.37 68.52
C ARG Q 116 -61.97 -4.53 69.36
N VAL Q 117 -60.65 -4.59 69.53
CA VAL Q 117 -60.06 -5.55 70.45
C VAL Q 117 -59.54 -4.87 71.71
N THR Q 118 -59.45 -3.54 71.72
CA THR Q 118 -59.09 -2.79 72.92
C THR Q 118 -60.35 -2.55 73.73
N ILE Q 119 -60.32 -2.86 75.03
CA ILE Q 119 -61.41 -2.44 75.90
C ILE Q 119 -61.15 -1.02 76.36
N MET Q 120 -62.21 -0.31 76.69
CA MET Q 120 -62.19 1.10 77.04
C MET Q 120 -62.98 1.31 78.31
N PRO Q 121 -62.77 2.44 79.01
CA PRO Q 121 -63.59 2.73 80.19
C PRO Q 121 -65.07 2.82 79.91
N LYS Q 122 -65.47 3.18 78.68
CA LYS Q 122 -66.88 3.24 78.34
C LYS Q 122 -67.52 1.86 78.36
N ASP Q 123 -66.74 0.80 78.08
CA ASP Q 123 -67.28 -0.55 78.03
C ASP Q 123 -67.81 -0.99 79.39
N ILE Q 124 -67.05 -0.74 80.46
CA ILE Q 124 -67.49 -1.20 81.77
C ILE Q 124 -68.55 -0.28 82.34
N GLN Q 125 -68.53 1.00 81.94
CA GLN Q 125 -69.61 1.90 82.30
C GLN Q 125 -70.93 1.44 81.71
N LEU Q 126 -70.89 1.02 80.44
CA LEU Q 126 -72.08 0.45 79.82
C LEU Q 126 -72.48 -0.86 80.46
N ALA Q 127 -71.49 -1.69 80.82
CA ALA Q 127 -71.80 -2.96 81.48
C ALA Q 127 -72.53 -2.73 82.79
N ARG Q 128 -72.01 -1.85 83.64
CA ARG Q 128 -72.66 -1.56 84.91
C ARG Q 128 -73.98 -0.82 84.70
N ARG Q 129 -74.10 -0.08 83.59
CA ARG Q 129 -75.36 0.56 83.25
C ARG Q 129 -76.43 -0.47 82.95
N ILE Q 130 -76.08 -1.50 82.17
CA ILE Q 130 -77.11 -2.39 81.65
C ILE Q 130 -77.40 -3.49 82.68
N ARG Q 131 -76.45 -3.75 83.59
CA ARG Q 131 -76.79 -4.55 84.76
C ARG Q 131 -77.76 -3.82 85.67
N GLY Q 132 -77.62 -2.51 85.79
CA GLY Q 132 -78.51 -1.73 86.63
C GLY Q 132 -77.95 -1.40 87.99
N GLU Q 133 -76.65 -1.08 88.07
CA GLU Q 133 -76.09 -0.56 89.31
C GLU Q 133 -75.42 0.79 89.11
N ARG Q 134 -75.55 1.40 87.93
CA ARG Q 134 -74.89 2.67 87.64
C ARG Q 134 -75.67 3.83 88.25
N VAL R 21 -53.91 4.67 111.96
CA VAL R 21 -54.88 4.68 110.86
C VAL R 21 -54.18 4.47 109.53
N LEU R 22 -54.50 3.37 108.86
CA LEU R 22 -53.92 3.09 107.54
C LEU R 22 -54.52 4.03 106.50
N ARG R 23 -53.69 4.46 105.56
CA ARG R 23 -54.08 5.47 104.58
C ARG R 23 -53.28 5.26 103.31
N ASP R 24 -53.91 5.60 102.17
CA ASP R 24 -53.30 5.53 100.84
C ASP R 24 -52.86 4.11 100.50
N ASN R 25 -53.80 3.18 100.61
CA ASN R 25 -53.60 1.82 100.12
C ASN R 25 -54.50 1.50 98.93
N ILE R 26 -55.25 2.48 98.44
CA ILE R 26 -56.16 2.27 97.31
C ILE R 26 -55.38 1.92 96.05
N GLN R 27 -54.14 2.38 95.92
CA GLN R 27 -53.27 1.94 94.84
C GLN R 27 -52.75 0.52 95.05
N GLY R 28 -53.10 -0.12 96.18
CA GLY R 28 -52.62 -1.46 96.45
C GLY R 28 -53.15 -2.50 95.49
N ILE R 29 -54.28 -2.22 94.83
CA ILE R 29 -54.69 -3.10 93.73
C ILE R 29 -53.75 -2.74 92.59
N THR R 30 -52.69 -3.50 92.44
CA THR R 30 -51.61 -3.07 91.58
C THR R 30 -51.98 -3.25 90.11
N LYS R 31 -51.25 -2.52 89.26
CA LYS R 31 -51.49 -2.51 87.82
C LYS R 31 -51.43 -3.90 87.19
N PRO R 32 -50.38 -4.73 87.40
CA PRO R 32 -50.43 -6.08 86.81
C PRO R 32 -51.53 -6.97 87.36
N ALA R 33 -52.01 -6.74 88.59
CA ALA R 33 -53.10 -7.57 89.10
C ALA R 33 -54.41 -7.26 88.37
N ILE R 34 -54.66 -5.97 88.10
CA ILE R 34 -55.80 -5.60 87.28
C ILE R 34 -55.67 -6.18 85.88
N ARG R 35 -54.44 -6.16 85.33
CA ARG R 35 -54.19 -6.86 84.08
C ARG R 35 -54.55 -8.34 84.18
N ARG R 36 -54.07 -9.03 85.22
CA ARG R 36 -54.28 -10.47 85.36
C ARG R 36 -55.77 -10.80 85.48
N LEU R 37 -56.52 -10.00 86.24
CA LEU R 37 -57.97 -10.16 86.29
C LEU R 37 -58.60 -9.98 84.93
N ALA R 38 -58.10 -9.03 84.14
CA ALA R 38 -58.60 -8.87 82.79
C ALA R 38 -58.28 -10.10 81.93
N ARG R 39 -57.09 -10.67 82.10
CA ARG R 39 -56.65 -11.73 81.20
C ARG R 39 -57.33 -13.04 81.55
N ARG R 40 -57.83 -13.16 82.78
CA ARG R 40 -58.74 -14.29 83.03
C ARG R 40 -60.05 -14.11 82.28
N GLY R 41 -60.50 -12.86 82.12
CA GLY R 41 -61.73 -12.59 81.41
C GLY R 41 -61.68 -12.81 79.91
N GLY R 42 -60.49 -12.94 79.33
CA GLY R 42 -60.35 -13.22 77.93
C GLY R 42 -60.12 -12.02 77.03
N VAL R 43 -59.81 -10.86 77.59
CA VAL R 43 -59.55 -9.68 76.76
C VAL R 43 -58.11 -9.74 76.26
N LYS R 44 -57.82 -8.96 75.21
CA LYS R 44 -56.47 -8.92 74.68
C LYS R 44 -55.71 -7.67 75.07
N ARG R 45 -56.26 -6.49 74.79
CA ARG R 45 -55.51 -5.24 74.88
C ARG R 45 -56.24 -4.30 75.85
N ILE R 46 -55.47 -3.66 76.72
CA ILE R 46 -56.01 -2.93 77.86
C ILE R 46 -55.77 -1.45 77.66
N SER R 47 -56.78 -0.63 77.88
CA SER R 47 -56.58 0.81 77.82
C SER R 47 -55.84 1.28 79.08
N GLY R 48 -55.21 2.45 78.99
CA GLY R 48 -54.35 2.93 80.04
C GLY R 48 -55.08 3.47 81.25
N LEU R 49 -56.21 4.14 81.03
CA LEU R 49 -56.97 4.72 82.14
C LEU R 49 -57.98 3.75 82.73
N ILE R 50 -57.90 2.46 82.34
CA ILE R 50 -58.73 1.43 82.96
C ILE R 50 -58.43 1.30 84.45
N TYR R 51 -57.15 1.38 84.83
CA TYR R 51 -56.71 0.87 86.13
C TYR R 51 -57.28 1.67 87.30
N GLU R 52 -57.19 3.00 87.26
CA GLU R 52 -57.60 3.80 88.40
C GLU R 52 -59.12 3.80 88.57
N GLU R 53 -59.87 3.82 87.47
CA GLU R 53 -61.32 3.84 87.60
C GLU R 53 -61.88 2.45 87.88
N THR R 54 -61.17 1.40 87.47
CA THR R 54 -61.55 0.07 87.94
C THR R 54 -61.20 -0.11 89.40
N ARG R 55 -60.14 0.55 89.88
CA ARG R 55 -59.89 0.58 91.32
C ARG R 55 -61.05 1.28 92.03
N GLY R 56 -61.59 2.33 91.42
CA GLY R 56 -62.81 2.94 91.95
C GLY R 56 -64.01 2.00 91.91
N VAL R 57 -64.09 1.16 90.88
CA VAL R 57 -65.17 0.18 90.78
C VAL R 57 -65.07 -0.84 91.91
N LEU R 58 -63.85 -1.35 92.16
CA LEU R 58 -63.61 -2.15 93.34
C LEU R 58 -63.94 -1.40 94.62
N LYS R 59 -63.64 -0.10 94.66
CA LYS R 59 -63.92 0.66 95.87
C LYS R 59 -65.41 0.72 96.16
N VAL R 60 -66.23 0.94 95.14
CA VAL R 60 -67.67 1.06 95.37
C VAL R 60 -68.31 -0.30 95.67
N PHE R 61 -67.83 -1.35 94.98
CA PHE R 61 -68.35 -2.69 95.23
C PHE R 61 -67.96 -3.18 96.63
N LEU R 62 -66.69 -3.02 96.98
CA LEU R 62 -66.24 -3.38 98.31
C LEU R 62 -66.89 -2.54 99.39
N GLU R 63 -67.20 -1.27 99.13
CA GLU R 63 -67.79 -0.49 100.22
C GLU R 63 -69.22 -0.93 100.48
N ASN R 64 -70.03 -1.21 99.44
CA ASN R 64 -71.40 -1.62 99.79
C ASN R 64 -71.42 -3.05 100.35
N VAL R 65 -70.52 -3.91 99.87
CA VAL R 65 -70.41 -5.26 100.45
C VAL R 65 -70.01 -5.19 101.91
N ILE R 66 -68.99 -4.40 102.21
CA ILE R 66 -68.50 -4.28 103.58
C ILE R 66 -69.51 -3.56 104.47
N ARG R 67 -70.32 -2.66 103.89
CA ARG R 67 -71.41 -2.06 104.67
C ARG R 67 -72.44 -3.10 105.09
N ASP R 68 -72.88 -3.96 104.16
CA ASP R 68 -73.81 -5.02 104.53
C ASP R 68 -73.17 -5.98 105.54
N ALA R 69 -71.88 -6.28 105.35
CA ALA R 69 -71.18 -7.20 106.25
C ALA R 69 -71.01 -6.61 107.65
N VAL R 70 -70.71 -5.33 107.76
CA VAL R 70 -70.51 -4.75 109.09
C VAL R 70 -71.85 -4.52 109.76
N THR R 71 -72.92 -4.36 108.98
CA THR R 71 -74.26 -4.27 109.56
C THR R 71 -74.66 -5.61 110.17
N TYR R 72 -74.45 -6.69 109.43
CA TYR R 72 -74.63 -8.04 109.99
C TYR R 72 -73.72 -8.27 111.18
N THR R 73 -72.50 -7.74 111.13
CA THR R 73 -71.55 -7.92 112.23
C THR R 73 -72.06 -7.29 113.51
N GLU R 74 -72.43 -6.01 113.45
CA GLU R 74 -72.78 -5.32 114.68
C GLU R 74 -74.17 -5.69 115.17
N HIS R 75 -75.02 -6.26 114.31
CA HIS R 75 -76.24 -6.83 114.87
C HIS R 75 -75.97 -7.97 115.84
N ALA R 76 -74.98 -8.81 115.59
CA ALA R 76 -74.68 -9.92 116.48
C ALA R 76 -73.81 -9.52 117.66
N LYS R 77 -73.80 -8.23 118.02
CA LYS R 77 -73.01 -7.66 119.11
C LYS R 77 -71.52 -7.92 118.91
N ARG R 78 -71.11 -8.11 117.66
CA ARG R 78 -69.78 -8.63 117.40
C ARG R 78 -68.81 -7.52 117.02
N LYS R 79 -67.55 -7.73 117.38
CA LYS R 79 -66.47 -6.87 116.95
C LYS R 79 -65.59 -7.51 115.90
N THR R 80 -65.88 -8.75 115.50
CA THR R 80 -65.13 -9.46 114.48
C THR R 80 -66.03 -9.73 113.28
N VAL R 81 -65.57 -9.38 112.09
CA VAL R 81 -66.32 -9.65 110.87
C VAL R 81 -66.09 -11.10 110.48
N THR R 82 -67.16 -11.87 110.39
CA THR R 82 -67.08 -13.29 110.08
C THR R 82 -67.24 -13.52 108.58
N ALA R 83 -66.60 -14.58 108.09
CA ALA R 83 -66.85 -15.04 106.71
C ALA R 83 -68.29 -15.43 106.51
N MET R 84 -68.94 -15.90 107.58
CA MET R 84 -70.36 -16.22 107.53
C MET R 84 -71.15 -14.98 107.13
N ASP R 85 -70.91 -13.85 107.80
CA ASP R 85 -71.58 -12.60 107.46
C ASP R 85 -71.23 -12.11 106.06
N VAL R 86 -70.02 -12.44 105.59
CA VAL R 86 -69.64 -12.06 104.22
C VAL R 86 -70.53 -12.76 103.21
N VAL R 87 -70.64 -14.09 103.30
CA VAL R 87 -71.44 -14.83 102.33
C VAL R 87 -72.93 -14.55 102.53
N TYR R 88 -73.30 -14.19 103.76
CA TYR R 88 -74.64 -13.72 104.12
C TYR R 88 -75.00 -12.47 103.31
N ALA R 89 -74.11 -11.47 103.36
CA ALA R 89 -74.33 -10.22 102.64
C ALA R 89 -74.32 -10.42 101.13
N LEU R 90 -73.46 -11.32 100.66
CA LEU R 90 -73.45 -11.62 99.22
C LEU R 90 -74.75 -12.29 98.79
N LYS R 91 -75.31 -13.14 99.64
CA LYS R 91 -76.63 -13.70 99.38
C LYS R 91 -77.69 -12.60 99.31
N ARG R 92 -77.52 -11.54 100.11
CA ARG R 92 -78.46 -10.43 100.05
C ARG R 92 -78.44 -9.72 98.68
N GLN R 93 -77.26 -9.31 98.21
CA GLN R 93 -77.22 -8.31 97.16
C GLN R 93 -77.30 -8.87 95.75
N GLY R 94 -77.38 -10.19 95.59
CA GLY R 94 -77.36 -10.74 94.26
C GLY R 94 -76.00 -11.12 93.73
N ARG R 95 -74.98 -11.20 94.57
CA ARG R 95 -73.65 -11.66 94.17
C ARG R 95 -73.16 -12.76 95.10
N THR R 96 -74.02 -13.76 95.33
CA THR R 96 -73.78 -14.81 96.32
C THR R 96 -72.55 -15.65 96.01
N LEU R 97 -72.05 -16.35 97.03
CA LEU R 97 -70.81 -17.11 96.96
C LEU R 97 -71.02 -18.48 97.57
N TYR R 98 -70.28 -19.48 97.07
CA TYR R 98 -70.40 -20.84 97.54
C TYR R 98 -69.10 -21.32 98.17
N GLY R 99 -69.19 -22.33 99.03
CA GLY R 99 -68.01 -22.93 99.65
C GLY R 99 -67.66 -22.39 101.02
N PHE R 100 -68.51 -21.59 101.65
CA PHE R 100 -68.19 -21.01 102.94
C PHE R 100 -69.39 -21.09 103.89
N GLY R 101 -70.18 -22.13 103.76
CA GLY R 101 -71.36 -22.29 104.57
C GLY R 101 -72.59 -21.73 103.88
N GLY R 102 -73.75 -22.31 104.21
CA GLY R 102 -75.01 -21.86 103.66
C GLY R 102 -75.78 -20.99 104.63
N ARG S 11 -112.51 -2.20 132.71
CA ARG S 11 -111.92 -2.16 131.38
C ARG S 11 -111.75 -0.72 130.90
N ALA S 12 -110.52 -0.36 130.56
CA ALA S 12 -110.24 0.99 130.11
C ALA S 12 -110.74 1.20 128.69
N LYS S 13 -110.79 2.47 128.28
CA LYS S 13 -111.21 2.83 126.94
C LYS S 13 -110.20 2.32 125.90
N ALA S 14 -110.73 1.73 124.83
CA ALA S 14 -109.88 1.15 123.81
C ALA S 14 -109.17 2.25 123.01
N LYS S 15 -107.85 2.27 123.09
CA LYS S 15 -107.02 3.20 122.34
C LYS S 15 -106.17 2.42 121.36
N THR S 16 -106.14 2.90 120.11
CA THR S 16 -105.37 2.22 119.07
C THR S 16 -103.88 2.35 119.34
N ARG S 17 -103.12 1.32 118.94
CA ARG S 17 -101.68 1.32 119.15
C ARG S 17 -101.00 2.38 118.28
N SER S 18 -101.58 2.68 117.12
CA SER S 18 -101.01 3.71 116.25
C SER S 18 -101.11 5.09 116.88
N SER S 19 -102.26 5.41 117.48
CA SER S 19 -102.39 6.68 118.18
C SER S 19 -101.54 6.70 119.44
N ARG S 20 -101.35 5.53 120.07
CA ARG S 20 -100.47 5.44 121.22
C ARG S 20 -99.02 5.74 120.83
N ALA S 21 -98.61 5.27 119.66
CA ALA S 21 -97.26 5.53 119.17
C ALA S 21 -97.17 6.76 118.26
N GLY S 22 -98.27 7.48 118.08
CA GLY S 22 -98.28 8.62 117.19
C GLY S 22 -98.07 8.28 115.73
N LEU S 23 -98.75 7.24 115.25
CA LEU S 23 -98.65 6.81 113.86
C LEU S 23 -100.05 6.70 113.27
N GLN S 24 -100.10 6.51 111.95
CA GLN S 24 -101.37 6.38 111.26
C GLN S 24 -101.55 5.01 110.62
N PHE S 25 -100.47 4.34 110.22
CA PHE S 25 -100.63 2.96 109.81
C PHE S 25 -100.98 2.07 111.00
N PRO S 26 -101.90 1.13 110.82
CA PRO S 26 -102.42 0.33 111.95
C PRO S 26 -101.41 -0.65 112.47
N VAL S 27 -100.97 -0.45 113.71
CA VAL S 27 -99.96 -1.31 114.33
C VAL S 27 -100.53 -2.69 114.61
N GLY S 28 -101.78 -2.75 115.08
CA GLY S 28 -102.41 -4.03 115.33
C GLY S 28 -102.60 -4.84 114.06
N ARG S 29 -102.97 -4.17 112.97
CA ARG S 29 -103.13 -4.87 111.70
C ARG S 29 -101.80 -5.41 111.17
N VAL S 30 -100.73 -4.62 111.24
CA VAL S 30 -99.45 -5.09 110.70
C VAL S 30 -98.86 -6.15 111.64
N HIS S 31 -99.20 -6.09 112.92
CA HIS S 31 -98.85 -7.18 113.83
C HIS S 31 -99.58 -8.46 113.48
N ARG S 32 -100.86 -8.34 113.11
CA ARG S 32 -101.61 -9.50 112.64
C ARG S 32 -101.04 -10.05 111.34
N LEU S 33 -100.58 -9.16 110.46
CA LEU S 33 -99.94 -9.61 109.22
C LEU S 33 -98.60 -10.27 109.50
N LEU S 34 -97.88 -9.81 110.53
CA LEU S 34 -96.65 -10.48 110.93
C LEU S 34 -96.93 -11.86 111.48
N ARG S 35 -97.97 -12.01 112.29
CA ARG S 35 -98.27 -13.30 112.89
C ARG S 35 -98.86 -14.27 111.88
N LYS S 36 -99.92 -13.87 111.19
CA LYS S 36 -100.61 -14.70 110.20
C LYS S 36 -99.84 -14.83 108.90
N GLY S 37 -98.87 -13.94 108.64
CA GLY S 37 -98.03 -14.11 107.47
C GLY S 37 -96.97 -15.16 107.62
N ASN S 38 -96.86 -15.75 108.81
CA ASN S 38 -96.01 -16.89 109.11
C ASN S 38 -94.56 -16.51 108.84
N TYR S 39 -94.05 -15.61 109.68
CA TYR S 39 -92.64 -15.27 109.71
C TYR S 39 -91.92 -15.82 110.94
N ALA S 40 -92.61 -15.92 112.07
CA ALA S 40 -92.16 -16.70 113.21
C ALA S 40 -93.33 -16.97 114.13
N GLU S 41 -93.04 -17.78 115.16
CA GLU S 41 -94.02 -18.03 116.22
C GLU S 41 -94.10 -16.88 117.21
N ARG S 42 -93.06 -16.05 117.29
CA ARG S 42 -93.04 -14.95 118.25
C ARG S 42 -92.61 -13.65 117.57
N VAL S 43 -93.35 -12.58 117.89
CA VAL S 43 -93.09 -11.24 117.37
C VAL S 43 -93.13 -10.27 118.55
N GLY S 44 -92.10 -9.42 118.66
CA GLY S 44 -92.03 -8.47 119.74
C GLY S 44 -93.07 -7.38 119.63
N ALA S 45 -93.24 -6.64 120.73
CA ALA S 45 -94.28 -5.63 120.83
C ALA S 45 -93.96 -4.39 119.99
N GLY S 46 -92.73 -3.87 120.10
CA GLY S 46 -92.35 -2.68 119.38
C GLY S 46 -91.99 -2.89 117.93
N ALA S 47 -91.88 -4.15 117.50
CA ALA S 47 -91.55 -4.43 116.11
C ALA S 47 -92.63 -3.97 115.13
N PRO S 48 -93.93 -4.24 115.33
CA PRO S 48 -94.92 -3.62 114.42
C PRO S 48 -94.98 -2.11 114.52
N VAL S 49 -94.67 -1.53 115.68
CA VAL S 49 -94.63 -0.08 115.81
C VAL S 49 -93.55 0.51 114.91
N TYR S 50 -92.34 -0.03 114.99
CA TYR S 50 -91.24 0.44 114.18
C TYR S 50 -91.48 0.16 112.69
N LEU S 51 -92.06 -1.00 112.39
CA LEU S 51 -92.39 -1.37 111.02
C LEU S 51 -93.41 -0.41 110.41
N ALA S 52 -94.46 -0.09 111.17
CA ALA S 52 -95.44 0.89 110.73
C ALA S 52 -94.79 2.24 110.53
N ALA S 53 -93.86 2.62 111.42
CA ALA S 53 -93.21 3.93 111.30
C ALA S 53 -92.36 4.04 110.03
N VAL S 54 -91.60 2.99 109.70
CA VAL S 54 -90.77 3.08 108.49
C VAL S 54 -91.65 3.01 107.24
N LEU S 55 -92.77 2.29 107.31
CA LEU S 55 -93.73 2.35 106.20
C LEU S 55 -94.31 3.77 106.06
N GLU S 56 -94.60 4.42 107.18
CA GLU S 56 -95.03 5.81 107.16
C GLU S 56 -93.99 6.71 106.50
N TYR S 57 -92.71 6.46 106.79
CA TYR S 57 -91.67 7.33 106.24
C TYR S 57 -91.56 7.17 104.74
N LEU S 58 -91.55 5.92 104.27
CA LEU S 58 -91.48 5.66 102.84
C LEU S 58 -92.68 6.25 102.12
N THR S 59 -93.88 6.07 102.69
CA THR S 59 -95.07 6.66 102.08
C THR S 59 -95.01 8.19 102.12
N ALA S 60 -94.46 8.77 103.19
CA ALA S 60 -94.38 10.22 103.28
C ALA S 60 -93.53 10.81 102.17
N GLU S 61 -92.33 10.24 101.94
CA GLU S 61 -91.49 10.75 100.85
C GLU S 61 -92.10 10.48 99.47
N ILE S 62 -92.65 9.28 99.24
CA ILE S 62 -93.16 9.02 97.90
C ILE S 62 -94.43 9.84 97.63
N LEU S 63 -95.23 10.11 98.66
CA LEU S 63 -96.40 10.95 98.48
C LEU S 63 -96.05 12.41 98.27
N GLU S 64 -95.05 12.95 99.00
CA GLU S 64 -94.71 14.35 98.77
C GLU S 64 -94.05 14.54 97.42
N LEU S 65 -93.27 13.56 96.97
CA LEU S 65 -92.72 13.62 95.62
C LEU S 65 -93.80 13.50 94.55
N ALA S 66 -94.81 12.66 94.78
CA ALA S 66 -95.94 12.60 93.86
C ALA S 66 -96.70 13.92 93.86
N GLY S 67 -96.79 14.57 95.02
CA GLY S 67 -97.45 15.87 95.08
C GLY S 67 -96.70 16.94 94.31
N ASN S 68 -95.37 16.94 94.40
CA ASN S 68 -94.58 17.88 93.58
C ASN S 68 -94.74 17.56 92.10
N ALA S 69 -94.79 16.26 91.77
CA ALA S 69 -95.01 15.85 90.39
C ALA S 69 -96.38 16.30 89.89
N ALA S 70 -97.38 16.32 90.77
CA ALA S 70 -98.68 16.86 90.39
C ALA S 70 -98.62 18.38 90.27
N ARG S 71 -97.82 19.03 91.13
CA ARG S 71 -97.80 20.49 91.16
C ARG S 71 -97.14 21.09 89.93
N ASP S 72 -96.00 20.55 89.49
CA ASP S 72 -95.37 21.15 88.31
C ASP S 72 -96.10 20.77 87.03
N ASN S 73 -96.94 19.74 87.10
CA ASN S 73 -97.81 19.33 86.00
C ASN S 73 -99.16 20.04 86.04
N LYS S 74 -99.32 20.99 86.98
CA LYS S 74 -100.56 21.76 87.16
C LYS S 74 -101.75 20.84 87.43
N LYS S 75 -101.65 19.82 88.29
CA LYS S 75 -102.73 18.83 88.58
C LYS S 75 -103.09 18.69 90.07
N THR S 76 -104.30 18.20 90.34
CA THR S 76 -104.87 18.01 91.71
C THR S 76 -105.21 16.55 92.09
N ARG S 77 -105.18 15.58 91.16
CA ARG S 77 -105.19 14.13 91.48
C ARG S 77 -103.82 13.50 91.15
N ILE S 78 -103.33 12.59 92.00
CA ILE S 78 -102.13 11.79 91.74
C ILE S 78 -102.46 10.73 90.71
N ILE S 79 -101.75 10.74 89.59
CA ILE S 79 -101.89 9.73 88.54
C ILE S 79 -100.63 8.85 88.58
N PRO S 80 -100.69 7.59 88.17
CA PRO S 80 -99.47 6.76 88.12
C PRO S 80 -98.31 7.36 87.34
N ARG S 81 -98.58 8.25 86.38
CA ARG S 81 -97.48 8.98 85.74
C ARG S 81 -96.74 9.87 86.75
N HIS S 82 -97.49 10.52 87.65
CA HIS S 82 -96.84 11.29 88.70
C HIS S 82 -96.00 10.41 89.60
N LEU S 83 -96.49 9.20 89.91
CA LEU S 83 -95.72 8.28 90.75
C LEU S 83 -94.45 7.84 90.05
N GLN S 84 -94.54 7.53 88.76
CA GLN S 84 -93.37 7.09 88.01
C GLN S 84 -92.34 8.20 87.92
N LEU S 85 -92.79 9.43 87.64
CA LEU S 85 -91.86 10.56 87.60
C LEU S 85 -91.22 10.81 88.95
N ALA S 86 -92.01 10.68 90.03
CA ALA S 86 -91.49 10.89 91.37
C ALA S 86 -90.45 9.84 91.74
N VAL S 87 -90.66 8.58 91.34
CA VAL S 87 -89.75 7.53 91.76
C VAL S 87 -88.52 7.49 90.85
N ARG S 88 -88.67 7.90 89.59
CA ARG S 88 -87.52 7.90 88.69
C ARG S 88 -86.68 9.15 88.84
N ASN S 89 -87.23 10.23 89.40
CA ASN S 89 -86.41 11.41 89.62
C ASN S 89 -85.47 11.27 90.81
N ASP S 90 -85.76 10.36 91.75
CA ASP S 90 -84.90 10.14 92.90
C ASP S 90 -84.11 8.84 92.75
N GLU S 91 -82.77 8.96 92.84
CA GLU S 91 -81.91 7.82 92.55
C GLU S 91 -81.94 6.77 93.65
N GLU S 92 -82.27 7.20 94.88
CA GLU S 92 -82.32 6.26 95.99
C GLU S 92 -83.57 5.41 95.91
N LEU S 93 -84.72 6.04 95.67
CA LEU S 93 -85.91 5.31 95.28
C LEU S 93 -85.69 4.56 93.98
N ASN S 94 -84.79 5.05 93.13
CA ASN S 94 -84.49 4.33 91.89
C ASN S 94 -83.73 3.03 92.13
N LYS S 95 -82.94 2.88 93.19
CA LYS S 95 -82.44 1.52 93.38
C LYS S 95 -83.48 0.72 94.14
N LEU S 96 -84.30 1.40 94.96
CA LEU S 96 -85.38 0.69 95.65
C LEU S 96 -86.40 0.13 94.67
N LEU S 97 -86.74 0.87 93.62
CA LEU S 97 -87.83 0.48 92.72
C LEU S 97 -87.35 0.24 91.30
N GLY S 98 -86.04 0.05 91.12
CA GLY S 98 -85.48 -0.02 89.77
C GLY S 98 -85.89 -1.24 88.99
N ARG S 99 -86.01 -2.38 89.67
CA ARG S 99 -86.38 -3.60 88.98
C ARG S 99 -87.91 -3.76 89.01
N VAL S 100 -88.57 -2.81 89.68
CA VAL S 100 -90.02 -2.75 89.80
C VAL S 100 -90.58 -1.93 88.64
N THR S 101 -91.72 -2.34 88.09
CA THR S 101 -92.40 -1.65 87.01
C THR S 101 -93.70 -1.05 87.51
N ILE S 102 -94.03 0.15 87.04
CA ILE S 102 -95.24 0.86 87.42
C ILE S 102 -96.21 0.84 86.25
N ALA S 103 -97.43 0.37 86.49
CA ALA S 103 -98.45 0.36 85.46
C ALA S 103 -98.93 1.77 85.14
N GLN S 104 -99.11 2.04 83.84
CA GLN S 104 -99.41 3.38 83.31
C GLN S 104 -98.42 4.42 83.82
N GLY S 105 -97.15 4.08 83.83
CA GLY S 105 -96.14 4.98 84.35
C GLY S 105 -95.34 5.69 83.29
N GLY S 106 -95.15 5.05 82.15
CA GLY S 106 -94.29 5.64 81.14
C GLY S 106 -92.84 5.58 81.57
N VAL S 107 -92.02 6.42 80.92
CA VAL S 107 -90.60 6.51 81.20
C VAL S 107 -90.23 7.97 81.44
N LEU S 108 -89.01 8.17 81.92
CA LEU S 108 -88.47 9.52 82.02
C LEU S 108 -88.20 10.09 80.63
N PRO S 109 -88.59 11.33 80.38
CA PRO S 109 -88.25 11.96 79.11
C PRO S 109 -86.77 12.30 79.04
N ASN S 110 -85.98 11.51 78.32
CA ASN S 110 -84.55 11.79 78.19
C ASN S 110 -84.09 11.52 76.77
N ILE S 111 -83.12 12.33 76.31
CA ILE S 111 -82.53 12.20 74.99
C ILE S 111 -81.02 12.19 75.15
N GLN S 112 -80.37 11.19 74.57
CA GLN S 112 -78.91 11.18 74.56
C GLN S 112 -78.38 12.21 73.55
N SER S 113 -77.12 12.59 73.74
CA SER S 113 -76.58 13.84 73.19
C SER S 113 -76.51 13.87 71.67
N VAL S 114 -76.03 12.80 71.02
CA VAL S 114 -75.77 12.89 69.59
C VAL S 114 -77.08 12.79 68.82
N LEU S 115 -78.15 12.31 69.46
CA LEU S 115 -79.46 12.28 68.82
C LEU S 115 -80.04 13.67 68.61
N LEU S 116 -79.51 14.69 69.31
CA LEU S 116 -79.89 16.06 69.02
C LEU S 116 -79.35 16.45 67.65
N PRO S 117 -80.08 17.31 66.89
CA PRO S 117 -79.56 17.86 65.65
C PRO S 117 -78.40 18.82 65.93
N LYS S 118 -77.44 18.89 65.01
CA LYS S 118 -76.24 19.71 65.13
C LYS S 118 -76.33 20.90 64.18
N LYS S 119 -75.58 21.94 64.52
CA LYS S 119 -75.65 23.28 63.90
C LYS S 119 -74.37 23.62 63.13
N ARG T 26 -124.66 -12.22 98.64
CA ARG T 26 -124.14 -12.18 100.00
C ARG T 26 -123.34 -10.91 100.24
N ARG T 27 -122.78 -10.70 101.43
CA ARG T 27 -121.91 -9.52 101.66
C ARG T 27 -120.53 -10.13 101.39
N LYS T 28 -119.78 -9.59 100.43
CA LYS T 28 -118.51 -10.19 100.01
C LYS T 28 -117.46 -10.09 101.13
N THR T 29 -116.45 -10.96 101.10
CA THR T 29 -115.45 -11.01 102.18
C THR T 29 -114.64 -9.71 102.25
N ARG T 30 -114.08 -9.39 103.42
CA ARG T 30 -113.29 -8.17 103.66
C ARG T 30 -111.90 -8.32 103.03
N LYS T 31 -111.44 -7.33 102.27
CA LYS T 31 -110.14 -7.35 101.56
C LYS T 31 -109.14 -6.46 102.27
N GLU T 32 -107.90 -6.94 102.45
CA GLU T 32 -106.94 -6.17 103.24
C GLU T 32 -106.34 -5.08 102.38
N SER T 33 -106.38 -3.85 102.88
CA SER T 33 -105.83 -2.70 102.17
C SER T 33 -105.49 -1.61 103.15
N TYR T 34 -104.56 -0.75 102.76
CA TYR T 34 -104.09 0.35 103.59
C TYR T 34 -104.64 1.71 103.12
N ALA T 35 -105.78 1.70 102.43
CA ALA T 35 -106.20 2.86 101.64
C ALA T 35 -106.50 4.08 102.51
N ILE T 36 -107.24 3.88 103.61
CA ILE T 36 -107.64 5.02 104.42
C ILE T 36 -106.43 5.64 105.11
N TYR T 37 -105.46 4.83 105.51
CA TYR T 37 -104.27 5.36 106.16
C TYR T 37 -103.39 6.12 105.17
N VAL T 38 -103.28 5.62 103.94
CA VAL T 38 -102.55 6.34 102.90
C VAL T 38 -103.24 7.67 102.60
N TYR T 39 -104.56 7.68 102.52
CA TYR T 39 -105.26 8.93 102.35
C TYR T 39 -105.00 9.90 103.48
N LYS T 40 -105.03 9.46 104.74
CA LYS T 40 -104.89 10.43 105.83
C LYS T 40 -103.45 10.89 106.00
N VAL T 41 -102.47 10.06 105.63
CA VAL T 41 -101.10 10.57 105.64
C VAL T 41 -100.86 11.49 104.45
N LEU T 42 -101.59 11.27 103.35
CA LEU T 42 -101.59 12.24 102.26
C LEU T 42 -102.14 13.57 102.73
N LYS T 43 -103.24 13.55 103.48
CA LYS T 43 -103.82 14.76 104.07
C LYS T 43 -102.85 15.41 105.06
N GLN T 44 -102.03 14.62 105.77
CA GLN T 44 -101.02 15.20 106.64
C GLN T 44 -99.91 15.87 105.85
N VAL T 45 -99.50 15.29 104.72
CA VAL T 45 -98.43 15.90 103.95
C VAL T 45 -98.97 16.89 102.92
N HIS T 46 -100.24 16.75 102.54
CA HIS T 46 -100.87 17.63 101.55
C HIS T 46 -102.35 17.68 101.87
N PRO T 47 -102.81 18.70 102.61
CA PRO T 47 -104.21 18.74 103.05
C PRO T 47 -105.21 18.96 101.92
N ASP T 48 -104.77 19.35 100.74
CA ASP T 48 -105.68 19.69 99.65
C ASP T 48 -105.53 18.81 98.42
N THR T 49 -104.60 17.86 98.41
CA THR T 49 -104.30 17.08 97.23
C THR T 49 -105.16 15.81 97.19
N GLY T 50 -105.85 15.60 96.06
CA GLY T 50 -106.69 14.46 95.73
C GLY T 50 -105.92 13.27 95.12
N ILE T 51 -106.64 12.20 94.79
CA ILE T 51 -106.10 10.89 94.42
C ILE T 51 -106.88 10.21 93.30
N SER T 52 -106.19 9.48 92.42
CA SER T 52 -106.85 8.53 91.53
C SER T 52 -106.83 7.11 92.07
N SER T 53 -107.76 6.29 91.63
CA SER T 53 -107.97 4.97 92.21
C SER T 53 -106.82 4.03 91.90
N LYS T 54 -106.33 4.05 90.67
CA LYS T 54 -105.26 3.16 90.28
C LYS T 54 -103.99 3.52 91.03
N ALA T 55 -103.66 4.80 91.22
CA ALA T 55 -102.47 5.20 91.96
C ALA T 55 -102.53 4.71 93.40
N MET T 56 -103.74 4.62 93.96
CA MET T 56 -103.88 4.17 95.33
C MET T 56 -103.59 2.67 95.41
N SER T 57 -104.03 1.92 94.40
CA SER T 57 -103.69 0.51 94.32
C SER T 57 -102.20 0.29 94.08
N ILE T 58 -101.57 1.19 93.30
CA ILE T 58 -100.11 1.21 93.19
C ILE T 58 -99.48 1.35 94.57
N MET T 59 -100.03 2.26 95.38
CA MET T 59 -99.45 2.52 96.69
C MET T 59 -99.65 1.34 97.64
N ASN T 60 -100.80 0.66 97.52
CA ASN T 60 -101.04 -0.53 98.33
C ASN T 60 -100.09 -1.66 97.95
N SER T 61 -99.88 -1.85 96.64
CA SER T 61 -98.89 -2.84 96.19
C SER T 61 -97.50 -2.45 96.67
N PHE T 62 -97.19 -1.16 96.67
CA PHE T 62 -95.93 -0.66 97.20
C PHE T 62 -95.73 -1.01 98.66
N VAL T 63 -96.71 -0.69 99.51
CA VAL T 63 -96.52 -0.91 100.95
C VAL T 63 -96.48 -2.41 101.25
N ASN T 64 -97.29 -3.21 100.53
CA ASN T 64 -97.24 -4.65 100.73
C ASN T 64 -95.89 -5.21 100.31
N ASP T 65 -95.35 -4.74 99.18
CA ASP T 65 -94.08 -5.24 98.68
C ASP T 65 -92.94 -4.87 99.61
N VAL T 66 -92.86 -3.59 100.00
CA VAL T 66 -91.72 -3.17 100.81
C VAL T 66 -91.85 -3.74 102.22
N PHE T 67 -93.08 -3.93 102.71
CA PHE T 67 -93.29 -4.58 103.99
C PHE T 67 -92.85 -6.04 103.94
N GLU T 68 -93.17 -6.73 102.84
CA GLU T 68 -92.74 -8.12 102.70
C GLU T 68 -91.23 -8.20 102.61
N ARG T 69 -90.59 -7.26 101.89
CA ARG T 69 -89.14 -7.23 101.80
C ARG T 69 -88.50 -7.05 103.18
N ILE T 70 -88.95 -6.03 103.92
CA ILE T 70 -88.32 -5.73 105.19
C ILE T 70 -88.66 -6.78 106.23
N ALA T 71 -89.85 -7.39 106.15
CA ALA T 71 -90.22 -8.40 107.12
C ALA T 71 -89.52 -9.72 106.83
N GLY T 72 -89.30 -10.04 105.56
CA GLY T 72 -88.48 -11.19 105.22
C GLY T 72 -87.04 -11.01 105.65
N GLU T 73 -86.49 -9.79 105.45
CA GLU T 73 -85.14 -9.52 105.93
C GLU T 73 -85.07 -9.58 107.45
N ALA T 74 -86.12 -9.10 108.12
CA ALA T 74 -86.15 -9.13 109.58
C ALA T 74 -86.20 -10.55 110.10
N SER T 75 -87.09 -11.37 109.53
CA SER T 75 -87.22 -12.76 109.97
C SER T 75 -85.95 -13.55 109.67
N ARG T 76 -85.36 -13.33 108.49
CA ARG T 76 -84.10 -13.98 108.18
C ARG T 76 -83.02 -13.55 109.16
N LEU T 77 -82.80 -12.24 109.31
CA LEU T 77 -81.67 -11.77 110.10
C LEU T 77 -81.84 -12.11 111.57
N ALA T 78 -83.08 -12.31 112.02
CA ALA T 78 -83.27 -12.91 113.33
C ALA T 78 -82.88 -14.39 113.34
N HIS T 79 -83.27 -15.14 112.32
CA HIS T 79 -82.89 -16.55 112.26
C HIS T 79 -81.39 -16.74 112.05
N TYR T 80 -80.74 -15.82 111.35
CA TYR T 80 -79.40 -16.01 110.84
C TYR T 80 -78.37 -15.96 111.96
N ASN T 81 -78.66 -15.19 113.02
CA ASN T 81 -77.82 -15.20 114.21
C ASN T 81 -78.32 -16.17 115.28
N LYS T 82 -79.16 -17.13 114.90
CA LYS T 82 -79.79 -18.09 115.82
C LYS T 82 -80.57 -17.36 116.93
N ARG T 83 -81.54 -16.57 116.51
CA ARG T 83 -82.48 -15.91 117.42
C ARG T 83 -83.90 -16.21 116.96
N SER T 84 -84.79 -16.40 117.93
CA SER T 84 -86.17 -16.78 117.63
C SER T 84 -87.18 -15.67 117.87
N THR T 85 -86.72 -14.43 118.07
CA THR T 85 -87.61 -13.33 118.42
C THR T 85 -87.36 -12.10 117.57
N ILE T 86 -88.39 -11.68 116.84
CA ILE T 86 -88.39 -10.40 116.14
C ILE T 86 -88.55 -9.27 117.15
N THR T 87 -87.60 -8.34 117.14
CA THR T 87 -87.57 -7.17 118.01
C THR T 87 -87.42 -5.92 117.17
N SER T 88 -87.16 -4.79 117.84
CA SER T 88 -86.93 -3.54 117.13
C SER T 88 -85.50 -3.42 116.63
N ARG T 89 -84.56 -4.14 117.25
CA ARG T 89 -83.15 -3.94 116.93
C ARG T 89 -82.79 -4.53 115.58
N GLU T 90 -83.25 -5.75 115.30
CA GLU T 90 -82.91 -6.34 114.01
C GLU T 90 -83.70 -5.71 112.88
N ILE T 91 -84.84 -5.08 113.19
CA ILE T 91 -85.58 -4.44 112.10
C ILE T 91 -85.05 -3.03 111.84
N GLN T 92 -84.47 -2.38 112.86
CA GLN T 92 -83.77 -1.13 112.56
C GLN T 92 -82.49 -1.44 111.78
N THR T 93 -81.87 -2.58 112.11
CA THR T 93 -80.75 -3.09 111.33
C THR T 93 -81.14 -3.33 109.89
N ALA T 94 -82.29 -3.98 109.67
CA ALA T 94 -82.69 -4.33 108.33
C ALA T 94 -83.20 -3.11 107.54
N VAL T 95 -83.90 -2.21 108.20
CA VAL T 95 -84.42 -1.08 107.48
C VAL T 95 -83.19 -0.36 106.97
N ARG T 96 -82.13 -0.38 107.76
CA ARG T 96 -80.90 0.27 107.35
C ARG T 96 -80.24 -0.58 106.28
N LEU T 97 -80.53 -1.88 106.29
CA LEU T 97 -79.98 -2.74 105.25
C LEU T 97 -80.57 -2.37 103.90
N LEU T 98 -81.89 -2.29 103.83
CA LEU T 98 -82.55 -2.02 102.55
C LEU T 98 -82.53 -0.55 102.21
N LEU T 99 -83.33 0.23 102.93
CA LEU T 99 -83.38 1.66 102.68
C LEU T 99 -81.97 2.22 102.75
N PRO T 100 -81.61 3.05 101.76
CA PRO T 100 -80.27 3.64 101.72
C PRO T 100 -80.13 4.76 102.73
N GLY T 101 -79.01 5.46 102.73
CA GLY T 101 -78.78 6.49 103.74
C GLY T 101 -79.88 7.50 103.95
N GLU T 102 -80.33 8.15 102.89
CA GLU T 102 -81.34 9.17 103.03
C GLU T 102 -82.59 8.53 103.60
N LEU T 103 -82.89 7.34 103.12
CA LEU T 103 -84.06 6.63 103.60
C LEU T 103 -83.69 5.91 104.88
N ALA T 104 -82.50 6.18 105.39
CA ALA T 104 -82.05 5.46 106.57
C ALA T 104 -82.06 6.26 107.86
N LYS T 105 -81.13 7.20 108.01
CA LYS T 105 -81.04 7.87 109.31
C LYS T 105 -82.34 8.57 109.68
N HIS T 106 -83.04 9.17 108.71
CA HIS T 106 -84.35 9.72 109.05
C HIS T 106 -85.34 8.65 109.52
N ALA T 107 -85.38 7.50 108.81
CA ALA T 107 -86.28 6.43 109.18
C ALA T 107 -85.95 5.85 110.54
N VAL T 108 -84.67 5.58 110.79
CA VAL T 108 -84.29 4.98 112.08
C VAL T 108 -84.50 5.98 113.21
N SER T 109 -84.28 7.27 112.94
CA SER T 109 -84.46 8.28 113.98
C SER T 109 -85.91 8.41 114.40
N GLU T 110 -86.83 8.52 113.42
CA GLU T 110 -88.22 8.66 113.85
C GLU T 110 -88.77 7.32 114.34
N GLY T 111 -88.17 6.20 113.89
CA GLY T 111 -88.57 4.92 114.44
C GLY T 111 -88.21 4.78 115.91
N THR T 112 -87.00 5.18 116.29
CA THR T 112 -86.66 5.13 117.72
C THR T 112 -87.46 6.12 118.54
N LYS T 113 -87.74 7.32 118.01
CA LYS T 113 -88.56 8.21 118.82
C LYS T 113 -90.00 7.72 118.93
N ALA T 114 -90.51 7.06 117.88
CA ALA T 114 -91.83 6.44 117.94
C ALA T 114 -91.86 5.30 118.95
N VAL T 115 -90.81 4.48 118.97
CA VAL T 115 -90.75 3.38 119.93
C VAL T 115 -90.67 3.92 121.36
N THR T 116 -89.86 4.96 121.59
CA THR T 116 -89.73 5.50 122.94
C THR T 116 -91.01 6.20 123.39
N LYS T 117 -91.72 6.86 122.47
CA LYS T 117 -92.99 7.48 122.85
C LYS T 117 -94.08 6.43 122.99
N TYR T 118 -93.92 5.27 122.36
CA TYR T 118 -94.85 4.18 122.57
C TYR T 118 -94.65 3.53 123.95
N THR T 119 -93.39 3.29 124.33
CA THR T 119 -93.13 2.72 125.64
C THR T 119 -93.30 3.74 126.76
N SER T 120 -93.22 5.03 126.44
CA SER T 120 -93.51 6.06 127.43
C SER T 120 -94.98 6.04 127.81
N ALA T 121 -95.85 5.81 126.84
CA ALA T 121 -97.29 5.72 127.08
C ALA T 121 -97.65 4.30 127.48
N LYS U 37 -94.49 23.41 46.33
CA LYS U 37 -93.95 22.08 46.58
C LYS U 37 -94.21 21.66 48.04
N PRO U 38 -94.74 20.46 48.35
CA PRO U 38 -95.35 20.24 49.67
C PRO U 38 -94.32 20.20 50.77
N HIS U 39 -94.71 20.61 51.99
CA HIS U 39 -93.87 20.45 53.17
C HIS U 39 -93.74 18.96 53.56
N ARG U 40 -92.50 18.53 53.79
CA ARG U 40 -92.12 17.22 54.32
C ARG U 40 -91.11 17.46 55.42
N TYR U 41 -91.30 16.86 56.58
CA TYR U 41 -90.27 16.99 57.59
C TYR U 41 -89.08 16.13 57.16
N ARG U 42 -87.87 16.61 57.41
CA ARG U 42 -86.65 15.87 57.11
C ARG U 42 -86.47 14.66 57.99
N PRO U 43 -85.79 13.61 57.51
CA PRO U 43 -85.92 12.33 58.24
C PRO U 43 -85.32 12.36 59.63
N GLY U 44 -86.16 12.22 60.64
CA GLY U 44 -85.73 12.27 62.03
C GLY U 44 -86.43 13.32 62.87
N THR U 45 -86.89 14.39 62.21
CA THR U 45 -87.61 15.48 62.85
C THR U 45 -88.94 14.99 63.38
N VAL U 46 -89.72 14.31 62.55
CA VAL U 46 -90.99 13.76 63.04
C VAL U 46 -90.63 12.71 64.06
N ALA U 47 -89.56 11.96 63.83
CA ALA U 47 -89.18 10.87 64.73
C ALA U 47 -88.92 11.36 66.14
N LEU U 48 -88.18 12.47 66.29
CA LEU U 48 -87.94 13.03 67.63
C LEU U 48 -89.21 13.64 68.21
N ARG U 49 -90.04 14.23 67.36
CA ARG U 49 -91.31 14.78 67.81
C ARG U 49 -92.17 13.70 68.43
N GLU U 50 -92.21 12.48 67.86
CA GLU U 50 -93.03 11.44 68.46
C GLU U 50 -92.22 10.53 69.40
N ILE U 51 -90.90 10.71 69.50
CA ILE U 51 -90.19 10.38 70.74
C ILE U 51 -90.81 11.13 71.90
N ARG U 52 -90.97 12.46 71.77
CA ARG U 52 -91.56 13.27 72.85
C ARG U 52 -93.00 12.86 73.10
N ARG U 53 -93.77 12.59 72.03
CA ARG U 53 -95.18 12.18 72.17
C ARG U 53 -95.28 10.85 72.91
N TYR U 54 -94.53 9.82 72.51
CA TYR U 54 -94.66 8.56 73.21
C TYR U 54 -93.88 8.50 74.51
N GLN U 55 -93.10 9.53 74.84
CA GLN U 55 -92.46 9.57 76.14
C GLN U 55 -93.26 10.35 77.17
N LYS U 56 -93.95 11.45 76.83
CA LYS U 56 -94.81 12.08 77.84
C LYS U 56 -96.13 11.31 78.02
N SER U 57 -96.43 10.39 77.10
CA SER U 57 -97.67 9.63 77.17
C SER U 57 -97.48 8.39 78.03
N THR U 58 -98.61 7.83 78.45
CA THR U 58 -98.64 6.64 79.30
C THR U 58 -99.56 5.54 78.79
N GLU U 59 -100.28 5.76 77.70
CA GLU U 59 -101.18 4.73 77.21
C GLU U 59 -100.40 3.59 76.56
N LEU U 60 -101.15 2.56 76.21
CA LEU U 60 -100.56 1.24 75.96
C LEU U 60 -100.44 1.01 74.46
N LEU U 61 -99.23 0.71 74.01
CA LEU U 61 -98.85 0.93 72.62
C LEU U 61 -99.06 -0.27 71.71
N ILE U 62 -99.59 -1.38 72.20
CA ILE U 62 -99.89 -2.53 71.36
C ILE U 62 -101.41 -2.64 71.27
N ARG U 63 -101.91 -2.92 70.06
CA ARG U 63 -103.35 -3.14 69.88
C ARG U 63 -103.80 -4.33 70.71
N LYS U 64 -104.89 -4.14 71.45
CA LYS U 64 -105.22 -5.03 72.56
C LYS U 64 -105.62 -6.42 72.11
N LEU U 65 -106.52 -6.53 71.14
CA LEU U 65 -106.97 -7.81 70.62
C LEU U 65 -105.88 -8.63 69.92
N PRO U 66 -104.99 -8.06 69.10
CA PRO U 66 -103.85 -8.88 68.61
C PRO U 66 -102.97 -9.41 69.72
N PHE U 67 -102.71 -8.62 70.77
CA PHE U 67 -101.93 -9.13 71.90
C PHE U 67 -102.69 -10.22 72.64
N GLN U 68 -104.01 -10.06 72.76
CA GLN U 68 -104.83 -11.07 73.42
C GLN U 68 -104.82 -12.37 72.62
N ARG U 69 -104.87 -12.27 71.29
CA ARG U 69 -104.78 -13.45 70.45
C ARG U 69 -103.40 -14.10 70.56
N LEU U 70 -102.35 -13.28 70.64
CA LEU U 70 -101.01 -13.80 70.94
C LEU U 70 -101.00 -14.60 72.24
N VAL U 71 -101.53 -14.00 73.31
CA VAL U 71 -101.48 -14.64 74.62
C VAL U 71 -102.27 -15.93 74.63
N ARG U 72 -103.43 -15.94 73.94
CA ARG U 72 -104.21 -17.17 73.81
C ARG U 72 -103.44 -18.25 73.04
N GLU U 73 -102.80 -17.89 71.92
CA GLU U 73 -102.15 -18.93 71.14
C GLU U 73 -100.87 -19.43 71.81
N ILE U 74 -100.27 -18.60 72.68
CA ILE U 74 -99.02 -19.03 73.32
C ILE U 74 -99.33 -19.69 74.65
N ALA U 75 -100.55 -19.52 75.17
CA ALA U 75 -101.00 -20.32 76.29
C ALA U 75 -101.71 -21.59 75.85
N GLN U 76 -102.01 -21.70 74.55
CA GLN U 76 -102.66 -22.88 74.01
C GLN U 76 -101.83 -24.14 74.17
N ASP U 77 -100.52 -24.06 73.97
CA ASP U 77 -99.67 -25.25 74.05
C ASP U 77 -99.50 -25.78 75.46
N PHE U 78 -99.47 -24.90 76.47
CA PHE U 78 -99.41 -25.34 77.86
C PHE U 78 -100.69 -26.02 78.33
N LYS U 79 -101.85 -25.44 78.02
CA LYS U 79 -103.11 -26.03 78.45
C LYS U 79 -104.20 -25.66 77.46
N THR U 80 -104.95 -26.67 77.01
CA THR U 80 -106.10 -26.42 76.16
C THR U 80 -107.28 -25.93 76.99
N ASP U 81 -108.13 -25.12 76.34
CA ASP U 81 -109.36 -24.58 76.93
C ASP U 81 -109.07 -23.79 78.21
N LEU U 82 -108.11 -22.88 78.12
CA LEU U 82 -107.74 -22.04 79.26
C LEU U 82 -108.35 -20.65 79.10
N ARG U 83 -108.91 -20.14 80.18
CA ARG U 83 -109.62 -18.87 80.18
C ARG U 83 -108.78 -17.81 80.86
N PHE U 84 -108.87 -16.59 80.33
CA PHE U 84 -108.05 -15.48 80.80
C PHE U 84 -108.95 -14.34 81.25
N GLN U 85 -108.63 -13.76 82.39
CA GLN U 85 -109.35 -12.59 82.87
C GLN U 85 -108.84 -11.37 82.10
N SER U 86 -109.70 -10.36 81.96
CA SER U 86 -109.32 -9.15 81.22
C SER U 86 -108.17 -8.41 81.91
N SER U 87 -108.20 -8.34 83.24
CA SER U 87 -107.09 -7.74 83.97
C SER U 87 -105.80 -8.54 83.81
N ALA U 88 -105.90 -9.85 83.57
CA ALA U 88 -104.70 -10.66 83.35
C ALA U 88 -103.99 -10.27 82.07
N VAL U 89 -104.74 -10.14 80.97
CA VAL U 89 -104.09 -9.76 79.71
C VAL U 89 -103.67 -8.29 79.76
N MET U 90 -104.36 -7.47 80.55
CA MET U 90 -103.85 -6.12 80.80
C MET U 90 -102.51 -6.16 81.53
N ALA U 91 -102.36 -7.06 82.48
CA ALA U 91 -101.10 -7.20 83.21
C ALA U 91 -99.99 -7.71 82.30
N LEU U 92 -100.28 -8.69 81.43
CA LEU U 92 -99.30 -9.11 80.44
C LEU U 92 -98.92 -7.97 79.51
N GLN U 93 -99.91 -7.19 79.07
CA GLN U 93 -99.66 -6.01 78.25
C GLN U 93 -98.69 -5.04 78.91
N GLU U 94 -98.97 -4.66 80.15
CA GLU U 94 -98.15 -3.68 80.84
C GLU U 94 -96.74 -4.22 81.10
N ALA U 95 -96.65 -5.49 81.51
CA ALA U 95 -95.35 -6.10 81.77
C ALA U 95 -94.52 -6.21 80.50
N SER U 96 -95.16 -6.59 79.39
CA SER U 96 -94.43 -6.73 78.13
C SER U 96 -93.96 -5.38 77.62
N GLU U 97 -94.79 -4.34 77.68
CA GLU U 97 -94.34 -3.03 77.22
C GLU U 97 -93.24 -2.47 78.12
N ALA U 98 -93.31 -2.71 79.43
CA ALA U 98 -92.23 -2.29 80.32
C ALA U 98 -90.93 -3.02 80.00
N TYR U 99 -91.01 -4.33 79.77
CA TYR U 99 -89.83 -5.12 79.44
C TYR U 99 -89.20 -4.63 78.14
N LEU U 100 -90.02 -4.37 77.13
CA LEU U 100 -89.46 -3.96 75.84
C LEU U 100 -88.99 -2.51 75.85
N VAL U 101 -89.60 -1.62 76.63
CA VAL U 101 -89.08 -0.26 76.65
C VAL U 101 -87.76 -0.22 77.42
N ALA U 102 -87.61 -1.05 78.47
CA ALA U 102 -86.32 -1.15 79.14
C ALA U 102 -85.26 -1.74 78.22
N LEU U 103 -85.62 -2.81 77.50
CA LEU U 103 -84.69 -3.44 76.58
C LEU U 103 -84.33 -2.49 75.44
N PHE U 104 -85.24 -1.62 75.05
CA PHE U 104 -84.95 -0.71 73.94
C PHE U 104 -84.17 0.52 74.40
N GLU U 105 -84.32 0.94 75.65
CA GLU U 105 -83.36 1.88 76.22
C GLU U 105 -81.96 1.29 76.21
N ASP U 106 -81.85 0.02 76.64
CA ASP U 106 -80.56 -0.65 76.64
C ASP U 106 -80.02 -0.79 75.22
N THR U 107 -80.91 -1.03 74.26
CA THR U 107 -80.57 -1.07 72.85
C THR U 107 -80.02 0.27 72.37
N ASN U 108 -80.65 1.36 72.78
CA ASN U 108 -80.19 2.67 72.34
C ASN U 108 -78.83 3.01 72.93
N LEU U 109 -78.58 2.59 74.17
CA LEU U 109 -77.24 2.76 74.74
C LEU U 109 -76.19 1.93 74.02
N ALA U 110 -76.50 0.67 73.71
CA ALA U 110 -75.48 -0.16 73.06
C ALA U 110 -75.32 0.23 71.59
N ALA U 111 -76.31 0.92 71.02
CA ALA U 111 -76.18 1.41 69.66
C ALA U 111 -75.39 2.72 69.62
N ILE U 112 -75.64 3.62 70.56
CA ILE U 112 -74.88 4.87 70.63
C ILE U 112 -73.44 4.59 71.03
N HIS U 113 -73.19 3.41 71.62
CA HIS U 113 -71.83 2.99 71.90
C HIS U 113 -70.98 2.89 70.64
N ALA U 114 -71.48 2.22 69.60
CA ALA U 114 -70.67 1.99 68.41
C ALA U 114 -70.82 3.09 67.37
N LYS U 115 -70.71 4.35 67.80
CA LYS U 115 -70.69 5.55 66.93
C LYS U 115 -71.84 5.56 65.93
N ARG U 116 -73.04 5.23 66.43
CA ARG U 116 -74.17 4.95 65.57
C ARG U 116 -75.43 5.61 66.11
N VAL U 117 -76.44 5.71 65.24
CA VAL U 117 -77.79 6.07 65.63
C VAL U 117 -78.78 4.95 65.30
N THR U 118 -78.61 4.29 64.17
CA THR U 118 -79.47 3.18 63.80
C THR U 118 -79.08 1.94 64.61
N ILE U 119 -80.08 1.21 65.07
CA ILE U 119 -79.86 -0.05 65.78
C ILE U 119 -79.88 -1.18 64.76
N MET U 120 -79.22 -2.28 65.09
CA MET U 120 -79.40 -3.55 64.40
C MET U 120 -79.81 -4.61 65.41
N PRO U 121 -80.22 -5.80 64.96
CA PRO U 121 -80.48 -6.87 65.94
C PRO U 121 -79.29 -7.20 66.81
N LYS U 122 -78.08 -7.23 66.22
CA LYS U 122 -76.84 -7.59 66.91
C LYS U 122 -76.60 -6.75 68.16
N ASP U 123 -77.05 -5.49 68.11
CA ASP U 123 -77.20 -4.67 69.32
C ASP U 123 -78.00 -5.39 70.40
N ILE U 124 -79.14 -6.00 70.04
CA ILE U 124 -80.01 -6.47 71.11
C ILE U 124 -79.69 -7.91 71.50
N GLN U 125 -79.06 -8.69 70.61
CA GLN U 125 -78.51 -9.93 71.14
C GLN U 125 -77.37 -9.68 72.11
N LEU U 126 -76.54 -8.66 71.88
CA LEU U 126 -75.56 -8.35 72.93
C LEU U 126 -76.24 -7.80 74.18
N ALA U 127 -77.29 -6.99 74.00
CA ALA U 127 -78.01 -6.42 75.16
C ALA U 127 -78.63 -7.52 76.01
N ARG U 128 -79.18 -8.56 75.37
CA ARG U 128 -79.71 -9.68 76.11
C ARG U 128 -78.62 -10.58 76.68
N ARG U 129 -77.52 -10.76 75.95
CA ARG U 129 -76.43 -11.62 76.42
C ARG U 129 -75.79 -11.05 77.68
N ILE U 130 -75.58 -9.74 77.73
CA ILE U 130 -74.92 -9.18 78.91
C ILE U 130 -75.88 -9.15 80.09
N ARG U 131 -77.19 -9.06 79.84
CA ARG U 131 -78.15 -9.14 80.94
C ARG U 131 -78.38 -10.56 81.45
N GLY U 132 -77.86 -11.56 80.76
CA GLY U 132 -77.89 -12.92 81.27
C GLY U 132 -79.18 -13.69 81.07
N GLU U 133 -79.71 -13.68 79.85
CA GLU U 133 -80.82 -14.57 79.50
C GLU U 133 -80.62 -15.29 78.18
N ARG U 134 -79.41 -15.25 77.61
CA ARG U 134 -79.09 -16.10 76.46
C ARG U 134 -78.14 -17.20 76.90
N ARG V 23 -99.52 -19.15 65.75
CA ARG V 23 -100.10 -19.03 64.42
C ARG V 23 -99.77 -17.69 63.78
N ASP V 24 -100.79 -17.01 63.29
CA ASP V 24 -100.62 -15.69 62.67
C ASP V 24 -100.48 -14.57 63.71
N ASN V 25 -100.91 -14.80 64.95
CA ASN V 25 -101.01 -13.72 65.91
C ASN V 25 -99.63 -13.29 66.43
N ILE V 26 -98.60 -14.11 66.23
CA ILE V 26 -97.25 -13.65 66.51
C ILE V 26 -96.85 -12.55 65.55
N GLN V 27 -97.37 -12.57 64.31
CA GLN V 27 -97.20 -11.43 63.43
C GLN V 27 -98.20 -10.32 63.72
N GLY V 28 -99.14 -10.57 64.64
CA GLY V 28 -100.06 -9.52 65.06
C GLY V 28 -99.38 -8.38 65.80
N ILE V 29 -98.21 -8.64 66.37
CA ILE V 29 -97.40 -7.58 66.97
C ILE V 29 -96.78 -6.85 65.80
N THR V 30 -97.39 -5.76 65.38
CA THR V 30 -97.08 -5.23 64.07
C THR V 30 -95.83 -4.36 64.10
N LYS V 31 -95.33 -4.10 62.90
CA LYS V 31 -94.15 -3.25 62.72
C LYS V 31 -94.30 -1.83 63.25
N PRO V 32 -95.40 -1.09 62.99
CA PRO V 32 -95.56 0.20 63.69
C PRO V 32 -95.67 0.08 65.20
N ALA V 33 -96.17 -1.03 65.73
CA ALA V 33 -96.22 -1.19 67.18
C ALA V 33 -94.83 -1.33 67.78
N ILE V 34 -93.97 -2.12 67.12
CA ILE V 34 -92.59 -2.24 67.55
C ILE V 34 -91.86 -0.91 67.41
N ARG V 35 -92.22 -0.15 66.35
CA ARG V 35 -91.70 1.21 66.21
C ARG V 35 -92.14 2.10 67.36
N ARG V 36 -93.40 1.98 67.79
CA ARG V 36 -93.90 2.75 68.91
C ARG V 36 -93.16 2.40 70.20
N LEU V 37 -92.88 1.11 70.39
CA LEU V 37 -92.09 0.68 71.54
C LEU V 37 -90.68 1.26 71.49
N ALA V 38 -90.08 1.31 70.30
CA ALA V 38 -88.77 1.91 70.14
C ALA V 38 -88.81 3.41 70.39
N ARG V 39 -89.90 4.07 69.99
CA ARG V 39 -90.00 5.51 70.16
C ARG V 39 -90.23 5.87 71.63
N ARG V 40 -90.97 5.03 72.35
CA ARG V 40 -90.99 5.19 73.80
C ARG V 40 -89.63 4.85 74.40
N GLY V 41 -88.89 3.93 73.77
CA GLY V 41 -87.55 3.57 74.20
C GLY V 41 -86.47 4.51 73.73
N GLY V 42 -86.82 5.57 73.02
CA GLY V 42 -85.84 6.57 72.62
C GLY V 42 -84.97 6.21 71.44
N VAL V 43 -85.43 5.33 70.57
CA VAL V 43 -84.65 4.90 69.41
C VAL V 43 -85.06 5.76 68.22
N LYS V 44 -84.07 6.33 67.52
CA LYS V 44 -84.33 7.15 66.35
C LYS V 44 -84.49 6.37 65.06
N ARG V 45 -83.60 5.42 64.79
CA ARG V 45 -83.65 4.69 63.53
C ARG V 45 -83.58 3.20 63.82
N ILE V 46 -84.36 2.42 63.08
CA ILE V 46 -84.61 1.02 63.38
C ILE V 46 -84.32 0.20 62.13
N SER V 47 -83.52 -0.85 62.28
CA SER V 47 -83.26 -1.76 61.17
C SER V 47 -84.49 -2.57 60.82
N GLY V 48 -84.54 -3.04 59.57
CA GLY V 48 -85.64 -3.88 59.14
C GLY V 48 -85.65 -5.26 59.76
N LEU V 49 -84.50 -5.74 60.21
CA LEU V 49 -84.42 -7.07 60.80
C LEU V 49 -84.71 -7.07 62.31
N ILE V 50 -84.99 -5.90 62.88
CA ILE V 50 -85.37 -5.79 64.28
C ILE V 50 -86.64 -6.56 64.59
N TYR V 51 -87.63 -6.49 63.68
CA TYR V 51 -89.01 -6.78 64.04
C TYR V 51 -89.24 -8.26 64.33
N GLU V 52 -88.75 -9.15 63.48
CA GLU V 52 -89.09 -10.56 63.63
C GLU V 52 -88.36 -11.20 64.82
N GLU V 53 -87.08 -10.88 65.01
CA GLU V 53 -86.38 -11.45 66.16
C GLU V 53 -86.75 -10.72 67.45
N THR V 54 -87.23 -9.48 67.35
CA THR V 54 -87.84 -8.82 68.50
C THR V 54 -89.14 -9.51 68.88
N ARG V 55 -89.91 -9.95 67.88
CA ARG V 55 -91.08 -10.79 68.15
C ARG V 55 -90.68 -12.08 68.82
N GLY V 56 -89.54 -12.65 68.41
CA GLY V 56 -89.03 -13.84 69.07
C GLY V 56 -88.65 -13.61 70.53
N VAL V 57 -87.99 -12.48 70.82
CA VAL V 57 -87.63 -12.13 72.18
C VAL V 57 -88.88 -11.91 73.03
N LEU V 58 -89.85 -11.20 72.45
CA LEU V 58 -91.15 -11.00 73.10
C LEU V 58 -91.80 -12.34 73.42
N LYS V 59 -91.89 -13.24 72.43
CA LYS V 59 -92.64 -14.46 72.67
C LYS V 59 -91.93 -15.37 73.67
N VAL V 60 -90.59 -15.41 73.68
CA VAL V 60 -89.91 -16.28 74.65
C VAL V 60 -90.10 -15.74 76.06
N PHE V 61 -90.08 -14.40 76.22
CA PHE V 61 -90.46 -13.80 77.49
C PHE V 61 -91.88 -14.22 77.87
N LEU V 62 -92.79 -14.25 76.88
CA LEU V 62 -94.16 -14.69 77.15
C LEU V 62 -94.26 -16.13 77.62
N GLU V 63 -93.59 -17.11 76.97
CA GLU V 63 -93.85 -18.47 77.50
C GLU V 63 -93.18 -18.65 78.86
N ASN V 64 -92.09 -17.93 79.13
CA ASN V 64 -91.53 -17.98 80.49
C ASN V 64 -92.53 -17.48 81.53
N VAL V 65 -93.05 -16.26 81.32
CA VAL V 65 -93.96 -15.67 82.30
C VAL V 65 -95.27 -16.46 82.40
N ILE V 66 -95.87 -16.80 81.27
CA ILE V 66 -97.18 -17.43 81.36
C ILE V 66 -97.04 -18.89 81.76
N ARG V 67 -95.86 -19.49 81.59
CA ARG V 67 -95.65 -20.83 82.14
C ARG V 67 -95.63 -20.78 83.65
N ASP V 68 -94.91 -19.80 84.22
CA ASP V 68 -94.96 -19.64 85.68
C ASP V 68 -96.37 -19.31 86.16
N ALA V 69 -97.08 -18.45 85.42
CA ALA V 69 -98.43 -18.04 85.80
C ALA V 69 -99.40 -19.21 85.73
N VAL V 70 -99.31 -20.04 84.67
CA VAL V 70 -100.24 -21.15 84.57
C VAL V 70 -99.91 -22.20 85.62
N THR V 71 -98.63 -22.37 85.97
CA THR V 71 -98.28 -23.34 87.01
C THR V 71 -98.87 -22.94 88.35
N TYR V 72 -98.77 -21.64 88.67
CA TYR V 72 -99.56 -21.09 89.77
C TYR V 72 -101.05 -21.36 89.60
N THR V 73 -101.56 -21.33 88.36
CA THR V 73 -102.99 -21.47 88.15
C THR V 73 -103.48 -22.89 88.43
N GLU V 74 -102.82 -23.93 87.90
CA GLU V 74 -103.33 -25.27 88.26
C GLU V 74 -102.81 -25.71 89.63
N HIS V 75 -101.95 -24.94 90.29
CA HIS V 75 -101.81 -25.21 91.72
C HIS V 75 -103.10 -24.92 92.48
N ALA V 76 -103.81 -23.86 92.11
CA ALA V 76 -104.97 -23.41 92.88
C ALA V 76 -106.21 -24.25 92.64
N LYS V 77 -106.08 -25.43 92.02
CA LYS V 77 -107.21 -26.21 91.49
C LYS V 77 -108.03 -25.37 90.51
N ARG V 78 -107.37 -24.41 89.87
CA ARG V 78 -108.01 -23.48 88.97
C ARG V 78 -107.55 -23.73 87.54
N LYS V 79 -108.45 -23.46 86.62
CA LYS V 79 -108.14 -23.51 85.20
C LYS V 79 -108.66 -22.30 84.44
N THR V 80 -108.88 -21.19 85.13
CA THR V 80 -108.78 -19.86 84.55
C THR V 80 -107.70 -19.10 85.31
N VAL V 81 -107.07 -18.14 84.64
CA VAL V 81 -105.93 -17.45 85.21
C VAL V 81 -106.39 -16.09 85.71
N THR V 82 -105.66 -15.52 86.66
CA THR V 82 -105.95 -14.21 87.22
C THR V 82 -104.78 -13.27 86.98
N ALA V 83 -105.08 -11.97 87.00
CA ALA V 83 -104.02 -10.96 86.99
C ALA V 83 -103.15 -11.07 88.23
N MET V 84 -103.75 -11.54 89.33
CA MET V 84 -102.99 -11.76 90.55
C MET V 84 -101.91 -12.81 90.31
N ASP V 85 -102.27 -13.90 89.62
CA ASP V 85 -101.28 -14.92 89.26
C ASP V 85 -100.23 -14.37 88.29
N VAL V 86 -100.63 -13.42 87.45
CA VAL V 86 -99.66 -12.83 86.52
C VAL V 86 -98.59 -12.03 87.25
N VAL V 87 -99.02 -11.13 88.14
CA VAL V 87 -98.04 -10.35 88.90
C VAL V 87 -97.28 -11.25 89.85
N TYR V 88 -97.88 -12.39 90.21
CA TYR V 88 -97.22 -13.37 91.07
C TYR V 88 -96.08 -14.06 90.32
N ALA V 89 -96.33 -14.41 89.06
CA ALA V 89 -95.28 -14.97 88.20
C ALA V 89 -94.19 -13.95 87.92
N LEU V 90 -94.56 -12.68 87.75
CA LEU V 90 -93.54 -11.63 87.64
C LEU V 90 -92.70 -11.52 88.89
N LYS V 91 -93.36 -11.56 90.06
CA LYS V 91 -92.66 -11.56 91.34
C LYS V 91 -91.64 -12.69 91.42
N ARG V 92 -92.00 -13.87 90.91
CA ARG V 92 -90.98 -14.92 90.79
C ARG V 92 -89.86 -14.55 89.82
N GLN V 93 -90.20 -14.17 88.58
CA GLN V 93 -89.20 -13.91 87.55
C GLN V 93 -88.30 -12.73 87.93
N GLY V 94 -88.75 -11.89 88.85
CA GLY V 94 -87.94 -10.86 89.43
C GLY V 94 -88.47 -9.46 89.23
N ARG V 95 -89.19 -9.21 88.15
CA ARG V 95 -89.69 -7.90 87.83
C ARG V 95 -91.00 -7.70 88.58
N THR V 96 -91.16 -6.55 89.22
CA THR V 96 -92.30 -6.32 90.09
C THR V 96 -93.27 -5.35 89.45
N LEU V 97 -94.54 -5.69 89.46
CA LEU V 97 -95.59 -4.84 88.91
C LEU V 97 -96.51 -4.38 90.03
N TYR V 98 -96.92 -3.11 89.96
CA TYR V 98 -97.75 -2.52 90.99
C TYR V 98 -99.13 -2.20 90.42
N GLY V 99 -100.13 -2.15 91.29
CA GLY V 99 -101.46 -1.74 90.91
C GLY V 99 -102.32 -2.82 90.29
N PHE V 100 -101.77 -4.02 90.06
CA PHE V 100 -102.54 -5.15 89.57
C PHE V 100 -102.84 -6.14 90.68
N GLY V 101 -102.98 -5.66 91.91
CA GLY V 101 -103.20 -6.50 93.06
C GLY V 101 -101.90 -6.95 93.69
N GLY V 102 -102.01 -7.47 94.90
CA GLY V 102 -100.85 -7.92 95.65
C GLY V 102 -100.00 -6.78 96.17
N LYS W 13 -86.83 -52.68 117.16
CA LYS W 13 -86.19 -52.38 115.89
C LYS W 13 -86.90 -51.20 115.23
N ALA W 14 -86.16 -50.11 115.02
CA ALA W 14 -86.70 -48.92 114.38
C ALA W 14 -85.98 -48.69 113.06
N LYS W 15 -86.75 -48.55 111.99
CA LYS W 15 -86.20 -48.32 110.66
C LYS W 15 -86.34 -46.83 110.31
N THR W 16 -85.41 -46.33 109.51
CA THR W 16 -85.42 -44.93 109.14
C THR W 16 -86.43 -44.66 108.04
N ARG W 17 -86.80 -43.38 107.90
CA ARG W 17 -87.78 -43.01 106.88
C ARG W 17 -87.17 -43.03 105.48
N SER W 18 -85.86 -42.87 105.39
CA SER W 18 -85.19 -42.89 104.08
C SER W 18 -85.27 -44.29 103.45
N SER W 19 -85.04 -45.33 104.24
CA SER W 19 -85.15 -46.68 103.73
C SER W 19 -86.60 -47.03 103.40
N ARG W 20 -87.55 -46.41 104.10
CA ARG W 20 -88.95 -46.49 103.69
C ARG W 20 -89.16 -45.84 102.34
N ALA W 21 -88.48 -44.71 102.11
CA ALA W 21 -88.61 -44.00 100.84
C ALA W 21 -87.60 -44.47 99.80
N GLY W 22 -86.65 -45.33 100.18
CA GLY W 22 -85.62 -45.76 99.26
C GLY W 22 -84.65 -44.69 98.85
N LEU W 23 -84.23 -43.83 99.80
CA LEU W 23 -83.31 -42.75 99.52
C LEU W 23 -82.12 -42.82 100.48
N GLN W 24 -81.03 -42.15 100.10
CA GLN W 24 -79.89 -41.99 100.99
C GLN W 24 -79.94 -40.66 101.73
N PHE W 25 -80.59 -39.64 101.17
CA PHE W 25 -80.80 -38.41 101.90
C PHE W 25 -81.82 -38.63 103.02
N PRO W 26 -81.64 -37.98 104.15
CA PRO W 26 -82.43 -38.29 105.35
C PRO W 26 -83.70 -37.47 105.41
N VAL W 27 -84.82 -38.14 105.62
CA VAL W 27 -86.10 -37.44 105.78
C VAL W 27 -86.15 -36.73 107.13
N GLY W 28 -85.47 -37.29 108.13
CA GLY W 28 -85.63 -36.78 109.50
C GLY W 28 -85.11 -35.37 109.68
N ARG W 29 -83.85 -35.12 109.31
CA ARG W 29 -83.31 -33.77 109.50
C ARG W 29 -83.96 -32.77 108.58
N VAL W 30 -84.41 -33.18 107.40
CA VAL W 30 -84.99 -32.18 106.50
C VAL W 30 -86.41 -31.85 106.94
N HIS W 31 -87.10 -32.80 107.56
CA HIS W 31 -88.33 -32.50 108.26
C HIS W 31 -88.07 -31.54 109.43
N ARG W 32 -86.99 -31.77 110.16
CA ARG W 32 -86.67 -30.89 111.29
C ARG W 32 -86.27 -29.50 110.81
N LEU W 33 -85.58 -29.41 109.67
CA LEU W 33 -85.24 -28.11 109.09
C LEU W 33 -86.45 -27.41 108.49
N LEU W 34 -87.44 -28.19 108.04
CA LEU W 34 -88.72 -27.58 107.68
C LEU W 34 -89.41 -27.03 108.93
N ARG W 35 -89.31 -27.74 110.05
CA ARG W 35 -90.05 -27.36 111.24
C ARG W 35 -89.40 -26.17 111.95
N LYS W 36 -88.18 -26.33 112.45
CA LYS W 36 -87.55 -25.26 113.21
C LYS W 36 -86.96 -24.19 112.32
N GLY W 37 -86.80 -24.46 111.02
CA GLY W 37 -86.31 -23.49 110.07
C GLY W 37 -87.33 -22.47 109.65
N ASN W 38 -88.56 -22.60 110.18
CA ASN W 38 -89.54 -21.53 110.25
C ASN W 38 -89.99 -21.18 108.82
N TYR W 39 -90.49 -22.21 108.14
CA TYR W 39 -91.12 -22.01 106.84
C TYR W 39 -92.63 -22.12 106.90
N ALA W 40 -93.15 -23.10 107.65
CA ALA W 40 -94.58 -23.18 107.90
C ALA W 40 -94.81 -23.83 109.25
N GLU W 41 -95.92 -23.43 109.88
CA GLU W 41 -96.26 -23.97 111.20
C GLU W 41 -96.76 -25.41 111.12
N ARG W 42 -97.20 -25.87 109.96
CA ARG W 42 -97.60 -27.27 109.77
C ARG W 42 -97.02 -27.79 108.45
N VAL W 43 -96.46 -29.00 108.53
CA VAL W 43 -95.86 -29.68 107.38
C VAL W 43 -96.30 -31.15 107.38
N GLY W 44 -96.66 -31.66 106.21
CA GLY W 44 -97.10 -33.04 106.11
C GLY W 44 -95.94 -34.01 106.09
N ALA W 45 -96.30 -35.29 106.07
CA ALA W 45 -95.31 -36.36 106.12
C ALA W 45 -94.58 -36.50 104.78
N GLY W 46 -95.30 -36.39 103.67
CA GLY W 46 -94.69 -36.61 102.36
C GLY W 46 -93.85 -35.48 101.82
N ALA W 47 -94.00 -34.28 102.38
CA ALA W 47 -93.21 -33.15 101.89
C ALA W 47 -91.71 -33.32 102.13
N PRO W 48 -91.21 -33.70 103.32
CA PRO W 48 -89.76 -33.96 103.42
C PRO W 48 -89.28 -35.13 102.58
N VAL W 49 -90.14 -36.13 102.34
CA VAL W 49 -89.75 -37.25 101.49
C VAL W 49 -89.53 -36.77 100.06
N TYR W 50 -90.49 -36.01 99.53
CA TYR W 50 -90.35 -35.45 98.19
C TYR W 50 -89.16 -34.49 98.11
N LEU W 51 -88.96 -33.71 99.18
CA LEU W 51 -87.85 -32.77 99.24
C LEU W 51 -86.50 -33.48 99.19
N ALA W 52 -86.33 -34.52 100.00
CA ALA W 52 -85.10 -35.31 99.95
C ALA W 52 -84.94 -36.00 98.61
N ALA W 53 -86.05 -36.41 97.99
CA ALA W 53 -85.97 -37.05 96.68
C ALA W 53 -85.43 -36.11 95.62
N VAL W 54 -85.95 -34.88 95.55
CA VAL W 54 -85.48 -33.96 94.53
C VAL W 54 -84.06 -33.47 94.85
N LEU W 55 -83.71 -33.39 96.14
CA LEU W 55 -82.32 -33.07 96.49
C LEU W 55 -81.37 -34.17 96.03
N GLU W 56 -81.76 -35.44 96.21
CA GLU W 56 -80.97 -36.55 95.68
C GLU W 56 -80.83 -36.47 94.18
N TYR W 57 -81.92 -36.13 93.48
CA TYR W 57 -81.87 -36.12 92.02
C TYR W 57 -80.89 -35.06 91.52
N LEU W 58 -81.02 -33.83 92.03
CA LEU W 58 -80.11 -32.76 91.62
C LEU W 58 -78.67 -33.03 92.04
N THR W 59 -78.47 -33.60 93.24
CA THR W 59 -77.12 -33.92 93.69
C THR W 59 -76.52 -35.01 92.83
N ALA W 60 -77.33 -35.99 92.41
CA ALA W 60 -76.83 -37.06 91.54
C ALA W 60 -76.41 -36.51 90.19
N GLU W 61 -77.20 -35.62 89.60
CA GLU W 61 -76.79 -35.06 88.30
C GLU W 61 -75.54 -34.20 88.41
N ILE W 62 -75.44 -33.35 89.43
CA ILE W 62 -74.25 -32.50 89.52
C ILE W 62 -73.01 -33.33 89.84
N LEU W 63 -73.16 -34.38 90.64
CA LEU W 63 -72.01 -35.23 90.97
C LEU W 63 -71.62 -36.11 89.80
N GLU W 64 -72.58 -36.55 88.99
CA GLU W 64 -72.27 -37.39 87.84
C GLU W 64 -71.59 -36.57 86.75
N LEU W 65 -72.03 -35.32 86.55
CA LEU W 65 -71.32 -34.44 85.63
C LEU W 65 -69.93 -34.09 86.15
N ALA W 66 -69.77 -33.92 87.46
CA ALA W 66 -68.45 -33.70 88.04
C ALA W 66 -67.56 -34.93 87.85
N GLY W 67 -68.13 -36.13 87.95
CA GLY W 67 -67.36 -37.33 87.71
C GLY W 67 -66.92 -37.47 86.26
N ASN W 68 -67.80 -37.07 85.33
CA ASN W 68 -67.40 -37.03 83.92
C ASN W 68 -66.27 -36.03 83.70
N ALA W 69 -66.36 -34.87 84.37
CA ALA W 69 -65.29 -33.87 84.27
C ALA W 69 -63.98 -34.41 84.84
N ALA W 70 -64.05 -35.13 85.96
CA ALA W 70 -62.87 -35.72 86.58
C ALA W 70 -62.24 -36.79 85.70
N ARG W 71 -63.07 -37.60 85.04
CA ARG W 71 -62.56 -38.58 84.07
C ARG W 71 -61.89 -37.89 82.90
N ASP W 72 -62.50 -36.81 82.40
CA ASP W 72 -61.93 -36.10 81.26
C ASP W 72 -60.65 -35.36 81.63
N ASN W 73 -60.52 -34.97 82.90
CA ASN W 73 -59.33 -34.28 83.40
C ASN W 73 -58.33 -35.32 84.03
N LYS W 74 -58.76 -36.58 83.86
CA LYS W 74 -58.09 -37.79 84.33
C LYS W 74 -57.62 -37.67 85.79
N LYS W 75 -58.51 -37.16 86.64
CA LYS W 75 -58.30 -37.10 88.08
C LYS W 75 -59.32 -38.01 88.73
N THR W 76 -58.92 -38.72 89.78
CA THR W 76 -59.81 -39.69 90.41
C THR W 76 -60.45 -39.11 91.67
N ARG W 77 -60.31 -37.81 91.88
CA ARG W 77 -60.94 -37.16 93.03
C ARG W 77 -61.56 -35.85 92.54
N ILE W 78 -62.76 -35.54 93.03
CA ILE W 78 -63.50 -34.37 92.57
C ILE W 78 -62.84 -33.11 93.11
N ILE W 79 -62.60 -32.15 92.22
CA ILE W 79 -62.03 -30.85 92.57
C ILE W 79 -63.10 -29.84 92.17
N PRO W 80 -63.18 -28.66 92.79
CA PRO W 80 -64.17 -27.67 92.34
C PRO W 80 -63.97 -27.16 90.93
N ARG W 81 -62.81 -27.35 90.33
CA ARG W 81 -62.68 -27.09 88.90
C ARG W 81 -63.58 -28.04 88.11
N HIS W 82 -63.63 -29.31 88.52
CA HIS W 82 -64.58 -30.24 87.91
C HIS W 82 -66.02 -29.82 88.17
N LEU W 83 -66.30 -29.30 89.36
CA LEU W 83 -67.65 -28.81 89.66
C LEU W 83 -68.01 -27.62 88.77
N GLN W 84 -67.05 -26.73 88.55
CA GLN W 84 -67.28 -25.57 87.71
C GLN W 84 -67.52 -25.99 86.26
N LEU W 85 -66.72 -26.94 85.76
CA LEU W 85 -66.96 -27.45 84.42
C LEU W 85 -68.31 -28.14 84.31
N ALA W 86 -68.71 -28.86 85.38
CA ALA W 86 -70.02 -29.51 85.39
C ALA W 86 -71.15 -28.50 85.34
N VAL W 87 -71.04 -27.41 86.10
CA VAL W 87 -72.15 -26.47 86.18
C VAL W 87 -72.16 -25.55 84.96
N ARG W 88 -71.00 -25.31 84.36
CA ARG W 88 -70.95 -24.35 83.26
C ARG W 88 -71.15 -25.01 81.90
N ASN W 89 -70.72 -26.26 81.73
CA ASN W 89 -70.99 -26.96 80.47
C ASN W 89 -72.47 -27.28 80.29
N ASP W 90 -73.17 -27.59 81.38
CA ASP W 90 -74.60 -27.79 81.30
C ASP W 90 -75.32 -26.44 81.30
N GLU W 91 -76.05 -26.19 80.22
CA GLU W 91 -76.74 -24.92 80.03
C GLU W 91 -77.94 -24.78 80.95
N GLU W 92 -78.48 -25.90 81.43
CA GLU W 92 -79.65 -25.85 82.30
C GLU W 92 -79.26 -25.39 83.68
N LEU W 93 -78.15 -25.92 84.22
CA LEU W 93 -77.54 -25.35 85.41
C LEU W 93 -77.04 -23.93 85.18
N ASN W 94 -76.73 -23.56 83.94
CA ASN W 94 -76.24 -22.22 83.66
C ASN W 94 -77.30 -21.15 83.83
N LYS W 95 -78.58 -21.50 83.89
CA LYS W 95 -79.53 -20.51 84.36
C LYS W 95 -80.20 -20.97 85.64
N LEU W 96 -79.91 -22.18 86.09
CA LEU W 96 -80.17 -22.51 87.48
C LEU W 96 -79.13 -21.87 88.41
N LEU W 97 -77.85 -21.98 88.06
CA LEU W 97 -76.76 -21.51 88.91
C LEU W 97 -75.82 -20.56 88.19
N GLY W 98 -76.26 -19.95 87.09
CA GLY W 98 -75.49 -18.87 86.49
C GLY W 98 -75.56 -17.62 87.33
N ARG W 99 -76.60 -17.51 88.15
CA ARG W 99 -76.72 -16.58 89.25
C ARG W 99 -75.64 -16.82 90.31
N VAL W 100 -75.07 -18.01 90.35
CA VAL W 100 -74.21 -18.47 91.44
C VAL W 100 -72.75 -18.50 90.99
N THR W 101 -71.87 -17.94 91.82
CA THR W 101 -70.42 -18.17 91.69
C THR W 101 -69.97 -19.13 92.77
N ILE W 102 -69.06 -20.05 92.41
CA ILE W 102 -68.62 -21.10 93.31
C ILE W 102 -67.14 -20.89 93.62
N ALA W 103 -66.64 -21.60 94.62
CA ALA W 103 -65.28 -21.40 95.08
C ALA W 103 -64.27 -22.14 94.21
N GLN W 104 -63.19 -21.45 93.85
CA GLN W 104 -62.06 -22.00 93.10
C GLN W 104 -62.50 -22.66 91.80
N GLY W 105 -63.40 -22.01 91.07
CA GLY W 105 -63.92 -22.58 89.85
C GLY W 105 -63.19 -22.18 88.59
N GLY W 106 -62.73 -20.93 88.53
CA GLY W 106 -62.22 -20.44 87.27
C GLY W 106 -63.39 -20.16 86.32
N VAL W 107 -63.06 -20.04 85.05
CA VAL W 107 -64.05 -19.78 84.01
C VAL W 107 -63.94 -20.88 82.95
N LEU W 108 -64.88 -20.86 82.02
CA LEU W 108 -64.82 -21.77 80.89
C LEU W 108 -63.68 -21.35 79.96
N PRO W 109 -63.01 -22.31 79.33
CA PRO W 109 -61.97 -21.96 78.36
C PRO W 109 -62.56 -21.47 77.05
N ASN W 110 -62.99 -20.21 77.00
CA ASN W 110 -63.60 -19.65 75.82
C ASN W 110 -62.79 -18.48 75.26
N ILE W 111 -62.63 -18.46 73.95
CA ILE W 111 -61.98 -17.38 73.22
C ILE W 111 -62.94 -16.92 72.14
N GLN W 112 -63.20 -15.61 72.09
CA GLN W 112 -64.03 -15.07 71.03
C GLN W 112 -63.30 -15.15 69.70
N SER W 113 -64.07 -15.36 68.63
CA SER W 113 -63.50 -15.72 67.32
C SER W 113 -62.70 -14.57 66.71
N VAL W 114 -63.08 -13.32 66.99
CA VAL W 114 -62.36 -12.19 66.41
C VAL W 114 -61.00 -12.03 67.06
N LEU W 115 -60.82 -12.57 68.27
CA LEU W 115 -59.52 -12.50 68.93
C LEU W 115 -58.55 -13.55 68.43
N LEU W 116 -59.01 -14.52 67.66
CA LEU W 116 -58.10 -15.50 67.08
C LEU W 116 -57.25 -14.85 66.00
N PRO W 117 -56.02 -15.34 65.80
CA PRO W 117 -55.21 -14.87 64.66
C PRO W 117 -55.83 -15.30 63.34
N LYS W 118 -55.56 -14.51 62.31
CA LYS W 118 -56.10 -14.78 60.98
C LYS W 118 -55.41 -15.97 60.34
N LYS X 28 -74.95 -25.70 119.76
CA LYS X 28 -74.08 -26.60 120.50
C LYS X 28 -72.82 -26.93 119.71
N THR X 29 -72.00 -27.82 120.27
CA THR X 29 -70.78 -28.25 119.60
C THR X 29 -71.09 -29.05 118.34
N ARG X 30 -72.22 -29.75 118.34
CA ARG X 30 -72.62 -30.54 117.18
C ARG X 30 -72.97 -29.63 116.01
N LYS X 31 -72.31 -29.86 114.88
CA LYS X 31 -72.57 -29.12 113.66
C LYS X 31 -73.05 -30.08 112.58
N GLU X 32 -74.06 -29.64 111.85
CA GLU X 32 -74.99 -30.53 111.17
C GLU X 32 -74.94 -30.24 109.67
N SER X 33 -74.57 -31.24 108.88
CA SER X 33 -74.36 -31.05 107.45
C SER X 33 -74.54 -32.37 106.71
N TYR X 34 -74.65 -32.29 105.39
CA TYR X 34 -74.99 -33.43 104.54
C TYR X 34 -73.75 -34.18 104.05
N ALA X 35 -72.79 -34.41 104.94
CA ALA X 35 -71.51 -35.00 104.54
C ALA X 35 -71.68 -36.45 104.08
N ILE X 36 -72.10 -37.32 104.99
CA ILE X 36 -72.13 -38.75 104.70
C ILE X 36 -73.22 -39.06 103.69
N TYR X 37 -74.28 -38.24 103.64
CA TYR X 37 -75.38 -38.52 102.72
C TYR X 37 -74.97 -38.29 101.27
N VAL X 38 -74.34 -37.16 100.99
CA VAL X 38 -73.84 -36.90 99.64
C VAL X 38 -72.70 -37.85 99.32
N TYR X 39 -71.92 -38.25 100.33
CA TYR X 39 -70.90 -39.27 100.12
C TYR X 39 -71.53 -40.59 99.66
N LYS X 40 -72.64 -41.00 100.28
CA LYS X 40 -73.24 -42.27 99.91
C LYS X 40 -73.93 -42.20 98.55
N VAL X 41 -74.52 -41.05 98.19
CA VAL X 41 -75.11 -40.99 96.86
C VAL X 41 -74.02 -40.90 95.80
N LEU X 42 -72.86 -40.33 96.17
CA LEU X 42 -71.71 -40.37 95.27
C LEU X 42 -71.23 -41.80 95.05
N LYS X 43 -71.14 -42.58 96.14
CA LYS X 43 -70.77 -43.99 95.99
C LYS X 43 -71.83 -44.78 95.23
N GLN X 44 -73.10 -44.38 95.35
CA GLN X 44 -74.16 -44.98 94.53
C GLN X 44 -73.94 -44.67 93.06
N VAL X 45 -73.50 -43.46 92.75
CA VAL X 45 -73.21 -43.08 91.37
C VAL X 45 -71.86 -43.64 90.97
N HIS X 46 -70.81 -43.22 91.67
CA HIS X 46 -69.43 -43.65 91.39
C HIS X 46 -68.83 -44.23 92.66
N PRO X 47 -68.78 -45.56 92.80
CA PRO X 47 -68.13 -46.14 93.97
C PRO X 47 -66.63 -46.29 93.79
N ASP X 48 -65.98 -45.28 93.22
CA ASP X 48 -64.54 -45.26 93.10
C ASP X 48 -63.91 -43.88 93.25
N THR X 49 -64.72 -42.83 93.44
CA THR X 49 -64.26 -41.45 93.30
C THR X 49 -64.21 -40.77 94.66
N GLY X 50 -63.11 -40.06 94.91
CA GLY X 50 -62.97 -39.27 96.12
C GLY X 50 -63.64 -37.92 95.99
N ILE X 51 -63.53 -37.13 97.06
CA ILE X 51 -64.15 -35.81 97.13
C ILE X 51 -63.26 -34.90 97.97
N SER X 52 -63.15 -33.64 97.54
CA SER X 52 -62.44 -32.64 98.33
C SER X 52 -63.37 -32.04 99.38
N SER X 53 -62.77 -31.64 100.51
CA SER X 53 -63.55 -31.12 101.62
C SER X 53 -64.18 -29.78 101.29
N LYS X 54 -63.42 -28.88 100.65
CA LYS X 54 -64.01 -27.61 100.24
C LYS X 54 -64.96 -27.78 99.05
N ALA X 55 -64.70 -28.75 98.19
CA ALA X 55 -65.72 -29.18 97.24
C ALA X 55 -66.93 -29.76 97.96
N MET X 56 -66.71 -30.39 99.12
CA MET X 56 -67.82 -30.98 99.83
C MET X 56 -68.66 -29.88 100.48
N SER X 57 -68.00 -28.80 100.90
CA SER X 57 -68.71 -27.63 101.38
C SER X 57 -69.47 -26.94 100.26
N ILE X 58 -68.90 -26.95 99.05
CA ILE X 58 -69.63 -26.51 97.86
C ILE X 58 -70.93 -27.28 97.72
N MET X 59 -70.86 -28.61 97.82
CA MET X 59 -72.07 -29.44 97.75
C MET X 59 -73.05 -29.16 98.88
N ASN X 60 -72.54 -28.99 100.11
CA ASN X 60 -73.43 -28.77 101.25
C ASN X 60 -74.14 -27.43 101.16
N SER X 61 -73.40 -26.36 100.85
CA SER X 61 -74.03 -25.06 100.66
C SER X 61 -74.98 -25.06 99.47
N PHE X 62 -74.66 -25.84 98.43
CA PHE X 62 -75.51 -25.89 97.25
C PHE X 62 -76.83 -26.58 97.53
N VAL X 63 -76.79 -27.72 98.24
CA VAL X 63 -78.05 -28.40 98.56
C VAL X 63 -78.85 -27.59 99.57
N ASN X 64 -78.16 -26.88 100.48
CA ASN X 64 -78.86 -25.99 101.41
C ASN X 64 -79.56 -24.86 100.67
N ASP X 65 -78.89 -24.27 99.69
CA ASP X 65 -79.46 -23.15 98.95
C ASP X 65 -80.66 -23.60 98.12
N VAL X 66 -80.53 -24.71 97.39
CA VAL X 66 -81.65 -25.16 96.58
C VAL X 66 -82.80 -25.62 97.46
N PHE X 67 -82.49 -26.19 98.63
CA PHE X 67 -83.53 -26.51 99.61
C PHE X 67 -84.25 -25.25 100.07
N GLU X 68 -83.51 -24.17 100.32
CA GLU X 68 -84.14 -22.93 100.74
C GLU X 68 -85.05 -22.38 99.64
N ARG X 69 -84.59 -22.41 98.39
CA ARG X 69 -85.40 -21.89 97.29
C ARG X 69 -86.68 -22.70 97.11
N ILE X 70 -86.56 -24.02 97.08
CA ILE X 70 -87.74 -24.88 96.88
C ILE X 70 -88.70 -24.77 98.05
N ALA X 71 -88.19 -24.67 99.28
CA ALA X 71 -89.08 -24.59 100.43
C ALA X 71 -89.73 -23.23 100.54
N GLY X 72 -88.99 -22.17 100.21
CA GLY X 72 -89.56 -20.84 100.26
C GLY X 72 -90.66 -20.65 99.23
N GLU X 73 -90.45 -21.12 98.00
CA GLU X 73 -91.51 -20.99 97.01
C GLU X 73 -92.68 -21.93 97.31
N ALA X 74 -92.41 -23.10 97.90
CA ALA X 74 -93.52 -24.00 98.24
C ALA X 74 -94.34 -23.44 99.38
N SER X 75 -93.69 -22.82 100.38
CA SER X 75 -94.39 -22.15 101.46
C SER X 75 -95.19 -20.98 100.93
N ARG X 76 -94.61 -20.22 99.98
CA ARG X 76 -95.38 -19.19 99.29
C ARG X 76 -96.62 -19.78 98.64
N LEU X 77 -96.47 -20.62 97.62
CA LEU X 77 -97.62 -21.02 96.82
C LEU X 77 -98.59 -21.89 97.62
N ALA X 78 -98.17 -22.39 98.79
CA ALA X 78 -99.12 -22.89 99.78
C ALA X 78 -99.89 -21.76 100.45
N HIS X 79 -99.22 -20.67 100.86
CA HIS X 79 -99.92 -19.50 101.37
C HIS X 79 -100.80 -18.85 100.31
N TYR X 80 -100.42 -19.01 99.06
CA TYR X 80 -100.85 -18.11 97.99
C TYR X 80 -102.21 -18.53 97.46
N ASN X 81 -102.66 -19.74 97.82
CA ASN X 81 -104.02 -20.19 97.62
C ASN X 81 -104.77 -20.42 98.92
N LYS X 82 -104.36 -19.72 99.99
CA LYS X 82 -105.06 -19.71 101.28
C LYS X 82 -104.97 -21.09 101.96
N ARG X 83 -104.00 -21.91 101.53
CA ARG X 83 -103.68 -23.13 102.24
C ARG X 83 -102.68 -22.87 103.35
N SER X 84 -102.51 -23.84 104.24
CA SER X 84 -101.65 -23.69 105.40
C SER X 84 -100.94 -24.98 105.81
N THR X 85 -100.82 -25.95 104.91
CA THR X 85 -100.12 -27.19 105.24
C THR X 85 -99.18 -27.53 104.09
N ILE X 86 -98.10 -28.26 104.42
CA ILE X 86 -97.08 -28.58 103.43
C ILE X 86 -97.12 -30.06 103.09
N THR X 87 -97.64 -30.37 101.90
CA THR X 87 -97.86 -31.72 101.38
C THR X 87 -97.05 -31.91 100.10
N SER X 88 -97.31 -33.02 99.40
CA SER X 88 -96.50 -33.40 98.25
C SER X 88 -96.92 -32.66 96.97
N ARG X 89 -98.19 -32.24 96.87
CA ARG X 89 -98.68 -31.70 95.60
C ARG X 89 -98.05 -30.35 95.27
N GLU X 90 -97.97 -29.45 96.25
CA GLU X 90 -97.39 -28.15 96.00
C GLU X 90 -95.89 -28.23 95.76
N ILE X 91 -95.20 -29.17 96.41
CA ILE X 91 -93.76 -29.27 96.17
C ILE X 91 -93.50 -29.95 94.83
N GLN X 92 -94.43 -30.79 94.37
CA GLN X 92 -94.38 -31.24 92.97
C GLN X 92 -94.54 -30.06 92.02
N THR X 93 -95.49 -29.17 92.34
CA THR X 93 -95.71 -27.96 91.55
C THR X 93 -94.46 -27.09 91.53
N ALA X 94 -93.83 -26.92 92.69
CA ALA X 94 -92.67 -26.05 92.80
C ALA X 94 -91.43 -26.66 92.18
N VAL X 95 -91.30 -28.00 92.17
CA VAL X 95 -90.12 -28.57 91.53
C VAL X 95 -90.27 -28.56 90.03
N ARG X 96 -91.51 -28.66 89.50
CA ARG X 96 -91.65 -28.42 88.07
C ARG X 96 -91.47 -26.94 87.74
N LEU X 97 -91.75 -26.07 88.71
CA LEU X 97 -91.73 -24.63 88.50
C LEU X 97 -90.30 -24.07 88.53
N LEU X 98 -89.56 -24.35 89.60
CA LEU X 98 -88.22 -23.81 89.75
C LEU X 98 -87.22 -24.43 88.79
N LEU X 99 -86.90 -25.70 89.02
CA LEU X 99 -85.93 -26.37 88.17
C LEU X 99 -86.32 -26.23 86.73
N PRO X 100 -85.34 -26.03 85.86
CA PRO X 100 -85.66 -25.98 84.43
C PRO X 100 -86.30 -27.28 83.99
N GLY X 101 -87.04 -27.27 82.89
CA GLY X 101 -87.78 -28.45 82.47
C GLY X 101 -87.11 -29.80 82.44
N GLU X 102 -85.94 -29.90 81.82
CA GLU X 102 -85.31 -31.22 81.69
C GLU X 102 -85.20 -31.89 83.04
N LEU X 103 -84.63 -31.19 84.00
CA LEU X 103 -84.47 -31.76 85.33
C LEU X 103 -85.83 -32.00 85.93
N ALA X 104 -86.77 -31.11 85.63
CA ALA X 104 -88.09 -31.20 86.23
C ALA X 104 -88.84 -32.52 86.04
N LYS X 105 -89.23 -32.84 84.82
CA LYS X 105 -90.08 -34.02 84.63
C LYS X 105 -89.44 -35.26 85.26
N HIS X 106 -88.10 -35.38 85.19
CA HIS X 106 -87.46 -36.51 85.84
C HIS X 106 -87.54 -36.41 87.36
N ALA X 107 -87.43 -35.20 87.91
CA ALA X 107 -87.57 -35.01 89.35
C ALA X 107 -88.99 -35.32 89.82
N VAL X 108 -89.99 -34.90 89.05
CA VAL X 108 -91.37 -35.25 89.37
C VAL X 108 -91.58 -36.75 89.30
N SER X 109 -91.00 -37.41 88.29
CA SER X 109 -91.13 -38.86 88.18
C SER X 109 -90.52 -39.58 89.38
N GLU X 110 -89.30 -39.20 89.76
CA GLU X 110 -88.65 -39.89 90.86
C GLU X 110 -89.30 -39.56 92.20
N GLY X 111 -89.78 -38.32 92.37
CA GLY X 111 -90.47 -37.97 93.59
C GLY X 111 -91.81 -38.69 93.73
N THR X 112 -92.55 -38.80 92.62
CA THR X 112 -93.82 -39.52 92.64
C THR X 112 -93.62 -41.00 92.91
N LYS X 113 -92.61 -41.63 92.31
CA LYS X 113 -92.38 -43.05 92.60
C LYS X 113 -91.85 -43.23 94.02
N ALA X 114 -91.12 -42.23 94.54
CA ALA X 114 -90.64 -42.30 95.91
C ALA X 114 -91.78 -42.21 96.91
N VAL X 115 -92.71 -41.27 96.70
CA VAL X 115 -93.84 -41.18 97.63
C VAL X 115 -94.80 -42.35 97.42
N THR X 116 -94.84 -42.91 96.21
CA THR X 116 -95.62 -44.13 95.98
C THR X 116 -95.03 -45.29 96.77
N LYS X 117 -93.70 -45.41 96.78
CA LYS X 117 -93.04 -46.41 97.62
C LYS X 117 -93.28 -46.15 99.09
N TYR X 118 -93.29 -44.88 99.50
CA TYR X 118 -93.52 -44.53 100.90
C TYR X 118 -94.92 -44.92 101.36
N THR X 119 -95.93 -44.66 100.53
CA THR X 119 -97.30 -45.03 100.91
C THR X 119 -97.54 -46.52 100.75
N SER X 120 -96.84 -47.18 99.83
CA SER X 120 -96.97 -48.63 99.70
C SER X 120 -96.35 -49.34 100.89
N ALA X 121 -95.21 -48.86 101.37
CA ALA X 121 -94.60 -49.41 102.57
C ALA X 121 -95.17 -48.81 103.85
N LYS X 122 -96.11 -47.86 103.71
CA LYS X 122 -96.77 -47.16 104.82
C LYS X 122 -95.76 -46.47 105.73
#